data_6DFK
#
_entry.id   6DFK
#
_cell.length_a   166.485
_cell.length_b   166.485
_cell.length_c   399.162
_cell.angle_alpha   90.00
_cell.angle_beta   90.00
_cell.angle_gamma   120.00
#
_symmetry.space_group_name_H-M   'P 31 2 1'
#
loop_
_entity.id
_entity.type
_entity.pdbx_description
1 polymer 'Subunit of proteaseome activator complex,putative'
2 non-polymer 'SULFATE ION'
#
_entity_poly.entity_id   1
_entity_poly.type   'polypeptide(L)'
_entity_poly.pdbx_seq_one_letter_code
;GMEAYLNKIDKIEPSDQKIKEEYNKFKYDITKQAIESLRERIPKRIIFFNNLVNVNSEPGSILNVNDLDGVSYKYKINKI
EENVRKKHKGNNSSDFDEREKKKDSLDGHVKHFSNNEDSKLIIDDKVLYTHYVPSHKQIYLELEKIKTYASELIEIIGNI
KLWIQLNVPRIEDGNNFGVGIQEEAIQELARVEESAFNLYDAIVKYYMERAKISTKVLKYPNVSDYQEAVRELDEKEWIH
IKITIVDMRNNYIMLYDLLYKNWEKVVKPKNEDAHHRMTF
;
_entity_poly.pdbx_strand_id   A,B,C,D,E,F,G,H,I,J,K,L,M,N
#
loop_
_chem_comp.id
_chem_comp.type
_chem_comp.name
_chem_comp.formula
SO4 non-polymer 'SULFATE ION' 'O4 S -2'
#
# COMPACT_ATOMS: atom_id res chain seq x y z
N ASN A 7 -76.67 -33.24 -17.97
CA ASN A 7 -76.65 -34.57 -17.39
C ASN A 7 -77.02 -35.63 -18.42
N LYS A 8 -76.59 -35.46 -19.67
CA LYS A 8 -77.09 -36.26 -20.78
C LYS A 8 -76.07 -37.34 -21.10
N ILE A 9 -75.56 -37.48 -22.34
CA ILE A 9 -74.70 -38.58 -22.78
C ILE A 9 -73.24 -38.26 -22.51
N ASP A 10 -72.48 -39.30 -22.17
CA ASP A 10 -71.14 -39.15 -21.61
C ASP A 10 -70.11 -40.04 -22.29
N LYS A 11 -70.22 -40.20 -23.61
CA LYS A 11 -69.18 -40.86 -24.39
C LYS A 11 -68.70 -39.90 -25.49
N ILE A 12 -67.39 -39.90 -25.76
CA ILE A 12 -66.83 -38.89 -26.66
C ILE A 12 -65.92 -39.44 -27.75
N GLU A 13 -66.24 -40.59 -28.32
CA GLU A 13 -65.53 -40.99 -29.52
C GLU A 13 -65.88 -40.01 -30.65
N PRO A 14 -64.94 -39.69 -31.53
CA PRO A 14 -65.22 -38.72 -32.58
C PRO A 14 -66.43 -39.14 -33.41
N SER A 15 -67.30 -38.18 -33.70
CA SER A 15 -68.55 -38.52 -34.37
C SER A 15 -68.34 -38.88 -35.83
N ASP A 16 -67.47 -38.15 -36.54
CA ASP A 16 -67.21 -38.43 -37.94
C ASP A 16 -66.31 -39.67 -38.02
N GLN A 17 -66.81 -40.73 -38.67
CA GLN A 17 -66.06 -41.98 -38.71
C GLN A 17 -64.79 -41.87 -39.54
N LYS A 18 -64.78 -41.03 -40.57
CA LYS A 18 -63.54 -40.85 -41.33
C LYS A 18 -62.47 -40.19 -40.47
N ILE A 19 -62.85 -39.23 -39.63
CA ILE A 19 -61.89 -38.59 -38.75
C ILE A 19 -61.33 -39.60 -37.75
N LYS A 20 -62.18 -40.47 -37.22
CA LYS A 20 -61.73 -41.49 -36.28
C LYS A 20 -60.63 -42.36 -36.89
N GLU A 21 -60.70 -42.61 -38.20
CA GLU A 21 -59.67 -43.40 -38.86
C GLU A 21 -58.38 -42.61 -39.00
N GLU A 22 -58.46 -41.36 -39.48
CA GLU A 22 -57.26 -40.54 -39.64
C GLU A 22 -56.58 -40.30 -38.30
N TYR A 23 -57.36 -40.16 -37.22
CA TYR A 23 -56.78 -39.99 -35.90
C TYR A 23 -56.07 -41.26 -35.45
N ASN A 24 -56.71 -42.42 -35.62
CA ASN A 24 -56.06 -43.67 -35.28
C ASN A 24 -54.85 -43.92 -36.17
N LYS A 25 -54.95 -43.55 -37.44
CA LYS A 25 -53.78 -43.65 -38.32
C LYS A 25 -52.65 -42.79 -37.81
N PHE A 26 -52.97 -41.61 -37.27
CA PHE A 26 -51.95 -40.71 -36.76
C PHE A 26 -51.18 -41.34 -35.62
N LYS A 27 -51.89 -41.97 -34.68
CA LYS A 27 -51.22 -42.62 -33.55
C LYS A 27 -50.28 -43.72 -34.03
N TYR A 28 -50.65 -44.43 -35.10
CA TYR A 28 -49.75 -45.41 -35.69
C TYR A 28 -48.52 -44.73 -36.28
N ASP A 29 -48.72 -43.64 -37.01
CA ASP A 29 -47.61 -42.96 -37.69
C ASP A 29 -46.60 -42.41 -36.70
N ILE A 30 -47.05 -41.94 -35.53
CA ILE A 30 -46.11 -41.47 -34.51
C ILE A 30 -45.22 -42.62 -34.05
N THR A 31 -45.86 -43.70 -33.57
CA THR A 31 -45.11 -44.84 -33.04
C THR A 31 -44.06 -45.33 -34.03
N LYS A 32 -44.42 -45.43 -35.32
CA LYS A 32 -43.44 -45.79 -36.33
C LYS A 32 -42.28 -44.82 -36.32
N GLN A 33 -42.58 -43.53 -36.39
CA GLN A 33 -41.52 -42.52 -36.46
C GLN A 33 -40.70 -42.53 -35.18
N ALA A 34 -41.35 -42.71 -34.03
CA ALA A 34 -40.64 -42.73 -32.76
C ALA A 34 -39.67 -43.90 -32.70
N ILE A 35 -40.13 -45.10 -33.07
CA ILE A 35 -39.24 -46.26 -33.09
C ILE A 35 -38.13 -46.06 -34.10
N GLU A 36 -38.48 -45.55 -35.29
CA GLU A 36 -37.47 -45.28 -36.31
C GLU A 36 -36.42 -44.29 -35.81
N SER A 37 -36.83 -43.29 -35.05
CA SER A 37 -35.86 -42.34 -34.51
C SER A 37 -34.92 -43.02 -33.53
N LEU A 38 -35.45 -43.95 -32.73
CA LEU A 38 -34.63 -44.65 -31.75
C LEU A 38 -33.74 -45.70 -32.39
N ARG A 39 -34.19 -46.35 -33.46
CA ARG A 39 -33.41 -47.40 -34.08
C ARG A 39 -32.40 -46.89 -35.10
N GLU A 40 -32.65 -45.75 -35.75
CA GLU A 40 -31.73 -45.27 -36.77
C GLU A 40 -31.33 -43.81 -36.59
N ARG A 41 -32.32 -42.91 -36.53
CA ARG A 41 -32.03 -41.48 -36.65
C ARG A 41 -31.12 -40.98 -35.55
N ILE A 42 -31.37 -41.37 -34.31
CA ILE A 42 -30.59 -40.86 -33.18
C ILE A 42 -29.21 -41.49 -33.18
N PRO A 43 -29.06 -42.82 -33.25
CA PRO A 43 -27.69 -43.37 -33.31
C PRO A 43 -26.86 -42.82 -34.46
N LYS A 44 -27.46 -42.68 -35.64
CA LYS A 44 -26.74 -42.12 -36.79
C LYS A 44 -26.21 -40.71 -36.48
N ARG A 45 -27.00 -39.91 -35.78
CA ARG A 45 -26.59 -38.54 -35.47
C ARG A 45 -25.55 -38.48 -34.37
N ILE A 46 -25.62 -39.39 -33.41
CA ILE A 46 -24.60 -39.45 -32.36
C ILE A 46 -23.23 -39.65 -32.98
N ILE A 47 -23.10 -40.63 -33.87
CA ILE A 47 -21.84 -40.87 -34.55
C ILE A 47 -21.43 -39.67 -35.40
N PHE A 48 -22.40 -39.00 -36.02
CA PHE A 48 -22.07 -37.85 -36.86
C PHE A 48 -21.39 -36.76 -36.04
N PHE A 49 -22.03 -36.32 -34.96
CA PHE A 49 -21.48 -35.23 -34.17
C PHE A 49 -20.17 -35.64 -33.53
N ASN A 50 -20.05 -36.91 -33.14
CA ASN A 50 -18.77 -37.38 -32.61
C ASN A 50 -17.67 -37.27 -33.65
N ASN A 51 -17.99 -37.52 -34.93
CA ASN A 51 -16.98 -37.33 -35.96
C ASN A 51 -16.56 -35.88 -36.08
N LEU A 52 -17.37 -34.95 -35.59
CA LEU A 52 -17.04 -33.53 -35.60
C LEU A 52 -16.27 -33.11 -34.36
N VAL A 53 -16.59 -33.69 -33.20
CA VAL A 53 -15.88 -33.40 -31.96
C VAL A 53 -15.53 -34.72 -31.28
N ASN A 54 -14.51 -35.40 -31.82
CA ASN A 54 -14.27 -36.79 -31.45
C ASN A 54 -13.77 -36.92 -30.02
N VAL A 55 -14.34 -37.91 -29.32
CA VAL A 55 -14.00 -38.14 -27.93
C VAL A 55 -12.54 -38.53 -27.78
N ASN A 56 -11.95 -39.13 -28.81
CA ASN A 56 -10.56 -39.56 -28.76
C ASN A 56 -9.57 -38.43 -28.99
N SER A 57 -10.05 -37.21 -29.23
CA SER A 57 -9.14 -36.10 -29.48
C SER A 57 -8.32 -35.79 -28.24
N GLU A 58 -7.09 -35.34 -28.46
CA GLU A 58 -6.25 -34.94 -27.34
C GLU A 58 -6.83 -33.66 -26.74
N PRO A 59 -6.59 -33.42 -25.45
CA PRO A 59 -7.23 -32.28 -24.78
C PRO A 59 -6.85 -30.97 -25.43
N GLY A 60 -7.85 -30.10 -25.63
CA GLY A 60 -7.66 -28.83 -26.27
C GLY A 60 -7.74 -28.85 -27.79
N SER A 61 -7.72 -30.03 -28.41
CA SER A 61 -7.84 -30.13 -29.85
C SER A 61 -9.27 -30.01 -30.34
N ILE A 62 -10.25 -30.08 -29.44
CA ILE A 62 -11.65 -29.89 -29.82
C ILE A 62 -12.00 -28.43 -29.64
N LEU A 63 -12.00 -27.96 -28.39
CA LEU A 63 -12.40 -26.60 -28.06
C LEU A 63 -11.22 -25.64 -28.26
N ASN A 64 -10.85 -25.45 -29.52
CA ASN A 64 -9.81 -24.47 -29.80
C ASN A 64 -10.25 -23.50 -30.87
N VAL A 65 -9.31 -22.72 -31.38
CA VAL A 65 -9.64 -21.60 -32.26
C VAL A 65 -8.63 -21.56 -33.40
N ASN A 66 -7.90 -22.66 -33.61
CA ASN A 66 -6.82 -22.66 -34.59
C ASN A 66 -7.35 -22.54 -36.01
N ASP A 67 -8.50 -23.14 -36.28
CA ASP A 67 -9.07 -23.10 -37.62
C ASP A 67 -9.99 -21.91 -37.83
N LEU A 68 -10.00 -20.96 -36.91
CA LEU A 68 -10.85 -19.78 -37.02
C LEU A 68 -10.08 -18.67 -37.72
N ASP A 69 -10.60 -18.23 -38.87
CA ASP A 69 -10.02 -17.11 -39.60
C ASP A 69 -10.23 -15.83 -38.82
N GLY A 70 -9.14 -15.23 -38.36
CA GLY A 70 -9.24 -14.02 -37.58
C GLY A 70 -8.79 -12.77 -38.30
N VAL A 71 -8.67 -12.82 -39.63
CA VAL A 71 -8.11 -11.69 -40.36
C VAL A 71 -9.00 -11.29 -41.53
N SER A 72 -9.71 -12.26 -42.12
CA SER A 72 -10.46 -11.96 -43.33
C SER A 72 -11.68 -11.08 -43.06
N TYR A 73 -12.20 -11.09 -41.83
CA TYR A 73 -13.49 -10.44 -41.57
C TYR A 73 -13.39 -9.37 -40.48
N LYS A 74 -12.20 -8.85 -40.22
CA LYS A 74 -12.03 -7.76 -39.27
C LYS A 74 -12.18 -6.41 -39.98
N TYR A 75 -12.18 -5.35 -39.19
CA TYR A 75 -12.40 -4.01 -39.74
C TYR A 75 -11.26 -3.61 -40.66
N LYS A 76 -11.62 -3.13 -41.85
CA LYS A 76 -10.66 -2.73 -42.86
C LYS A 76 -10.77 -1.23 -43.18
N ASP A 125 -19.81 -3.54 -51.03
CA ASP A 125 -19.87 -2.18 -51.55
C ASP A 125 -21.30 -1.71 -51.72
N LYS A 126 -21.57 -0.47 -51.32
CA LYS A 126 -22.90 0.12 -51.48
C LYS A 126 -22.81 1.59 -51.84
N VAL A 127 -21.97 2.35 -51.13
CA VAL A 127 -21.83 3.78 -51.35
C VAL A 127 -20.38 4.06 -51.71
N LEU A 128 -20.02 5.33 -51.85
CA LEU A 128 -18.62 5.74 -52.00
C LEU A 128 -18.03 5.94 -50.60
N TYR A 129 -17.83 4.81 -49.93
CA TYR A 129 -17.62 4.73 -48.49
C TYR A 129 -16.18 4.39 -48.17
N THR A 130 -15.86 4.44 -46.88
CA THR A 130 -14.60 3.95 -46.34
C THR A 130 -14.78 3.03 -45.14
N HIS A 131 -15.87 3.17 -44.40
CA HIS A 131 -16.19 2.31 -43.26
C HIS A 131 -17.02 1.10 -43.66
N TYR A 132 -16.33 0.04 -44.10
CA TYR A 132 -16.99 -1.23 -44.39
C TYR A 132 -16.54 -2.21 -43.31
N VAL A 133 -17.47 -3.03 -42.83
CA VAL A 133 -17.14 -4.05 -41.83
C VAL A 133 -17.88 -5.33 -42.17
N PRO A 134 -17.20 -6.35 -42.66
CA PRO A 134 -17.89 -7.55 -43.15
C PRO A 134 -18.29 -8.48 -42.01
N SER A 135 -19.19 -9.40 -42.33
CA SER A 135 -19.57 -10.43 -41.39
C SER A 135 -18.60 -11.59 -41.50
N HIS A 136 -18.59 -12.44 -40.48
CA HIS A 136 -17.67 -13.58 -40.47
C HIS A 136 -18.31 -14.70 -41.26
N LYS A 137 -17.98 -14.75 -42.56
CA LYS A 137 -18.60 -15.74 -43.42
C LYS A 137 -18.29 -17.16 -42.96
N GLN A 138 -17.13 -17.38 -42.35
CA GLN A 138 -16.79 -18.70 -41.86
C GLN A 138 -17.72 -19.11 -40.71
N ILE A 139 -17.94 -18.19 -39.76
CA ILE A 139 -18.84 -18.48 -38.65
C ILE A 139 -20.27 -18.61 -39.14
N TYR A 140 -20.64 -17.81 -40.14
CA TYR A 140 -21.99 -17.89 -40.71
C TYR A 140 -22.29 -19.31 -41.18
N LEU A 141 -21.38 -19.92 -41.92
CA LEU A 141 -21.61 -21.27 -42.43
C LEU A 141 -21.76 -22.27 -41.28
N GLU A 142 -20.99 -22.08 -40.21
CA GLU A 142 -21.09 -23.01 -39.08
C GLU A 142 -22.40 -22.81 -38.36
N LEU A 143 -22.85 -21.57 -38.23
CA LEU A 143 -24.12 -21.30 -37.56
C LEU A 143 -25.29 -21.87 -38.36
N GLU A 144 -25.21 -21.82 -39.69
CA GLU A 144 -26.27 -22.40 -40.51
C GLU A 144 -26.38 -23.90 -40.25
N LYS A 145 -25.24 -24.59 -40.10
CA LYS A 145 -25.26 -26.01 -39.81
C LYS A 145 -25.89 -26.27 -38.44
N ILE A 146 -25.61 -25.40 -37.47
CA ILE A 146 -26.16 -25.56 -36.13
C ILE A 146 -27.69 -25.57 -36.18
N LYS A 147 -28.27 -24.63 -36.94
CA LYS A 147 -29.72 -24.53 -37.00
C LYS A 147 -30.38 -25.78 -37.55
N THR A 148 -29.75 -26.42 -38.55
CA THR A 148 -30.30 -27.69 -39.04
C THR A 148 -30.25 -28.75 -37.95
N TYR A 149 -29.13 -28.83 -37.22
CA TYR A 149 -29.04 -29.77 -36.11
C TYR A 149 -30.14 -29.50 -35.08
N ALA A 150 -30.43 -28.22 -34.82
CA ALA A 150 -31.47 -27.88 -33.85
C ALA A 150 -32.86 -28.18 -34.42
N SER A 151 -33.08 -27.85 -35.69
CA SER A 151 -34.37 -28.12 -36.32
C SER A 151 -34.67 -29.61 -36.29
N GLU A 152 -33.72 -30.43 -36.77
CA GLU A 152 -33.93 -31.87 -36.79
C GLU A 152 -34.11 -32.43 -35.39
N LEU A 153 -33.46 -31.82 -34.38
CA LEU A 153 -33.59 -32.31 -33.02
C LEU A 153 -35.02 -32.09 -32.50
N ILE A 154 -35.56 -30.89 -32.69
CA ILE A 154 -36.91 -30.59 -32.21
C ILE A 154 -37.93 -31.52 -32.84
N GLU A 155 -37.80 -31.78 -34.14
CA GLU A 155 -38.73 -32.68 -34.82
C GLU A 155 -38.63 -34.09 -34.27
N ILE A 156 -37.40 -34.60 -34.13
CA ILE A 156 -37.20 -35.98 -33.67
C ILE A 156 -37.62 -36.12 -32.22
N ILE A 157 -37.11 -35.23 -31.36
CA ILE A 157 -37.37 -35.35 -29.92
C ILE A 157 -38.84 -35.05 -29.62
N GLY A 158 -39.43 -34.09 -30.32
CA GLY A 158 -40.82 -33.74 -30.07
C GLY A 158 -41.77 -34.90 -30.31
N ASN A 159 -41.51 -35.68 -31.37
CA ASN A 159 -42.40 -36.80 -31.68
C ASN A 159 -42.20 -37.95 -30.72
N ILE A 160 -40.96 -38.18 -30.28
CA ILE A 160 -40.73 -39.17 -29.24
C ILE A 160 -41.45 -38.76 -27.96
N LYS A 161 -41.40 -37.47 -27.63
CA LYS A 161 -42.08 -37.00 -26.43
C LYS A 161 -43.59 -37.17 -26.55
N LEU A 162 -44.16 -36.79 -27.69
CA LEU A 162 -45.60 -36.93 -27.87
C LEU A 162 -46.01 -38.40 -27.77
N TRP A 163 -45.23 -39.29 -28.35
CA TRP A 163 -45.56 -40.71 -28.29
C TRP A 163 -45.56 -41.22 -26.85
N ILE A 164 -44.58 -40.78 -26.05
CA ILE A 164 -44.56 -41.18 -24.65
C ILE A 164 -45.74 -40.58 -23.91
N GLN A 165 -46.09 -39.33 -24.22
CA GLN A 165 -47.25 -38.70 -23.61
C GLN A 165 -48.52 -39.48 -23.93
N LEU A 166 -48.68 -39.89 -25.19
CA LEU A 166 -49.84 -40.68 -25.58
C LEU A 166 -49.85 -42.05 -24.92
N ASN A 167 -48.74 -42.47 -24.34
CA ASN A 167 -48.63 -43.78 -23.70
C ASN A 167 -48.77 -43.71 -22.18
N VAL A 168 -49.06 -42.54 -21.64
CA VAL A 168 -49.32 -42.44 -20.20
C VAL A 168 -50.71 -43.02 -19.91
N PRO A 169 -50.84 -43.93 -18.96
CA PRO A 169 -52.13 -44.60 -18.76
C PRO A 169 -53.14 -43.70 -18.06
N ARG A 170 -54.36 -44.22 -17.96
CA ARG A 170 -55.40 -43.58 -17.17
C ARG A 170 -54.92 -43.39 -15.73
N ILE A 171 -55.23 -42.25 -15.14
CA ILE A 171 -54.78 -41.97 -13.78
C ILE A 171 -55.44 -42.93 -12.80
N GLU A 172 -54.62 -43.63 -12.02
CA GLU A 172 -55.09 -44.52 -10.97
C GLU A 172 -54.23 -44.32 -9.74
N ASP A 173 -54.75 -44.79 -8.60
CA ASP A 173 -54.06 -44.67 -7.33
C ASP A 173 -53.21 -45.91 -7.08
N GLY A 174 -51.91 -45.71 -6.92
CA GLY A 174 -50.97 -46.76 -6.60
C GLY A 174 -50.51 -47.55 -7.81
N ASN A 175 -49.40 -48.27 -7.61
CA ASN A 175 -48.76 -49.07 -8.64
C ASN A 175 -48.43 -48.25 -9.89
N ASN A 176 -48.17 -46.95 -9.70
CA ASN A 176 -47.73 -46.10 -10.80
C ASN A 176 -46.32 -45.58 -10.52
N PHE A 177 -45.40 -46.48 -10.21
CA PHE A 177 -43.99 -46.08 -10.16
C PHE A 177 -43.43 -45.91 -11.57
N GLY A 178 -43.82 -46.79 -12.49
CA GLY A 178 -43.34 -46.68 -13.85
C GLY A 178 -43.83 -45.43 -14.56
N VAL A 179 -45.02 -44.93 -14.17
CA VAL A 179 -45.51 -43.68 -14.74
C VAL A 179 -44.60 -42.53 -14.32
N GLY A 180 -44.06 -42.59 -13.11
CA GLY A 180 -43.08 -41.60 -12.70
C GLY A 180 -41.84 -41.62 -13.59
N ILE A 181 -41.43 -42.83 -13.99
CA ILE A 181 -40.33 -42.98 -14.94
C ILE A 181 -40.70 -42.30 -16.26
N GLN A 182 -41.93 -42.49 -16.72
CA GLN A 182 -42.39 -41.82 -17.93
C GLN A 182 -42.25 -40.30 -17.82
N GLU A 183 -42.63 -39.74 -16.67
CA GLU A 183 -42.51 -38.29 -16.50
C GLU A 183 -41.05 -37.84 -16.60
N GLU A 184 -40.14 -38.59 -15.99
CA GLU A 184 -38.72 -38.25 -16.09
C GLU A 184 -38.25 -38.24 -17.53
N ALA A 185 -38.69 -39.23 -18.32
CA ALA A 185 -38.31 -39.26 -19.73
C ALA A 185 -38.90 -38.08 -20.50
N ILE A 186 -40.18 -37.78 -20.27
CA ILE A 186 -40.80 -36.65 -20.95
C ILE A 186 -40.12 -35.34 -20.55
N GLN A 187 -39.82 -35.19 -19.26
CA GLN A 187 -39.16 -33.97 -18.79
C GLN A 187 -37.77 -33.82 -19.43
N GLU A 188 -36.99 -34.89 -19.43
CA GLU A 188 -35.66 -34.83 -20.01
C GLU A 188 -35.72 -34.56 -21.50
N LEU A 189 -36.69 -35.17 -22.19
CA LEU A 189 -36.89 -34.89 -23.61
C LEU A 189 -37.25 -33.42 -23.82
N ALA A 190 -38.11 -32.88 -22.96
CA ALA A 190 -38.53 -31.49 -23.12
C ALA A 190 -37.39 -30.52 -22.84
N ARG A 191 -36.53 -30.86 -21.87
CA ARG A 191 -35.39 -29.99 -21.59
C ARG A 191 -34.46 -29.89 -22.78
N VAL A 192 -34.13 -31.04 -23.38
CA VAL A 192 -33.27 -31.05 -24.56
C VAL A 192 -33.93 -30.28 -25.69
N GLU A 193 -35.25 -30.46 -25.85
CA GLU A 193 -35.98 -29.75 -26.89
C GLU A 193 -35.94 -28.25 -26.65
N GLU A 194 -36.20 -27.83 -25.41
CA GLU A 194 -36.14 -26.41 -25.08
C GLU A 194 -34.73 -25.86 -25.22
N SER A 195 -33.73 -26.65 -24.84
CA SER A 195 -32.35 -26.21 -24.94
C SER A 195 -31.96 -25.92 -26.39
N ALA A 196 -32.31 -26.83 -27.30
CA ALA A 196 -32.01 -26.62 -28.71
C ALA A 196 -32.83 -25.48 -29.30
N PHE A 197 -34.05 -25.29 -28.80
CA PHE A 197 -34.95 -24.27 -29.33
C PHE A 197 -34.39 -22.86 -29.15
N ASN A 198 -33.64 -22.62 -28.06
CA ASN A 198 -33.10 -21.29 -27.77
C ASN A 198 -31.92 -20.93 -28.67
N LEU A 199 -31.40 -21.85 -29.46
CA LEU A 199 -30.25 -21.54 -30.29
C LEU A 199 -30.57 -20.50 -31.35
N TYR A 200 -31.79 -20.48 -31.87
CA TYR A 200 -32.13 -19.51 -32.91
C TYR A 200 -32.02 -18.09 -32.39
N ASP A 201 -32.49 -17.85 -31.15
CA ASP A 201 -32.41 -16.50 -30.58
C ASP A 201 -30.97 -16.12 -30.28
N ALA A 202 -30.17 -17.08 -29.81
CA ALA A 202 -28.78 -16.77 -29.49
C ALA A 202 -28.03 -16.33 -30.73
N ILE A 203 -28.40 -16.85 -31.89
CA ILE A 203 -27.72 -16.49 -33.13
C ILE A 203 -28.04 -15.05 -33.52
N VAL A 204 -29.28 -14.63 -33.34
CA VAL A 204 -29.63 -13.24 -33.62
C VAL A 204 -28.82 -12.31 -32.73
N LYS A 205 -28.60 -12.70 -31.47
CA LYS A 205 -27.84 -11.86 -30.56
C LYS A 205 -26.38 -11.74 -30.97
N TYR A 206 -25.81 -12.81 -31.52
CA TYR A 206 -24.42 -12.75 -31.99
C TYR A 206 -24.26 -11.63 -33.02
N TYR A 207 -25.08 -11.66 -34.07
CA TYR A 207 -24.96 -10.65 -35.11
C TYR A 207 -25.25 -9.26 -34.56
N MET A 208 -26.25 -9.14 -33.69
CA MET A 208 -26.54 -7.83 -33.10
C MET A 208 -25.37 -7.33 -32.28
N GLU A 209 -24.78 -8.19 -31.46
CA GLU A 209 -23.66 -7.77 -30.62
C GLU A 209 -22.44 -7.44 -31.46
N ARG A 210 -22.15 -8.25 -32.48
CA ARG A 210 -21.03 -7.96 -33.36
C ARG A 210 -21.23 -6.63 -34.07
N ALA A 211 -22.48 -6.33 -34.45
CA ALA A 211 -22.75 -5.09 -35.16
C ALA A 211 -22.54 -3.88 -34.28
N LYS A 212 -22.98 -3.95 -33.03
CA LYS A 212 -22.80 -2.83 -32.11
C LYS A 212 -21.33 -2.54 -31.89
N ILE A 213 -20.55 -3.59 -31.61
CA ILE A 213 -19.11 -3.41 -31.40
C ILE A 213 -18.47 -2.85 -32.67
N SER A 214 -18.85 -3.38 -33.83
CA SER A 214 -18.31 -2.85 -35.09
C SER A 214 -18.68 -1.38 -35.25
N THR A 215 -19.89 -1.01 -34.81
CA THR A 215 -20.26 0.39 -34.79
C THR A 215 -19.30 1.19 -33.93
N LYS A 216 -18.89 0.62 -32.79
CA LYS A 216 -17.97 1.32 -31.90
C LYS A 216 -16.59 1.45 -32.52
N VAL A 217 -16.15 0.43 -33.27
CA VAL A 217 -14.86 0.50 -33.95
C VAL A 217 -14.84 1.64 -34.96
N LEU A 218 -15.95 1.86 -35.66
CA LEU A 218 -15.99 2.94 -36.63
C LEU A 218 -15.91 4.30 -35.95
N LYS A 219 -16.52 4.44 -34.78
CA LYS A 219 -16.51 5.71 -34.06
C LYS A 219 -15.16 5.96 -33.38
N TYR A 220 -14.55 4.91 -32.84
CA TYR A 220 -13.29 5.02 -32.12
C TYR A 220 -12.29 4.05 -32.76
N PRO A 221 -11.81 4.38 -33.96
CA PRO A 221 -10.94 3.43 -34.69
C PRO A 221 -9.58 3.19 -34.05
N ASN A 222 -9.17 4.00 -33.08
CA ASN A 222 -7.90 3.75 -32.41
C ASN A 222 -8.05 3.14 -31.01
N VAL A 223 -9.23 3.22 -30.40
CA VAL A 223 -9.47 2.50 -29.15
C VAL A 223 -9.39 1.01 -29.44
N SER A 224 -8.25 0.40 -29.09
CA SER A 224 -7.94 -0.95 -29.55
C SER A 224 -8.82 -2.02 -28.89
N ASP A 225 -9.34 -1.75 -27.69
CA ASP A 225 -10.11 -2.78 -27.01
C ASP A 225 -11.41 -3.11 -27.74
N TYR A 226 -11.97 -2.15 -28.47
CA TYR A 226 -13.15 -2.44 -29.27
C TYR A 226 -12.84 -3.47 -30.35
N GLN A 227 -11.65 -3.38 -30.93
CA GLN A 227 -11.23 -4.37 -31.93
C GLN A 227 -10.93 -5.71 -31.29
N GLU A 228 -10.37 -5.72 -30.08
CA GLU A 228 -10.18 -6.99 -29.39
C GLU A 228 -11.52 -7.62 -29.05
N ALA A 229 -12.51 -6.79 -28.73
CA ALA A 229 -13.83 -7.31 -28.37
C ALA A 229 -14.49 -8.02 -29.55
N VAL A 230 -14.34 -7.46 -30.76
CA VAL A 230 -14.85 -8.14 -31.94
C VAL A 230 -14.17 -9.49 -32.10
N ARG A 231 -12.83 -9.51 -32.03
CA ARG A 231 -12.09 -10.76 -32.15
C ARG A 231 -12.53 -11.77 -31.11
N GLU A 232 -12.62 -11.34 -29.85
CA GLU A 232 -12.99 -12.28 -28.79
C GLU A 232 -14.42 -12.77 -28.98
N LEU A 233 -15.29 -11.89 -29.48
CA LEU A 233 -16.67 -12.30 -29.74
C LEU A 233 -16.70 -13.43 -30.75
N ASP A 234 -15.95 -13.29 -31.85
CA ASP A 234 -15.89 -14.34 -32.86
C ASP A 234 -15.26 -15.61 -32.29
N GLU A 235 -14.20 -15.46 -31.49
CA GLU A 235 -13.59 -16.62 -30.87
C GLU A 235 -14.56 -17.32 -29.92
N LYS A 236 -15.36 -16.53 -29.20
CA LYS A 236 -16.34 -17.10 -28.29
C LYS A 236 -17.39 -17.91 -29.04
N GLU A 237 -17.92 -17.34 -30.12
CA GLU A 237 -18.94 -18.05 -30.90
C GLU A 237 -18.37 -19.34 -31.48
N TRP A 238 -17.11 -19.31 -31.91
CA TRP A 238 -16.48 -20.51 -32.45
C TRP A 238 -16.43 -21.61 -31.40
N ILE A 239 -16.09 -21.26 -30.16
CA ILE A 239 -16.09 -22.24 -29.09
C ILE A 239 -17.52 -22.70 -28.79
N HIS A 240 -18.44 -21.74 -28.65
CA HIS A 240 -19.84 -22.08 -28.36
C HIS A 240 -20.42 -22.97 -29.44
N ILE A 241 -20.06 -22.75 -30.71
CA ILE A 241 -20.53 -23.63 -31.78
C ILE A 241 -20.11 -25.06 -31.50
N LYS A 242 -18.84 -25.26 -31.15
CA LYS A 242 -18.35 -26.61 -30.90
C LYS A 242 -18.95 -27.21 -29.65
N ILE A 243 -19.09 -26.40 -28.59
CA ILE A 243 -19.75 -26.89 -27.38
C ILE A 243 -21.21 -27.22 -27.66
N THR A 244 -21.85 -26.45 -28.54
CA THR A 244 -23.21 -26.79 -28.95
C THR A 244 -23.28 -28.17 -29.59
N ILE A 245 -22.30 -28.47 -30.45
CA ILE A 245 -22.26 -29.78 -31.11
C ILE A 245 -22.02 -30.90 -30.09
N VAL A 246 -21.16 -30.66 -29.11
CA VAL A 246 -20.91 -31.66 -28.07
C VAL A 246 -22.18 -31.90 -27.26
N ASP A 247 -22.87 -30.83 -26.89
CA ASP A 247 -24.10 -30.98 -26.12
C ASP A 247 -25.16 -31.72 -26.91
N MET A 248 -25.19 -31.51 -28.22
CA MET A 248 -26.06 -32.30 -29.10
C MET A 248 -25.73 -33.79 -28.96
N ARG A 249 -24.48 -34.15 -29.25
CA ARG A 249 -24.03 -35.53 -29.13
C ARG A 249 -24.38 -36.12 -27.77
N ASN A 250 -24.02 -35.41 -26.70
CA ASN A 250 -24.19 -35.95 -25.36
C ASN A 250 -25.68 -36.04 -24.99
N ASN A 251 -26.48 -35.07 -25.43
CA ASN A 251 -27.91 -35.11 -25.11
C ASN A 251 -28.59 -36.26 -25.83
N TYR A 252 -28.26 -36.48 -27.11
CA TYR A 252 -28.88 -37.58 -27.85
C TYR A 252 -28.58 -38.92 -27.20
N ILE A 253 -27.36 -39.14 -26.74
CA ILE A 253 -27.01 -40.44 -26.19
C ILE A 253 -27.60 -40.61 -24.80
N MET A 254 -27.53 -39.57 -23.96
CA MET A 254 -28.11 -39.69 -22.63
C MET A 254 -29.60 -39.94 -22.70
N LEU A 255 -30.28 -39.35 -23.70
CA LEU A 255 -31.68 -39.66 -23.92
C LEU A 255 -31.84 -41.08 -24.42
N TYR A 256 -31.00 -41.49 -25.38
CA TYR A 256 -31.07 -42.84 -25.91
C TYR A 256 -30.77 -43.85 -24.81
N ASP A 257 -29.70 -43.62 -24.05
CA ASP A 257 -29.35 -44.54 -22.97
C ASP A 257 -30.46 -44.58 -21.92
N LEU A 258 -31.10 -43.44 -21.65
CA LEU A 258 -32.17 -43.40 -20.66
C LEU A 258 -33.36 -44.24 -21.10
N LEU A 259 -33.81 -44.05 -22.35
CA LEU A 259 -34.95 -44.81 -22.84
C LEU A 259 -34.63 -46.29 -22.97
N TYR A 260 -33.42 -46.62 -23.42
CA TYR A 260 -33.06 -48.02 -23.61
C TYR A 260 -33.12 -48.79 -22.29
N LYS A 261 -32.54 -48.23 -21.23
CA LYS A 261 -32.49 -48.95 -19.96
C LYS A 261 -33.89 -49.13 -19.35
N ASN A 262 -34.75 -48.11 -19.48
CA ASN A 262 -36.07 -48.12 -18.86
C ASN A 262 -37.18 -48.39 -19.86
N TRP A 263 -36.89 -49.06 -20.96
CA TRP A 263 -37.86 -49.18 -22.05
C TRP A 263 -39.13 -49.89 -21.61
N GLU A 264 -38.99 -50.93 -20.78
CA GLU A 264 -40.15 -51.72 -20.39
C GLU A 264 -41.15 -50.88 -19.60
N LYS A 265 -40.67 -50.03 -18.70
CA LYS A 265 -41.57 -49.19 -17.93
C LYS A 265 -42.05 -47.99 -18.72
N VAL A 266 -41.30 -47.58 -19.76
CA VAL A 266 -41.72 -46.47 -20.59
C VAL A 266 -42.92 -46.89 -21.45
N VAL A 267 -42.94 -48.13 -21.92
CA VAL A 267 -44.02 -48.60 -22.77
C VAL A 267 -45.18 -49.17 -21.96
N LYS A 268 -44.91 -50.05 -21.00
CA LYS A 268 -45.93 -50.68 -20.16
C LYS A 268 -45.60 -50.38 -18.71
N PRO A 269 -46.02 -49.21 -18.21
CA PRO A 269 -45.68 -48.83 -16.83
C PRO A 269 -46.47 -49.56 -15.77
N LYS A 270 -47.37 -50.46 -16.15
CA LYS A 270 -48.23 -51.12 -15.19
C LYS A 270 -48.40 -52.61 -15.53
N ASN B 7 -46.84 -53.39 -33.14
CA ASN B 7 -47.07 -52.46 -32.04
C ASN B 7 -46.86 -53.14 -30.68
N LYS B 8 -46.03 -54.19 -30.68
CA LYS B 8 -45.62 -54.84 -29.44
C LYS B 8 -44.20 -55.40 -29.60
N ILE B 9 -43.32 -54.63 -30.23
CA ILE B 9 -41.90 -54.97 -30.26
C ILE B 9 -41.22 -54.18 -29.16
N ASP B 10 -40.25 -54.81 -28.49
CA ASP B 10 -39.68 -54.26 -27.27
C ASP B 10 -38.16 -54.29 -27.31
N LYS B 11 -37.58 -54.17 -28.51
CA LYS B 11 -36.15 -53.95 -28.66
C LYS B 11 -35.92 -52.74 -29.54
N ILE B 12 -34.93 -51.92 -29.18
CA ILE B 12 -34.63 -50.72 -29.94
C ILE B 12 -33.13 -50.63 -30.15
N GLU B 13 -32.48 -51.77 -30.34
CA GLU B 13 -31.09 -51.76 -30.75
C GLU B 13 -31.00 -51.18 -32.16
N PRO B 14 -29.94 -50.44 -32.47
CA PRO B 14 -29.84 -49.83 -33.79
C PRO B 14 -29.92 -50.89 -34.88
N SER B 15 -30.70 -50.60 -35.92
CA SER B 15 -30.92 -51.59 -36.98
C SER B 15 -29.67 -51.77 -37.84
N ASP B 16 -28.96 -50.68 -38.11
CA ASP B 16 -27.76 -50.75 -38.93
C ASP B 16 -26.61 -51.37 -38.15
N GLN B 17 -26.08 -52.48 -38.66
CA GLN B 17 -25.00 -53.16 -37.94
C GLN B 17 -23.73 -52.33 -37.92
N LYS B 18 -23.50 -51.51 -38.95
CA LYS B 18 -22.37 -50.59 -38.92
C LYS B 18 -22.55 -49.55 -37.82
N ILE B 19 -23.76 -49.02 -37.67
CA ILE B 19 -24.02 -48.07 -36.60
C ILE B 19 -23.96 -48.75 -35.24
N LYS B 20 -24.48 -49.97 -35.13
CA LYS B 20 -24.40 -50.69 -33.86
C LYS B 20 -22.94 -50.84 -33.42
N GLU B 21 -22.04 -51.07 -34.38
CA GLU B 21 -20.62 -51.19 -34.06
C GLU B 21 -20.03 -49.84 -33.72
N GLU B 22 -20.33 -48.82 -34.55
CA GLU B 22 -19.82 -47.48 -34.29
C GLU B 22 -20.29 -46.96 -32.94
N TYR B 23 -21.54 -47.27 -32.57
CA TYR B 23 -22.08 -46.81 -31.30
C TYR B 23 -21.39 -47.48 -30.12
N ASN B 24 -21.23 -48.81 -30.18
CA ASN B 24 -20.58 -49.52 -29.09
C ASN B 24 -19.12 -49.09 -28.96
N LYS B 25 -18.44 -48.86 -30.08
CA LYS B 25 -17.08 -48.35 -30.03
C LYS B 25 -17.03 -46.99 -29.35
N PHE B 26 -18.05 -46.15 -29.59
CA PHE B 26 -18.08 -44.84 -28.95
C PHE B 26 -18.17 -44.97 -27.43
N LYS B 27 -19.03 -45.87 -26.94
CA LYS B 27 -19.14 -46.06 -25.49
C LYS B 27 -17.83 -46.61 -24.93
N TYR B 28 -17.15 -47.48 -25.68
CA TYR B 28 -15.84 -47.94 -25.26
C TYR B 28 -14.83 -46.79 -25.20
N ASP B 29 -14.82 -45.95 -26.24
CA ASP B 29 -13.87 -44.85 -26.29
C ASP B 29 -14.08 -43.87 -25.14
N ILE B 30 -15.33 -43.66 -24.73
CA ILE B 30 -15.59 -42.81 -23.58
C ILE B 30 -14.95 -43.39 -22.33
N THR B 31 -15.29 -44.64 -22.02
CA THR B 31 -14.70 -45.31 -20.86
C THR B 31 -13.18 -45.28 -20.93
N LYS B 32 -12.62 -45.54 -22.11
CA LYS B 32 -11.18 -45.49 -22.30
C LYS B 32 -10.63 -44.11 -21.94
N GLN B 33 -11.18 -43.06 -22.54
CA GLN B 33 -10.66 -41.71 -22.33
C GLN B 33 -10.87 -41.27 -20.89
N ALA B 34 -12.01 -41.65 -20.30
CA ALA B 34 -12.29 -41.26 -18.91
C ALA B 34 -11.26 -41.85 -17.96
N ILE B 35 -10.96 -43.14 -18.11
CA ILE B 35 -9.97 -43.78 -17.25
C ILE B 35 -8.60 -43.16 -17.44
N GLU B 36 -8.21 -42.90 -18.70
CA GLU B 36 -6.93 -42.24 -18.96
C GLU B 36 -6.86 -40.86 -18.33
N SER B 37 -7.98 -40.12 -18.33
CA SER B 37 -7.96 -38.78 -17.73
C SER B 37 -7.68 -38.85 -16.23
N LEU B 38 -8.23 -39.87 -15.56
CA LEU B 38 -8.03 -40.00 -14.12
C LEU B 38 -6.62 -40.51 -13.79
N ARG B 39 -6.06 -41.38 -14.63
CA ARG B 39 -4.78 -41.97 -14.31
C ARG B 39 -3.60 -41.10 -14.72
N GLU B 40 -3.75 -40.28 -15.76
CA GLU B 40 -2.63 -39.49 -16.23
C GLU B 40 -2.98 -38.02 -16.38
N ARG B 41 -4.02 -37.69 -17.14
CA ARG B 41 -4.25 -36.31 -17.55
C ARG B 41 -4.47 -35.39 -16.36
N ILE B 42 -5.26 -35.83 -15.38
CA ILE B 42 -5.59 -34.99 -14.23
C ILE B 42 -4.38 -34.88 -13.30
N PRO B 43 -3.74 -35.98 -12.88
CA PRO B 43 -2.55 -35.82 -12.01
C PRO B 43 -1.50 -34.92 -12.62
N LYS B 44 -1.26 -35.07 -13.92
CA LYS B 44 -0.29 -34.23 -14.61
C LYS B 44 -0.66 -32.75 -14.48
N ARG B 45 -1.95 -32.43 -14.57
CA ARG B 45 -2.37 -31.04 -14.46
C ARG B 45 -2.32 -30.55 -13.03
N ILE B 46 -2.56 -31.45 -12.07
CA ILE B 46 -2.42 -31.08 -10.67
C ILE B 46 -1.01 -30.55 -10.42
N ILE B 47 0.00 -31.30 -10.86
CA ILE B 47 1.37 -30.84 -10.73
C ILE B 47 1.60 -29.59 -11.58
N PHE B 48 0.99 -29.54 -12.77
CA PHE B 48 1.22 -28.40 -13.66
C PHE B 48 0.79 -27.09 -13.00
N PHE B 49 -0.47 -27.01 -12.58
CA PHE B 49 -0.96 -25.78 -11.98
C PHE B 49 -0.28 -25.51 -10.64
N ASN B 50 0.07 -26.55 -9.89
CA ASN B 50 0.80 -26.33 -8.66
C ASN B 50 2.16 -25.70 -8.95
N ASN B 51 2.79 -26.09 -10.06
CA ASN B 51 4.04 -25.45 -10.45
C ASN B 51 3.84 -23.99 -10.82
N LEU B 52 2.62 -23.57 -11.14
CA LEU B 52 2.30 -22.17 -11.43
C LEU B 52 1.95 -21.37 -10.19
N VAL B 53 1.21 -21.98 -9.26
CA VAL B 53 0.81 -21.34 -8.02
C VAL B 53 1.05 -22.31 -6.88
N ASN B 54 2.31 -22.40 -6.44
CA ASN B 54 2.69 -23.45 -5.51
C ASN B 54 2.07 -23.25 -4.15
N VAL B 55 1.60 -24.36 -3.56
CA VAL B 55 0.94 -24.30 -2.26
C VAL B 55 1.90 -23.80 -1.20
N ASN B 56 3.20 -24.01 -1.38
CA ASN B 56 4.20 -23.59 -0.42
C ASN B 56 4.53 -22.11 -0.52
N SER B 57 3.86 -21.38 -1.40
CA SER B 57 4.13 -19.96 -1.57
C SER B 57 3.81 -19.21 -0.28
N GLU B 58 4.58 -18.16 -0.04
CA GLU B 58 4.35 -17.30 1.11
C GLU B 58 3.08 -16.47 0.89
N PRO B 59 2.40 -16.10 1.96
CA PRO B 59 1.12 -15.37 1.79
C PRO B 59 1.34 -14.05 1.07
N GLY B 60 0.46 -13.78 0.10
CA GLY B 60 0.58 -12.58 -0.71
C GLY B 60 1.46 -12.73 -1.94
N SER B 61 2.20 -13.84 -2.06
CA SER B 61 3.06 -14.04 -3.22
C SER B 61 2.32 -14.59 -4.43
N ILE B 62 1.09 -15.09 -4.28
CA ILE B 62 0.35 -15.57 -5.44
C ILE B 62 -0.60 -14.48 -5.93
N LEU B 63 -1.61 -14.16 -5.11
CA LEU B 63 -2.62 -13.15 -5.49
C LEU B 63 -2.08 -11.76 -5.21
N ASN B 64 -1.15 -11.33 -6.06
CA ASN B 64 -0.67 -9.96 -5.98
C ASN B 64 -0.77 -9.31 -7.35
N VAL B 65 -0.22 -8.11 -7.50
CA VAL B 65 -0.40 -7.35 -8.72
C VAL B 65 0.93 -6.71 -9.07
N ASN B 66 1.99 -7.21 -8.43
CA ASN B 66 3.31 -6.61 -8.57
C ASN B 66 3.89 -6.82 -9.95
N ASP B 67 3.55 -7.94 -10.59
CA ASP B 67 4.03 -8.24 -11.94
C ASP B 67 3.11 -7.70 -13.03
N LEU B 68 2.14 -6.88 -12.69
CA LEU B 68 1.21 -6.33 -13.67
C LEU B 68 1.73 -4.99 -14.18
N ASP B 69 1.97 -4.91 -15.49
CA ASP B 69 2.41 -3.67 -16.11
C ASP B 69 1.26 -2.67 -16.06
N GLY B 70 1.41 -1.62 -15.26
CA GLY B 70 0.34 -0.65 -15.14
C GLY B 70 0.66 0.67 -15.81
N VAL B 71 1.66 0.67 -16.70
CA VAL B 71 2.14 1.92 -17.27
C VAL B 71 2.20 1.87 -18.79
N SER B 72 2.53 0.70 -19.35
CA SER B 72 2.73 0.62 -20.80
C SER B 72 1.44 0.75 -21.59
N TYR B 73 0.29 0.44 -21.00
CA TYR B 73 -0.96 0.37 -21.76
C TYR B 73 -2.02 1.32 -21.23
N LYS B 74 -1.61 2.37 -20.52
CA LYS B 74 -2.55 3.39 -20.06
C LYS B 74 -2.73 4.44 -21.16
N TYR B 75 -3.63 5.40 -20.92
CA TYR B 75 -3.98 6.36 -21.95
C TYR B 75 -2.78 7.22 -22.33
N LYS B 76 -2.58 7.36 -23.65
CA LYS B 76 -1.41 8.02 -24.21
C LYS B 76 -1.78 9.39 -24.76
N ILE B 77 -0.85 10.33 -24.66
CA ILE B 77 -1.04 11.68 -25.15
C ILE B 77 0.10 12.11 -26.06
N LYS B 111 -2.65 0.51 -36.83
CA LYS B 111 -2.77 1.96 -36.81
C LYS B 111 -3.50 2.49 -38.02
N HIS B 112 -4.46 3.38 -37.77
CA HIS B 112 -5.28 3.98 -38.81
C HIS B 112 -5.19 5.49 -38.72
N PHE B 113 -5.47 6.16 -39.84
CA PHE B 113 -5.53 7.62 -39.91
C PHE B 113 -4.23 8.27 -39.41
N SER B 114 -3.12 7.91 -40.05
CA SER B 114 -1.81 8.32 -39.53
C SER B 114 -1.57 9.82 -39.63
N ASN B 115 -2.33 10.53 -40.47
CA ASN B 115 -2.12 11.97 -40.63
C ASN B 115 -2.72 12.77 -39.49
N ASN B 116 -3.90 12.38 -39.01
CA ASN B 116 -4.61 13.10 -37.96
C ASN B 116 -4.50 12.34 -36.65
N GLU B 117 -3.68 12.85 -35.74
CA GLU B 117 -3.46 12.24 -34.43
C GLU B 117 -4.25 12.99 -33.38
N ASP B 118 -4.92 12.24 -32.49
CA ASP B 118 -5.68 12.77 -31.37
C ASP B 118 -6.57 13.96 -31.78
N SER B 119 -7.58 13.66 -32.59
CA SER B 119 -8.45 14.70 -33.12
C SER B 119 -9.85 14.15 -33.37
N LYS B 120 -10.77 15.06 -33.66
CA LYS B 120 -12.14 14.75 -34.04
C LYS B 120 -12.32 14.96 -35.53
N LEU B 121 -12.91 13.99 -36.21
CA LEU B 121 -13.13 14.08 -37.64
C LEU B 121 -14.62 13.87 -37.95
N ILE B 122 -15.00 14.21 -39.17
CA ILE B 122 -16.34 13.96 -39.69
C ILE B 122 -16.12 13.20 -40.99
N ILE B 123 -16.26 11.88 -40.95
CA ILE B 123 -15.95 11.01 -42.07
C ILE B 123 -17.12 10.08 -42.33
N ASP B 124 -17.53 9.99 -43.60
CA ASP B 124 -18.70 9.21 -43.99
C ASP B 124 -19.94 9.65 -43.22
N ASP B 125 -20.07 10.97 -43.07
CA ASP B 125 -21.18 11.66 -42.39
C ASP B 125 -21.27 11.35 -40.91
N LYS B 126 -20.26 10.71 -40.31
CA LYS B 126 -20.27 10.37 -38.90
C LYS B 126 -19.11 11.02 -38.17
N VAL B 127 -19.16 10.95 -36.84
CA VAL B 127 -18.13 11.52 -35.96
C VAL B 127 -17.03 10.48 -35.79
N LEU B 128 -15.80 10.95 -35.63
CA LEU B 128 -14.64 10.07 -35.64
C LEU B 128 -13.61 10.58 -34.64
N TYR B 129 -13.06 9.66 -33.84
CA TYR B 129 -12.03 9.97 -32.84
C TYR B 129 -10.74 9.25 -33.21
N THR B 130 -9.74 10.01 -33.69
CA THR B 130 -8.43 9.44 -33.98
C THR B 130 -7.55 9.38 -32.73
N HIS B 131 -8.17 9.21 -31.57
CA HIS B 131 -7.47 9.06 -30.30
C HIS B 131 -7.08 7.61 -30.07
N TYR B 132 -5.81 7.39 -29.71
CA TYR B 132 -5.26 6.04 -29.55
C TYR B 132 -5.17 5.67 -28.07
N VAL B 133 -5.77 4.53 -27.73
CA VAL B 133 -5.76 3.96 -26.39
C VAL B 133 -5.49 2.46 -26.55
N PRO B 134 -4.31 1.98 -26.18
CA PRO B 134 -3.93 0.60 -26.51
C PRO B 134 -4.52 -0.43 -25.55
N SER B 135 -4.49 -1.68 -26.01
CA SER B 135 -4.93 -2.82 -25.21
C SER B 135 -3.78 -3.30 -24.34
N HIS B 136 -4.13 -4.09 -23.32
CA HIS B 136 -3.13 -4.63 -22.39
C HIS B 136 -2.55 -5.90 -22.98
N LYS B 137 -1.42 -5.74 -23.67
CA LYS B 137 -0.80 -6.89 -24.34
C LYS B 137 -0.45 -7.97 -23.32
N GLN B 138 -0.09 -7.58 -22.10
CA GLN B 138 0.25 -8.54 -21.06
C GLN B 138 -0.96 -9.37 -20.64
N ILE B 139 -2.10 -8.70 -20.42
CA ILE B 139 -3.30 -9.42 -20.03
C ILE B 139 -3.80 -10.31 -21.17
N TYR B 140 -3.67 -9.85 -22.41
CA TYR B 140 -4.06 -10.66 -23.56
C TYR B 140 -3.37 -12.02 -23.56
N LEU B 141 -2.04 -12.02 -23.38
CA LEU B 141 -1.30 -13.27 -23.40
C LEU B 141 -1.73 -14.18 -22.25
N GLU B 142 -2.02 -13.61 -21.08
CA GLU B 142 -2.43 -14.44 -19.96
C GLU B 142 -3.84 -14.95 -20.16
N LEU B 143 -4.72 -14.11 -20.74
CA LEU B 143 -6.07 -14.55 -21.00
C LEU B 143 -6.10 -15.68 -22.03
N GLU B 144 -5.20 -15.62 -23.01
CA GLU B 144 -5.15 -16.70 -24.00
C GLU B 144 -4.82 -18.03 -23.33
N LYS B 145 -3.89 -18.01 -22.37
CA LYS B 145 -3.55 -19.23 -21.65
C LYS B 145 -4.74 -19.73 -20.84
N ILE B 146 -5.51 -18.81 -20.25
CA ILE B 146 -6.66 -19.21 -19.44
C ILE B 146 -7.65 -20.01 -20.28
N LYS B 147 -7.95 -19.52 -21.48
CA LYS B 147 -8.90 -20.22 -22.35
C LYS B 147 -8.39 -21.61 -22.68
N THR B 148 -7.07 -21.76 -22.81
CA THR B 148 -6.48 -23.07 -23.05
C THR B 148 -6.75 -23.99 -21.86
N TYR B 149 -6.51 -23.50 -20.64
CA TYR B 149 -6.80 -24.29 -19.46
C TYR B 149 -8.28 -24.65 -19.40
N ALA B 150 -9.14 -23.71 -19.79
CA ALA B 150 -10.57 -23.92 -19.74
C ALA B 150 -11.03 -24.92 -20.79
N SER B 151 -10.45 -24.83 -22.00
CA SER B 151 -10.82 -25.76 -23.05
C SER B 151 -10.52 -27.19 -22.64
N GLU B 152 -9.28 -27.44 -22.20
CA GLU B 152 -8.87 -28.79 -21.81
C GLU B 152 -9.68 -29.29 -20.62
N LEU B 153 -10.07 -28.40 -19.72
CA LEU B 153 -10.85 -28.82 -18.57
C LEU B 153 -12.22 -29.31 -18.99
N ILE B 154 -12.90 -28.53 -19.84
CA ILE B 154 -14.24 -28.91 -20.30
C ILE B 154 -14.19 -30.26 -21.00
N GLU B 155 -13.17 -30.47 -21.83
CA GLU B 155 -13.06 -31.74 -22.54
C GLU B 155 -12.84 -32.90 -21.56
N ILE B 156 -11.90 -32.74 -20.63
CA ILE B 156 -11.58 -33.81 -19.70
C ILE B 156 -12.72 -34.03 -18.71
N ILE B 157 -13.18 -32.96 -18.06
CA ILE B 157 -14.20 -33.11 -17.02
C ILE B 157 -15.53 -33.52 -17.63
N GLY B 158 -15.87 -32.98 -18.80
CA GLY B 158 -17.15 -33.32 -19.42
C GLY B 158 -17.26 -34.79 -19.72
N ASN B 159 -16.15 -35.42 -20.12
CA ASN B 159 -16.19 -36.82 -20.50
C ASN B 159 -16.30 -37.72 -19.27
N ILE B 160 -15.61 -37.36 -18.18
CA ILE B 160 -15.79 -38.11 -16.94
C ILE B 160 -17.22 -37.99 -16.48
N LYS B 161 -17.81 -36.80 -16.62
CA LYS B 161 -19.21 -36.61 -16.27
C LYS B 161 -20.11 -37.45 -17.19
N LEU B 162 -19.86 -37.39 -18.49
CA LEU B 162 -20.66 -38.17 -19.43
C LEU B 162 -20.54 -39.66 -19.15
N TRP B 163 -19.35 -40.12 -18.81
CA TRP B 163 -19.15 -41.54 -18.54
C TRP B 163 -19.99 -42.01 -17.36
N ILE B 164 -20.02 -41.21 -16.29
CA ILE B 164 -20.83 -41.58 -15.12
C ILE B 164 -22.31 -41.52 -15.46
N GLN B 165 -22.72 -40.50 -16.22
CA GLN B 165 -24.13 -40.37 -16.59
C GLN B 165 -24.60 -41.57 -17.39
N LEU B 166 -23.79 -42.01 -18.37
CA LEU B 166 -24.11 -43.20 -19.14
C LEU B 166 -24.05 -44.47 -18.30
N ASN B 167 -23.48 -44.39 -17.09
CA ASN B 167 -23.36 -45.54 -16.19
C ASN B 167 -24.45 -45.55 -15.14
N VAL B 168 -25.42 -44.65 -15.23
CA VAL B 168 -26.54 -44.67 -14.27
C VAL B 168 -27.43 -45.87 -14.58
N PRO B 169 -27.76 -46.72 -13.60
CA PRO B 169 -28.48 -47.94 -13.91
C PRO B 169 -29.94 -47.66 -14.24
N ARG B 170 -30.63 -48.72 -14.64
CA ARG B 170 -32.08 -48.66 -14.80
C ARG B 170 -32.73 -48.19 -13.51
N ILE B 171 -33.76 -47.35 -13.65
CA ILE B 171 -34.45 -46.81 -12.48
C ILE B 171 -35.16 -47.94 -11.74
N GLU B 172 -34.91 -48.03 -10.44
CA GLU B 172 -35.54 -49.03 -9.60
C GLU B 172 -36.00 -48.37 -8.31
N ASP B 173 -36.90 -49.04 -7.61
CA ASP B 173 -37.39 -48.54 -6.33
C ASP B 173 -36.55 -49.14 -5.21
N GLY B 174 -35.86 -48.29 -4.46
CA GLY B 174 -35.07 -48.74 -3.34
C GLY B 174 -33.71 -49.29 -3.75
N ASN B 175 -32.83 -49.40 -2.76
CA ASN B 175 -31.47 -49.89 -2.95
C ASN B 175 -30.70 -49.06 -3.96
N ASN B 176 -31.03 -47.77 -4.06
CA ASN B 176 -30.29 -46.87 -4.95
C ASN B 176 -29.59 -45.79 -4.15
N PHE B 177 -28.85 -46.20 -3.12
CA PHE B 177 -27.97 -45.27 -2.41
C PHE B 177 -26.74 -44.94 -3.24
N GLY B 178 -26.21 -45.93 -3.97
CA GLY B 178 -25.06 -45.68 -4.81
C GLY B 178 -25.35 -44.73 -5.95
N VAL B 179 -26.60 -44.67 -6.39
CA VAL B 179 -26.97 -43.71 -7.43
C VAL B 179 -26.82 -42.29 -6.90
N GLY B 180 -27.10 -42.10 -5.60
CA GLY B 180 -26.89 -40.78 -5.01
C GLY B 180 -25.43 -40.36 -5.07
N ILE B 181 -24.52 -41.32 -4.88
CA ILE B 181 -23.10 -41.03 -5.03
C ILE B 181 -22.79 -40.60 -6.46
N GLN B 182 -23.36 -41.31 -7.44
CA GLN B 182 -23.18 -40.93 -8.83
C GLN B 182 -23.68 -39.51 -9.08
N GLU B 183 -24.85 -39.17 -8.54
CA GLU B 183 -25.40 -37.83 -8.75
C GLU B 183 -24.51 -36.76 -8.13
N GLU B 184 -24.01 -37.00 -6.91
CA GLU B 184 -23.13 -36.03 -6.27
C GLU B 184 -21.87 -35.79 -7.09
N ALA B 185 -21.29 -36.85 -7.65
CA ALA B 185 -20.10 -36.68 -8.46
C ALA B 185 -20.42 -35.89 -9.73
N ILE B 186 -21.53 -36.21 -10.38
CA ILE B 186 -21.94 -35.49 -11.58
C ILE B 186 -22.17 -34.02 -11.27
N GLN B 187 -22.78 -33.72 -10.11
CA GLN B 187 -23.00 -32.32 -9.75
C GLN B 187 -21.68 -31.58 -9.59
N GLU B 188 -20.74 -32.16 -8.84
CA GLU B 188 -19.47 -31.50 -8.62
C GLU B 188 -18.68 -31.36 -9.91
N LEU B 189 -18.73 -32.38 -10.76
CA LEU B 189 -18.10 -32.29 -12.07
C LEU B 189 -18.75 -31.20 -12.91
N ALA B 190 -20.08 -31.11 -12.88
CA ALA B 190 -20.77 -30.12 -13.70
C ALA B 190 -20.51 -28.70 -13.21
N ARG B 191 -20.41 -28.51 -11.90
CA ARG B 191 -20.15 -27.18 -11.36
C ARG B 191 -18.81 -26.64 -11.86
N VAL B 192 -17.76 -27.47 -11.77
CA VAL B 192 -16.45 -27.05 -12.26
C VAL B 192 -16.50 -26.81 -13.76
N GLU B 193 -17.21 -27.66 -14.50
CA GLU B 193 -17.30 -27.50 -15.95
C GLU B 193 -18.00 -26.19 -16.31
N GLU B 194 -19.14 -25.90 -15.66
CA GLU B 194 -19.86 -24.67 -15.96
C GLU B 194 -19.04 -23.45 -15.61
N SER B 195 -18.30 -23.51 -14.49
CA SER B 195 -17.46 -22.38 -14.09
C SER B 195 -16.43 -22.08 -15.16
N ALA B 196 -15.78 -23.12 -15.69
CA ALA B 196 -14.80 -22.89 -16.74
C ALA B 196 -15.47 -22.39 -18.01
N PHE B 197 -16.69 -22.86 -18.29
CA PHE B 197 -17.38 -22.47 -19.51
C PHE B 197 -17.69 -20.97 -19.52
N ASN B 198 -17.95 -20.39 -18.35
CA ASN B 198 -18.30 -18.98 -18.29
C ASN B 198 -17.11 -18.07 -18.57
N LEU B 199 -15.90 -18.61 -18.61
CA LEU B 199 -14.73 -17.77 -18.80
C LEU B 199 -14.71 -17.13 -20.18
N TYR B 200 -15.15 -17.86 -21.20
CA TYR B 200 -15.10 -17.34 -22.56
C TYR B 200 -15.95 -16.08 -22.70
N ASP B 201 -17.15 -16.11 -22.12
CA ASP B 201 -18.03 -14.95 -22.22
C ASP B 201 -17.49 -13.80 -21.38
N ALA B 202 -16.93 -14.11 -20.21
CA ALA B 202 -16.40 -13.07 -19.34
C ALA B 202 -15.25 -12.31 -19.99
N ILE B 203 -14.45 -12.98 -20.81
CA ILE B 203 -13.30 -12.33 -21.42
C ILE B 203 -13.75 -11.28 -22.43
N VAL B 204 -14.81 -11.57 -23.18
CA VAL B 204 -15.36 -10.58 -24.09
C VAL B 204 -15.78 -9.34 -23.32
N LYS B 205 -16.34 -9.54 -22.12
CA LYS B 205 -16.78 -8.40 -21.32
C LYS B 205 -15.61 -7.55 -20.84
N TYR B 206 -14.47 -8.17 -20.55
CA TYR B 206 -13.30 -7.37 -20.17
C TYR B 206 -12.95 -6.37 -21.25
N TYR B 207 -12.78 -6.84 -22.48
CA TYR B 207 -12.38 -5.93 -23.56
C TYR B 207 -13.48 -4.90 -23.83
N MET B 208 -14.74 -5.32 -23.80
CA MET B 208 -15.84 -4.38 -24.00
C MET B 208 -15.85 -3.33 -22.90
N GLU B 209 -15.70 -3.77 -21.65
CA GLU B 209 -15.70 -2.82 -20.53
C GLU B 209 -14.50 -1.91 -20.58
N ARG B 210 -13.31 -2.46 -20.88
CA ARG B 210 -12.13 -1.62 -21.00
C ARG B 210 -12.28 -0.61 -22.13
N ALA B 211 -12.90 -1.02 -23.23
CA ALA B 211 -13.09 -0.12 -24.36
C ALA B 211 -14.06 1.01 -24.01
N LYS B 212 -15.13 0.68 -23.28
CA LYS B 212 -16.10 1.71 -22.91
C LYS B 212 -15.49 2.80 -22.04
N ILE B 213 -14.77 2.38 -20.99
CA ILE B 213 -14.16 3.36 -20.09
C ILE B 213 -13.16 4.22 -20.84
N SER B 214 -12.37 3.61 -21.72
CA SER B 214 -11.39 4.38 -22.48
C SER B 214 -12.07 5.45 -23.33
N THR B 215 -13.24 5.16 -23.90
CA THR B 215 -13.99 6.21 -24.58
C THR B 215 -14.33 7.35 -23.62
N LYS B 216 -14.67 7.01 -22.37
CA LYS B 216 -15.01 8.05 -21.40
C LYS B 216 -13.79 8.87 -21.03
N VAL B 217 -12.61 8.26 -20.96
CA VAL B 217 -11.39 9.02 -20.72
C VAL B 217 -11.16 10.01 -21.85
N LEU B 218 -11.45 9.60 -23.08
CA LEU B 218 -11.27 10.48 -24.22
C LEU B 218 -12.26 11.64 -24.18
N LYS B 219 -13.51 11.37 -23.78
CA LYS B 219 -14.48 12.45 -23.71
C LYS B 219 -14.25 13.31 -22.47
N TYR B 220 -13.88 12.69 -21.35
CA TYR B 220 -13.71 13.39 -20.08
C TYR B 220 -12.31 13.17 -19.51
N PRO B 221 -11.29 13.79 -20.10
CA PRO B 221 -9.95 13.73 -19.51
C PRO B 221 -9.85 14.51 -18.20
N ASN B 222 -10.92 15.20 -17.77
CA ASN B 222 -10.91 15.94 -16.51
C ASN B 222 -11.32 15.07 -15.35
N VAL B 223 -12.22 14.12 -15.60
CA VAL B 223 -12.65 13.14 -14.63
C VAL B 223 -11.53 12.11 -14.47
N SER B 224 -10.74 12.24 -13.41
CA SER B 224 -9.58 11.37 -13.23
C SER B 224 -10.02 9.96 -12.87
N ASP B 225 -11.22 9.82 -12.31
CA ASP B 225 -11.71 8.52 -11.87
C ASP B 225 -11.90 7.58 -13.05
N TYR B 226 -12.16 8.13 -14.24
CA TYR B 226 -12.25 7.30 -15.43
C TYR B 226 -10.92 6.63 -15.72
N GLN B 227 -9.81 7.35 -15.50
CA GLN B 227 -8.49 6.74 -15.68
C GLN B 227 -8.19 5.74 -14.57
N GLU B 228 -8.60 6.05 -13.33
CA GLU B 228 -8.43 5.08 -12.25
C GLU B 228 -9.29 3.86 -12.48
N ALA B 229 -10.48 4.03 -13.06
CA ALA B 229 -11.36 2.89 -13.32
C ALA B 229 -10.72 1.93 -14.32
N VAL B 230 -10.09 2.47 -15.37
CA VAL B 230 -9.33 1.63 -16.29
C VAL B 230 -8.24 0.88 -15.54
N ARG B 231 -7.47 1.62 -14.73
CA ARG B 231 -6.41 1.01 -13.94
C ARG B 231 -6.95 -0.12 -13.06
N GLU B 232 -8.06 0.13 -12.36
CA GLU B 232 -8.61 -0.90 -11.46
C GLU B 232 -9.11 -2.10 -12.25
N LEU B 233 -9.70 -1.86 -13.42
CA LEU B 233 -10.22 -2.97 -14.23
C LEU B 233 -9.11 -3.94 -14.58
N ASP B 234 -7.95 -3.42 -14.99
CA ASP B 234 -6.82 -4.29 -15.29
C ASP B 234 -6.36 -5.03 -14.04
N GLU B 235 -6.33 -4.33 -12.90
CA GLU B 235 -5.96 -4.99 -11.65
C GLU B 235 -6.96 -6.07 -11.26
N LYS B 236 -8.25 -5.82 -11.51
CA LYS B 236 -9.26 -6.83 -11.23
C LYS B 236 -9.06 -8.06 -12.10
N GLU B 237 -8.87 -7.85 -13.40
CA GLU B 237 -8.68 -8.98 -14.32
C GLU B 237 -7.43 -9.76 -13.97
N TRP B 238 -6.36 -9.06 -13.58
CA TRP B 238 -5.12 -9.73 -13.21
C TRP B 238 -5.34 -10.64 -12.00
N ILE B 239 -6.04 -10.15 -10.99
CA ILE B 239 -6.34 -10.99 -9.83
C ILE B 239 -7.26 -12.14 -10.21
N HIS B 240 -8.30 -11.84 -10.99
CA HIS B 240 -9.21 -12.91 -11.40
C HIS B 240 -8.48 -14.01 -12.16
N ILE B 241 -7.51 -13.62 -13.01
CA ILE B 241 -6.71 -14.61 -13.72
C ILE B 241 -6.00 -15.53 -12.74
N LYS B 242 -5.36 -14.95 -11.74
CA LYS B 242 -4.59 -15.77 -10.80
C LYS B 242 -5.50 -16.64 -9.94
N ILE B 243 -6.63 -16.10 -9.49
CA ILE B 243 -7.58 -16.92 -8.73
C ILE B 243 -8.16 -18.02 -9.61
N THR B 244 -8.34 -17.75 -10.90
CA THR B 244 -8.81 -18.79 -11.81
C THR B 244 -7.82 -19.95 -11.86
N ILE B 245 -6.52 -19.64 -11.90
CA ILE B 245 -5.50 -20.69 -11.93
C ILE B 245 -5.48 -21.51 -10.65
N VAL B 246 -5.64 -20.86 -9.49
CA VAL B 246 -5.68 -21.60 -8.24
C VAL B 246 -6.88 -22.54 -8.22
N ASP B 247 -8.03 -22.04 -8.68
CA ASP B 247 -9.23 -22.87 -8.72
C ASP B 247 -9.04 -24.06 -9.62
N MET B 248 -8.27 -23.92 -10.69
CA MET B 248 -7.90 -25.06 -11.53
C MET B 248 -7.20 -26.12 -10.68
N ARG B 249 -6.11 -25.74 -10.03
CA ARG B 249 -5.37 -26.65 -9.18
C ARG B 249 -6.27 -27.34 -8.17
N ASN B 250 -7.06 -26.55 -7.42
CA ASN B 250 -7.87 -27.12 -6.35
C ASN B 250 -9.02 -27.97 -6.89
N ASN B 251 -9.63 -27.56 -8.01
CA ASN B 251 -10.72 -28.36 -8.56
C ASN B 251 -10.23 -29.69 -9.09
N TYR B 252 -9.09 -29.69 -9.78
CA TYR B 252 -8.54 -30.93 -10.29
C TYR B 252 -8.25 -31.92 -9.16
N ILE B 253 -7.79 -31.43 -8.01
CA ILE B 253 -7.45 -32.33 -6.93
C ILE B 253 -8.70 -32.85 -6.23
N MET B 254 -9.64 -31.96 -5.88
CA MET B 254 -10.82 -32.44 -5.17
C MET B 254 -11.66 -33.36 -6.04
N LEU B 255 -11.72 -33.11 -7.35
CA LEU B 255 -12.45 -34.02 -8.22
C LEU B 255 -11.74 -35.37 -8.29
N TYR B 256 -10.41 -35.34 -8.44
CA TYR B 256 -9.66 -36.59 -8.46
C TYR B 256 -9.79 -37.31 -7.12
N ASP B 257 -9.59 -36.58 -6.02
CA ASP B 257 -9.69 -37.19 -4.70
C ASP B 257 -11.10 -37.71 -4.45
N LEU B 258 -12.12 -36.97 -4.89
CA LEU B 258 -13.50 -37.40 -4.70
C LEU B 258 -13.79 -38.68 -5.49
N LEU B 259 -13.42 -38.69 -6.76
CA LEU B 259 -13.66 -39.88 -7.59
C LEU B 259 -12.84 -41.06 -7.09
N TYR B 260 -11.59 -40.81 -6.68
CA TYR B 260 -10.75 -41.90 -6.20
C TYR B 260 -11.37 -42.58 -4.99
N LYS B 261 -11.85 -41.78 -4.04
CA LYS B 261 -12.42 -42.36 -2.82
C LYS B 261 -13.71 -43.13 -3.10
N ASN B 262 -14.56 -42.62 -3.99
CA ASN B 262 -15.85 -43.23 -4.25
C ASN B 262 -15.87 -44.04 -5.54
N TRP B 263 -14.70 -44.52 -5.97
CA TRP B 263 -14.62 -45.17 -7.28
C TRP B 263 -15.44 -46.45 -7.32
N GLU B 264 -15.50 -47.19 -6.20
CA GLU B 264 -16.20 -48.46 -6.19
C GLU B 264 -17.69 -48.30 -6.45
N LYS B 265 -18.31 -47.28 -5.85
CA LYS B 265 -19.73 -47.04 -6.07
C LYS B 265 -20.03 -46.30 -7.36
N VAL B 266 -19.06 -45.56 -7.89
CA VAL B 266 -19.28 -44.84 -9.13
C VAL B 266 -19.38 -45.80 -10.31
N VAL B 267 -18.64 -46.92 -10.27
CA VAL B 267 -18.68 -47.89 -11.36
C VAL B 267 -19.82 -48.89 -11.19
N LYS B 268 -19.98 -49.47 -10.01
CA LYS B 268 -21.02 -50.44 -9.72
C LYS B 268 -21.86 -49.93 -8.56
N PRO B 269 -22.85 -49.09 -8.83
CA PRO B 269 -23.64 -48.49 -7.74
C PRO B 269 -24.63 -49.45 -7.10
N LYS B 270 -24.71 -50.71 -7.54
CA LYS B 270 -25.69 -51.63 -7.00
C LYS B 270 -25.17 -53.05 -6.80
N ASN B 271 -23.99 -53.41 -7.28
CA ASN B 271 -23.47 -54.76 -7.08
C ASN B 271 -22.22 -54.75 -6.19
N ASN C 7 -13.00 -56.15 -20.60
CA ASN C 7 -13.02 -54.88 -21.31
C ASN C 7 -12.59 -53.73 -20.40
N LYS C 8 -12.12 -54.06 -19.20
CA LYS C 8 -11.97 -53.01 -18.19
C LYS C 8 -10.93 -53.39 -17.15
N ILE C 9 -10.30 -52.35 -16.61
CA ILE C 9 -9.60 -52.36 -15.33
C ILE C 9 -10.20 -51.22 -14.51
N ASP C 10 -10.29 -51.42 -13.20
CA ASP C 10 -11.05 -50.52 -12.33
C ASP C 10 -10.21 -50.07 -11.16
N LYS C 11 -8.93 -49.81 -11.41
CA LYS C 11 -8.06 -49.17 -10.45
C LYS C 11 -7.55 -47.88 -11.09
N ILE C 12 -7.46 -46.80 -10.31
CA ILE C 12 -7.15 -45.50 -10.91
C ILE C 12 -6.03 -44.82 -10.14
N GLU C 13 -5.07 -45.59 -9.66
CA GLU C 13 -3.87 -44.99 -9.13
C GLU C 13 -3.09 -44.36 -10.28
N PRO C 14 -2.45 -43.21 -10.06
CA PRO C 14 -1.72 -42.57 -11.16
C PRO C 14 -0.67 -43.52 -11.73
N SER C 15 -0.58 -43.57 -13.05
CA SER C 15 0.31 -44.54 -13.68
C SER C 15 1.77 -44.13 -13.53
N ASP C 16 2.07 -42.84 -13.68
CA ASP C 16 3.44 -42.35 -13.59
C ASP C 16 3.85 -42.30 -12.12
N GLN C 17 4.89 -43.08 -11.78
CA GLN C 17 5.31 -43.15 -10.38
C GLN C 17 5.92 -41.84 -9.90
N LYS C 18 6.57 -41.08 -10.79
CA LYS C 18 7.08 -39.78 -10.37
C LYS C 18 5.94 -38.83 -10.04
N ILE C 19 4.87 -38.87 -10.84
CA ILE C 19 3.71 -38.02 -10.55
C ILE C 19 3.06 -38.46 -9.24
N LYS C 20 2.96 -39.78 -9.01
CA LYS C 20 2.35 -40.28 -7.79
C LYS C 20 3.06 -39.74 -6.56
N GLU C 21 4.38 -39.61 -6.59
CA GLU C 21 5.09 -39.05 -5.45
C GLU C 21 4.85 -37.55 -5.34
N GLU C 22 4.98 -36.82 -6.45
CA GLU C 22 4.77 -35.39 -6.42
C GLU C 22 3.36 -35.04 -5.93
N TYR C 23 2.37 -35.87 -6.29
CA TYR C 23 1.03 -35.66 -5.77
C TYR C 23 0.97 -35.91 -4.27
N ASN C 24 1.59 -37.00 -3.81
CA ASN C 24 1.61 -37.29 -2.38
C ASN C 24 2.40 -36.21 -1.63
N LYS C 25 3.49 -35.72 -2.22
CA LYS C 25 4.19 -34.61 -1.62
C LYS C 25 3.28 -33.40 -1.50
N PHE C 26 2.42 -33.21 -2.49
CA PHE C 26 1.48 -32.09 -2.46
C PHE C 26 0.52 -32.21 -1.28
N LYS C 27 -0.05 -33.39 -1.07
CA LYS C 27 -0.97 -33.54 0.06
C LYS C 27 -0.24 -33.31 1.38
N TYR C 28 1.03 -33.70 1.46
CA TYR C 28 1.82 -33.38 2.64
C TYR C 28 2.03 -31.88 2.78
N ASP C 29 2.39 -31.21 1.69
CA ASP C 29 2.69 -29.78 1.76
C ASP C 29 1.47 -28.96 2.16
N ILE C 30 0.27 -29.35 1.71
CA ILE C 30 -0.93 -28.65 2.14
C ILE C 30 -1.10 -28.76 3.65
N THR C 31 -1.04 -29.99 4.17
CA THR C 31 -1.17 -30.20 5.61
C THR C 31 -0.23 -29.29 6.38
N LYS C 32 1.01 -29.15 5.91
CA LYS C 32 1.94 -28.23 6.55
C LYS C 32 1.39 -26.81 6.54
N GLN C 33 0.98 -26.33 5.35
CA GLN C 33 0.49 -24.96 5.25
C GLN C 33 -0.76 -24.76 6.09
N ALA C 34 -1.67 -25.74 6.09
CA ALA C 34 -2.90 -25.62 6.86
C ALA C 34 -2.62 -25.53 8.35
N ILE C 35 -1.80 -26.45 8.87
CA ILE C 35 -1.45 -26.40 10.29
C ILE C 35 -0.68 -25.13 10.60
N GLU C 36 0.25 -24.77 9.71
CA GLU C 36 1.06 -23.57 9.88
C GLU C 36 0.19 -22.32 9.97
N SER C 37 -0.86 -22.23 9.13
CA SER C 37 -1.74 -21.06 9.18
C SER C 37 -2.48 -21.00 10.51
N LEU C 38 -2.90 -22.16 11.02
CA LEU C 38 -3.66 -22.20 12.26
C LEU C 38 -2.79 -21.94 13.48
N ARG C 39 -1.53 -22.38 13.46
CA ARG C 39 -0.67 -22.20 14.62
C ARG C 39 0.04 -20.85 14.63
N GLU C 40 0.28 -20.25 13.47
CA GLU C 40 1.06 -19.02 13.41
C GLU C 40 0.35 -17.90 12.67
N ARG C 41 0.01 -18.14 11.40
CA ARG C 41 -0.38 -17.04 10.51
C ARG C 41 -1.67 -16.38 10.97
N ILE C 42 -2.67 -17.18 11.30
CA ILE C 42 -4.01 -16.64 11.56
C ILE C 42 -4.02 -15.91 12.91
N PRO C 43 -3.53 -16.49 14.01
CA PRO C 43 -3.51 -15.72 15.26
C PRO C 43 -2.79 -14.38 15.12
N LYS C 44 -1.66 -14.35 14.40
CA LYS C 44 -0.96 -13.09 14.17
C LYS C 44 -1.83 -12.11 13.40
N ARG C 45 -2.62 -12.61 12.44
CA ARG C 45 -3.47 -11.71 11.67
C ARG C 45 -4.60 -11.17 12.53
N ILE C 46 -5.09 -11.95 13.49
CA ILE C 46 -6.07 -11.47 14.45
C ILE C 46 -5.54 -10.25 15.20
N ILE C 47 -4.33 -10.38 15.76
CA ILE C 47 -3.69 -9.26 16.45
C ILE C 47 -3.43 -8.11 15.48
N PHE C 48 -3.06 -8.43 14.24
CA PHE C 48 -2.75 -7.38 13.28
C PHE C 48 -3.95 -6.47 13.04
N PHE C 49 -5.09 -7.05 12.67
CA PHE C 49 -6.28 -6.26 12.41
C PHE C 49 -6.84 -5.65 13.70
N ASN C 50 -6.68 -6.33 14.83
CA ASN C 50 -7.09 -5.74 16.10
C ASN C 50 -6.30 -4.47 16.40
N ASN C 51 -5.02 -4.45 16.02
CA ASN C 51 -4.22 -3.24 16.19
C ASN C 51 -4.73 -2.10 15.33
N LEU C 52 -5.47 -2.41 14.27
CA LEU C 52 -6.05 -1.42 13.37
C LEU C 52 -7.42 -0.95 13.82
N VAL C 53 -8.23 -1.87 14.36
CA VAL C 53 -9.56 -1.58 14.87
C VAL C 53 -9.74 -2.27 16.22
N ASN C 54 -9.29 -1.62 17.29
CA ASN C 54 -9.26 -2.29 18.58
C ASN C 54 -10.67 -2.55 19.09
N VAL C 55 -10.88 -3.77 19.60
CA VAL C 55 -12.21 -4.18 20.04
C VAL C 55 -12.68 -3.31 21.21
N ASN C 56 -11.74 -2.77 21.98
CA ASN C 56 -12.04 -1.93 23.14
C ASN C 56 -12.38 -0.49 22.77
N SER C 57 -12.44 -0.15 21.49
CA SER C 57 -12.75 1.22 21.11
C SER C 57 -14.18 1.59 21.52
N GLU C 58 -14.36 2.85 21.91
CA GLU C 58 -15.70 3.33 22.22
C GLU C 58 -16.51 3.51 20.94
N PRO C 59 -17.84 3.42 21.02
CA PRO C 59 -18.66 3.46 19.80
C PRO C 59 -18.49 4.76 19.03
N GLY C 60 -18.41 4.62 17.71
CA GLY C 60 -18.19 5.75 16.84
C GLY C 60 -16.74 6.13 16.64
N SER C 61 -15.83 5.57 17.45
CA SER C 61 -14.42 5.86 17.31
C SER C 61 -13.76 5.06 16.19
N ILE C 62 -14.41 4.00 15.72
CA ILE C 62 -13.91 3.23 14.59
C ILE C 62 -14.63 3.66 13.32
N LEU C 63 -15.94 3.40 13.26
CA LEU C 63 -16.76 3.73 12.10
C LEU C 63 -17.16 5.20 12.17
N ASN C 64 -16.19 6.07 11.87
CA ASN C 64 -16.45 7.49 11.74
C ASN C 64 -15.89 7.97 10.41
N VAL C 65 -15.87 9.28 10.19
CA VAL C 65 -15.47 9.80 8.89
C VAL C 65 -14.62 11.05 9.12
N ASN C 66 -14.12 11.20 10.35
CA ASN C 66 -13.42 12.40 10.76
C ASN C 66 -12.05 12.56 10.08
N ASP C 67 -11.37 11.46 9.77
CA ASP C 67 -10.08 11.59 9.11
C ASP C 67 -10.22 11.63 7.60
N LEU C 68 -11.43 11.79 7.07
CA LEU C 68 -11.66 11.78 5.64
C LEU C 68 -11.53 13.21 5.11
N ASP C 69 -10.56 13.40 4.23
CA ASP C 69 -10.32 14.68 3.57
C ASP C 69 -11.45 14.99 2.62
N GLY C 70 -12.22 16.04 2.92
CA GLY C 70 -13.35 16.39 2.08
C GLY C 70 -13.06 17.64 1.27
N VAL C 71 -11.79 18.01 1.14
CA VAL C 71 -11.45 19.28 0.52
C VAL C 71 -10.38 19.12 -0.57
N SER C 72 -9.44 18.21 -0.39
CA SER C 72 -8.36 18.09 -1.36
C SER C 72 -8.80 17.45 -2.68
N TYR C 73 -9.86 16.64 -2.68
CA TYR C 73 -10.21 15.84 -3.86
C TYR C 73 -11.60 16.15 -4.39
N LYS C 74 -12.15 17.33 -4.06
CA LYS C 74 -13.43 17.79 -4.56
C LYS C 74 -13.27 18.55 -5.88
N TYR C 75 -14.40 19.00 -6.43
CA TYR C 75 -14.41 19.69 -7.72
C TYR C 75 -13.59 20.97 -7.63
N LYS C 76 -12.78 21.23 -8.67
CA LYS C 76 -11.87 22.35 -8.65
C LYS C 76 -11.97 23.16 -9.93
N ILE C 77 -11.74 24.47 -9.80
CA ILE C 77 -11.68 25.39 -10.93
C ILE C 77 -10.29 26.00 -10.98
N ASN C 78 -9.84 26.34 -12.18
CA ASN C 78 -8.52 26.95 -12.42
C ASN C 78 -8.72 28.39 -12.91
N LYS C 79 -8.89 29.30 -11.97
CA LYS C 79 -8.97 30.73 -12.28
C LYS C 79 -8.27 31.57 -11.21
N ILE C 123 4.40 15.87 -20.15
CA ILE C 123 5.03 17.00 -19.47
C ILE C 123 4.00 17.91 -18.80
N ASP C 124 2.72 17.52 -18.86
CA ASP C 124 1.65 18.35 -18.32
C ASP C 124 0.82 17.60 -17.27
N ASP C 125 -0.43 18.04 -17.08
CA ASP C 125 -1.35 17.43 -16.14
C ASP C 125 -2.77 17.99 -16.31
N LYS C 126 -3.44 18.25 -15.18
CA LYS C 126 -4.80 18.81 -15.16
C LYS C 126 -4.79 20.34 -15.17
N VAL C 127 -3.88 20.95 -15.93
CA VAL C 127 -3.74 22.40 -15.94
C VAL C 127 -4.23 23.04 -17.22
N LEU C 128 -4.28 22.30 -18.33
CA LEU C 128 -4.80 22.83 -19.58
C LEU C 128 -6.33 22.86 -19.61
N TYR C 129 -6.99 22.58 -18.49
CA TYR C 129 -8.43 22.53 -18.41
C TYR C 129 -8.96 23.50 -17.37
N THR C 130 -10.14 24.07 -17.65
CA THR C 130 -10.67 25.11 -16.79
C THR C 130 -11.26 24.53 -15.50
N HIS C 131 -11.75 23.29 -15.53
CA HIS C 131 -12.22 22.65 -14.31
C HIS C 131 -12.09 21.14 -14.44
N TYR C 132 -11.37 20.53 -13.50
CA TYR C 132 -11.17 19.10 -13.39
C TYR C 132 -11.82 18.57 -12.12
N VAL C 133 -11.89 17.24 -12.02
CA VAL C 133 -12.36 16.59 -10.80
C VAL C 133 -11.40 15.46 -10.48
N PRO C 134 -10.53 15.63 -9.50
CA PRO C 134 -9.49 14.62 -9.24
C PRO C 134 -10.05 13.45 -8.43
N SER C 135 -9.28 12.37 -8.41
CA SER C 135 -9.67 11.21 -7.64
C SER C 135 -9.23 11.37 -6.18
N HIS C 136 -9.88 10.60 -5.31
CA HIS C 136 -9.62 10.69 -3.87
C HIS C 136 -8.42 9.81 -3.55
N LYS C 137 -7.24 10.42 -3.57
CA LYS C 137 -6.00 9.66 -3.37
C LYS C 137 -5.98 9.00 -1.99
N GLN C 138 -6.60 9.63 -1.00
CA GLN C 138 -6.63 9.05 0.35
C GLN C 138 -7.44 7.76 0.36
N ILE C 139 -8.60 7.75 -0.31
CA ILE C 139 -9.38 6.52 -0.42
C ILE C 139 -8.64 5.51 -1.27
N TYR C 140 -7.95 5.95 -2.32
CA TYR C 140 -7.15 5.05 -3.14
C TYR C 140 -6.14 4.29 -2.30
N LEU C 141 -5.39 4.99 -1.46
CA LEU C 141 -4.37 4.33 -0.64
C LEU C 141 -5.00 3.32 0.31
N GLU C 142 -6.19 3.63 0.84
CA GLU C 142 -6.84 2.69 1.75
C GLU C 142 -7.40 1.48 1.00
N LEU C 143 -7.93 1.70 -0.19
CA LEU C 143 -8.47 0.59 -0.97
C LEU C 143 -7.36 -0.37 -1.38
N GLU C 144 -6.17 0.17 -1.67
CA GLU C 144 -5.05 -0.69 -2.00
C GLU C 144 -4.71 -1.62 -0.84
N LYS C 145 -4.78 -1.12 0.40
CA LYS C 145 -4.55 -1.97 1.56
C LYS C 145 -5.64 -3.03 1.69
N ILE C 146 -6.90 -2.67 1.39
CA ILE C 146 -8.00 -3.61 1.50
C ILE C 146 -7.76 -4.83 0.61
N LYS C 147 -7.33 -4.58 -0.64
CA LYS C 147 -7.11 -5.68 -1.57
C LYS C 147 -6.00 -6.62 -1.09
N THR C 148 -4.96 -6.07 -0.46
CA THR C 148 -3.90 -6.91 0.08
C THR C 148 -4.44 -7.81 1.19
N TYR C 149 -5.23 -7.24 2.11
CA TYR C 149 -5.84 -8.06 3.15
C TYR C 149 -6.71 -9.14 2.55
N ALA C 150 -7.42 -8.83 1.47
CA ALA C 150 -8.32 -9.79 0.85
C ALA C 150 -7.55 -10.90 0.14
N SER C 151 -6.49 -10.53 -0.58
CA SER C 151 -5.69 -11.53 -1.29
C SER C 151 -5.10 -12.54 -0.32
N GLU C 152 -4.43 -12.06 0.73
CA GLU C 152 -3.79 -12.97 1.67
C GLU C 152 -4.83 -13.84 2.37
N LEU C 153 -6.04 -13.32 2.58
CA LEU C 153 -7.09 -14.13 3.20
C LEU C 153 -7.50 -15.28 2.28
N ILE C 154 -7.74 -14.97 1.00
CA ILE C 154 -8.17 -15.99 0.05
C ILE C 154 -7.11 -17.08 -0.07
N GLU C 155 -5.82 -16.70 -0.06
CA GLU C 155 -4.76 -17.70 -0.13
C GLU C 155 -4.80 -18.61 1.08
N ILE C 156 -4.90 -18.02 2.28
CA ILE C 156 -4.87 -18.81 3.51
C ILE C 156 -6.11 -19.69 3.61
N ILE C 157 -7.28 -19.10 3.41
CA ILE C 157 -8.53 -19.83 3.56
C ILE C 157 -8.65 -20.91 2.49
N GLY C 158 -8.20 -20.62 1.27
CA GLY C 158 -8.33 -21.58 0.20
C GLY C 158 -7.59 -22.88 0.47
N ASN C 159 -6.41 -22.80 1.07
CA ASN C 159 -5.63 -24.00 1.33
C ASN C 159 -6.17 -24.77 2.54
N ILE C 160 -6.63 -24.05 3.56
CA ILE C 160 -7.28 -24.71 4.70
C ILE C 160 -8.56 -25.40 4.24
N LYS C 161 -9.33 -24.74 3.39
CA LYS C 161 -10.55 -25.36 2.87
C LYS C 161 -10.22 -26.57 2.01
N LEU C 162 -9.23 -26.45 1.12
CA LEU C 162 -8.83 -27.58 0.30
C LEU C 162 -8.36 -28.74 1.16
N TRP C 163 -7.62 -28.43 2.23
CA TRP C 163 -7.13 -29.49 3.11
C TRP C 163 -8.27 -30.26 3.77
N ILE C 164 -9.32 -29.55 4.21
CA ILE C 164 -10.45 -30.25 4.81
C ILE C 164 -11.19 -31.07 3.76
N GLN C 165 -11.36 -30.53 2.55
CA GLN C 165 -12.01 -31.30 1.49
C GLN C 165 -11.25 -32.58 1.21
N LEU C 166 -9.92 -32.50 1.13
CA LEU C 166 -9.10 -33.68 0.92
C LEU C 166 -9.18 -34.66 2.09
N ASN C 167 -9.73 -34.22 3.22
CA ASN C 167 -9.88 -35.07 4.40
C ASN C 167 -11.30 -35.60 4.53
N VAL C 168 -12.18 -35.31 3.58
CA VAL C 168 -13.53 -35.85 3.60
C VAL C 168 -13.49 -37.32 3.21
N PRO C 169 -14.03 -38.23 4.00
CA PRO C 169 -13.89 -39.66 3.73
C PRO C 169 -14.78 -40.11 2.57
N ARG C 170 -14.60 -41.37 2.18
CA ARG C 170 -15.49 -41.98 1.20
C ARG C 170 -16.94 -41.90 1.66
N ILE C 171 -17.83 -41.61 0.72
CA ILE C 171 -19.25 -41.48 1.05
C ILE C 171 -19.78 -42.84 1.48
N GLU C 172 -20.38 -42.89 2.66
CA GLU C 172 -20.99 -44.11 3.16
C GLU C 172 -22.32 -43.79 3.80
N ASP C 173 -23.13 -44.83 4.00
CA ASP C 173 -24.46 -44.69 4.57
C ASP C 173 -24.37 -44.82 6.09
N GLY C 174 -24.75 -43.76 6.79
CA GLY C 174 -24.77 -43.76 8.24
C GLY C 174 -23.39 -43.50 8.83
N ASN C 175 -23.40 -43.13 10.12
CA ASN C 175 -22.19 -42.82 10.86
C ASN C 175 -21.38 -41.71 10.18
N ASN C 176 -22.05 -40.83 9.45
CA ASN C 176 -21.35 -39.69 8.88
C ASN C 176 -21.91 -38.40 9.46
N PHE C 177 -21.97 -38.35 10.79
CA PHE C 177 -22.27 -37.10 11.48
C PHE C 177 -21.06 -36.18 11.49
N GLY C 178 -19.87 -36.76 11.65
CA GLY C 178 -18.66 -35.95 11.63
C GLY C 178 -18.40 -35.32 10.28
N VAL C 179 -18.88 -35.96 9.20
CA VAL C 179 -18.75 -35.38 7.88
C VAL C 179 -19.56 -34.09 7.77
N GLY C 180 -20.70 -34.02 8.43
CA GLY C 180 -21.46 -32.78 8.46
C GLY C 180 -20.68 -31.65 9.09
N ILE C 181 -19.90 -31.95 10.14
CA ILE C 181 -19.03 -30.95 10.75
C ILE C 181 -18.00 -30.46 9.74
N GLN C 182 -17.40 -31.40 9.00
CA GLN C 182 -16.48 -31.02 7.94
C GLN C 182 -17.16 -30.10 6.93
N GLU C 183 -18.38 -30.44 6.52
CA GLU C 183 -19.10 -29.63 5.55
C GLU C 183 -19.42 -28.25 6.10
N GLU C 184 -19.84 -28.16 7.37
CA GLU C 184 -20.09 -26.85 7.97
C GLU C 184 -18.82 -25.99 7.96
N ALA C 185 -17.68 -26.59 8.28
CA ALA C 185 -16.44 -25.84 8.27
C ALA C 185 -16.10 -25.38 6.85
N ILE C 186 -16.24 -26.29 5.87
CA ILE C 186 -15.98 -25.92 4.48
C ILE C 186 -16.95 -24.82 4.05
N GLN C 187 -18.22 -24.93 4.46
CA GLN C 187 -19.21 -23.94 4.08
C GLN C 187 -18.84 -22.56 4.61
N GLU C 188 -18.49 -22.49 5.89
CA GLU C 188 -18.14 -21.20 6.49
C GLU C 188 -16.85 -20.65 5.89
N LEU C 189 -15.88 -21.52 5.62
CA LEU C 189 -14.64 -21.06 5.00
C LEU C 189 -14.92 -20.48 3.63
N ALA C 190 -15.76 -21.14 2.83
CA ALA C 190 -16.04 -20.64 1.49
C ALA C 190 -16.84 -19.35 1.54
N ARG C 191 -17.74 -19.22 2.52
CA ARG C 191 -18.52 -17.99 2.64
C ARG C 191 -17.62 -16.78 2.88
N VAL C 192 -16.68 -16.90 3.82
CA VAL C 192 -15.74 -15.81 4.07
C VAL C 192 -14.90 -15.55 2.84
N GLU C 193 -14.46 -16.62 2.18
CA GLU C 193 -13.66 -16.48 0.98
C GLU C 193 -14.42 -15.77 -0.13
N GLU C 194 -15.69 -16.16 -0.31
CA GLU C 194 -16.52 -15.53 -1.34
C GLU C 194 -16.71 -14.05 -1.08
N SER C 195 -16.90 -13.67 0.20
CA SER C 195 -17.08 -12.27 0.54
C SER C 195 -15.87 -11.43 0.16
N ALA C 196 -14.66 -11.93 0.48
CA ALA C 196 -13.45 -11.20 0.12
C ALA C 196 -13.27 -11.15 -1.39
N PHE C 197 -13.68 -12.20 -2.11
CA PHE C 197 -13.49 -12.24 -3.55
C PHE C 197 -14.25 -11.13 -4.26
N ASN C 198 -15.43 -10.76 -3.75
CA ASN C 198 -16.24 -9.76 -4.42
C ASN C 198 -15.70 -8.35 -4.24
N LEU C 199 -14.70 -8.16 -3.37
CA LEU C 199 -14.20 -6.81 -3.12
C LEU C 199 -13.51 -6.22 -4.33
N TYR C 200 -12.82 -7.06 -5.11
CA TYR C 200 -12.08 -6.56 -6.27
C TYR C 200 -13.01 -5.91 -7.28
N ASP C 201 -14.15 -6.54 -7.54
CA ASP C 201 -15.11 -6.00 -8.51
C ASP C 201 -15.80 -4.76 -7.94
N ALA C 202 -16.07 -4.75 -6.63
CA ALA C 202 -16.74 -3.60 -6.03
C ALA C 202 -15.92 -2.32 -6.14
N ILE C 203 -14.60 -2.44 -6.10
CA ILE C 203 -13.74 -1.25 -6.12
C ILE C 203 -13.79 -0.58 -7.49
N VAL C 204 -13.85 -1.36 -8.56
CA VAL C 204 -14.03 -0.77 -9.89
C VAL C 204 -15.32 0.01 -9.94
N LYS C 205 -16.37 -0.50 -9.28
CA LYS C 205 -17.64 0.21 -9.28
C LYS C 205 -17.54 1.56 -8.59
N TYR C 206 -16.70 1.66 -7.55
CA TYR C 206 -16.51 2.95 -6.90
C TYR C 206 -16.01 4.00 -7.89
N TYR C 207 -14.91 3.70 -8.59
CA TYR C 207 -14.35 4.68 -9.52
C TYR C 207 -15.32 4.97 -10.66
N MET C 208 -15.99 3.94 -11.18
CA MET C 208 -16.96 4.18 -12.25
C MET C 208 -18.10 5.07 -11.77
N GLU C 209 -18.63 4.80 -10.57
CA GLU C 209 -19.72 5.62 -10.06
C GLU C 209 -19.26 7.03 -9.75
N ARG C 210 -18.08 7.18 -9.13
CA ARG C 210 -17.59 8.51 -8.83
C ARG C 210 -17.37 9.31 -10.10
N ALA C 211 -16.89 8.66 -11.15
CA ALA C 211 -16.62 9.34 -12.40
C ALA C 211 -17.92 9.83 -13.03
N LYS C 212 -18.97 9.01 -12.96
CA LYS C 212 -20.25 9.40 -13.54
C LYS C 212 -20.79 10.66 -12.88
N ILE C 213 -20.76 10.70 -11.55
CA ILE C 213 -21.23 11.89 -10.84
C ILE C 213 -20.37 13.10 -11.21
N SER C 214 -19.06 12.91 -11.34
CA SER C 214 -18.18 14.02 -11.71
C SER C 214 -18.55 14.61 -13.06
N THR C 215 -18.94 13.77 -14.02
CA THR C 215 -19.41 14.30 -15.30
C THR C 215 -20.62 15.19 -15.09
N LYS C 216 -21.52 14.82 -14.18
CA LYS C 216 -22.70 15.64 -13.93
C LYS C 216 -22.31 16.95 -13.24
N VAL C 217 -21.32 16.91 -12.35
CA VAL C 217 -20.85 18.14 -11.73
C VAL C 217 -20.26 19.07 -12.77
N LEU C 218 -19.55 18.52 -13.76
CA LEU C 218 -19.00 19.37 -14.81
C LEU C 218 -20.11 19.99 -15.66
N LYS C 219 -21.21 19.27 -15.89
CA LYS C 219 -22.29 19.83 -16.68
C LYS C 219 -23.13 20.82 -15.88
N TYR C 220 -23.38 20.51 -14.60
CA TYR C 220 -24.21 21.33 -13.72
C TYR C 220 -23.38 21.67 -12.48
N PRO C 221 -22.38 22.57 -12.63
CA PRO C 221 -21.47 22.85 -11.50
C PRO C 221 -22.10 23.58 -10.33
N ASN C 222 -23.30 24.14 -10.47
CA ASN C 222 -23.96 24.78 -9.33
C ASN C 222 -25.06 23.94 -8.70
N VAL C 223 -25.59 22.93 -9.40
CA VAL C 223 -26.53 22.01 -8.78
C VAL C 223 -25.78 21.24 -7.70
N SER C 224 -26.00 21.65 -6.44
CA SER C 224 -25.16 21.20 -5.35
C SER C 224 -25.36 19.75 -4.97
N ASP C 225 -26.54 19.17 -5.25
CA ASP C 225 -26.76 17.79 -4.84
C ASP C 225 -25.85 16.82 -5.58
N TYR C 226 -25.44 17.17 -6.80
CA TYR C 226 -24.45 16.34 -7.48
C TYR C 226 -23.11 16.36 -6.75
N GLN C 227 -22.70 17.52 -6.23
CA GLN C 227 -21.46 17.58 -5.48
C GLN C 227 -21.60 16.90 -4.12
N GLU C 228 -22.78 17.04 -3.48
CA GLU C 228 -23.01 16.31 -2.25
C GLU C 228 -22.98 14.81 -2.50
N ALA C 229 -23.40 14.39 -3.69
CA ALA C 229 -23.35 12.97 -4.02
C ALA C 229 -21.93 12.46 -4.05
N VAL C 230 -21.01 13.23 -4.63
CA VAL C 230 -19.59 12.84 -4.62
C VAL C 230 -19.09 12.70 -3.19
N ARG C 231 -19.35 13.72 -2.37
CA ARG C 231 -18.96 13.67 -0.97
C ARG C 231 -19.55 12.45 -0.28
N GLU C 232 -20.84 12.21 -0.49
CA GLU C 232 -21.50 11.08 0.17
C GLU C 232 -20.95 9.76 -0.35
N LEU C 233 -20.63 9.70 -1.65
CA LEU C 233 -20.05 8.48 -2.19
C LEU C 233 -18.71 8.20 -1.50
N ASP C 234 -17.89 9.23 -1.34
CA ASP C 234 -16.60 9.07 -0.66
C ASP C 234 -16.80 8.66 0.80
N GLU C 235 -17.74 9.29 1.50
CA GLU C 235 -17.97 8.95 2.90
C GLU C 235 -18.48 7.52 3.04
N LYS C 236 -19.31 7.08 2.11
CA LYS C 236 -19.79 5.70 2.15
C LYS C 236 -18.65 4.72 1.94
N GLU C 237 -17.79 4.98 0.94
CA GLU C 237 -16.67 4.08 0.67
C GLU C 237 -15.72 4.05 1.86
N TRP C 238 -15.51 5.20 2.50
CA TRP C 238 -14.64 5.27 3.68
C TRP C 238 -15.19 4.40 4.81
N ILE C 239 -16.50 4.48 5.06
CA ILE C 239 -17.11 3.63 6.09
C ILE C 239 -17.01 2.16 5.69
N HIS C 240 -17.31 1.84 4.44
CA HIS C 240 -17.26 0.45 3.99
C HIS C 240 -15.87 -0.13 4.18
N ILE C 241 -14.84 0.68 3.94
CA ILE C 241 -13.47 0.22 4.13
C ILE C 241 -13.25 -0.21 5.58
N LYS C 242 -13.70 0.61 6.53
CA LYS C 242 -13.46 0.32 7.93
C LYS C 242 -14.26 -0.89 8.37
N ILE C 243 -15.50 -1.01 7.90
CA ILE C 243 -16.31 -2.19 8.22
C ILE C 243 -15.68 -3.44 7.63
N THR C 244 -15.07 -3.32 6.46
CA THR C 244 -14.34 -4.45 5.87
C THR C 244 -13.20 -4.90 6.77
N ILE C 245 -12.45 -3.95 7.33
CA ILE C 245 -11.32 -4.30 8.19
C ILE C 245 -11.80 -5.02 9.44
N VAL C 246 -12.91 -4.56 10.02
CA VAL C 246 -13.46 -5.25 11.18
C VAL C 246 -13.90 -6.65 10.79
N ASP C 247 -14.51 -6.79 9.61
CA ASP C 247 -14.93 -8.11 9.16
C ASP C 247 -13.74 -9.05 9.00
N MET C 248 -12.60 -8.52 8.56
CA MET C 248 -11.37 -9.31 8.53
C MET C 248 -11.02 -9.80 9.93
N ARG C 249 -10.87 -8.87 10.87
CA ARG C 249 -10.57 -9.22 12.25
C ARG C 249 -11.52 -10.28 12.78
N ASN C 250 -12.83 -10.04 12.64
CA ASN C 250 -13.81 -10.95 13.23
C ASN C 250 -13.87 -12.28 12.49
N ASN C 251 -13.69 -12.28 11.16
CA ASN C 251 -13.75 -13.54 10.42
C ASN C 251 -12.59 -14.45 10.77
N TYR C 252 -11.38 -13.89 10.87
CA TYR C 252 -10.23 -14.70 11.27
C TYR C 252 -10.48 -15.32 12.63
N ILE C 253 -11.18 -14.59 13.50
CA ILE C 253 -11.40 -15.03 14.87
C ILE C 253 -12.44 -16.15 14.92
N MET C 254 -13.59 -15.96 14.24
CA MET C 254 -14.60 -17.01 14.27
C MET C 254 -14.14 -18.25 13.52
N LEU C 255 -13.38 -18.08 12.44
CA LEU C 255 -12.90 -19.24 11.71
C LEU C 255 -11.89 -20.02 12.55
N TYR C 256 -10.98 -19.30 13.21
CA TYR C 256 -10.04 -19.96 14.10
C TYR C 256 -10.76 -20.64 15.25
N ASP C 257 -11.69 -19.93 15.88
CA ASP C 257 -12.45 -20.50 16.99
C ASP C 257 -13.27 -21.69 16.55
N LEU C 258 -13.86 -21.61 15.34
CA LEU C 258 -14.68 -22.72 14.85
C LEU C 258 -13.84 -23.97 14.63
N LEU C 259 -12.71 -23.83 13.93
CA LEU C 259 -11.86 -24.97 13.65
C LEU C 259 -11.24 -25.53 14.92
N TYR C 260 -10.82 -24.66 15.84
CA TYR C 260 -10.19 -25.12 17.07
C TYR C 260 -11.13 -26.00 17.87
N LYS C 261 -12.39 -25.57 18.02
CA LYS C 261 -13.34 -26.32 18.82
C LYS C 261 -13.67 -27.67 18.20
N ASN C 262 -13.79 -27.72 16.87
CA ASN C 262 -14.20 -28.93 16.17
C ASN C 262 -13.02 -29.62 15.49
N TRP C 263 -11.80 -29.41 15.99
CA TRP C 263 -10.62 -29.91 15.30
C TRP C 263 -10.60 -31.44 15.25
N GLU C 264 -11.05 -32.09 16.33
CA GLU C 264 -10.97 -33.55 16.38
C GLU C 264 -11.87 -34.21 15.35
N LYS C 265 -13.07 -33.68 15.13
CA LYS C 265 -13.94 -34.23 14.10
C LYS C 265 -13.56 -33.78 12.70
N VAL C 266 -12.87 -32.65 12.57
CA VAL C 266 -12.44 -32.19 11.26
C VAL C 266 -11.33 -33.09 10.72
N VAL C 267 -10.46 -33.58 11.61
CA VAL C 267 -9.34 -34.42 11.19
C VAL C 267 -9.75 -35.88 11.11
N LYS C 268 -10.44 -36.40 12.13
CA LYS C 268 -10.89 -37.80 12.17
C LYS C 268 -12.40 -37.79 12.33
N PRO C 269 -13.15 -37.67 11.23
CA PRO C 269 -14.61 -37.57 11.31
C PRO C 269 -15.32 -38.87 11.60
N LYS C 270 -14.61 -39.99 11.74
CA LYS C 270 -15.26 -41.28 11.95
C LYS C 270 -14.49 -42.07 12.99
N ASN C 271 -15.20 -42.53 14.02
CA ASN C 271 -14.65 -43.24 15.19
C ASN C 271 -13.25 -42.79 15.58
N ASN D 7 0.63 -35.79 8.23
CA ASN D 7 0.32 -36.94 9.07
C ASN D 7 1.29 -37.07 10.24
N LYS D 8 1.05 -36.31 11.29
CA LYS D 8 1.91 -36.36 12.47
C LYS D 8 1.14 -36.02 13.75
N ILE D 9 1.12 -34.75 14.11
CA ILE D 9 0.49 -34.25 15.32
C ILE D 9 -0.74 -33.44 14.95
N ASP D 10 -1.75 -33.49 15.82
CA ASP D 10 -3.08 -32.95 15.52
C ASP D 10 -3.51 -32.00 16.61
N LYS D 11 -2.58 -31.18 17.09
CA LYS D 11 -2.88 -30.07 17.97
C LYS D 11 -2.45 -28.78 17.27
N ILE D 12 -3.24 -27.72 17.45
CA ILE D 12 -3.00 -26.48 16.72
C ILE D 12 -3.03 -25.30 17.67
N GLU D 13 -2.57 -25.51 18.90
CA GLU D 13 -2.42 -24.40 19.82
C GLU D 13 -1.31 -23.46 19.32
N PRO D 14 -1.47 -22.15 19.50
CA PRO D 14 -0.43 -21.22 19.05
C PRO D 14 0.91 -21.57 19.70
N SER D 15 1.98 -21.50 18.92
CA SER D 15 3.28 -21.91 19.44
C SER D 15 3.80 -20.91 20.47
N ASP D 16 3.63 -19.62 20.18
CA ASP D 16 4.08 -18.54 21.06
C ASP D 16 3.11 -18.36 22.22
N GLN D 17 3.60 -18.49 23.46
CA GLN D 17 2.72 -18.29 24.61
C GLN D 17 2.26 -16.84 24.69
N LYS D 18 3.05 -15.91 24.15
CA LYS D 18 2.68 -14.50 24.11
C LYS D 18 1.43 -14.29 23.26
N ILE D 19 1.32 -15.01 22.14
CA ILE D 19 0.15 -14.86 21.29
C ILE D 19 -1.10 -15.38 21.99
N LYS D 20 -0.98 -16.51 22.70
CA LYS D 20 -2.12 -17.06 23.44
C LYS D 20 -2.66 -16.05 24.44
N GLU D 21 -1.78 -15.25 25.04
CA GLU D 21 -2.24 -14.27 26.03
C GLU D 21 -3.05 -13.17 25.35
N GLU D 22 -2.52 -12.57 24.28
CA GLU D 22 -3.29 -11.55 23.57
C GLU D 22 -4.57 -12.14 23.00
N TYR D 23 -4.55 -13.40 22.56
CA TYR D 23 -5.77 -14.01 22.05
C TYR D 23 -6.78 -14.20 23.19
N ASN D 24 -6.33 -14.75 24.32
CA ASN D 24 -7.22 -14.91 25.46
C ASN D 24 -7.65 -13.55 26.01
N LYS D 25 -6.73 -12.57 26.03
CA LYS D 25 -7.10 -11.22 26.43
C LYS D 25 -8.18 -10.67 25.51
N PHE D 26 -8.08 -10.98 24.22
CA PHE D 26 -9.06 -10.48 23.27
C PHE D 26 -10.44 -11.04 23.55
N LYS D 27 -10.52 -12.34 23.82
CA LYS D 27 -11.82 -12.95 24.10
C LYS D 27 -12.44 -12.38 25.37
N TYR D 28 -11.61 -12.08 26.37
CA TYR D 28 -12.11 -11.39 27.56
C TYR D 28 -12.57 -9.99 27.22
N ASP D 29 -11.79 -9.26 26.42
CA ASP D 29 -12.14 -7.89 26.07
C ASP D 29 -13.44 -7.82 25.29
N ILE D 30 -13.72 -8.80 24.42
CA ILE D 30 -15.02 -8.84 23.75
C ILE D 30 -16.14 -8.98 24.77
N THR D 31 -16.05 -10.02 25.62
CA THR D 31 -17.06 -10.26 26.63
C THR D 31 -17.32 -9.00 27.45
N LYS D 32 -16.27 -8.28 27.82
CA LYS D 32 -16.46 -7.00 28.51
C LYS D 32 -17.32 -6.07 27.67
N GLN D 33 -16.95 -5.90 26.40
CA GLN D 33 -17.67 -4.96 25.54
C GLN D 33 -19.11 -5.42 25.31
N ALA D 34 -19.31 -6.72 25.10
CA ALA D 34 -20.65 -7.24 24.86
C ALA D 34 -21.55 -7.04 26.07
N ILE D 35 -21.08 -7.41 27.25
CA ILE D 35 -21.86 -7.24 28.47
C ILE D 35 -22.10 -5.75 28.72
N GLU D 36 -21.08 -4.93 28.52
CA GLU D 36 -21.23 -3.48 28.66
C GLU D 36 -22.31 -2.96 27.72
N SER D 37 -22.35 -3.49 26.49
CA SER D 37 -23.36 -3.05 25.53
C SER D 37 -24.75 -3.49 25.96
N LEU D 38 -24.89 -4.72 26.46
CA LEU D 38 -26.20 -5.21 26.86
C LEU D 38 -26.68 -4.58 28.17
N ARG D 39 -25.77 -4.30 29.09
CA ARG D 39 -26.16 -3.75 30.38
C ARG D 39 -26.30 -2.24 30.35
N GLU D 40 -25.55 -1.55 29.47
CA GLU D 40 -25.55 -0.10 29.48
C GLU D 40 -25.83 0.50 28.10
N ARG D 41 -25.01 0.15 27.10
CA ARG D 41 -25.03 0.89 25.85
C ARG D 41 -26.37 0.79 25.16
N ILE D 42 -26.95 -0.41 25.09
CA ILE D 42 -28.17 -0.61 24.33
C ILE D 42 -29.36 0.03 25.05
N PRO D 43 -29.59 -0.23 26.35
CA PRO D 43 -30.71 0.46 27.00
C PRO D 43 -30.64 1.97 26.87
N LYS D 44 -29.44 2.54 27.00
CA LYS D 44 -29.27 3.97 26.81
C LYS D 44 -29.70 4.38 25.41
N ARG D 45 -29.43 3.55 24.40
CA ARG D 45 -29.80 3.90 23.03
C ARG D 45 -31.31 3.79 22.84
N ILE D 46 -31.94 2.80 23.49
CA ILE D 46 -33.38 2.64 23.40
C ILE D 46 -34.09 3.91 23.86
N ILE D 47 -33.73 4.39 25.05
CA ILE D 47 -34.33 5.63 25.56
C ILE D 47 -33.99 6.79 24.66
N PHE D 48 -32.76 6.83 24.11
CA PHE D 48 -32.38 7.94 23.26
C PHE D 48 -33.28 8.05 22.04
N PHE D 49 -33.41 6.97 21.28
CA PHE D 49 -34.23 7.01 20.08
C PHE D 49 -35.69 7.23 20.43
N ASN D 50 -36.13 6.71 21.58
CA ASN D 50 -37.48 6.99 22.03
C ASN D 50 -37.67 8.49 22.26
N ASN D 51 -36.63 9.19 22.74
CA ASN D 51 -36.75 10.63 22.91
C ASN D 51 -36.91 11.37 21.60
N LEU D 52 -36.48 10.77 20.48
CA LEU D 52 -36.64 11.38 19.17
C LEU D 52 -37.97 11.03 18.52
N VAL D 53 -38.47 9.82 18.76
CA VAL D 53 -39.76 9.38 18.25
C VAL D 53 -40.53 8.72 19.40
N ASN D 54 -41.12 9.54 20.25
CA ASN D 54 -41.69 9.04 21.49
C ASN D 54 -42.93 8.20 21.23
N VAL D 55 -43.00 7.04 21.89
CA VAL D 55 -44.12 6.12 21.69
C VAL D 55 -45.42 6.74 22.17
N ASN D 56 -45.36 7.67 23.12
CA ASN D 56 -46.54 8.32 23.67
C ASN D 56 -47.11 9.42 22.79
N SER D 57 -46.46 9.73 21.67
CA SER D 57 -46.95 10.81 20.82
C SER D 57 -48.28 10.42 20.20
N GLU D 58 -49.13 11.42 20.00
CA GLU D 58 -50.41 11.17 19.35
C GLU D 58 -50.17 10.81 17.88
N PRO D 59 -51.05 10.02 17.28
CA PRO D 59 -50.82 9.57 15.90
C PRO D 59 -50.72 10.73 14.93
N GLY D 60 -49.75 10.65 14.03
CA GLY D 60 -49.47 11.68 13.06
C GLY D 60 -48.52 12.76 13.54
N SER D 61 -48.24 12.83 14.84
CA SER D 61 -47.30 13.80 15.38
C SER D 61 -45.85 13.38 15.19
N ILE D 62 -45.61 12.11 14.85
CA ILE D 62 -44.26 11.61 14.58
C ILE D 62 -43.99 11.63 13.09
N LEU D 63 -44.69 10.78 12.33
CA LEU D 63 -44.51 10.69 10.89
C LEU D 63 -45.32 11.80 10.21
N ASN D 64 -44.84 13.03 10.39
CA ASN D 64 -45.48 14.16 9.72
C ASN D 64 -44.42 14.96 8.98
N VAL D 65 -44.79 16.13 8.50
CA VAL D 65 -43.90 16.91 7.65
C VAL D 65 -44.00 18.38 8.07
N ASN D 66 -44.52 18.61 9.28
CA ASN D 66 -44.77 19.98 9.74
C ASN D 66 -43.46 20.72 10.01
N ASP D 67 -42.44 20.03 10.49
CA ASP D 67 -41.17 20.67 10.78
C ASP D 67 -40.22 20.68 9.59
N LEU D 68 -40.69 20.32 8.40
CA LEU D 68 -39.84 20.27 7.22
C LEU D 68 -39.90 21.60 6.47
N ASP D 69 -38.75 22.27 6.37
CA ASP D 69 -38.64 23.49 5.58
C ASP D 69 -38.73 23.09 4.11
N GLY D 70 -39.83 23.44 3.45
CA GLY D 70 -40.00 23.09 2.07
C GLY D 70 -39.93 24.28 1.14
N VAL D 71 -39.41 25.40 1.63
CA VAL D 71 -39.45 26.64 0.87
C VAL D 71 -38.08 27.28 0.78
N SER D 72 -37.25 27.09 1.82
CA SER D 72 -35.96 27.76 1.84
C SER D 72 -34.99 27.23 0.79
N TYR D 73 -35.17 25.98 0.36
CA TYR D 73 -34.18 25.34 -0.50
C TYR D 73 -34.75 24.89 -1.84
N LYS D 74 -35.89 25.44 -2.28
CA LYS D 74 -36.34 25.07 -3.61
C LYS D 74 -35.72 26.01 -4.63
N TYR D 75 -35.82 25.63 -5.90
CA TYR D 75 -35.18 26.41 -6.96
C TYR D 75 -35.88 27.75 -7.13
N LYS D 76 -35.07 28.80 -7.32
CA LYS D 76 -35.52 30.19 -7.44
C LYS D 76 -36.76 30.34 -8.32
N GLY D 108 -24.46 26.01 2.65
CA GLY D 108 -23.05 26.31 2.83
C GLY D 108 -22.26 26.10 1.55
N HIS D 109 -22.92 26.32 0.42
CA HIS D 109 -22.37 26.04 -0.90
C HIS D 109 -21.34 27.09 -1.32
N VAL D 110 -21.06 27.16 -2.62
CA VAL D 110 -20.21 28.21 -3.17
C VAL D 110 -20.55 28.39 -4.65
N LYS D 111 -21.18 29.52 -4.97
CA LYS D 111 -21.60 29.80 -6.34
C LYS D 111 -20.39 29.92 -7.26
N HIS D 112 -20.49 29.33 -8.44
CA HIS D 112 -19.41 29.28 -9.40
C HIS D 112 -19.89 29.94 -10.69
N PHE D 113 -18.92 30.41 -11.49
CA PHE D 113 -19.21 31.11 -12.74
C PHE D 113 -20.12 32.30 -12.46
N SER D 114 -19.64 33.18 -11.56
CA SER D 114 -20.45 34.25 -11.02
C SER D 114 -20.81 35.30 -12.06
N ASN D 115 -20.10 35.33 -13.20
CA ASN D 115 -20.37 36.35 -14.20
C ASN D 115 -21.63 36.04 -14.99
N ASN D 116 -21.84 34.78 -15.36
CA ASN D 116 -23.01 34.35 -16.12
C ASN D 116 -23.90 33.51 -15.22
N GLU D 117 -25.03 34.08 -14.80
CA GLU D 117 -25.98 33.40 -13.94
C GLU D 117 -27.16 32.91 -14.75
N ASP D 118 -27.60 31.68 -14.45
CA ASP D 118 -28.73 31.02 -15.11
C ASP D 118 -28.63 31.15 -16.64
N SER D 119 -27.62 30.48 -17.17
CA SER D 119 -27.34 30.53 -18.60
C SER D 119 -26.64 29.25 -19.04
N LYS D 120 -26.50 29.11 -20.36
CA LYS D 120 -25.74 28.01 -20.95
C LYS D 120 -24.41 28.54 -21.44
N LEU D 121 -23.34 27.84 -21.11
CA LEU D 121 -21.98 28.23 -21.46
C LEU D 121 -21.30 27.09 -22.22
N ILE D 122 -20.15 27.41 -22.79
CA ILE D 122 -19.32 26.46 -23.52
C ILE D 122 -17.94 26.48 -22.87
N ILE D 123 -17.64 25.43 -22.11
CA ILE D 123 -16.40 25.31 -21.35
C ILE D 123 -15.71 24.03 -21.78
N ASP D 124 -14.44 24.14 -22.17
CA ASP D 124 -13.66 23.01 -22.64
C ASP D 124 -14.38 22.29 -23.79
N ASP D 125 -15.01 23.09 -24.66
CA ASP D 125 -15.76 22.62 -25.83
C ASP D 125 -17.01 21.81 -25.45
N LYS D 126 -17.41 21.81 -24.18
CA LYS D 126 -18.57 21.05 -23.71
C LYS D 126 -19.63 21.98 -23.14
N VAL D 127 -20.82 21.40 -22.87
CA VAL D 127 -21.98 22.13 -22.39
C VAL D 127 -21.93 22.29 -20.88
N LEU D 128 -22.43 23.44 -20.40
CA LEU D 128 -22.36 23.80 -18.99
C LEU D 128 -23.58 24.63 -18.62
N TYR D 129 -24.19 24.32 -17.47
CA TYR D 129 -25.36 25.05 -16.95
C TYR D 129 -24.95 25.74 -15.65
N THR D 130 -24.85 27.06 -15.67
CA THR D 130 -24.47 27.81 -14.48
C THR D 130 -25.55 27.82 -13.41
N HIS D 131 -26.81 27.63 -13.79
CA HIS D 131 -27.97 27.53 -12.90
C HIS D 131 -27.63 26.97 -11.52
N TYR D 132 -28.06 27.69 -10.48
CA TYR D 132 -27.78 27.31 -9.10
C TYR D 132 -29.03 26.72 -8.45
N VAL D 133 -28.86 25.54 -7.86
CA VAL D 133 -29.93 24.81 -7.18
C VAL D 133 -29.38 24.27 -5.87
N PRO D 134 -29.79 24.81 -4.73
CA PRO D 134 -29.16 24.44 -3.46
C PRO D 134 -29.65 23.10 -2.95
N SER D 135 -28.88 22.55 -2.02
CA SER D 135 -29.26 21.33 -1.33
C SER D 135 -30.12 21.68 -0.12
N HIS D 136 -30.81 20.67 0.40
CA HIS D 136 -31.68 20.81 1.55
C HIS D 136 -30.82 20.68 2.81
N LYS D 137 -30.35 21.83 3.33
CA LYS D 137 -29.47 21.78 4.49
C LYS D 137 -30.13 21.10 5.69
N GLN D 138 -31.45 21.25 5.82
CA GLN D 138 -32.15 20.62 6.94
C GLN D 138 -32.11 19.10 6.83
N ILE D 139 -32.37 18.57 5.63
CA ILE D 139 -32.28 17.12 5.43
C ILE D 139 -30.84 16.67 5.61
N TYR D 140 -29.90 17.49 5.13
CA TYR D 140 -28.48 17.17 5.28
C TYR D 140 -28.11 16.97 6.74
N LEU D 141 -28.52 17.90 7.61
CA LEU D 141 -28.16 17.78 9.02
C LEU D 141 -28.80 16.53 9.64
N GLU D 142 -30.02 16.19 9.22
CA GLU D 142 -30.66 15.02 9.80
C GLU D 142 -30.01 13.73 9.30
N LEU D 143 -29.61 13.71 8.03
CA LEU D 143 -28.96 12.52 7.49
C LEU D 143 -27.60 12.30 8.15
N GLU D 144 -26.89 13.38 8.46
CA GLU D 144 -25.62 13.23 9.14
C GLU D 144 -25.80 12.53 10.48
N LYS D 145 -26.87 12.85 11.20
CA LYS D 145 -27.15 12.19 12.47
C LYS D 145 -27.48 10.71 12.25
N ILE D 146 -28.22 10.39 11.19
CA ILE D 146 -28.57 8.99 10.92
C ILE D 146 -27.32 8.15 10.77
N LYS D 147 -26.33 8.65 10.02
CA LYS D 147 -25.12 7.87 9.78
C LYS D 147 -24.39 7.55 11.08
N THR D 148 -24.38 8.49 12.03
CA THR D 148 -23.77 8.20 13.32
C THR D 148 -24.55 7.11 14.05
N TYR D 149 -25.89 7.23 14.05
CA TYR D 149 -26.71 6.20 14.68
C TYR D 149 -26.45 4.84 14.06
N ALA D 150 -26.26 4.81 12.74
CA ALA D 150 -26.03 3.53 12.06
C ALA D 150 -24.63 3.00 12.38
N SER D 151 -23.62 3.87 12.35
CA SER D 151 -22.26 3.45 12.65
C SER D 151 -22.16 2.86 14.05
N GLU D 152 -22.66 3.59 15.06
CA GLU D 152 -22.59 3.07 16.42
C GLU D 152 -23.35 1.75 16.55
N LEU D 153 -24.43 1.59 15.79
CA LEU D 153 -25.17 0.33 15.84
C LEU D 153 -24.31 -0.80 15.27
N ILE D 154 -23.70 -0.58 14.10
CA ILE D 154 -22.86 -1.60 13.48
C ILE D 154 -21.72 -1.99 14.42
N GLU D 155 -21.11 -1.00 15.09
CA GLU D 155 -20.03 -1.30 16.02
C GLU D 155 -20.53 -2.16 17.17
N ILE D 156 -21.67 -1.79 17.75
CA ILE D 156 -22.20 -2.50 18.92
C ILE D 156 -22.64 -3.91 18.54
N ILE D 157 -23.42 -4.05 17.45
CA ILE D 157 -23.98 -5.35 17.13
C ILE D 157 -22.89 -6.34 16.75
N GLY D 158 -21.86 -5.89 16.03
CA GLY D 158 -20.83 -6.80 15.58
C GLY D 158 -20.12 -7.50 16.72
N ASN D 159 -19.88 -6.79 17.82
CA ASN D 159 -19.16 -7.38 18.93
C ASN D 159 -20.04 -8.34 19.72
N ILE D 160 -21.32 -8.01 19.88
CA ILE D 160 -22.25 -8.95 20.51
C ILE D 160 -22.39 -10.21 19.65
N LYS D 161 -22.50 -10.04 18.34
CA LYS D 161 -22.63 -11.20 17.47
C LYS D 161 -21.39 -12.07 17.54
N LEU D 162 -20.21 -11.46 17.45
CA LEU D 162 -18.97 -12.22 17.53
C LEU D 162 -18.86 -12.95 18.86
N TRP D 163 -19.28 -12.29 19.94
CA TRP D 163 -19.20 -12.93 21.26
C TRP D 163 -20.07 -14.18 21.32
N ILE D 164 -21.29 -14.11 20.76
CA ILE D 164 -22.13 -15.31 20.73
C ILE D 164 -21.54 -16.35 19.80
N GLN D 165 -20.99 -15.92 18.67
CA GLN D 165 -20.33 -16.85 17.77
C GLN D 165 -19.20 -17.57 18.50
N LEU D 166 -18.40 -16.81 19.25
CA LEU D 166 -17.35 -17.41 20.06
C LEU D 166 -17.90 -18.27 21.18
N ASN D 167 -19.19 -18.12 21.49
CA ASN D 167 -19.80 -18.90 22.56
C ASN D 167 -20.61 -20.08 22.04
N VAL D 168 -20.62 -20.31 20.74
CA VAL D 168 -21.28 -21.52 20.25
C VAL D 168 -20.38 -22.72 20.56
N PRO D 169 -20.88 -23.76 21.21
CA PRO D 169 -19.99 -24.83 21.68
C PRO D 169 -19.53 -25.71 20.54
N ARG D 170 -18.64 -26.65 20.89
CA ARG D 170 -18.24 -27.68 19.95
C ARG D 170 -19.46 -28.41 19.41
N ILE D 171 -19.44 -28.69 18.11
CA ILE D 171 -20.57 -29.38 17.49
C ILE D 171 -20.67 -30.79 18.04
N GLU D 172 -21.85 -31.14 18.55
CA GLU D 172 -22.11 -32.47 19.07
C GLU D 172 -23.48 -32.93 18.58
N ASP D 173 -23.72 -34.22 18.69
CA ASP D 173 -24.97 -34.83 18.26
C ASP D 173 -25.95 -34.82 19.43
N GLY D 174 -27.07 -34.14 19.27
CA GLY D 174 -28.09 -34.08 20.29
C GLY D 174 -27.82 -33.01 21.33
N ASN D 175 -28.87 -32.68 22.08
CA ASN D 175 -28.84 -31.65 23.13
C ASN D 175 -28.39 -30.31 22.56
N ASN D 176 -28.68 -30.06 21.28
CA ASN D 176 -28.35 -28.75 20.73
C ASN D 176 -29.61 -28.00 20.33
N PHE D 177 -30.59 -27.97 21.23
CA PHE D 177 -31.72 -27.07 21.06
C PHE D 177 -31.32 -25.64 21.38
N GLY D 178 -30.47 -25.48 22.40
CA GLY D 178 -29.98 -24.16 22.75
C GLY D 178 -29.08 -23.53 21.71
N VAL D 179 -28.35 -24.36 20.95
CA VAL D 179 -27.52 -23.79 19.89
C VAL D 179 -28.41 -23.17 18.82
N GLY D 180 -29.60 -23.73 18.59
CA GLY D 180 -30.53 -23.10 17.69
C GLY D 180 -30.94 -21.72 18.15
N ILE D 181 -31.10 -21.55 19.46
CA ILE D 181 -31.37 -20.22 20.02
C ILE D 181 -30.20 -19.30 19.73
N GLN D 182 -28.97 -19.79 19.97
CA GLN D 182 -27.78 -19.00 19.66
C GLN D 182 -27.74 -18.60 18.19
N GLU D 183 -28.01 -19.57 17.30
CA GLU D 183 -28.00 -19.29 15.87
C GLU D 183 -29.12 -18.32 15.50
N GLU D 184 -30.30 -18.50 16.10
CA GLU D 184 -31.39 -17.56 15.86
C GLU D 184 -31.02 -16.17 16.32
N ALA D 185 -30.33 -16.07 17.46
CA ALA D 185 -29.89 -14.77 17.95
C ALA D 185 -28.86 -14.15 17.00
N ILE D 186 -27.90 -14.95 16.55
CA ILE D 186 -26.90 -14.45 15.60
C ILE D 186 -27.59 -14.00 14.31
N GLN D 187 -28.60 -14.75 13.86
CA GLN D 187 -29.30 -14.42 12.63
C GLN D 187 -29.96 -13.05 12.72
N GLU D 188 -30.67 -12.80 13.82
CA GLU D 188 -31.35 -11.51 13.99
C GLU D 188 -30.34 -10.37 14.13
N LEU D 189 -29.21 -10.63 14.81
CA LEU D 189 -28.19 -9.60 14.91
C LEU D 189 -27.66 -9.21 13.54
N ALA D 190 -27.42 -10.18 12.67
CA ALA D 190 -26.88 -9.88 11.35
C ALA D 190 -27.91 -9.15 10.50
N ARG D 191 -29.20 -9.49 10.64
CA ARG D 191 -30.24 -8.82 9.89
C ARG D 191 -30.25 -7.33 10.21
N VAL D 192 -30.22 -6.99 11.49
CA VAL D 192 -30.18 -5.59 11.90
C VAL D 192 -28.90 -4.92 11.42
N GLU D 193 -27.77 -5.62 11.52
CA GLU D 193 -26.50 -5.03 11.09
C GLU D 193 -26.51 -4.72 9.60
N GLU D 194 -26.98 -5.65 8.77
CA GLU D 194 -27.07 -5.39 7.34
C GLU D 194 -28.07 -4.28 7.06
N SER D 195 -29.17 -4.24 7.81
CA SER D 195 -30.18 -3.20 7.61
C SER D 195 -29.58 -1.81 7.80
N ALA D 196 -28.81 -1.63 8.86
CA ALA D 196 -28.17 -0.33 9.10
C ALA D 196 -27.12 -0.02 8.06
N PHE D 197 -26.45 -1.06 7.56
CA PHE D 197 -25.37 -0.89 6.60
C PHE D 197 -25.87 -0.28 5.29
N ASN D 198 -27.11 -0.60 4.89
CA ASN D 198 -27.67 -0.14 3.64
C ASN D 198 -28.06 1.33 3.65
N LEU D 199 -28.03 1.98 4.82
CA LEU D 199 -28.44 3.39 4.90
C LEU D 199 -27.50 4.29 4.13
N TYR D 200 -26.20 3.97 4.12
CA TYR D 200 -25.22 4.83 3.45
C TYR D 200 -25.49 4.91 1.96
N ASP D 201 -25.83 3.78 1.32
CA ASP D 201 -26.10 3.83 -0.11
C ASP D 201 -27.40 4.56 -0.41
N ALA D 202 -28.41 4.38 0.44
CA ALA D 202 -29.67 5.08 0.21
C ALA D 202 -29.47 6.58 0.28
N ILE D 203 -28.54 7.04 1.10
CA ILE D 203 -28.29 8.47 1.22
C ILE D 203 -27.64 9.00 -0.06
N VAL D 204 -26.72 8.23 -0.64
CA VAL D 204 -26.16 8.61 -1.93
C VAL D 204 -27.26 8.66 -2.98
N LYS D 205 -28.21 7.73 -2.90
CA LYS D 205 -29.31 7.70 -3.85
C LYS D 205 -30.22 8.92 -3.71
N TYR D 206 -30.42 9.41 -2.47
CA TYR D 206 -31.22 10.62 -2.27
C TYR D 206 -30.65 11.81 -3.05
N TYR D 207 -29.37 12.11 -2.83
CA TYR D 207 -28.78 13.26 -3.51
C TYR D 207 -28.77 13.09 -5.02
N MET D 208 -28.45 11.88 -5.50
CA MET D 208 -28.47 11.64 -6.94
C MET D 208 -29.86 11.86 -7.50
N GLU D 209 -30.88 11.36 -6.80
CA GLU D 209 -32.25 11.51 -7.27
C GLU D 209 -32.69 12.96 -7.23
N ARG D 210 -32.38 13.68 -6.14
CA ARG D 210 -32.74 15.09 -6.05
C ARG D 210 -32.04 15.91 -7.13
N ALA D 211 -30.80 15.56 -7.44
CA ALA D 211 -30.07 16.31 -8.47
C ALA D 211 -30.68 16.08 -9.84
N LYS D 212 -31.07 14.84 -10.15
CA LYS D 212 -31.65 14.56 -11.47
C LYS D 212 -32.94 15.32 -11.67
N ILE D 213 -33.84 15.29 -10.69
CA ILE D 213 -35.10 16.03 -10.82
C ILE D 213 -34.84 17.53 -10.93
N SER D 214 -33.91 18.05 -10.12
CA SER D 214 -33.58 19.47 -10.23
C SER D 214 -33.07 19.79 -11.63
N THR D 215 -32.31 18.86 -12.22
CA THR D 215 -31.90 19.01 -13.61
C THR D 215 -33.11 19.13 -14.52
N LYS D 216 -34.16 18.33 -14.26
CA LYS D 216 -35.35 18.37 -15.09
C LYS D 216 -36.10 19.68 -14.92
N VAL D 217 -36.12 20.22 -13.69
CA VAL D 217 -36.75 21.51 -13.45
C VAL D 217 -36.06 22.59 -14.26
N LEU D 218 -34.73 22.50 -14.39
CA LEU D 218 -34.00 23.48 -15.18
C LEU D 218 -34.34 23.37 -16.66
N LYS D 219 -34.48 22.14 -17.16
CA LYS D 219 -34.79 21.94 -18.57
C LYS D 219 -36.25 22.23 -18.87
N TYR D 220 -37.15 21.84 -17.96
CA TYR D 220 -38.58 21.97 -18.17
C TYR D 220 -39.23 22.75 -17.03
N PRO D 221 -39.00 24.06 -16.96
CA PRO D 221 -39.68 24.88 -15.95
C PRO D 221 -41.16 25.00 -16.22
N ASN D 222 -41.64 24.47 -17.36
CA ASN D 222 -43.04 24.53 -17.72
C ASN D 222 -43.82 23.34 -17.18
N VAL D 223 -43.14 22.20 -17.01
CA VAL D 223 -43.70 21.01 -16.37
C VAL D 223 -43.76 21.23 -14.86
N SER D 224 -44.94 21.53 -14.33
CA SER D 224 -45.04 21.83 -12.91
C SER D 224 -44.83 20.57 -12.07
N ASP D 225 -45.09 19.40 -12.65
CA ASP D 225 -44.98 18.15 -11.91
C ASP D 225 -43.54 17.82 -11.54
N TYR D 226 -42.56 18.28 -12.33
CA TYR D 226 -41.16 18.09 -11.95
C TYR D 226 -40.84 18.83 -10.66
N GLN D 227 -41.42 20.01 -10.47
CA GLN D 227 -41.22 20.75 -9.24
C GLN D 227 -41.91 20.08 -8.06
N GLU D 228 -43.09 19.49 -8.31
CA GLU D 228 -43.75 18.73 -7.26
C GLU D 228 -42.95 17.50 -6.88
N ALA D 229 -42.26 16.89 -7.84
CA ALA D 229 -41.46 15.70 -7.55
C ALA D 229 -40.32 16.02 -6.60
N VAL D 230 -39.66 17.17 -6.79
CA VAL D 230 -38.62 17.59 -5.86
C VAL D 230 -39.19 17.72 -4.46
N ARG D 231 -40.31 18.42 -4.33
CA ARG D 231 -40.97 18.58 -3.04
C ARG D 231 -41.31 17.22 -2.43
N GLU D 232 -41.92 16.33 -3.21
CA GLU D 232 -42.31 15.03 -2.66
C GLU D 232 -41.09 14.20 -2.31
N LEU D 233 -40.02 14.32 -3.10
CA LEU D 233 -38.80 13.58 -2.78
C LEU D 233 -38.25 14.00 -1.43
N ASP D 234 -38.19 15.31 -1.18
CA ASP D 234 -37.73 15.79 0.12
C ASP D 234 -38.67 15.35 1.23
N GLU D 235 -39.98 15.41 0.98
CA GLU D 235 -40.95 14.96 1.97
C GLU D 235 -40.81 13.46 2.22
N LYS D 236 -40.50 12.69 1.19
CA LYS D 236 -40.31 11.26 1.36
C LYS D 236 -39.11 10.98 2.26
N GLU D 237 -37.99 11.65 2.00
CA GLU D 237 -36.78 11.43 2.79
C GLU D 237 -37.01 11.83 4.25
N TRP D 238 -37.74 12.93 4.48
CA TRP D 238 -38.04 13.35 5.84
C TRP D 238 -38.79 12.27 6.59
N ILE D 239 -39.77 11.65 5.94
CA ILE D 239 -40.50 10.54 6.56
C ILE D 239 -39.59 9.34 6.74
N HIS D 240 -38.82 9.00 5.71
CA HIS D 240 -37.92 7.85 5.81
C HIS D 240 -36.91 8.02 6.93
N ILE D 241 -36.44 9.25 7.14
CA ILE D 241 -35.54 9.53 8.25
C ILE D 241 -36.19 9.14 9.56
N LYS D 242 -37.44 9.56 9.76
CA LYS D 242 -38.12 9.31 11.03
C LYS D 242 -38.45 7.83 11.19
N ILE D 243 -38.85 7.15 10.11
CA ILE D 243 -39.09 5.73 10.20
C ILE D 243 -37.79 4.98 10.48
N THR D 244 -36.67 5.46 9.94
CA THR D 244 -35.38 4.85 10.24
C THR D 244 -35.07 4.92 11.73
N ILE D 245 -35.36 6.07 12.36
CA ILE D 245 -35.11 6.21 13.80
C ILE D 245 -35.98 5.26 14.61
N VAL D 246 -37.24 5.08 14.20
CA VAL D 246 -38.11 4.12 14.88
C VAL D 246 -37.56 2.71 14.71
N ASP D 247 -37.13 2.37 13.50
CA ASP D 247 -36.59 1.04 13.26
C ASP D 247 -35.33 0.79 14.09
N MET D 248 -34.53 1.84 14.30
CA MET D 248 -33.43 1.76 15.26
C MET D 248 -33.95 1.40 16.64
N ARG D 249 -34.84 2.24 17.17
CA ARG D 249 -35.43 2.02 18.49
C ARG D 249 -35.98 0.62 18.63
N ASN D 250 -36.81 0.19 17.68
CA ASN D 250 -37.46 -1.11 17.80
C ASN D 250 -36.47 -2.25 17.66
N ASN D 251 -35.44 -2.11 16.82
CA ASN D 251 -34.46 -3.19 16.70
C ASN D 251 -33.64 -3.32 17.98
N TYR D 252 -33.24 -2.20 18.58
CA TYR D 252 -32.45 -2.27 19.82
C TYR D 252 -33.22 -3.00 20.91
N ILE D 253 -34.53 -2.73 21.03
CA ILE D 253 -35.30 -3.36 22.09
C ILE D 253 -35.60 -4.82 21.74
N MET D 254 -35.95 -5.10 20.47
CA MET D 254 -36.22 -6.48 20.08
C MET D 254 -34.99 -7.36 20.23
N LEU D 255 -33.79 -6.81 19.99
CA LEU D 255 -32.58 -7.57 20.23
C LEU D 255 -32.34 -7.75 21.72
N TYR D 256 -32.49 -6.67 22.48
CA TYR D 256 -32.31 -6.74 23.93
C TYR D 256 -33.34 -7.67 24.56
N ASP D 257 -34.60 -7.54 24.16
CA ASP D 257 -35.64 -8.42 24.68
C ASP D 257 -35.36 -9.87 24.34
N LEU D 258 -34.85 -10.12 23.12
CA LEU D 258 -34.55 -11.50 22.73
C LEU D 258 -33.43 -12.09 23.59
N LEU D 259 -32.34 -11.35 23.75
CA LEU D 259 -31.22 -11.87 24.53
C LEU D 259 -31.57 -12.00 26.01
N TYR D 260 -32.30 -11.03 26.57
CA TYR D 260 -32.63 -11.10 27.99
C TYR D 260 -33.46 -12.34 28.29
N LYS D 261 -34.50 -12.59 27.50
CA LYS D 261 -35.39 -13.70 27.80
C LYS D 261 -34.66 -15.04 27.65
N ASN D 262 -33.78 -15.15 26.66
CA ASN D 262 -33.08 -16.39 26.36
C ASN D 262 -31.63 -16.38 26.84
N TRP D 263 -31.32 -15.61 27.89
CA TRP D 263 -29.93 -15.41 28.27
C TRP D 263 -29.27 -16.72 28.70
N GLU D 264 -29.98 -17.56 29.45
CA GLU D 264 -29.36 -18.78 29.96
C GLU D 264 -28.95 -19.72 28.84
N LYS D 265 -29.76 -19.83 27.80
CA LYS D 265 -29.41 -20.70 26.68
C LYS D 265 -28.44 -20.04 25.72
N VAL D 266 -28.38 -18.71 25.68
CA VAL D 266 -27.43 -18.03 24.80
C VAL D 266 -26.01 -18.20 25.32
N VAL D 267 -25.83 -18.18 26.64
CA VAL D 267 -24.49 -18.31 27.22
C VAL D 267 -24.10 -19.77 27.44
N LYS D 268 -24.97 -20.55 28.08
CA LYS D 268 -24.69 -21.96 28.37
C LYS D 268 -25.80 -22.82 27.78
N PRO D 269 -25.72 -23.14 26.49
CA PRO D 269 -26.77 -23.94 25.85
C PRO D 269 -26.69 -25.43 26.17
N LYS D 270 -25.71 -25.86 26.96
CA LYS D 270 -25.53 -27.28 27.24
C LYS D 270 -25.17 -27.50 28.71
N LYS E 8 -18.09 -15.86 33.59
CA LYS E 8 -17.97 -14.70 34.44
C LYS E 8 -19.25 -14.49 35.25
N ILE E 9 -19.75 -13.27 35.25
CA ILE E 9 -21.04 -12.93 35.85
C ILE E 9 -22.12 -13.05 34.79
N ASP E 10 -23.31 -13.47 35.22
CA ASP E 10 -24.35 -13.94 34.32
C ASP E 10 -25.69 -13.26 34.60
N LYS E 11 -25.65 -11.96 34.89
CA LYS E 11 -26.86 -11.15 34.98
C LYS E 11 -26.77 -10.02 33.97
N ILE E 12 -27.88 -9.68 33.32
CA ILE E 12 -27.84 -8.63 32.31
C ILE E 12 -28.97 -7.64 32.56
N GLU E 13 -29.32 -7.43 33.82
CA GLU E 13 -30.18 -6.33 34.15
C GLU E 13 -29.40 -5.03 33.93
N PRO E 14 -30.06 -3.97 33.50
CA PRO E 14 -29.33 -2.73 33.25
C PRO E 14 -28.59 -2.30 34.51
N SER E 15 -27.33 -1.89 34.34
CA SER E 15 -26.50 -1.58 35.50
C SER E 15 -26.94 -0.26 36.15
N ASP E 16 -27.26 0.74 35.33
CA ASP E 16 -27.71 2.02 35.86
C ASP E 16 -29.13 1.90 36.36
N GLN E 17 -29.34 2.20 37.65
CA GLN E 17 -30.67 2.09 38.22
C GLN E 17 -31.63 3.08 37.60
N LYS E 18 -31.12 4.24 37.18
CA LYS E 18 -31.94 5.23 36.50
C LYS E 18 -32.44 4.71 35.16
N ILE E 19 -31.57 4.02 34.43
CA ILE E 19 -31.96 3.47 33.13
C ILE E 19 -33.01 2.38 33.30
N LYS E 20 -32.87 1.55 34.33
CA LYS E 20 -33.83 0.48 34.58
C LYS E 20 -35.24 1.04 34.74
N GLU E 21 -35.39 2.19 35.38
CA GLU E 21 -36.70 2.80 35.53
C GLU E 21 -37.17 3.39 34.20
N GLU E 22 -36.29 4.14 33.52
CA GLU E 22 -36.65 4.73 32.24
C GLU E 22 -37.07 3.67 31.23
N TYR E 23 -36.39 2.52 31.26
CA TYR E 23 -36.73 1.43 30.35
C TYR E 23 -38.07 0.79 30.70
N ASN E 24 -38.29 0.50 31.99
CA ASN E 24 -39.56 -0.11 32.38
C ASN E 24 -40.73 0.81 32.10
N LYS E 25 -40.55 2.11 32.30
CA LYS E 25 -41.60 3.07 31.95
C LYS E 25 -41.93 2.98 30.46
N PHE E 26 -40.90 2.78 29.63
CA PHE E 26 -41.12 2.66 28.20
C PHE E 26 -41.98 1.45 27.87
N LYS E 27 -41.66 0.29 28.46
CA LYS E 27 -42.48 -0.89 28.19
C LYS E 27 -43.91 -0.72 28.70
N TYR E 28 -44.07 -0.01 29.82
CA TYR E 28 -45.41 0.32 30.31
C TYR E 28 -46.13 1.21 29.30
N ASP E 29 -45.44 2.23 28.81
CA ASP E 29 -46.06 3.17 27.87
C ASP E 29 -46.47 2.47 26.59
N ILE E 30 -45.69 1.48 26.13
CA ILE E 30 -46.06 0.74 24.93
C ILE E 30 -47.39 0.02 25.12
N THR E 31 -47.49 -0.79 26.17
CA THR E 31 -48.74 -1.48 26.47
C THR E 31 -49.90 -0.50 26.55
N LYS E 32 -49.67 0.65 27.18
CA LYS E 32 -50.71 1.68 27.26
C LYS E 32 -51.18 2.08 25.88
N GLN E 33 -50.24 2.45 25.00
CA GLN E 33 -50.62 2.94 23.68
C GLN E 33 -51.28 1.86 22.83
N ALA E 34 -50.78 0.62 22.91
CA ALA E 34 -51.34 -0.45 22.10
C ALA E 34 -52.79 -0.73 22.47
N ILE E 35 -53.06 -0.84 23.77
CA ILE E 35 -54.44 -1.07 24.22
C ILE E 35 -55.32 0.11 23.83
N GLU E 36 -54.83 1.33 24.04
CA GLU E 36 -55.58 2.52 23.63
C GLU E 36 -55.90 2.47 22.14
N SER E 37 -54.96 1.99 21.33
CA SER E 37 -55.21 1.87 19.90
C SER E 37 -56.27 0.82 19.60
N LEU E 38 -56.26 -0.30 20.32
CA LEU E 38 -57.22 -1.36 20.06
C LEU E 38 -58.61 -1.01 20.57
N ARG E 39 -58.71 -0.28 21.68
CA ARG E 39 -60.01 0.04 22.25
C ARG E 39 -60.64 1.27 21.62
N GLU E 40 -59.82 2.22 21.15
CA GLU E 40 -60.37 3.49 20.68
C GLU E 40 -59.91 3.86 19.28
N ARG E 41 -58.60 3.93 19.07
CA ARG E 41 -58.08 4.54 17.84
C ARG E 41 -58.50 3.77 16.60
N ILE E 42 -58.41 2.45 16.64
CA ILE E 42 -58.69 1.63 15.46
C ILE E 42 -60.19 1.63 15.15
N PRO E 43 -61.09 1.31 16.09
CA PRO E 43 -62.52 1.39 15.77
C PRO E 43 -62.94 2.74 15.23
N LYS E 44 -62.41 3.82 15.80
CA LYS E 44 -62.71 5.16 15.27
C LYS E 44 -62.32 5.26 13.80
N ARG E 45 -61.21 4.62 13.42
CA ARG E 45 -60.77 4.69 12.03
C ARG E 45 -61.66 3.88 11.13
N ILE E 46 -62.18 2.76 11.64
CA ILE E 46 -63.08 1.91 10.87
C ILE E 46 -64.30 2.70 10.41
N ILE E 47 -64.97 3.36 11.36
CA ILE E 47 -66.14 4.17 11.01
C ILE E 47 -65.72 5.34 10.12
N PHE E 48 -64.56 5.94 10.41
CA PHE E 48 -64.14 7.10 9.63
C PHE E 48 -63.97 6.76 8.17
N PHE E 49 -63.16 5.75 7.87
CA PHE E 49 -62.91 5.38 6.49
C PHE E 49 -64.17 4.83 5.82
N ASN E 50 -65.02 4.13 6.59
CA ASN E 50 -66.27 3.66 6.03
C ASN E 50 -67.16 4.80 5.55
N ASN E 51 -67.17 5.91 6.28
CA ASN E 51 -67.97 7.05 5.85
C ASN E 51 -67.47 7.66 4.55
N LEU E 52 -66.23 7.40 4.17
CA LEU E 52 -65.68 7.85 2.89
C LEU E 52 -65.93 6.85 1.77
N VAL E 53 -65.96 5.56 2.07
CA VAL E 53 -66.25 4.53 1.09
C VAL E 53 -67.28 3.58 1.68
N ASN E 54 -68.54 3.99 1.69
CA ASN E 54 -69.55 3.26 2.44
C ASN E 54 -69.81 1.91 1.81
N VAL E 55 -69.87 0.88 2.66
CA VAL E 55 -70.08 -0.48 2.18
C VAL E 55 -71.44 -0.60 1.51
N ASN E 56 -72.39 0.22 1.92
CA ASN E 56 -73.75 0.22 1.38
C ASN E 56 -73.85 0.96 0.06
N SER E 57 -72.75 1.47 -0.47
CA SER E 57 -72.77 2.18 -1.75
C SER E 57 -73.14 1.21 -2.87
N GLU E 58 -73.86 1.73 -3.87
CA GLU E 58 -74.18 0.92 -5.03
C GLU E 58 -72.92 0.68 -5.87
N PRO E 59 -72.86 -0.43 -6.60
CA PRO E 59 -71.64 -0.76 -7.34
C PRO E 59 -71.30 0.30 -8.38
N GLY E 60 -70.02 0.66 -8.43
CA GLY E 60 -69.55 1.71 -9.31
C GLY E 60 -69.64 3.11 -8.75
N SER E 61 -70.33 3.29 -7.62
CA SER E 61 -70.44 4.59 -6.98
C SER E 61 -69.22 4.96 -6.15
N ILE E 62 -68.37 3.99 -5.82
CA ILE E 62 -67.12 4.27 -5.11
C ILE E 62 -66.00 4.39 -6.13
N LEU E 63 -65.71 3.27 -6.81
CA LEU E 63 -64.62 3.23 -7.78
C LEU E 63 -65.10 3.81 -9.11
N ASN E 64 -65.28 5.12 -9.10
CA ASN E 64 -65.62 5.81 -10.34
C ASN E 64 -64.67 6.97 -10.54
N VAL E 65 -64.96 7.82 -11.52
CA VAL E 65 -64.04 8.89 -11.89
C VAL E 65 -64.88 10.12 -12.19
N ASN E 66 -66.14 10.10 -11.75
CA ASN E 66 -67.08 11.15 -12.10
C ASN E 66 -66.74 12.47 -11.43
N ASP E 67 -66.21 12.43 -10.21
CA ASP E 67 -65.85 13.64 -9.48
C ASP E 67 -64.42 14.10 -9.75
N LEU E 68 -63.76 13.51 -10.76
CA LEU E 68 -62.39 13.87 -11.09
C LEU E 68 -62.37 14.97 -12.14
N ASP E 69 -61.77 16.10 -11.79
CA ASP E 69 -61.61 17.20 -12.74
C ASP E 69 -60.60 16.78 -13.79
N GLY E 70 -61.08 16.54 -15.01
CA GLY E 70 -60.19 16.08 -16.07
C GLY E 70 -59.90 17.06 -17.18
N VAL E 71 -60.18 18.34 -16.96
CA VAL E 71 -60.08 19.33 -18.02
C VAL E 71 -59.27 20.53 -17.54
N SER E 72 -59.34 20.82 -16.24
CA SER E 72 -58.69 22.01 -15.71
C SER E 72 -57.17 21.91 -15.71
N TYR E 73 -56.61 20.70 -15.71
CA TYR E 73 -55.18 20.50 -15.52
C TYR E 73 -54.53 19.79 -16.71
N LYS E 74 -55.15 19.87 -17.88
CA LYS E 74 -54.58 19.32 -19.10
C LYS E 74 -53.64 20.35 -19.73
N TYR E 75 -53.04 19.98 -20.86
CA TYR E 75 -52.04 20.82 -21.49
C TYR E 75 -52.66 22.16 -21.91
N LYS E 76 -52.00 23.26 -21.54
CA LYS E 76 -52.49 24.61 -21.73
C LYS E 76 -51.66 25.36 -22.77
N ILE E 77 -52.04 26.61 -23.00
CA ILE E 77 -51.37 27.50 -23.95
C ILE E 77 -51.42 28.95 -23.47
N THR E 130 -44.19 28.84 -24.52
CA THR E 130 -45.35 29.59 -24.07
C THR E 130 -46.31 28.65 -23.35
N HIS E 131 -46.27 27.38 -23.72
CA HIS E 131 -47.11 26.33 -23.15
C HIS E 131 -46.51 25.68 -21.90
N TYR E 132 -47.30 25.66 -20.83
CA TYR E 132 -46.94 24.99 -19.59
C TYR E 132 -47.84 23.76 -19.41
N VAL E 133 -47.54 22.97 -18.38
CA VAL E 133 -48.37 21.81 -18.05
C VAL E 133 -48.58 21.79 -16.54
N PRO E 134 -49.77 22.12 -16.06
CA PRO E 134 -49.98 22.29 -14.62
C PRO E 134 -50.13 20.96 -13.90
N SER E 135 -50.00 21.03 -12.58
CA SER E 135 -50.19 19.85 -11.75
C SER E 135 -51.67 19.67 -11.46
N HIS E 136 -52.04 18.45 -11.08
CA HIS E 136 -53.44 18.14 -10.78
C HIS E 136 -53.67 18.47 -9.32
N LYS E 137 -54.11 19.71 -9.08
CA LYS E 137 -54.28 20.19 -7.71
C LYS E 137 -55.29 19.36 -6.94
N GLN E 138 -56.32 18.85 -7.61
CA GLN E 138 -57.31 18.03 -6.92
C GLN E 138 -56.69 16.73 -6.41
N ILE E 139 -55.91 16.07 -7.27
CA ILE E 139 -55.23 14.85 -6.85
C ILE E 139 -54.20 15.16 -5.78
N TYR E 140 -53.51 16.29 -5.91
CA TYR E 140 -52.55 16.69 -4.89
C TYR E 140 -53.19 16.75 -3.51
N LEU E 141 -54.36 17.38 -3.40
CA LEU E 141 -55.02 17.48 -2.11
C LEU E 141 -55.42 16.11 -1.58
N GLU E 142 -55.85 15.22 -2.47
CA GLU E 142 -56.23 13.89 -2.01
C GLU E 142 -55.00 13.07 -1.62
N LEU E 143 -53.89 13.27 -2.34
CA LEU E 143 -52.68 12.53 -2.00
C LEU E 143 -52.16 12.92 -0.62
N GLU E 144 -52.28 14.19 -0.25
CA GLU E 144 -51.86 14.61 1.09
C GLU E 144 -52.64 13.88 2.18
N LYS E 145 -53.95 13.73 1.99
CA LYS E 145 -54.75 13.00 2.97
C LYS E 145 -54.34 11.54 3.02
N ILE E 146 -54.01 10.95 1.87
CA ILE E 146 -53.57 9.56 1.86
C ILE E 146 -52.33 9.40 2.72
N LYS E 147 -51.38 10.32 2.60
CA LYS E 147 -50.17 10.25 3.40
C LYS E 147 -50.47 10.34 4.89
N THR E 148 -51.47 11.15 5.25
CA THR E 148 -51.86 11.25 6.66
C THR E 148 -52.41 9.93 7.17
N TYR E 149 -53.31 9.30 6.40
CA TYR E 149 -53.85 8.02 6.80
C TYR E 149 -52.74 7.00 6.97
N ALA E 150 -51.75 7.04 6.09
CA ALA E 150 -50.66 6.06 6.13
C ALA E 150 -49.75 6.30 7.33
N SER E 151 -49.43 7.56 7.61
CA SER E 151 -48.58 7.87 8.76
C SER E 151 -49.22 7.39 10.05
N GLU E 152 -50.49 7.76 10.28
CA GLU E 152 -51.18 7.33 11.48
C GLU E 152 -51.31 5.82 11.55
N LEU E 153 -51.43 5.16 10.39
CA LEU E 153 -51.50 3.70 10.38
C LEU E 153 -50.18 3.10 10.84
N ILE E 154 -49.06 3.57 10.27
CA ILE E 154 -47.76 3.04 10.64
C ILE E 154 -47.51 3.21 12.12
N GLU E 155 -47.87 4.37 12.67
CA GLU E 155 -47.67 4.63 14.09
C GLU E 155 -48.52 3.70 14.94
N ILE E 156 -49.80 3.54 14.59
CA ILE E 156 -50.68 2.70 15.39
C ILE E 156 -50.31 1.23 15.25
N ILE E 157 -50.15 0.76 14.02
CA ILE E 157 -49.86 -0.66 13.80
C ILE E 157 -48.48 -1.01 14.34
N GLY E 158 -47.51 -0.10 14.19
CA GLY E 158 -46.16 -0.40 14.64
C GLY E 158 -46.08 -0.69 16.13
N ASN E 159 -46.85 0.05 16.94
CA ASN E 159 -46.82 -0.16 18.38
C ASN E 159 -47.56 -1.41 18.78
N ILE E 160 -48.68 -1.70 18.11
CA ILE E 160 -49.39 -2.95 18.34
C ILE E 160 -48.50 -4.13 17.96
N LYS E 161 -47.80 -4.01 16.83
CA LYS E 161 -46.86 -5.05 16.42
C LYS E 161 -45.69 -5.16 17.40
N LEU E 162 -45.11 -4.03 17.78
CA LEU E 162 -43.98 -4.05 18.70
C LEU E 162 -44.38 -4.66 20.03
N TRP E 163 -45.57 -4.34 20.53
CA TRP E 163 -46.00 -4.88 21.81
C TRP E 163 -46.11 -6.40 21.76
N ILE E 164 -46.67 -6.94 20.67
CA ILE E 164 -46.80 -8.39 20.55
C ILE E 164 -45.42 -9.03 20.44
N GLN E 165 -44.52 -8.40 19.69
CA GLN E 165 -43.15 -8.90 19.59
C GLN E 165 -42.48 -8.93 20.96
N LEU E 166 -42.65 -7.86 21.74
CA LEU E 166 -42.11 -7.82 23.10
C LEU E 166 -42.78 -8.81 24.03
N ASN E 167 -43.89 -9.41 23.62
CA ASN E 167 -44.61 -10.37 24.46
C ASN E 167 -44.33 -11.83 24.11
N VAL E 168 -43.43 -12.11 23.19
CA VAL E 168 -43.13 -13.51 22.88
C VAL E 168 -42.32 -14.10 24.03
N PRO E 169 -42.70 -15.26 24.58
CA PRO E 169 -42.03 -15.78 25.78
C PRO E 169 -40.65 -16.31 25.46
N ARG E 170 -39.95 -16.68 26.54
CA ARG E 170 -38.68 -17.36 26.41
C ARG E 170 -38.84 -18.63 25.58
N ILE E 171 -37.88 -18.87 24.68
CA ILE E 171 -37.94 -20.03 23.81
C ILE E 171 -37.81 -21.32 24.61
N GLU E 172 -38.76 -22.22 24.42
CA GLU E 172 -38.74 -23.55 25.02
C GLU E 172 -39.15 -24.53 23.93
N ASP E 173 -38.89 -25.81 24.18
CA ASP E 173 -39.17 -26.86 23.21
C ASP E 173 -40.59 -27.39 23.37
N GLY E 174 -41.42 -27.21 22.36
CA GLY E 174 -42.73 -27.81 22.34
C GLY E 174 -43.77 -27.07 23.17
N ASN E 175 -45.03 -27.41 22.91
CA ASN E 175 -46.18 -26.84 23.61
C ASN E 175 -46.22 -25.33 23.48
N ASN E 176 -45.73 -24.82 22.36
CA ASN E 176 -45.78 -23.41 22.01
C ASN E 176 -46.63 -23.23 20.75
N PHE E 177 -47.87 -23.72 20.79
CA PHE E 177 -48.80 -23.46 19.70
C PHE E 177 -49.24 -22.00 19.70
N GLY E 178 -49.39 -21.40 20.89
CA GLY E 178 -49.79 -20.01 20.96
C GLY E 178 -48.79 -19.04 20.39
N VAL E 179 -47.50 -19.37 20.41
CA VAL E 179 -46.51 -18.48 19.81
C VAL E 179 -46.72 -18.38 18.31
N GLY E 180 -47.20 -19.46 17.67
CA GLY E 180 -47.54 -19.37 16.26
C GLY E 180 -48.64 -18.36 15.99
N ILE E 181 -49.62 -18.29 16.88
CA ILE E 181 -50.67 -17.28 16.76
C ILE E 181 -50.08 -15.88 16.84
N GLN E 182 -49.17 -15.66 17.79
CA GLN E 182 -48.48 -14.36 17.88
C GLN E 182 -47.76 -14.06 16.57
N GLU E 183 -47.06 -15.04 16.03
CA GLU E 183 -46.35 -14.86 14.78
C GLU E 183 -47.32 -14.59 13.63
N GLU E 184 -48.44 -15.31 13.60
CA GLU E 184 -49.45 -15.06 12.59
C GLU E 184 -49.99 -13.63 12.68
N ALA E 185 -50.22 -13.15 13.90
CA ALA E 185 -50.71 -11.79 14.09
C ALA E 185 -49.66 -10.76 13.69
N ILE E 186 -48.41 -10.97 14.10
CA ILE E 186 -47.33 -10.05 13.73
C ILE E 186 -47.17 -10.00 12.21
N GLN E 187 -47.31 -11.14 11.55
CA GLN E 187 -47.15 -11.18 10.10
C GLN E 187 -48.16 -10.28 9.41
N GLU E 188 -49.44 -10.39 9.79
CA GLU E 188 -50.47 -9.54 9.19
C GLU E 188 -50.27 -8.09 9.56
N LEU E 189 -49.88 -7.82 10.81
CA LEU E 189 -49.63 -6.44 11.22
C LEU E 189 -48.51 -5.83 10.39
N ALA E 190 -47.43 -6.58 10.16
CA ALA E 190 -46.31 -6.07 9.38
C ALA E 190 -46.70 -5.92 7.91
N ARG E 191 -47.53 -6.82 7.39
CA ARG E 191 -47.93 -6.76 5.99
C ARG E 191 -48.66 -5.46 5.69
N VAL E 192 -49.65 -5.11 6.52
CA VAL E 192 -50.38 -3.87 6.33
C VAL E 192 -49.46 -2.68 6.48
N GLU E 193 -48.56 -2.73 7.47
CA GLU E 193 -47.63 -1.64 7.70
C GLU E 193 -46.69 -1.46 6.51
N GLU E 194 -46.15 -2.55 5.98
CA GLU E 194 -45.28 -2.45 4.81
C GLU E 194 -46.05 -1.91 3.62
N SER E 195 -47.31 -2.32 3.47
CA SER E 195 -48.14 -1.83 2.38
C SER E 195 -48.33 -0.32 2.46
N ALA E 196 -48.64 0.19 3.65
CA ALA E 196 -48.80 1.62 3.81
C ALA E 196 -47.49 2.37 3.64
N PHE E 197 -46.37 1.75 4.04
CA PHE E 197 -45.08 2.42 3.96
C PHE E 197 -44.70 2.75 2.53
N ASN E 198 -45.07 1.90 1.58
CA ASN E 198 -44.68 2.12 0.20
C ASN E 198 -45.44 3.26 -0.45
N LEU E 199 -46.47 3.78 0.22
CA LEU E 199 -47.29 4.83 -0.39
C LEU E 199 -46.48 6.10 -0.59
N TYR E 200 -45.56 6.40 0.33
CA TYR E 200 -44.76 7.61 0.21
C TYR E 200 -43.90 7.56 -1.04
N ASP E 201 -43.30 6.39 -1.31
CA ASP E 201 -42.47 6.25 -2.49
C ASP E 201 -43.29 6.26 -3.76
N ALA E 202 -44.48 5.66 -3.71
CA ALA E 202 -45.34 5.60 -4.89
C ALA E 202 -45.78 7.00 -5.32
N ILE E 203 -45.94 7.93 -4.38
CA ILE E 203 -46.41 9.26 -4.73
C ILE E 203 -45.35 10.03 -5.51
N VAL E 204 -44.08 9.85 -5.15
CA VAL E 204 -43.00 10.49 -5.92
C VAL E 204 -43.04 9.99 -7.36
N LYS E 205 -43.36 8.71 -7.54
CA LYS E 205 -43.40 8.15 -8.89
C LYS E 205 -44.54 8.74 -9.72
N TYR E 206 -45.67 9.07 -9.08
CA TYR E 206 -46.77 9.68 -9.82
C TYR E 206 -46.34 10.97 -10.50
N TYR E 207 -45.78 11.91 -9.73
CA TYR E 207 -45.37 13.18 -10.32
C TYR E 207 -44.26 12.97 -11.32
N MET E 208 -43.29 12.10 -11.01
CA MET E 208 -42.21 11.84 -11.94
C MET E 208 -42.75 11.25 -13.24
N GLU E 209 -43.68 10.29 -13.14
CA GLU E 209 -44.25 9.72 -14.35
C GLU E 209 -45.09 10.75 -15.09
N ARG E 210 -45.89 11.53 -14.37
CA ARG E 210 -46.71 12.56 -15.01
C ARG E 210 -45.85 13.60 -15.70
N ALA E 211 -44.73 13.97 -15.08
CA ALA E 211 -43.85 14.97 -15.67
C ALA E 211 -43.20 14.44 -16.94
N LYS E 212 -42.81 13.17 -16.93
CA LYS E 212 -42.20 12.57 -18.12
C LYS E 212 -43.17 12.60 -19.30
N ILE E 213 -44.41 12.19 -19.08
CA ILE E 213 -45.39 12.20 -20.16
C ILE E 213 -45.65 13.63 -20.62
N SER E 214 -45.77 14.56 -19.68
CA SER E 214 -45.97 15.96 -20.06
C SER E 214 -44.81 16.47 -20.89
N THR E 215 -43.60 16.01 -20.58
CA THR E 215 -42.44 16.33 -21.41
C THR E 215 -42.64 15.84 -22.84
N LYS E 216 -43.21 14.65 -23.01
CA LYS E 216 -43.42 14.12 -24.35
C LYS E 216 -44.53 14.91 -25.07
N VAL E 217 -45.55 15.33 -24.32
CA VAL E 217 -46.61 16.15 -24.90
C VAL E 217 -46.05 17.46 -25.43
N LEU E 218 -45.10 18.05 -24.70
CA LEU E 218 -44.49 19.28 -25.19
C LEU E 218 -43.68 19.04 -26.45
N LYS E 219 -43.03 17.88 -26.55
CA LYS E 219 -42.24 17.57 -27.73
C LYS E 219 -43.13 17.18 -28.91
N TYR E 220 -44.22 16.46 -28.64
CA TYR E 220 -45.14 15.98 -29.67
C TYR E 220 -46.55 16.44 -29.30
N PRO E 221 -46.83 17.74 -29.43
CA PRO E 221 -48.14 18.25 -28.99
C PRO E 221 -49.32 17.77 -29.82
N ASN E 222 -49.10 17.17 -30.97
CA ASN E 222 -50.20 16.62 -31.75
C ASN E 222 -50.34 15.11 -31.67
N VAL E 223 -49.32 14.37 -31.20
CA VAL E 223 -49.49 12.95 -30.91
C VAL E 223 -50.45 12.83 -29.73
N SER E 224 -51.71 12.48 -30.02
CA SER E 224 -52.76 12.53 -29.02
C SER E 224 -52.63 11.45 -27.96
N ASP E 225 -51.98 10.33 -28.26
CA ASP E 225 -51.90 9.26 -27.27
C ASP E 225 -51.08 9.68 -26.06
N TYR E 226 -50.10 10.56 -26.25
CA TYR E 226 -49.37 11.10 -25.12
C TYR E 226 -50.29 11.92 -24.22
N GLN E 227 -51.20 12.68 -24.82
CA GLN E 227 -52.18 13.42 -24.02
C GLN E 227 -53.20 12.48 -23.38
N GLU E 228 -53.58 11.41 -24.08
CA GLU E 228 -54.45 10.42 -23.46
C GLU E 228 -53.76 9.72 -22.30
N ALA E 229 -52.43 9.55 -22.39
CA ALA E 229 -51.70 8.89 -21.32
C ALA E 229 -51.74 9.71 -20.02
N VAL E 230 -51.63 11.04 -20.14
CA VAL E 230 -51.73 11.88 -18.95
C VAL E 230 -53.09 11.69 -18.29
N ARG E 231 -54.16 11.78 -19.07
CA ARG E 231 -55.50 11.60 -18.54
C ARG E 231 -55.65 10.25 -17.85
N GLU E 232 -55.19 9.18 -18.52
CA GLU E 232 -55.35 7.84 -17.95
C GLU E 232 -54.54 7.68 -16.68
N LEU E 233 -53.37 8.30 -16.61
CA LEU E 233 -52.56 8.25 -15.40
C LEU E 233 -53.30 8.87 -14.22
N ASP E 234 -53.91 10.04 -14.44
CA ASP E 234 -54.67 10.69 -13.38
C ASP E 234 -55.86 9.85 -12.95
N GLU E 235 -56.58 9.27 -13.92
CA GLU E 235 -57.72 8.43 -13.60
C GLU E 235 -57.27 7.20 -12.82
N LYS E 236 -56.09 6.66 -13.16
CA LYS E 236 -55.55 5.54 -12.41
C LYS E 236 -55.23 5.93 -10.99
N GLU E 237 -54.55 7.07 -10.80
CA GLU E 237 -54.22 7.52 -9.46
C GLU E 237 -55.49 7.80 -8.66
N TRP E 238 -56.50 8.35 -9.32
CA TRP E 238 -57.77 8.60 -8.65
C TRP E 238 -58.39 7.30 -8.16
N ILE E 239 -58.39 6.27 -9.02
CA ILE E 239 -58.88 4.96 -8.62
C ILE E 239 -57.99 4.36 -7.54
N HIS E 240 -56.66 4.43 -7.73
CA HIS E 240 -55.75 3.87 -6.75
C HIS E 240 -55.92 4.52 -5.38
N ILE E 241 -56.19 5.83 -5.37
CA ILE E 241 -56.44 6.53 -4.10
C ILE E 241 -57.62 5.89 -3.38
N LYS E 242 -58.71 5.67 -4.10
CA LYS E 242 -59.93 5.14 -3.48
C LYS E 242 -59.75 3.68 -3.06
N ILE E 243 -59.06 2.88 -3.87
CA ILE E 243 -58.80 1.50 -3.47
C ILE E 243 -57.94 1.48 -2.22
N THR E 244 -57.02 2.43 -2.10
CA THR E 244 -56.22 2.54 -0.87
C THR E 244 -57.09 2.81 0.34
N ILE E 245 -58.06 3.73 0.21
CA ILE E 245 -58.94 4.05 1.34
C ILE E 245 -59.77 2.84 1.74
N VAL E 246 -60.27 2.08 0.75
CA VAL E 246 -60.99 0.86 1.07
C VAL E 246 -60.07 -0.13 1.75
N ASP E 247 -58.84 -0.26 1.25
CA ASP E 247 -57.87 -1.16 1.86
C ASP E 247 -57.55 -0.72 3.28
N MET E 248 -57.51 0.60 3.52
CA MET E 248 -57.40 1.11 4.87
C MET E 248 -58.55 0.61 5.73
N ARG E 249 -59.78 0.93 5.31
CA ARG E 249 -60.97 0.49 6.01
C ARG E 249 -60.95 -1.01 6.27
N ASN E 250 -60.69 -1.80 5.22
CA ASN E 250 -60.76 -3.25 5.34
C ASN E 250 -59.63 -3.80 6.20
N ASN E 251 -58.44 -3.21 6.12
CA ASN E 251 -57.33 -3.71 6.93
C ASN E 251 -57.55 -3.45 8.41
N TYR E 252 -58.09 -2.29 8.77
CA TYR E 252 -58.36 -2.01 10.18
C TYR E 252 -59.32 -3.05 10.77
N ILE E 253 -60.31 -3.47 9.99
CA ILE E 253 -61.30 -4.41 10.49
C ILE E 253 -60.70 -5.81 10.58
N MET E 254 -59.98 -6.23 9.53
CA MET E 254 -59.38 -7.56 9.52
C MET E 254 -58.33 -7.69 10.61
N LEU E 255 -57.58 -6.63 10.89
CA LEU E 255 -56.62 -6.67 11.99
C LEU E 255 -57.33 -6.71 13.34
N TYR E 256 -58.32 -5.83 13.52
CA TYR E 256 -59.06 -5.79 14.78
C TYR E 256 -59.78 -7.10 15.02
N ASP E 257 -60.47 -7.60 13.99
CA ASP E 257 -61.21 -8.86 14.12
C ASP E 257 -60.26 -10.01 14.42
N LEU E 258 -59.08 -10.01 13.80
CA LEU E 258 -58.11 -11.08 14.02
C LEU E 258 -57.59 -11.03 15.45
N LEU E 259 -57.20 -9.84 15.92
CA LEU E 259 -56.68 -9.73 17.28
C LEU E 259 -57.76 -10.01 18.32
N TYR E 260 -58.98 -9.52 18.09
CA TYR E 260 -60.07 -9.73 19.04
C TYR E 260 -60.34 -11.22 19.24
N LYS E 261 -60.43 -11.97 18.15
CA LYS E 261 -60.76 -13.38 18.24
C LYS E 261 -59.65 -14.16 18.93
N ASN E 262 -58.40 -13.83 18.66
CA ASN E 262 -57.26 -14.55 19.21
C ASN E 262 -56.57 -13.80 20.35
N TRP E 263 -57.30 -12.91 21.03
CA TRP E 263 -56.68 -12.03 22.01
C TRP E 263 -56.13 -12.83 23.19
N GLU E 264 -56.83 -13.90 23.57
CA GLU E 264 -56.41 -14.67 24.73
C GLU E 264 -55.04 -15.31 24.52
N LYS E 265 -54.78 -15.81 23.31
CA LYS E 265 -53.49 -16.40 23.01
C LYS E 265 -52.43 -15.36 22.64
N VAL E 266 -52.85 -14.17 22.19
CA VAL E 266 -51.88 -13.14 21.88
C VAL E 266 -51.25 -12.60 23.16
N VAL E 267 -52.01 -12.54 24.25
CA VAL E 267 -51.50 -12.00 25.51
C VAL E 267 -50.79 -13.08 26.33
N LYS E 268 -51.41 -14.23 26.52
CA LYS E 268 -50.83 -15.32 27.30
C LYS E 268 -50.78 -16.58 26.44
N PRO E 269 -49.73 -16.72 25.61
CA PRO E 269 -49.63 -17.86 24.70
C PRO E 269 -49.24 -19.17 25.34
N LYS E 270 -48.99 -19.19 26.66
CA LYS E 270 -48.53 -20.41 27.31
C LYS E 270 -49.13 -20.67 28.68
N ASN E 271 -49.81 -19.69 29.29
CA ASN E 271 -50.28 -19.80 30.67
C ASN E 271 -49.14 -20.11 31.63
N ILE F 9 -55.18 -5.41 32.49
CA ILE F 9 -56.55 -5.59 32.02
C ILE F 9 -56.53 -6.34 30.69
N ASP F 10 -57.52 -7.21 30.46
CA ASP F 10 -57.47 -8.16 29.36
C ASP F 10 -58.77 -8.21 28.56
N LYS F 11 -59.49 -7.09 28.45
CA LYS F 11 -60.60 -6.98 27.53
C LYS F 11 -60.42 -5.75 26.66
N ILE F 12 -60.77 -5.86 25.37
CA ILE F 12 -60.51 -4.76 24.43
C ILE F 12 -61.72 -4.44 23.58
N GLU F 13 -62.92 -4.57 24.12
CA GLU F 13 -64.10 -4.06 23.43
C GLU F 13 -64.07 -2.53 23.40
N PRO F 14 -64.55 -1.92 22.31
CA PRO F 14 -64.47 -0.46 22.18
C PRO F 14 -65.14 0.28 23.32
N SER F 15 -64.47 1.33 23.78
CA SER F 15 -64.99 2.10 24.93
C SER F 15 -66.19 2.93 24.53
N ASP F 16 -66.14 3.56 23.36
CA ASP F 16 -67.25 4.38 22.91
C ASP F 16 -68.41 3.48 22.48
N GLN F 17 -69.54 3.57 23.19
CA GLN F 17 -70.64 2.67 22.90
C GLN F 17 -71.31 3.00 21.57
N LYS F 18 -71.32 4.28 21.17
CA LYS F 18 -71.85 4.62 19.86
C LYS F 18 -70.97 4.01 18.77
N ILE F 19 -69.65 4.02 18.97
CA ILE F 19 -68.75 3.37 18.02
C ILE F 19 -68.96 1.87 18.03
N LYS F 20 -69.13 1.29 19.23
CA LYS F 20 -69.33 -0.16 19.34
C LYS F 20 -70.57 -0.60 18.58
N GLU F 21 -71.63 0.22 18.59
CA GLU F 21 -72.84 -0.12 17.83
C GLU F 21 -72.61 0.03 16.33
N GLU F 22 -72.01 1.15 15.92
CA GLU F 22 -71.74 1.39 14.50
C GLU F 22 -70.87 0.28 13.92
N TYR F 23 -69.97 -0.29 14.71
CA TYR F 23 -69.15 -1.40 14.23
C TYR F 23 -70.01 -2.63 13.99
N ASN F 24 -70.92 -2.95 14.91
CA ASN F 24 -71.82 -4.08 14.70
C ASN F 24 -72.73 -3.84 13.51
N LYS F 25 -73.20 -2.60 13.32
CA LYS F 25 -73.99 -2.30 12.14
C LYS F 25 -73.19 -2.52 10.87
N PHE F 26 -71.90 -2.18 10.89
CA PHE F 26 -71.06 -2.39 9.71
C PHE F 26 -70.94 -3.87 9.37
N LYS F 27 -70.73 -4.71 10.37
CA LYS F 27 -70.65 -6.15 10.11
C LYS F 27 -71.98 -6.67 9.57
N TYR F 28 -73.10 -6.12 10.06
CA TYR F 28 -74.40 -6.47 9.50
C TYR F 28 -74.54 -5.97 8.07
N ASP F 29 -74.13 -4.72 7.81
CA ASP F 29 -74.27 -4.15 6.48
C ASP F 29 -73.44 -4.91 5.45
N ILE F 30 -72.26 -5.39 5.84
CA ILE F 30 -71.45 -6.21 4.94
C ILE F 30 -72.19 -7.48 4.58
N THR F 31 -72.62 -8.24 5.59
CA THR F 31 -73.38 -9.46 5.37
C THR F 31 -74.56 -9.22 4.43
N LYS F 32 -75.25 -8.10 4.63
CA LYS F 32 -76.33 -7.72 3.71
C LYS F 32 -75.83 -7.59 2.28
N GLN F 33 -74.77 -6.79 2.08
CA GLN F 33 -74.31 -6.50 0.73
C GLN F 33 -73.78 -7.76 0.03
N ALA F 34 -73.08 -8.62 0.78
CA ALA F 34 -72.53 -9.84 0.18
C ALA F 34 -73.64 -10.74 -0.34
N ILE F 35 -74.68 -10.95 0.47
CA ILE F 35 -75.80 -11.80 0.04
C ILE F 35 -76.49 -11.21 -1.18
N GLU F 36 -76.72 -9.89 -1.18
CA GLU F 36 -77.33 -9.25 -2.34
C GLU F 36 -76.50 -9.50 -3.60
N SER F 37 -75.18 -9.47 -3.48
CA SER F 37 -74.33 -9.71 -4.64
C SER F 37 -74.46 -11.15 -5.12
N LEU F 38 -74.57 -12.10 -4.20
CA LEU F 38 -74.67 -13.50 -4.60
C LEU F 38 -76.05 -13.83 -5.14
N ARG F 39 -77.10 -13.19 -4.61
CA ARG F 39 -78.45 -13.48 -5.04
C ARG F 39 -78.90 -12.67 -6.24
N GLU F 40 -78.37 -11.47 -6.43
CA GLU F 40 -78.84 -10.61 -7.51
C GLU F 40 -77.69 -10.10 -8.38
N ARG F 41 -76.72 -9.42 -7.76
CA ARG F 41 -75.74 -8.67 -8.54
C ARG F 41 -74.88 -9.58 -9.40
N ILE F 42 -74.43 -10.71 -8.87
CA ILE F 42 -73.51 -11.58 -9.62
C ILE F 42 -74.24 -12.31 -10.74
N PRO F 43 -75.36 -13.01 -10.49
CA PRO F 43 -76.05 -13.68 -11.61
C PRO F 43 -76.41 -12.73 -12.74
N LYS F 44 -76.87 -11.52 -12.41
CA LYS F 44 -77.19 -10.54 -13.44
C LYS F 44 -75.99 -10.26 -14.33
N ARG F 45 -74.81 -10.17 -13.73
CA ARG F 45 -73.60 -9.89 -14.50
C ARG F 45 -73.13 -11.11 -15.28
N ILE F 46 -73.38 -12.31 -14.77
CA ILE F 46 -73.07 -13.51 -15.53
C ILE F 46 -73.81 -13.48 -16.87
N ILE F 47 -75.13 -13.25 -16.81
CA ILE F 47 -75.91 -13.15 -18.04
C ILE F 47 -75.47 -11.94 -18.86
N PHE F 48 -75.14 -10.84 -18.19
CA PHE F 48 -74.75 -9.62 -18.92
C PHE F 48 -73.53 -9.87 -19.80
N PHE F 49 -72.45 -10.37 -19.20
CA PHE F 49 -71.24 -10.62 -19.98
C PHE F 49 -71.43 -11.75 -20.98
N ASN F 50 -72.23 -12.76 -20.64
CA ASN F 50 -72.52 -13.80 -21.62
C ASN F 50 -73.25 -13.23 -22.83
N ASN F 51 -74.13 -12.27 -22.61
CA ASN F 51 -74.81 -11.64 -23.74
C ASN F 51 -73.82 -10.89 -24.61
N LEU F 52 -72.66 -10.54 -24.07
CA LEU F 52 -71.60 -9.88 -24.83
C LEU F 52 -70.69 -10.88 -25.52
N VAL F 53 -70.45 -12.03 -24.88
CA VAL F 53 -69.63 -13.09 -25.45
C VAL F 53 -70.32 -14.42 -25.23
N ASN F 54 -71.31 -14.74 -26.06
CA ASN F 54 -72.14 -15.90 -25.80
C ASN F 54 -71.35 -17.19 -26.00
N VAL F 55 -71.52 -18.11 -25.06
CA VAL F 55 -70.79 -19.38 -25.08
C VAL F 55 -71.13 -20.17 -26.33
N ASN F 56 -72.34 -19.97 -26.87
CA ASN F 56 -72.79 -20.69 -28.05
C ASN F 56 -72.20 -20.15 -29.34
N SER F 57 -71.38 -19.10 -29.28
CA SER F 57 -70.76 -18.56 -30.48
C SER F 57 -69.80 -19.58 -31.09
N GLU F 58 -69.75 -19.59 -32.42
CA GLU F 58 -68.79 -20.45 -33.08
C GLU F 58 -67.37 -19.92 -32.93
N PRO F 59 -66.37 -20.81 -32.97
CA PRO F 59 -64.99 -20.38 -32.72
C PRO F 59 -64.52 -19.34 -33.73
N GLY F 60 -63.83 -18.32 -33.21
CA GLY F 60 -63.37 -17.21 -34.02
C GLY F 60 -64.37 -16.09 -34.19
N SER F 61 -65.63 -16.29 -33.82
CA SER F 61 -66.62 -15.22 -33.92
C SER F 61 -66.53 -14.25 -32.76
N ILE F 62 -65.84 -14.63 -31.68
CA ILE F 62 -65.61 -13.76 -30.53
C ILE F 62 -64.24 -13.13 -30.66
N LEU F 63 -63.19 -13.96 -30.56
CA LEU F 63 -61.81 -13.49 -30.62
C LEU F 63 -61.36 -13.32 -32.08
N ASN F 64 -61.92 -12.29 -32.71
CA ASN F 64 -61.44 -11.89 -34.03
C ASN F 64 -61.17 -10.40 -34.01
N VAL F 65 -60.91 -9.82 -35.17
CA VAL F 65 -60.47 -8.43 -35.21
C VAL F 65 -61.22 -7.74 -36.35
N ASN F 66 -62.28 -8.40 -36.82
CA ASN F 66 -63.00 -7.91 -38.00
C ASN F 66 -63.75 -6.61 -37.72
N ASP F 67 -64.23 -6.44 -36.50
CA ASP F 67 -64.98 -5.23 -36.14
C ASP F 67 -64.08 -4.11 -35.65
N LEU F 68 -62.77 -4.25 -35.78
CA LEU F 68 -61.82 -3.22 -35.35
C LEU F 68 -61.47 -2.30 -36.50
N ASP F 69 -61.71 -1.01 -36.31
CA ASP F 69 -61.33 0.00 -37.30
C ASP F 69 -59.81 0.11 -37.33
N GLY F 70 -59.20 -0.33 -38.43
CA GLY F 70 -57.76 -0.29 -38.53
C GLY F 70 -57.24 0.71 -39.54
N VAL F 71 -58.09 1.65 -39.96
CA VAL F 71 -57.72 2.54 -41.05
C VAL F 71 -57.98 3.99 -40.68
N SER F 72 -59.00 4.24 -39.85
CA SER F 72 -59.39 5.62 -39.55
C SER F 72 -58.39 6.33 -38.66
N TYR F 73 -57.61 5.59 -37.87
CA TYR F 73 -56.79 6.21 -36.83
C TYR F 73 -55.30 5.94 -37.02
N LYS F 74 -54.86 5.64 -38.24
CA LYS F 74 -53.44 5.47 -38.50
C LYS F 74 -52.80 6.82 -38.80
N TYR F 75 -51.47 6.85 -38.82
CA TYR F 75 -50.77 8.11 -39.05
C TYR F 75 -50.97 8.57 -40.50
N LYS F 76 -51.21 9.87 -40.66
CA LYS F 76 -51.53 10.45 -41.96
C LYS F 76 -50.30 11.18 -42.49
N ILE F 77 -49.42 10.42 -43.14
CA ILE F 77 -48.22 11.01 -43.75
C ILE F 77 -48.60 12.03 -44.82
N LYS F 111 -56.12 19.94 -33.00
CA LYS F 111 -54.93 20.35 -33.76
C LYS F 111 -54.35 21.63 -33.19
N HIS F 112 -53.02 21.63 -33.03
CA HIS F 112 -52.29 22.76 -32.46
C HIS F 112 -51.22 23.18 -33.46
N PHE F 113 -50.77 24.43 -33.34
CA PHE F 113 -49.75 24.98 -34.22
C PHE F 113 -50.19 24.87 -35.69
N SER F 114 -51.33 25.51 -35.98
CA SER F 114 -52.00 25.33 -37.27
C SER F 114 -51.22 25.86 -38.46
N ASN F 115 -50.21 26.71 -38.22
CA ASN F 115 -49.48 27.30 -39.34
C ASN F 115 -48.53 26.30 -39.99
N ASN F 116 -47.81 25.52 -39.18
CA ASN F 116 -46.85 24.54 -39.66
C ASN F 116 -47.41 23.15 -39.41
N GLU F 117 -47.85 22.48 -40.48
CA GLU F 117 -48.43 21.15 -40.36
C GLU F 117 -47.38 20.11 -40.73
N ASP F 118 -47.34 19.02 -39.96
CA ASP F 118 -46.37 17.94 -40.16
C ASP F 118 -44.95 18.50 -40.34
N SER F 119 -44.43 19.07 -39.26
CA SER F 119 -43.13 19.73 -39.34
C SER F 119 -42.39 19.63 -38.01
N LYS F 120 -41.10 19.94 -38.07
CA LYS F 120 -40.23 20.04 -36.91
C LYS F 120 -39.87 21.50 -36.66
N LEU F 121 -39.99 21.95 -35.41
CA LEU F 121 -39.78 23.35 -35.06
C LEU F 121 -38.70 23.50 -34.01
N ILE F 122 -38.29 24.76 -33.81
CA ILE F 122 -37.33 25.14 -32.76
C ILE F 122 -37.99 26.23 -31.93
N ILE F 123 -38.49 25.84 -30.75
CA ILE F 123 -39.17 26.76 -29.84
C ILE F 123 -38.56 26.60 -28.46
N ASP F 124 -38.21 27.72 -27.82
CA ASP F 124 -37.59 27.71 -26.49
C ASP F 124 -36.31 26.88 -26.48
N ASP F 125 -35.54 26.94 -27.56
CA ASP F 125 -34.27 26.23 -27.74
C ASP F 125 -34.44 24.71 -27.71
N LYS F 126 -35.66 24.21 -27.76
CA LYS F 126 -35.91 22.77 -27.76
C LYS F 126 -36.63 22.38 -29.04
N VAL F 127 -36.70 21.09 -29.30
CA VAL F 127 -37.28 20.54 -30.51
C VAL F 127 -38.78 20.38 -30.35
N LEU F 128 -39.50 20.52 -31.47
CA LEU F 128 -40.95 20.51 -31.50
C LEU F 128 -41.39 19.82 -32.78
N TYR F 129 -42.36 18.90 -32.66
CA TYR F 129 -42.92 18.18 -33.79
C TYR F 129 -44.41 18.52 -33.88
N THR F 130 -44.82 19.08 -35.01
CA THR F 130 -46.25 19.42 -35.19
C THR F 130 -47.08 18.24 -35.69
N HIS F 131 -46.44 17.26 -36.35
CA HIS F 131 -47.04 16.01 -36.82
C HIS F 131 -48.24 15.55 -36.00
N TYR F 132 -49.37 15.26 -36.67
CA TYR F 132 -50.60 14.86 -35.99
C TYR F 132 -50.84 13.35 -36.14
N VAL F 133 -51.15 12.71 -35.01
CA VAL F 133 -51.42 11.27 -34.91
C VAL F 133 -52.61 11.05 -33.99
N PRO F 134 -53.77 10.65 -34.49
CA PRO F 134 -54.96 10.58 -33.63
C PRO F 134 -54.95 9.34 -32.75
N SER F 135 -55.78 9.39 -31.71
CA SER F 135 -55.94 8.25 -30.84
C SER F 135 -57.00 7.31 -31.42
N HIS F 136 -56.99 6.07 -30.95
CA HIS F 136 -57.95 5.08 -31.46
C HIS F 136 -59.23 5.25 -30.66
N LYS F 137 -60.14 6.08 -31.19
CA LYS F 137 -61.36 6.39 -30.47
C LYS F 137 -62.22 5.15 -30.21
N GLN F 138 -62.18 4.17 -31.11
CA GLN F 138 -62.97 2.96 -30.90
C GLN F 138 -62.50 2.19 -29.68
N ILE F 139 -61.18 2.01 -29.57
CA ILE F 139 -60.60 1.29 -28.43
C ILE F 139 -60.83 2.06 -27.14
N TYR F 140 -60.74 3.39 -27.21
CA TYR F 140 -60.99 4.21 -26.02
C TYR F 140 -62.36 3.92 -25.43
N LEU F 141 -63.40 3.89 -26.27
CA LEU F 141 -64.74 3.62 -25.76
C LEU F 141 -64.83 2.22 -25.17
N GLU F 142 -64.14 1.25 -25.77
CA GLU F 142 -64.20 -0.10 -25.23
C GLU F 142 -63.44 -0.19 -23.92
N LEU F 143 -62.32 0.53 -23.81
CA LEU F 143 -61.55 0.53 -22.58
C LEU F 143 -62.31 1.21 -21.45
N GLU F 144 -63.07 2.27 -21.76
CA GLU F 144 -63.84 2.93 -20.72
C GLU F 144 -64.84 1.95 -20.09
N LYS F 145 -65.44 1.10 -20.92
CA LYS F 145 -66.34 0.08 -20.39
C LYS F 145 -65.58 -0.93 -19.54
N ILE F 146 -64.38 -1.32 -19.96
CA ILE F 146 -63.59 -2.29 -19.21
C ILE F 146 -63.35 -1.76 -17.80
N LYS F 147 -63.00 -0.49 -17.67
CA LYS F 147 -62.77 0.09 -16.35
C LYS F 147 -64.02 0.05 -15.49
N THR F 148 -65.19 0.25 -16.11
CA THR F 148 -66.45 0.16 -15.36
C THR F 148 -66.68 -1.27 -14.88
N TYR F 149 -66.51 -2.26 -15.76
CA TYR F 149 -66.67 -3.64 -15.34
C TYR F 149 -65.72 -3.98 -14.20
N ALA F 150 -64.50 -3.46 -14.25
CA ALA F 150 -63.50 -3.76 -13.23
C ALA F 150 -63.85 -3.09 -11.91
N SER F 151 -64.30 -1.83 -11.96
CA SER F 151 -64.68 -1.11 -10.75
C SER F 151 -65.80 -1.83 -10.01
N GLU F 152 -66.87 -2.17 -10.73
CA GLU F 152 -67.98 -2.86 -10.11
C GLU F 152 -67.56 -4.22 -9.56
N LEU F 153 -66.61 -4.87 -10.23
CA LEU F 153 -66.14 -6.17 -9.77
C LEU F 153 -65.40 -6.05 -8.44
N ILE F 154 -64.48 -5.08 -8.34
CA ILE F 154 -63.71 -4.90 -7.12
C ILE F 154 -64.63 -4.63 -5.94
N GLU F 155 -65.65 -3.80 -6.13
CA GLU F 155 -66.58 -3.53 -5.05
C GLU F 155 -67.36 -4.79 -4.65
N ILE F 156 -67.90 -5.50 -5.64
CA ILE F 156 -68.71 -6.68 -5.34
C ILE F 156 -67.85 -7.78 -4.75
N ILE F 157 -66.73 -8.09 -5.40
CA ILE F 157 -65.87 -9.17 -4.91
C ILE F 157 -65.20 -8.78 -3.60
N GLY F 158 -64.84 -7.50 -3.44
CA GLY F 158 -64.15 -7.08 -2.24
C GLY F 158 -64.94 -7.29 -0.97
N ASN F 159 -66.26 -7.07 -1.02
CA ASN F 159 -67.08 -7.23 0.19
C ASN F 159 -67.33 -8.70 0.49
N ILE F 160 -67.51 -9.52 -0.54
CA ILE F 160 -67.64 -10.96 -0.33
C ILE F 160 -66.38 -11.52 0.30
N LYS F 161 -65.21 -11.07 -0.17
CA LYS F 161 -63.96 -11.53 0.42
C LYS F 161 -63.84 -11.08 1.87
N LEU F 162 -64.13 -9.81 2.14
CA LEU F 162 -64.07 -9.31 3.50
C LEU F 162 -65.04 -10.04 4.42
N TRP F 163 -66.26 -10.30 3.92
CA TRP F 163 -67.25 -10.98 4.74
C TRP F 163 -66.77 -12.37 5.16
N ILE F 164 -66.16 -13.10 4.22
CA ILE F 164 -65.64 -14.43 4.55
C ILE F 164 -64.47 -14.33 5.52
N GLN F 165 -63.60 -13.34 5.32
CA GLN F 165 -62.48 -13.15 6.25
C GLN F 165 -62.97 -12.88 7.66
N LEU F 166 -63.99 -12.03 7.82
CA LEU F 166 -64.55 -11.75 9.12
C LEU F 166 -65.25 -12.96 9.74
N ASN F 167 -65.49 -14.01 8.96
CA ASN F 167 -66.14 -15.21 9.45
C ASN F 167 -65.15 -16.31 9.81
N VAL F 168 -63.86 -16.01 9.75
CA VAL F 168 -62.83 -16.97 10.15
C VAL F 168 -62.82 -17.06 11.68
N PRO F 169 -62.89 -18.26 12.24
CA PRO F 169 -63.01 -18.41 13.69
C PRO F 169 -61.65 -18.16 14.38
N ARG F 170 -61.70 -18.22 15.71
CA ARG F 170 -60.47 -18.21 16.50
C ARG F 170 -59.54 -19.33 16.05
N ILE F 171 -58.25 -19.02 15.97
CA ILE F 171 -57.29 -20.04 15.54
C ILE F 171 -57.23 -21.12 16.61
N GLU F 172 -57.48 -22.37 16.20
CA GLU F 172 -57.37 -23.51 17.10
C GLU F 172 -56.68 -24.66 16.38
N ASP F 173 -56.24 -25.63 17.18
CA ASP F 173 -55.54 -26.80 16.71
C ASP F 173 -56.57 -27.89 16.41
N GLY F 174 -56.63 -28.32 15.15
CA GLY F 174 -57.52 -29.38 14.75
C GLY F 174 -58.93 -28.89 14.47
N ASN F 175 -59.71 -29.77 13.82
CA ASN F 175 -61.11 -29.52 13.45
C ASN F 175 -61.26 -28.25 12.62
N ASN F 176 -60.22 -27.88 11.88
CA ASN F 176 -60.29 -26.72 11.00
C ASN F 176 -60.13 -27.11 9.53
N PHE F 177 -60.92 -28.09 9.08
CA PHE F 177 -60.98 -28.39 7.65
C PHE F 177 -61.82 -27.36 6.91
N GLY F 178 -62.91 -26.89 7.54
CA GLY F 178 -63.73 -25.87 6.92
C GLY F 178 -63.02 -24.54 6.78
N VAL F 179 -62.06 -24.27 7.67
CA VAL F 179 -61.27 -23.05 7.56
C VAL F 179 -60.40 -23.07 6.31
N GLY F 180 -59.92 -24.25 5.92
CA GLY F 180 -59.20 -24.35 4.66
C GLY F 180 -60.10 -24.01 3.49
N ILE F 181 -61.36 -24.42 3.56
CA ILE F 181 -62.34 -24.04 2.55
C ILE F 181 -62.52 -22.52 2.54
N GLN F 182 -62.63 -21.93 3.74
CA GLN F 182 -62.72 -20.47 3.82
C GLN F 182 -61.48 -19.83 3.21
N GLU F 183 -60.30 -20.36 3.53
CA GLU F 183 -59.07 -19.80 2.99
C GLU F 183 -59.02 -19.95 1.46
N GLU F 184 -59.42 -21.13 0.96
CA GLU F 184 -59.43 -21.35 -0.49
C GLU F 184 -60.34 -20.35 -1.19
N ALA F 185 -61.50 -20.05 -0.60
CA ALA F 185 -62.41 -19.10 -1.21
C ALA F 185 -61.81 -17.71 -1.24
N ILE F 186 -61.20 -17.29 -0.13
CA ILE F 186 -60.59 -15.97 -0.07
C ILE F 186 -59.48 -15.85 -1.11
N GLN F 187 -58.70 -16.93 -1.29
CA GLN F 187 -57.62 -16.89 -2.27
C GLN F 187 -58.16 -16.65 -3.67
N GLU F 188 -59.19 -17.41 -4.07
CA GLU F 188 -59.76 -17.24 -5.40
C GLU F 188 -60.46 -15.90 -5.54
N LEU F 189 -61.14 -15.45 -4.48
CA LEU F 189 -61.74 -14.12 -4.53
C LEU F 189 -60.68 -13.04 -4.70
N ALA F 190 -59.56 -13.16 -3.97
CA ALA F 190 -58.50 -12.18 -4.05
C ALA F 190 -57.80 -12.23 -5.41
N ARG F 191 -57.67 -13.42 -5.97
CA ARG F 191 -57.03 -13.55 -7.28
C ARG F 191 -57.82 -12.79 -8.34
N VAL F 192 -59.14 -12.98 -8.37
CA VAL F 192 -59.98 -12.27 -9.33
C VAL F 192 -59.93 -10.78 -9.09
N GLU F 193 -59.97 -10.37 -7.81
CA GLU F 193 -59.94 -8.94 -7.50
C GLU F 193 -58.63 -8.31 -7.94
N GLU F 194 -57.51 -8.96 -7.62
CA GLU F 194 -56.21 -8.43 -8.01
C GLU F 194 -56.05 -8.42 -9.53
N SER F 195 -56.57 -9.43 -10.20
CA SER F 195 -56.48 -9.49 -11.66
C SER F 195 -57.16 -8.28 -12.30
N ALA F 196 -58.36 -7.94 -11.82
CA ALA F 196 -59.06 -6.77 -12.35
C ALA F 196 -58.34 -5.47 -11.98
N PHE F 197 -57.71 -5.44 -10.81
CA PHE F 197 -57.05 -4.21 -10.35
C PHE F 197 -55.93 -3.79 -11.29
N ASN F 198 -55.24 -4.75 -11.90
CA ASN F 198 -54.12 -4.42 -12.77
C ASN F 198 -54.55 -3.83 -14.10
N LEU F 199 -55.86 -3.84 -14.40
CA LEU F 199 -56.32 -3.33 -15.69
C LEU F 199 -56.11 -1.83 -15.81
N TYR F 200 -56.27 -1.09 -14.70
CA TYR F 200 -56.10 0.36 -14.75
C TYR F 200 -54.67 0.72 -15.13
N ASP F 201 -53.70 -0.01 -14.59
CA ASP F 201 -52.30 0.27 -14.90
C ASP F 201 -51.97 -0.13 -16.33
N ALA F 202 -52.51 -1.27 -16.78
CA ALA F 202 -52.23 -1.73 -18.14
C ALA F 202 -52.77 -0.78 -19.20
N ILE F 203 -53.87 -0.09 -18.91
CA ILE F 203 -54.46 0.82 -19.89
C ILE F 203 -53.55 2.02 -20.12
N VAL F 204 -52.91 2.51 -19.06
CA VAL F 204 -51.94 3.59 -19.22
C VAL F 204 -50.79 3.15 -20.12
N LYS F 205 -50.36 1.89 -19.99
CA LYS F 205 -49.26 1.41 -20.81
C LYS F 205 -49.63 1.35 -22.28
N TYR F 206 -50.90 1.04 -22.58
CA TYR F 206 -51.34 1.05 -23.97
C TYR F 206 -51.11 2.41 -24.62
N TYR F 207 -51.61 3.47 -24.00
CA TYR F 207 -51.44 4.79 -24.59
C TYR F 207 -49.97 5.18 -24.64
N MET F 208 -49.21 4.86 -23.61
CA MET F 208 -47.78 5.17 -23.62
C MET F 208 -47.07 4.41 -24.73
N GLU F 209 -47.38 3.11 -24.88
CA GLU F 209 -46.73 2.33 -25.93
C GLU F 209 -47.17 2.78 -27.32
N ARG F 210 -48.46 3.05 -27.50
CA ARG F 210 -48.92 3.51 -28.81
C ARG F 210 -48.27 4.84 -29.18
N ALA F 211 -48.11 5.73 -28.21
CA ALA F 211 -47.49 7.01 -28.48
C ALA F 211 -46.01 6.83 -28.80
N LYS F 212 -45.34 5.94 -28.07
CA LYS F 212 -43.92 5.71 -28.32
C LYS F 212 -43.68 5.19 -29.73
N ILE F 213 -44.44 4.17 -30.14
CA ILE F 213 -44.29 3.65 -31.50
C ILE F 213 -44.64 4.71 -32.53
N SER F 214 -45.72 5.46 -32.29
CA SER F 214 -46.10 6.52 -33.22
C SER F 214 -44.98 7.54 -33.36
N THR F 215 -44.28 7.81 -32.26
CA THR F 215 -43.09 8.67 -32.35
C THR F 215 -42.06 8.08 -33.30
N LYS F 216 -41.87 6.77 -33.26
CA LYS F 216 -40.89 6.14 -34.13
C LYS F 216 -41.31 6.18 -35.58
N VAL F 217 -42.61 6.07 -35.84
CA VAL F 217 -43.10 6.19 -37.22
C VAL F 217 -42.80 7.57 -37.77
N LEU F 218 -42.91 8.60 -36.93
CA LEU F 218 -42.60 9.95 -37.36
C LEU F 218 -41.12 10.13 -37.64
N LYS F 219 -40.28 9.53 -36.79
CA LYS F 219 -38.83 9.67 -36.94
C LYS F 219 -38.32 8.82 -38.10
N TYR F 220 -38.90 7.64 -38.28
CA TYR F 220 -38.48 6.70 -39.31
C TYR F 220 -39.67 6.34 -40.20
N PRO F 221 -40.11 7.26 -41.06
CA PRO F 221 -41.21 6.94 -41.98
C PRO F 221 -40.83 5.91 -43.01
N ASN F 222 -39.55 5.53 -43.08
CA ASN F 222 -39.09 4.52 -44.02
C ASN F 222 -39.08 3.12 -43.41
N VAL F 223 -38.95 3.03 -42.09
CA VAL F 223 -39.09 1.76 -41.38
C VAL F 223 -40.55 1.34 -41.34
N SER F 224 -40.94 0.40 -42.21
CA SER F 224 -42.34 0.02 -42.32
C SER F 224 -42.81 -0.78 -41.11
N ASP F 225 -41.89 -1.45 -40.42
CA ASP F 225 -42.26 -2.29 -39.29
C ASP F 225 -42.80 -1.48 -38.11
N TYR F 226 -42.34 -0.22 -37.97
CA TYR F 226 -42.91 0.64 -36.95
C TYR F 226 -44.39 0.88 -37.21
N GLN F 227 -44.76 0.98 -38.48
CA GLN F 227 -46.17 1.12 -38.83
C GLN F 227 -46.91 -0.19 -38.57
N GLU F 228 -46.25 -1.32 -38.82
CA GLU F 228 -46.84 -2.61 -38.50
C GLU F 228 -46.99 -2.80 -37.00
N ALA F 229 -46.07 -2.23 -36.20
CA ALA F 229 -46.14 -2.40 -34.75
C ALA F 229 -47.37 -1.70 -34.16
N VAL F 230 -47.69 -0.50 -34.63
CA VAL F 230 -48.89 0.19 -34.16
C VAL F 230 -50.13 -0.64 -34.47
N ARG F 231 -50.23 -1.11 -35.71
CA ARG F 231 -51.36 -1.95 -36.09
C ARG F 231 -51.49 -3.17 -35.17
N GLU F 232 -50.38 -3.86 -34.93
CA GLU F 232 -50.45 -5.05 -34.09
C GLU F 232 -50.78 -4.71 -32.65
N LEU F 233 -50.30 -3.58 -32.15
CA LEU F 233 -50.63 -3.17 -30.80
C LEU F 233 -52.12 -2.96 -30.64
N ASP F 234 -52.74 -2.27 -31.61
CA ASP F 234 -54.19 -2.07 -31.55
C ASP F 234 -54.92 -3.40 -31.68
N GLU F 235 -54.46 -4.27 -32.57
CA GLU F 235 -55.07 -5.59 -32.70
C GLU F 235 -54.88 -6.40 -31.42
N LYS F 236 -53.73 -6.25 -30.76
CA LYS F 236 -53.52 -6.93 -29.48
C LYS F 236 -54.45 -6.40 -28.41
N GLU F 237 -54.58 -5.08 -28.29
CA GLU F 237 -55.47 -4.51 -27.29
C GLU F 237 -56.91 -4.91 -27.55
N TRP F 238 -57.31 -4.96 -28.82
CA TRP F 238 -58.65 -5.39 -29.15
C TRP F 238 -58.92 -6.80 -28.68
N ILE F 239 -57.97 -7.71 -28.91
CA ILE F 239 -58.12 -9.09 -28.45
C ILE F 239 -58.10 -9.15 -26.93
N HIS F 240 -57.16 -8.45 -26.31
CA HIS F 240 -57.07 -8.46 -24.85
C HIS F 240 -58.36 -7.95 -24.22
N ILE F 241 -58.99 -6.95 -24.83
CA ILE F 241 -60.26 -6.43 -24.33
C ILE F 241 -61.29 -7.54 -24.28
N LYS F 242 -61.40 -8.30 -25.37
CA LYS F 242 -62.43 -9.33 -25.44
C LYS F 242 -62.13 -10.48 -24.49
N ILE F 243 -60.86 -10.87 -24.36
CA ILE F 243 -60.51 -11.92 -23.40
C ILE F 243 -60.78 -11.46 -21.98
N THR F 244 -60.58 -10.16 -21.70
CA THR F 244 -60.92 -9.64 -20.39
C THR F 244 -62.41 -9.79 -20.11
N ILE F 245 -63.25 -9.51 -21.11
CA ILE F 245 -64.70 -9.63 -20.93
C ILE F 245 -65.07 -11.09 -20.66
N VAL F 246 -64.45 -12.03 -21.37
CA VAL F 246 -64.71 -13.45 -21.10
C VAL F 246 -64.26 -13.81 -19.70
N ASP F 247 -63.09 -13.32 -19.29
CA ASP F 247 -62.61 -13.62 -17.94
C ASP F 247 -63.54 -13.07 -16.88
N MET F 248 -64.15 -11.90 -17.14
CA MET F 248 -65.21 -11.41 -16.27
C MET F 248 -66.34 -12.44 -16.16
N ARG F 249 -66.94 -12.78 -17.30
CA ARG F 249 -68.01 -13.77 -17.33
C ARG F 249 -67.62 -15.05 -16.60
N ASN F 250 -66.48 -15.62 -16.98
CA ASN F 250 -66.09 -16.92 -16.43
C ASN F 250 -65.74 -16.82 -14.94
N ASN F 251 -65.12 -15.72 -14.51
CA ASN F 251 -64.80 -15.57 -13.10
C ASN F 251 -66.05 -15.44 -12.25
N TYR F 252 -67.04 -14.68 -12.72
CA TYR F 252 -68.28 -14.55 -11.97
C TYR F 252 -68.95 -15.90 -11.76
N ILE F 253 -68.89 -16.77 -12.76
CA ILE F 253 -69.58 -18.06 -12.66
C ILE F 253 -68.82 -19.02 -11.76
N MET F 254 -67.50 -19.14 -11.96
CA MET F 254 -66.73 -20.06 -11.13
C MET F 254 -66.70 -19.58 -9.68
N LEU F 255 -66.74 -18.27 -9.45
CA LEU F 255 -66.84 -17.76 -8.09
C LEU F 255 -68.21 -18.06 -7.50
N TYR F 256 -69.28 -17.80 -8.26
CA TYR F 256 -70.62 -18.10 -7.77
C TYR F 256 -70.79 -19.59 -7.54
N ASP F 257 -70.36 -20.41 -8.49
CA ASP F 257 -70.47 -21.86 -8.33
C ASP F 257 -69.65 -22.34 -7.16
N LEU F 258 -68.48 -21.76 -6.93
CA LEU F 258 -67.63 -22.18 -5.82
C LEU F 258 -68.29 -21.89 -4.49
N LEU F 259 -68.81 -20.68 -4.31
CA LEU F 259 -69.44 -20.32 -3.05
C LEU F 259 -70.71 -21.11 -2.80
N TYR F 260 -71.53 -21.31 -3.84
CA TYR F 260 -72.77 -22.07 -3.66
C TYR F 260 -72.48 -23.49 -3.21
N LYS F 261 -71.54 -24.17 -3.87
CA LYS F 261 -71.30 -25.56 -3.54
C LYS F 261 -70.76 -25.71 -2.12
N ASN F 262 -69.87 -24.81 -1.71
CA ASN F 262 -69.22 -24.91 -0.39
C ASN F 262 -69.79 -23.91 0.60
N TRP F 263 -71.06 -23.50 0.41
CA TRP F 263 -71.62 -22.43 1.23
C TRP F 263 -71.71 -22.84 2.69
N GLU F 264 -72.02 -24.11 2.95
CA GLU F 264 -72.25 -24.56 4.32
C GLU F 264 -70.99 -24.44 5.17
N LYS F 265 -69.83 -24.76 4.60
CA LYS F 265 -68.59 -24.66 5.34
C LYS F 265 -68.06 -23.23 5.42
N VAL F 266 -68.46 -22.35 4.49
CA VAL F 266 -68.01 -20.97 4.55
C VAL F 266 -68.65 -20.25 5.73
N VAL F 267 -69.91 -20.56 6.03
CA VAL F 267 -70.60 -19.90 7.13
C VAL F 267 -70.35 -20.62 8.46
N LYS F 268 -70.47 -21.95 8.48
CA LYS F 268 -70.27 -22.74 9.69
C LYS F 268 -69.15 -23.74 9.42
N PRO F 269 -67.89 -23.31 9.50
CA PRO F 269 -66.77 -24.23 9.25
C PRO F 269 -66.47 -25.15 10.41
N LYS F 270 -67.22 -25.06 11.51
CA LYS F 270 -66.95 -25.86 12.69
C LYS F 270 -68.25 -26.37 13.33
N ASN G 7 -76.16 -14.87 9.91
CA ASN G 7 -76.95 -14.56 11.10
C ASN G 7 -78.36 -14.12 10.74
N LYS G 8 -78.94 -14.74 9.70
CA LYS G 8 -80.26 -14.36 9.23
C LYS G 8 -80.88 -15.44 8.36
N ILE G 9 -80.32 -15.62 7.17
CA ILE G 9 -80.79 -16.57 6.17
C ILE G 9 -79.57 -17.19 5.53
N ASP G 10 -79.65 -18.49 5.21
CA ASP G 10 -78.44 -19.22 4.84
C ASP G 10 -78.63 -20.01 3.55
N LYS G 11 -79.46 -19.50 2.64
CA LYS G 11 -79.54 -20.03 1.30
C LYS G 11 -79.37 -18.87 0.33
N ILE G 12 -78.67 -19.12 -0.77
CA ILE G 12 -78.30 -18.06 -1.70
C ILE G 12 -78.66 -18.45 -3.12
N GLU G 13 -79.80 -19.11 -3.26
CA GLU G 13 -80.34 -19.39 -4.58
C GLU G 13 -80.72 -18.06 -5.25
N PRO G 14 -80.54 -17.95 -6.57
CA PRO G 14 -80.82 -16.68 -7.25
C PRO G 14 -82.25 -16.24 -7.02
N SER G 15 -82.43 -14.94 -6.74
CA SER G 15 -83.74 -14.42 -6.41
C SER G 15 -84.64 -14.30 -7.64
N ASP G 16 -84.09 -13.81 -8.75
CA ASP G 16 -84.88 -13.65 -9.96
C ASP G 16 -85.05 -15.00 -10.66
N GLN G 17 -86.31 -15.44 -10.81
CA GLN G 17 -86.55 -16.73 -11.43
C GLN G 17 -86.23 -16.72 -12.93
N LYS G 18 -86.37 -15.57 -13.58
CA LYS G 18 -85.98 -15.49 -14.98
C LYS G 18 -84.47 -15.62 -15.15
N ILE G 19 -83.70 -15.00 -14.25
CA ILE G 19 -82.24 -15.16 -14.30
C ILE G 19 -81.87 -16.59 -13.94
N LYS G 20 -82.56 -17.18 -12.96
CA LYS G 20 -82.32 -18.56 -12.57
C LYS G 20 -82.47 -19.50 -13.76
N GLU G 21 -83.44 -19.20 -14.65
CA GLU G 21 -83.62 -20.01 -15.85
C GLU G 21 -82.47 -19.78 -16.82
N GLU G 22 -82.17 -18.50 -17.08
CA GLU G 22 -81.06 -18.16 -17.99
C GLU G 22 -79.74 -18.71 -17.48
N TYR G 23 -79.56 -18.74 -16.16
CA TYR G 23 -78.32 -19.27 -15.59
C TYR G 23 -78.18 -20.76 -15.87
N ASN G 24 -79.24 -21.53 -15.63
CA ASN G 24 -79.20 -22.96 -15.90
C ASN G 24 -79.03 -23.24 -17.38
N LYS G 25 -79.69 -22.45 -18.24
CA LYS G 25 -79.50 -22.62 -19.68
C LYS G 25 -78.05 -22.43 -20.06
N PHE G 26 -77.38 -21.48 -19.41
CA PHE G 26 -75.96 -21.28 -19.70
C PHE G 26 -75.15 -22.52 -19.33
N LYS G 27 -75.44 -23.13 -18.18
CA LYS G 27 -74.75 -24.35 -17.79
C LYS G 27 -75.02 -25.47 -18.78
N TYR G 28 -76.24 -25.54 -19.33
CA TYR G 28 -76.53 -26.49 -20.39
C TYR G 28 -75.73 -26.18 -21.64
N ASP G 29 -75.72 -24.90 -22.04
CA ASP G 29 -75.03 -24.50 -23.27
C ASP G 29 -73.53 -24.75 -23.19
N ILE G 30 -72.93 -24.58 -22.01
CA ILE G 30 -71.52 -24.90 -21.83
C ILE G 30 -71.27 -26.37 -22.09
N THR G 31 -71.98 -27.22 -21.36
CA THR G 31 -71.83 -28.67 -21.52
C THR G 31 -72.00 -29.10 -22.96
N LYS G 32 -73.01 -28.55 -23.64
CA LYS G 32 -73.20 -28.85 -25.06
C LYS G 32 -71.96 -28.49 -25.86
N GLN G 33 -71.47 -27.25 -25.69
CA GLN G 33 -70.34 -26.80 -26.49
C GLN G 33 -69.08 -27.62 -26.20
N ALA G 34 -68.88 -27.98 -24.93
CA ALA G 34 -67.70 -28.75 -24.56
C ALA G 34 -67.71 -30.13 -25.23
N ILE G 35 -68.85 -30.82 -25.16
CA ILE G 35 -68.95 -32.14 -25.77
C ILE G 35 -68.76 -32.05 -27.27
N GLU G 36 -69.39 -31.06 -27.90
CA GLU G 36 -69.19 -30.85 -29.33
C GLU G 36 -67.72 -30.60 -29.66
N SER G 37 -67.03 -29.84 -28.79
CA SER G 37 -65.62 -29.55 -29.06
C SER G 37 -64.78 -30.81 -29.02
N LEU G 38 -65.08 -31.71 -28.08
CA LEU G 38 -64.32 -32.96 -27.96
C LEU G 38 -64.67 -33.97 -29.04
N ARG G 39 -65.94 -34.00 -29.47
CA ARG G 39 -66.35 -35.00 -30.45
C ARG G 39 -66.07 -34.57 -31.89
N GLU G 40 -66.07 -33.26 -32.16
CA GLU G 40 -65.88 -32.82 -33.54
C GLU G 40 -64.77 -31.78 -33.66
N ARG G 41 -64.85 -30.69 -32.89
CA ARG G 41 -63.97 -29.56 -33.13
C ARG G 41 -62.50 -29.94 -32.97
N ILE G 42 -62.17 -30.67 -31.92
CA ILE G 42 -60.77 -30.99 -31.63
C ILE G 42 -60.25 -32.02 -32.63
N PRO G 43 -60.91 -33.17 -32.83
CA PRO G 43 -60.40 -34.11 -33.85
C PRO G 43 -60.24 -33.47 -35.22
N LYS G 44 -61.18 -32.62 -35.62
CA LYS G 44 -61.10 -31.94 -36.91
C LYS G 44 -59.82 -31.12 -37.02
N ARG G 45 -59.43 -30.43 -35.95
CA ARG G 45 -58.23 -29.60 -35.98
C ARG G 45 -56.96 -30.42 -35.91
N ILE G 46 -57.00 -31.55 -35.21
CA ILE G 46 -55.85 -32.44 -35.17
C ILE G 46 -55.46 -32.86 -36.58
N ILE G 47 -56.44 -33.35 -37.35
CA ILE G 47 -56.16 -33.71 -38.74
C ILE G 47 -55.74 -32.48 -39.54
N PHE G 48 -56.37 -31.34 -39.25
CA PHE G 48 -56.05 -30.11 -39.97
C PHE G 48 -54.58 -29.74 -39.80
N PHE G 49 -54.14 -29.60 -38.54
CA PHE G 49 -52.75 -29.20 -38.29
C PHE G 49 -51.76 -30.27 -38.73
N ASN G 50 -52.12 -31.55 -38.62
CA ASN G 50 -51.23 -32.59 -39.13
C ASN G 50 -51.02 -32.45 -40.62
N ASN G 51 -52.05 -32.05 -41.35
CA ASN G 51 -51.90 -31.87 -42.78
C ASN G 51 -50.94 -30.73 -43.12
N LEU G 52 -50.74 -29.78 -42.19
CA LEU G 52 -49.78 -28.70 -42.40
C LEU G 52 -48.37 -29.08 -41.97
N VAL G 53 -48.24 -29.90 -40.94
CA VAL G 53 -46.93 -30.36 -40.47
C VAL G 53 -47.02 -31.86 -40.26
N ASN G 54 -46.91 -32.62 -41.35
CA ASN G 54 -47.20 -34.04 -41.28
C ASN G 54 -46.16 -34.77 -40.45
N VAL G 55 -46.64 -35.65 -39.57
CA VAL G 55 -45.74 -36.37 -38.68
C VAL G 55 -44.80 -37.25 -39.49
N ASN G 56 -45.25 -37.69 -40.66
CA ASN G 56 -44.43 -38.53 -41.52
C ASN G 56 -43.40 -37.76 -42.32
N SER G 57 -43.31 -36.45 -42.11
CA SER G 57 -42.31 -35.66 -42.82
C SER G 57 -40.91 -36.11 -42.40
N GLU G 58 -39.98 -36.06 -43.34
CA GLU G 58 -38.60 -36.37 -43.01
C GLU G 58 -38.01 -35.26 -42.14
N PRO G 59 -37.00 -35.59 -41.34
CA PRO G 59 -36.45 -34.58 -40.42
C PRO G 59 -35.91 -33.38 -41.19
N GLY G 60 -36.22 -32.19 -40.68
CA GLY G 60 -35.82 -30.96 -41.33
C GLY G 60 -36.75 -30.48 -42.42
N SER G 61 -37.69 -31.31 -42.86
CA SER G 61 -38.65 -30.88 -43.88
C SER G 61 -39.78 -30.05 -43.31
N ILE G 62 -39.95 -30.04 -41.98
CA ILE G 62 -40.94 -29.22 -41.32
C ILE G 62 -40.26 -27.93 -40.90
N LEU G 63 -39.33 -28.05 -39.97
CA LEU G 63 -38.60 -26.91 -39.42
C LEU G 63 -37.43 -26.53 -40.32
N ASN G 64 -37.76 -25.96 -41.48
CA ASN G 64 -36.71 -25.46 -42.35
C ASN G 64 -36.97 -24.02 -42.74
N VAL G 65 -36.21 -23.51 -43.71
CA VAL G 65 -36.26 -22.10 -44.06
C VAL G 65 -36.26 -21.99 -45.58
N ASN G 66 -36.54 -23.12 -46.25
CA ASN G 66 -36.47 -23.16 -47.70
C ASN G 66 -37.60 -22.39 -48.36
N ASP G 67 -38.78 -22.36 -47.74
CA ASP G 67 -39.92 -21.62 -48.27
C ASP G 67 -39.97 -20.18 -47.76
N LEU G 68 -38.93 -19.71 -47.09
CA LEU G 68 -38.92 -18.35 -46.57
C LEU G 68 -38.28 -17.43 -47.60
N ASP G 69 -39.03 -16.44 -48.06
CA ASP G 69 -38.52 -15.46 -49.00
C ASP G 69 -37.49 -14.58 -48.29
N GLY G 70 -36.23 -14.71 -48.69
CA GLY G 70 -35.19 -13.95 -48.05
C GLY G 70 -34.64 -12.85 -48.93
N VAL G 71 -35.36 -12.49 -49.98
CA VAL G 71 -34.83 -11.55 -50.95
C VAL G 71 -35.82 -10.42 -51.24
N SER G 72 -37.12 -10.70 -51.16
CA SER G 72 -38.10 -9.69 -51.54
C SER G 72 -38.22 -8.55 -50.53
N TYR G 73 -37.89 -8.77 -49.26
CA TYR G 73 -38.18 -7.79 -48.22
C TYR G 73 -36.93 -7.32 -47.48
N LYS G 74 -35.76 -7.42 -48.10
CA LYS G 74 -34.53 -6.92 -47.49
C LYS G 74 -34.33 -5.44 -47.81
N TYR G 75 -33.29 -4.87 -47.23
CA TYR G 75 -33.00 -3.45 -47.34
C TYR G 75 -32.76 -3.05 -48.80
N LYS G 76 -33.32 -1.91 -49.19
CA LYS G 76 -33.29 -1.46 -50.58
C LYS G 76 -32.27 -0.35 -50.76
N LEU G 128 -28.52 11.57 -55.28
CA LEU G 128 -29.59 11.42 -54.29
C LEU G 128 -30.25 10.05 -54.42
N TYR G 129 -30.58 9.45 -53.27
CA TYR G 129 -31.36 8.22 -53.23
C TYR G 129 -31.85 7.96 -51.82
N THR G 130 -33.17 7.99 -51.60
CA THR G 130 -33.69 7.55 -50.32
C THR G 130 -33.60 6.03 -50.23
N HIS G 131 -33.85 5.53 -49.03
CA HIS G 131 -33.85 4.08 -48.80
C HIS G 131 -34.84 3.74 -47.69
N TYR G 132 -35.75 2.83 -48.00
CA TYR G 132 -36.77 2.32 -47.09
C TYR G 132 -36.44 0.87 -46.73
N VAL G 133 -37.17 0.36 -45.73
CA VAL G 133 -37.01 -1.04 -45.32
C VAL G 133 -38.40 -1.64 -45.16
N PRO G 134 -38.82 -2.52 -46.06
CA PRO G 134 -40.20 -3.03 -46.02
C PRO G 134 -40.37 -4.12 -44.98
N SER G 135 -41.64 -4.41 -44.69
CA SER G 135 -41.96 -5.47 -43.75
C SER G 135 -41.93 -6.80 -44.48
N HIS G 136 -41.84 -7.88 -43.70
CA HIS G 136 -41.83 -9.21 -44.31
C HIS G 136 -43.30 -9.60 -44.51
N LYS G 137 -43.81 -9.25 -45.69
CA LYS G 137 -45.22 -9.49 -45.98
C LYS G 137 -45.55 -10.97 -45.90
N GLN G 138 -44.60 -11.85 -46.22
CA GLN G 138 -44.85 -13.29 -46.10
C GLN G 138 -45.04 -13.70 -44.65
N ILE G 139 -44.17 -13.21 -43.76
CA ILE G 139 -44.32 -13.53 -42.34
C ILE G 139 -45.60 -12.89 -41.81
N TYR G 140 -45.93 -11.69 -42.29
CA TYR G 140 -47.19 -11.08 -41.95
C TYR G 140 -48.33 -12.04 -42.24
N LEU G 141 -48.30 -12.64 -43.44
CA LEU G 141 -49.35 -13.54 -43.86
C LEU G 141 -49.40 -14.79 -42.97
N GLU G 142 -48.24 -15.32 -42.59
CA GLU G 142 -48.22 -16.52 -41.76
C GLU G 142 -48.61 -16.20 -40.31
N LEU G 143 -48.20 -15.03 -39.82
CA LEU G 143 -48.56 -14.63 -38.46
C LEU G 143 -50.06 -14.40 -38.32
N GLU G 144 -50.71 -13.88 -39.37
CA GLU G 144 -52.16 -13.69 -39.31
C GLU G 144 -52.89 -15.02 -39.09
N LYS G 145 -52.44 -16.09 -39.76
CA LYS G 145 -53.07 -17.39 -39.53
C LYS G 145 -52.84 -17.88 -38.11
N ILE G 146 -51.66 -17.62 -37.56
CA ILE G 146 -51.36 -18.06 -36.19
C ILE G 146 -52.36 -17.46 -35.21
N LYS G 147 -52.61 -16.16 -35.35
CA LYS G 147 -53.56 -15.50 -34.46
C LYS G 147 -54.96 -16.10 -34.60
N THR G 148 -55.31 -16.54 -35.81
CA THR G 148 -56.56 -17.24 -36.00
C THR G 148 -56.57 -18.58 -35.27
N TYR G 149 -55.50 -19.37 -35.44
CA TYR G 149 -55.40 -20.65 -34.74
C TYR G 149 -55.45 -20.46 -33.24
N ALA G 150 -54.80 -19.42 -32.73
CA ALA G 150 -54.74 -19.20 -31.29
C ALA G 150 -56.09 -18.74 -30.75
N SER G 151 -56.77 -17.85 -31.47
CA SER G 151 -58.08 -17.39 -31.03
C SER G 151 -59.05 -18.55 -30.90
N GLU G 152 -59.15 -19.38 -31.94
CA GLU G 152 -60.08 -20.51 -31.88
C GLU G 152 -59.71 -21.47 -30.75
N LEU G 153 -58.43 -21.62 -30.46
CA LEU G 153 -58.02 -22.47 -29.36
C LEU G 153 -58.47 -21.89 -28.02
N ILE G 154 -58.22 -20.60 -27.81
CA ILE G 154 -58.61 -19.95 -26.56
C ILE G 154 -60.10 -20.08 -26.33
N GLU G 155 -60.90 -19.90 -27.38
CA GLU G 155 -62.35 -20.03 -27.25
C GLU G 155 -62.73 -21.46 -26.86
N ILE G 156 -62.15 -22.44 -27.54
CA ILE G 156 -62.51 -23.83 -27.32
C ILE G 156 -62.05 -24.31 -25.95
N ILE G 157 -60.78 -24.08 -25.62
CA ILE G 157 -60.23 -24.62 -24.38
C ILE G 157 -60.85 -23.94 -23.17
N GLY G 158 -61.12 -22.63 -23.27
CA GLY G 158 -61.67 -21.91 -22.13
C GLY G 158 -63.01 -22.47 -21.68
N ASN G 159 -63.85 -22.88 -22.62
CA ASN G 159 -65.15 -23.42 -22.27
C ASN G 159 -65.05 -24.84 -21.74
N ILE G 160 -64.13 -25.64 -22.31
CA ILE G 160 -63.87 -26.97 -21.77
C ILE G 160 -63.30 -26.87 -20.37
N LYS G 161 -62.37 -25.94 -20.15
CA LYS G 161 -61.81 -25.76 -18.82
C LYS G 161 -62.88 -25.28 -17.85
N LEU G 162 -63.68 -24.31 -18.27
CA LEU G 162 -64.75 -23.81 -17.43
C LEU G 162 -65.74 -24.91 -17.08
N TRP G 163 -66.05 -25.77 -18.05
CA TRP G 163 -67.01 -26.85 -17.81
C TRP G 163 -66.51 -27.80 -16.73
N ILE G 164 -65.22 -28.14 -16.76
CA ILE G 164 -64.67 -28.99 -15.71
C ILE G 164 -64.68 -28.26 -14.38
N GLN G 165 -64.37 -26.96 -14.40
CA GLN G 165 -64.44 -26.16 -13.18
C GLN G 165 -65.85 -26.17 -12.61
N LEU G 166 -66.86 -26.02 -13.47
CA LEU G 166 -68.23 -26.10 -13.01
C LEU G 166 -68.61 -27.50 -12.55
N ASN G 167 -67.80 -28.50 -12.87
CA ASN G 167 -68.05 -29.88 -12.46
C ASN G 167 -67.23 -30.31 -11.25
N VAL G 168 -66.46 -29.39 -10.66
CA VAL G 168 -65.71 -29.75 -9.45
C VAL G 168 -66.68 -29.82 -8.27
N PRO G 169 -66.68 -30.90 -7.51
CA PRO G 169 -67.70 -31.09 -6.48
C PRO G 169 -67.45 -30.22 -5.25
N ARG G 170 -68.44 -30.25 -4.34
CA ARG G 170 -68.28 -29.65 -3.04
C ARG G 170 -67.08 -30.27 -2.32
N ILE G 171 -66.30 -29.42 -1.64
CA ILE G 171 -65.11 -29.90 -0.95
C ILE G 171 -65.50 -30.81 0.20
N GLU G 172 -64.90 -31.99 0.24
CA GLU G 172 -65.09 -32.97 1.29
C GLU G 172 -63.73 -33.52 1.71
N ASP G 173 -63.70 -34.15 2.87
CA ASP G 173 -62.47 -34.76 3.36
C ASP G 173 -62.43 -36.20 2.89
N GLY G 174 -61.41 -36.54 2.09
CA GLY G 174 -61.26 -37.88 1.60
C GLY G 174 -62.14 -38.16 0.40
N ASN G 175 -61.81 -39.25 -0.31
CA ASN G 175 -62.51 -39.66 -1.52
C ASN G 175 -62.51 -38.54 -2.56
N ASN G 176 -61.50 -37.67 -2.51
CA ASN G 176 -61.39 -36.64 -3.53
C ASN G 176 -60.10 -36.85 -4.30
N PHE G 177 -59.86 -38.09 -4.69
CA PHE G 177 -58.78 -38.43 -5.61
C PHE G 177 -59.17 -38.05 -7.04
N GLY G 178 -60.44 -38.25 -7.39
CA GLY G 178 -60.89 -37.89 -8.72
C GLY G 178 -60.84 -36.41 -8.97
N VAL G 179 -60.98 -35.61 -7.91
CA VAL G 179 -60.82 -34.17 -8.05
C VAL G 179 -59.40 -33.83 -8.47
N GLY G 180 -58.42 -34.62 -8.00
CA GLY G 180 -57.06 -34.44 -8.46
C GLY G 180 -56.93 -34.64 -9.95
N ILE G 181 -57.67 -35.61 -10.49
CA ILE G 181 -57.70 -35.79 -11.94
C ILE G 181 -58.30 -34.55 -12.61
N GLN G 182 -59.40 -34.04 -12.05
CA GLN G 182 -60.00 -32.82 -12.58
C GLN G 182 -59.01 -31.66 -12.51
N GLU G 183 -58.33 -31.51 -11.37
CA GLU G 183 -57.36 -30.42 -11.23
C GLU G 183 -56.22 -30.55 -12.23
N GLU G 184 -55.72 -31.77 -12.43
CA GLU G 184 -54.66 -31.99 -13.42
C GLU G 184 -55.13 -31.59 -14.81
N ALA G 185 -56.37 -31.94 -15.16
CA ALA G 185 -56.90 -31.59 -16.47
C ALA G 185 -57.07 -30.09 -16.62
N ILE G 186 -57.61 -29.42 -15.61
CA ILE G 186 -57.75 -27.96 -15.66
C ILE G 186 -56.38 -27.30 -15.81
N GLN G 187 -55.38 -27.85 -15.11
CA GLN G 187 -54.03 -27.28 -15.19
C GLN G 187 -53.49 -27.34 -16.62
N GLU G 188 -53.62 -28.50 -17.27
CA GLU G 188 -53.11 -28.63 -18.64
C GLU G 188 -53.89 -27.77 -19.62
N LEU G 189 -55.21 -27.68 -19.44
CA LEU G 189 -56.00 -26.81 -20.30
C LEU G 189 -55.57 -25.36 -20.13
N ALA G 190 -55.35 -24.94 -18.89
CA ALA G 190 -54.95 -23.56 -18.65
C ALA G 190 -53.55 -23.30 -19.17
N ARG G 191 -52.66 -24.30 -19.08
CA ARG G 191 -51.31 -24.14 -19.59
C ARG G 191 -51.32 -23.88 -21.09
N VAL G 192 -52.05 -24.71 -21.84
CA VAL G 192 -52.14 -24.54 -23.28
C VAL G 192 -52.80 -23.21 -23.62
N GLU G 193 -53.84 -22.83 -22.87
CA GLU G 193 -54.53 -21.57 -23.13
C GLU G 193 -53.61 -20.38 -22.91
N GLU G 194 -52.88 -20.37 -21.80
CA GLU G 194 -51.96 -19.27 -21.52
C GLU G 194 -50.85 -19.22 -22.57
N SER G 195 -50.36 -20.38 -22.98
CA SER G 195 -49.33 -20.43 -24.01
C SER G 195 -49.80 -19.79 -25.30
N ALA G 196 -51.03 -20.10 -25.71
CA ALA G 196 -51.59 -19.48 -26.92
C ALA G 196 -51.85 -18.00 -26.72
N PHE G 197 -52.25 -17.60 -25.51
CA PHE G 197 -52.58 -16.20 -25.26
C PHE G 197 -51.37 -15.30 -25.40
N ASN G 198 -50.17 -15.80 -25.08
CA ASN G 198 -48.97 -14.97 -25.15
C ASN G 198 -48.54 -14.69 -26.57
N LEU G 199 -49.15 -15.33 -27.56
CA LEU G 199 -48.73 -15.16 -28.94
C LEU G 199 -48.99 -13.75 -29.44
N TYR G 200 -50.08 -13.11 -29.00
CA TYR G 200 -50.40 -11.77 -29.48
C TYR G 200 -49.33 -10.77 -29.10
N ASP G 201 -48.83 -10.84 -27.87
CA ASP G 201 -47.79 -9.91 -27.46
C ASP G 201 -46.46 -10.22 -28.16
N ALA G 202 -46.18 -11.51 -28.37
CA ALA G 202 -44.93 -11.88 -29.02
C ALA G 202 -44.85 -11.34 -30.44
N ILE G 203 -45.98 -11.25 -31.13
CA ILE G 203 -45.98 -10.80 -32.52
C ILE G 203 -45.64 -9.32 -32.61
N VAL G 204 -46.16 -8.53 -31.66
CA VAL G 204 -45.82 -7.11 -31.63
C VAL G 204 -44.32 -6.92 -31.44
N LYS G 205 -43.68 -7.80 -30.66
CA LYS G 205 -42.24 -7.70 -30.44
C LYS G 205 -41.46 -7.95 -31.72
N TYR G 206 -41.93 -8.87 -32.57
CA TYR G 206 -41.26 -9.12 -33.84
C TYR G 206 -41.12 -7.84 -34.65
N TYR G 207 -42.23 -7.14 -34.87
CA TYR G 207 -42.18 -5.92 -35.65
C TYR G 207 -41.34 -4.86 -34.93
N MET G 208 -41.49 -4.74 -33.62
CA MET G 208 -40.70 -3.77 -32.86
C MET G 208 -39.21 -4.10 -32.97
N GLU G 209 -38.86 -5.37 -32.81
CA GLU G 209 -37.46 -5.77 -32.89
C GLU G 209 -36.93 -5.61 -34.31
N ARG G 210 -37.73 -6.02 -35.31
CA ARG G 210 -37.32 -5.87 -36.70
C ARG G 210 -37.16 -4.41 -37.07
N ALA G 211 -38.02 -3.54 -36.52
CA ALA G 211 -37.91 -2.11 -36.81
C ALA G 211 -36.63 -1.54 -36.22
N LYS G 212 -36.28 -1.97 -35.01
CA LYS G 212 -35.09 -1.46 -34.35
C LYS G 212 -33.83 -1.77 -35.16
N ILE G 213 -33.70 -3.04 -35.59
CA ILE G 213 -32.54 -3.42 -36.40
C ILE G 213 -32.53 -2.66 -37.71
N SER G 214 -33.70 -2.53 -38.35
CA SER G 214 -33.77 -1.80 -39.61
C SER G 214 -33.28 -0.38 -39.46
N THR G 215 -33.57 0.25 -38.32
CA THR G 215 -33.04 1.59 -38.05
C THR G 215 -31.51 1.57 -38.07
N LYS G 216 -30.91 0.51 -37.53
CA LYS G 216 -29.45 0.44 -37.50
C LYS G 216 -28.88 0.24 -38.90
N VAL G 217 -29.57 -0.54 -39.73
CA VAL G 217 -29.11 -0.73 -41.10
C VAL G 217 -29.10 0.60 -41.85
N LEU G 218 -30.10 1.45 -41.59
CA LEU G 218 -30.13 2.76 -42.22
C LEU G 218 -29.00 3.65 -41.71
N LYS G 219 -28.68 3.56 -40.42
CA LYS G 219 -27.64 4.41 -39.85
C LYS G 219 -26.25 3.91 -40.24
N TYR G 220 -26.07 2.59 -40.30
CA TYR G 220 -24.78 1.96 -40.61
C TYR G 220 -25.01 1.00 -41.77
N PRO G 221 -25.18 1.53 -43.00
CA PRO G 221 -25.52 0.65 -44.13
C PRO G 221 -24.44 -0.31 -44.56
N ASN G 222 -23.21 -0.16 -44.09
CA ASN G 222 -22.16 -1.12 -44.43
C ASN G 222 -21.84 -2.12 -43.33
N VAL G 223 -22.21 -1.84 -42.08
CA VAL G 223 -22.07 -2.86 -41.04
C VAL G 223 -23.03 -3.99 -41.38
N SER G 224 -22.50 -5.04 -42.02
CA SER G 224 -23.34 -6.09 -42.58
C SER G 224 -23.99 -6.97 -41.52
N ASP G 225 -23.43 -7.02 -40.30
CA ASP G 225 -24.06 -7.87 -39.29
C ASP G 225 -25.45 -7.37 -38.93
N TYR G 226 -25.69 -6.07 -39.05
CA TYR G 226 -27.04 -5.54 -38.85
C TYR G 226 -27.99 -6.10 -39.91
N GLN G 227 -27.51 -6.23 -41.14
CA GLN G 227 -28.34 -6.83 -42.18
C GLN G 227 -28.51 -8.32 -41.94
N GLU G 228 -27.45 -8.99 -41.45
CA GLU G 228 -27.59 -10.38 -41.06
C GLU G 228 -28.55 -10.53 -39.91
N ALA G 229 -28.60 -9.55 -39.01
CA ALA G 229 -29.53 -9.61 -37.89
C ALA G 229 -30.97 -9.57 -38.36
N VAL G 230 -31.28 -8.70 -39.33
CA VAL G 230 -32.63 -8.68 -39.90
C VAL G 230 -32.96 -10.03 -40.52
N ARG G 231 -32.06 -10.54 -41.35
CA ARG G 231 -32.25 -11.85 -41.96
C ARG G 231 -32.45 -12.94 -40.92
N GLU G 232 -31.58 -12.96 -39.89
CA GLU G 232 -31.66 -14.02 -38.88
C GLU G 232 -32.94 -13.88 -38.08
N LEU G 233 -33.36 -12.65 -37.79
CA LEU G 233 -34.60 -12.44 -37.06
C LEU G 233 -35.78 -13.01 -37.85
N ASP G 234 -35.81 -12.77 -39.16
CA ASP G 234 -36.87 -13.30 -40.00
C ASP G 234 -36.85 -14.82 -40.00
N GLU G 235 -35.65 -15.40 -40.10
CA GLU G 235 -35.54 -16.86 -40.05
C GLU G 235 -35.99 -17.41 -38.70
N LYS G 236 -35.69 -16.68 -37.62
CA LYS G 236 -36.13 -17.10 -36.30
C LYS G 236 -37.65 -17.08 -36.20
N GLU G 237 -38.28 -15.99 -36.64
CA GLU G 237 -39.74 -15.92 -36.60
C GLU G 237 -40.35 -17.00 -37.47
N TRP G 238 -39.73 -17.28 -38.61
CA TRP G 238 -40.23 -18.34 -39.49
C TRP G 238 -40.21 -19.70 -38.79
N ILE G 239 -39.11 -20.00 -38.09
CA ILE G 239 -39.04 -21.26 -37.37
C ILE G 239 -40.05 -21.30 -36.23
N HIS G 240 -40.14 -20.21 -35.46
CA HIS G 240 -41.09 -20.17 -34.34
C HIS G 240 -42.52 -20.38 -34.81
N ILE G 241 -42.85 -19.84 -35.99
CA ILE G 241 -44.19 -20.03 -36.54
C ILE G 241 -44.50 -21.51 -36.70
N LYS G 242 -43.58 -22.26 -37.31
CA LYS G 242 -43.83 -23.67 -37.54
C LYS G 242 -43.82 -24.46 -36.24
N ILE G 243 -42.95 -24.11 -35.30
CA ILE G 243 -42.96 -24.78 -34.01
C ILE G 243 -44.29 -24.55 -33.31
N THR G 244 -44.85 -23.34 -33.47
CA THR G 244 -46.16 -23.06 -32.91
C THR G 244 -47.24 -23.97 -33.49
N ILE G 245 -47.19 -24.20 -34.81
CA ILE G 245 -48.19 -25.07 -35.43
C ILE G 245 -48.07 -26.49 -34.93
N VAL G 246 -46.85 -26.99 -34.78
CA VAL G 246 -46.65 -28.33 -34.24
C VAL G 246 -47.17 -28.40 -32.81
N ASP G 247 -46.88 -27.35 -32.03
CA ASP G 247 -47.37 -27.32 -30.66
C ASP G 247 -48.89 -27.31 -30.62
N MET G 248 -49.53 -26.66 -31.59
CA MET G 248 -50.98 -26.75 -31.72
C MET G 248 -51.42 -28.20 -31.90
N ARG G 249 -50.93 -28.86 -32.95
CA ARG G 249 -51.26 -30.25 -33.21
C ARG G 249 -51.02 -31.12 -31.97
N ASN G 250 -49.84 -31.01 -31.37
CA ASN G 250 -49.51 -31.89 -30.26
C ASN G 250 -50.35 -31.57 -29.04
N ASN G 251 -50.65 -30.28 -28.81
CA ASN G 251 -51.47 -29.92 -27.65
C ASN G 251 -52.90 -30.43 -27.81
N TYR G 252 -53.48 -30.29 -29.00
CA TYR G 252 -54.83 -30.78 -29.21
C TYR G 252 -54.90 -32.28 -28.97
N ILE G 253 -53.86 -33.01 -29.34
CA ILE G 253 -53.88 -34.46 -29.24
C ILE G 253 -53.74 -34.89 -27.78
N MET G 254 -52.75 -34.34 -27.08
CA MET G 254 -52.57 -34.74 -25.68
C MET G 254 -53.73 -34.28 -24.82
N LEU G 255 -54.34 -33.14 -25.13
CA LEU G 255 -55.52 -32.71 -24.37
C LEU G 255 -56.67 -33.66 -24.63
N TYR G 256 -56.91 -33.99 -25.90
CA TYR G 256 -57.95 -34.95 -26.24
C TYR G 256 -57.66 -36.32 -25.65
N ASP G 257 -56.41 -36.79 -25.82
CA ASP G 257 -56.03 -38.09 -25.27
C ASP G 257 -56.14 -38.11 -23.76
N LEU G 258 -55.76 -37.02 -23.10
CA LEU G 258 -55.84 -36.96 -21.65
C LEU G 258 -57.28 -37.02 -21.17
N LEU G 259 -58.16 -36.23 -21.77
CA LEU G 259 -59.56 -36.22 -21.36
C LEU G 259 -60.23 -37.56 -21.67
N TYR G 260 -59.90 -38.17 -22.81
CA TYR G 260 -60.51 -39.44 -23.17
C TYR G 260 -60.17 -40.50 -22.14
N LYS G 261 -58.89 -40.58 -21.75
CA LYS G 261 -58.45 -41.64 -20.84
C LYS G 261 -59.06 -41.48 -19.45
N ASN G 262 -59.16 -40.25 -18.96
CA ASN G 262 -59.65 -39.99 -17.60
C ASN G 262 -61.08 -39.44 -17.60
N TRP G 263 -61.86 -39.78 -18.62
CA TRP G 263 -63.18 -39.17 -18.78
C TRP G 263 -64.10 -39.53 -17.63
N GLU G 264 -64.04 -40.77 -17.14
CA GLU G 264 -64.99 -41.21 -16.12
C GLU G 264 -64.82 -40.41 -14.83
N LYS G 265 -63.57 -40.13 -14.44
CA LYS G 265 -63.35 -39.35 -13.24
C LYS G 265 -63.52 -37.85 -13.47
N VAL G 266 -63.36 -37.38 -14.70
CA VAL G 266 -63.58 -35.97 -14.98
C VAL G 266 -65.06 -35.65 -14.86
N VAL G 267 -65.92 -36.58 -15.24
CA VAL G 267 -67.37 -36.38 -15.16
C VAL G 267 -67.90 -36.76 -13.78
N LYS G 268 -67.50 -37.93 -13.27
CA LYS G 268 -67.96 -38.44 -11.98
C LYS G 268 -66.76 -38.68 -11.08
N PRO G 269 -66.27 -37.65 -10.38
CA PRO G 269 -65.10 -37.82 -9.53
C PRO G 269 -65.38 -38.50 -8.20
N LYS G 270 -66.63 -38.84 -7.91
CA LYS G 270 -66.97 -39.43 -6.62
C LYS G 270 -68.02 -40.53 -6.78
N ASN H 7 26.38 48.53 -16.24
CA ASN H 7 25.70 49.38 -15.28
C ASN H 7 24.33 49.82 -15.79
N LYS H 8 24.14 51.15 -15.86
CA LYS H 8 22.90 51.79 -16.32
C LYS H 8 21.73 51.53 -15.38
N ILE H 9 20.54 51.33 -15.93
CA ILE H 9 19.34 51.16 -15.11
C ILE H 9 19.29 49.76 -14.54
N ASP H 10 18.82 49.64 -13.30
CA ASP H 10 18.88 48.39 -12.54
C ASP H 10 17.54 48.13 -11.87
N LYS H 11 16.55 47.74 -12.69
CA LYS H 11 15.27 47.19 -12.22
C LYS H 11 15.09 45.83 -12.88
N ILE H 12 14.53 44.87 -12.14
CA ILE H 12 14.48 43.50 -12.64
C ILE H 12 13.10 42.86 -12.54
N GLU H 13 12.05 43.63 -12.76
CA GLU H 13 10.73 43.05 -12.90
C GLU H 13 10.68 42.22 -14.19
N PRO H 14 9.93 41.11 -14.19
CA PRO H 14 9.92 40.24 -15.38
C PRO H 14 9.48 41.02 -16.61
N SER H 15 10.20 40.82 -17.71
CA SER H 15 9.91 41.58 -18.93
C SER H 15 8.63 41.09 -19.60
N ASP H 16 8.42 39.79 -19.63
CA ASP H 16 7.24 39.20 -20.27
C ASP H 16 6.02 39.40 -19.37
N GLN H 17 5.00 40.08 -19.89
CA GLN H 17 3.82 40.37 -19.08
C GLN H 17 3.02 39.11 -18.75
N LYS H 18 3.01 38.11 -19.64
CA LYS H 18 2.32 36.85 -19.32
C LYS H 18 3.01 36.12 -18.19
N ILE H 19 4.35 36.12 -18.19
CA ILE H 19 5.08 35.45 -17.12
C ILE H 19 4.83 36.17 -15.79
N LYS H 20 4.80 37.51 -15.83
CA LYS H 20 4.50 38.27 -14.63
C LYS H 20 3.15 37.88 -14.04
N GLU H 21 2.18 37.55 -14.89
CA GLU H 21 0.87 37.13 -14.40
C GLU H 21 0.93 35.74 -13.79
N GLU H 22 1.50 34.78 -14.54
CA GLU H 22 1.60 33.41 -14.05
C GLU H 22 2.42 33.32 -12.78
N TYR H 23 3.44 34.16 -12.63
CA TYR H 23 4.23 34.18 -11.41
C TYR H 23 3.40 34.65 -10.23
N ASN H 24 2.66 35.75 -10.40
CA ASN H 24 1.78 36.20 -9.33
C ASN H 24 0.67 35.19 -9.07
N LYS H 25 0.15 34.56 -10.13
CA LYS H 25 -0.85 33.51 -9.93
C LYS H 25 -0.28 32.37 -9.10
N PHE H 26 1.00 32.05 -9.31
CA PHE H 26 1.64 30.99 -8.55
C PHE H 26 1.68 31.30 -7.06
N LYS H 27 2.04 32.53 -6.71
CA LYS H 27 2.10 32.91 -5.31
C LYS H 27 0.72 32.82 -4.65
N TYR H 28 -0.33 33.14 -5.39
CA TYR H 28 -1.69 32.93 -4.88
C TYR H 28 -1.95 31.45 -4.66
N ASP H 29 -1.56 30.61 -5.61
CA ASP H 29 -1.85 29.18 -5.50
C ASP H 29 -1.12 28.55 -4.31
N ILE H 30 0.12 28.98 -4.03
CA ILE H 30 0.81 28.48 -2.85
C ILE H 30 0.07 28.90 -1.59
N THR H 31 -0.18 30.21 -1.46
CA THR H 31 -0.88 30.73 -0.28
C THR H 31 -2.16 29.95 -0.05
N LYS H 32 -2.91 29.69 -1.11
CA LYS H 32 -4.10 28.87 -1.00
C LYS H 32 -3.77 27.47 -0.47
N GLN H 33 -2.79 26.81 -1.09
CA GLN H 33 -2.49 25.44 -0.69
C GLN H 33 -1.98 25.38 0.75
N ALA H 34 -1.14 26.34 1.14
CA ALA H 34 -0.59 26.34 2.49
C ALA H 34 -1.69 26.48 3.53
N ILE H 35 -2.58 27.46 3.33
CA ILE H 35 -3.68 27.65 4.26
C ILE H 35 -4.59 26.44 4.27
N GLU H 36 -4.89 25.91 3.08
CA GLU H 36 -5.74 24.73 2.99
C GLU H 36 -5.13 23.54 3.73
N SER H 37 -3.80 23.40 3.68
CA SER H 37 -3.14 22.32 4.42
C SER H 37 -3.30 22.50 5.91
N LEU H 38 -3.22 23.75 6.38
CA LEU H 38 -3.30 24.01 7.81
C LEU H 38 -4.72 23.87 8.33
N ARG H 39 -5.72 24.20 7.53
CA ARG H 39 -7.10 24.15 7.98
C ARG H 39 -7.73 22.77 7.82
N GLU H 40 -7.29 21.98 6.84
CA GLU H 40 -7.94 20.70 6.60
C GLU H 40 -6.95 19.55 6.57
N ARG H 41 -5.94 19.62 5.71
CA ARG H 41 -5.12 18.44 5.44
C ARG H 41 -4.38 17.99 6.69
N ILE H 42 -3.75 18.92 7.40
CA ILE H 42 -2.89 18.55 8.53
C ILE H 42 -3.74 18.09 9.71
N PRO H 43 -4.74 18.84 10.17
CA PRO H 43 -5.54 18.32 11.29
C PRO H 43 -6.13 16.95 11.02
N LYS H 44 -6.65 16.73 9.81
CA LYS H 44 -7.19 15.43 9.44
C LYS H 44 -6.12 14.35 9.47
N ARG H 45 -4.88 14.67 9.06
CA ARG H 45 -3.85 13.63 9.10
C ARG H 45 -3.47 13.31 10.53
N ILE H 46 -3.55 14.29 11.43
CA ILE H 46 -3.30 14.05 12.84
C ILE H 46 -4.24 12.98 13.37
N ILE H 47 -5.55 13.14 13.13
CA ILE H 47 -6.51 12.13 13.57
C ILE H 47 -6.24 10.81 12.87
N PHE H 48 -5.87 10.87 11.60
CA PHE H 48 -5.63 9.64 10.84
C PHE H 48 -4.52 8.82 11.48
N PHE H 49 -3.37 9.44 11.70
CA PHE H 49 -2.25 8.71 12.30
C PHE H 49 -2.53 8.32 13.74
N ASN H 50 -3.28 9.14 14.49
CA ASN H 50 -3.67 8.73 15.83
C ASN H 50 -4.53 7.48 15.79
N ASN H 51 -5.41 7.36 14.78
CA ASN H 51 -6.22 6.17 14.67
C ASN H 51 -5.38 4.92 14.41
N LEU H 52 -4.15 5.09 13.92
CA LEU H 52 -3.24 3.98 13.69
C LEU H 52 -2.41 3.64 14.92
N VAL H 53 -2.00 4.66 15.67
CA VAL H 53 -1.22 4.48 16.89
C VAL H 53 -1.81 5.36 17.97
N ASN H 54 -2.86 4.89 18.62
CA ASN H 54 -3.63 5.74 19.52
C ASN H 54 -2.79 6.15 20.71
N VAL H 55 -2.85 7.44 21.05
CA VAL H 55 -2.04 7.99 22.14
C VAL H 55 -2.42 7.35 23.47
N ASN H 56 -3.67 6.90 23.59
CA ASN H 56 -4.16 6.29 24.83
C ASN H 56 -3.72 4.84 24.99
N SER H 57 -2.91 4.32 24.07
CA SER H 57 -2.47 2.94 24.17
C SER H 57 -1.62 2.72 25.41
N GLU H 58 -1.77 1.55 26.03
CA GLU H 58 -0.91 1.18 27.14
C GLU H 58 0.48 0.82 26.61
N PRO H 59 1.52 0.97 27.44
CA PRO H 59 2.89 0.75 26.96
C PRO H 59 3.10 -0.67 26.45
N GLY H 60 3.79 -0.76 25.31
CA GLY H 60 4.02 -2.03 24.64
C GLY H 60 2.91 -2.45 23.71
N SER H 61 1.75 -1.79 23.75
CA SER H 61 0.67 -2.12 22.84
C SER H 61 0.88 -1.52 21.46
N ILE H 62 1.79 -0.56 21.32
CA ILE H 62 2.16 -0.02 20.01
C ILE H 62 3.44 -0.68 19.53
N LEU H 63 4.54 -0.41 20.24
CA LEU H 63 5.87 -0.89 19.85
C LEU H 63 6.09 -2.33 20.33
N ASN H 64 5.39 -3.26 19.69
CA ASN H 64 5.64 -4.66 19.96
C ASN H 64 5.86 -5.40 18.65
N VAL H 65 5.93 -6.74 18.70
CA VAL H 65 6.32 -7.49 17.53
C VAL H 65 5.44 -8.74 17.44
N ASN H 66 4.31 -8.68 18.14
CA ASN H 66 3.44 -9.85 18.24
C ASN H 66 2.74 -10.18 16.93
N ASP H 67 2.43 -9.18 16.11
CA ASP H 67 1.77 -9.46 14.83
C ASP H 67 2.76 -9.71 13.70
N LEU H 68 4.05 -9.86 13.99
CA LEU H 68 5.04 -10.05 12.95
C LEU H 68 5.20 -11.54 12.68
N ASP H 69 4.88 -11.95 11.45
CA ASP H 69 5.00 -13.33 11.03
C ASP H 69 6.48 -13.70 10.97
N GLY H 70 6.91 -14.57 11.87
CA GLY H 70 8.32 -14.93 11.92
C GLY H 70 8.58 -16.35 11.45
N VAL H 71 7.62 -16.93 10.74
CA VAL H 71 7.72 -18.34 10.36
C VAL H 71 7.48 -18.48 8.87
N SER H 72 6.62 -17.63 8.30
CA SER H 72 6.30 -17.75 6.89
C SER H 72 7.46 -17.33 5.98
N TYR H 73 8.38 -16.49 6.47
CA TYR H 73 9.39 -15.89 5.61
C TYR H 73 10.83 -16.21 6.04
N LYS H 74 11.02 -17.27 6.82
CA LYS H 74 12.36 -17.70 7.22
C LYS H 74 12.95 -18.67 6.19
N TYR H 75 14.19 -19.12 6.45
CA TYR H 75 14.89 -19.99 5.51
C TYR H 75 14.13 -21.29 5.30
N LYS H 76 13.93 -21.66 4.05
CA LYS H 76 13.13 -22.82 3.69
C LYS H 76 13.95 -23.83 2.90
N ILE H 77 13.63 -25.11 3.08
CA ILE H 77 14.28 -26.21 2.38
C ILE H 77 13.21 -27.04 1.68
N ASN H 78 13.46 -27.39 0.42
CA ASN H 78 12.53 -28.22 -0.35
C ASN H 78 12.86 -29.70 -0.17
N VAL H 127 9.78 -20.08 -8.97
CA VAL H 127 10.92 -20.91 -9.37
C VAL H 127 11.34 -21.77 -8.19
N LEU H 128 11.78 -23.00 -8.47
CA LEU H 128 12.10 -23.97 -7.42
C LEU H 128 13.58 -24.31 -7.45
N TYR H 129 14.23 -24.16 -6.30
CA TYR H 129 15.61 -24.53 -6.04
C TYR H 129 15.61 -25.53 -4.89
N THR H 130 16.80 -25.88 -4.40
CA THR H 130 16.85 -26.81 -3.26
C THR H 130 16.62 -26.09 -1.94
N HIS H 131 17.00 -24.81 -1.84
CA HIS H 131 16.67 -24.00 -0.67
C HIS H 131 16.76 -22.53 -1.05
N TYR H 132 15.67 -21.81 -0.85
CA TYR H 132 15.54 -20.38 -1.12
C TYR H 132 15.36 -19.60 0.18
N VAL H 133 15.36 -18.28 0.06
CA VAL H 133 15.05 -17.40 1.19
C VAL H 133 14.14 -16.28 0.69
N PRO H 134 12.86 -16.31 1.03
CA PRO H 134 11.90 -15.35 0.48
C PRO H 134 11.98 -14.00 1.20
N SER H 135 11.34 -13.01 0.59
CA SER H 135 11.25 -11.71 1.23
C SER H 135 10.08 -11.70 2.21
N HIS H 136 10.11 -10.73 3.12
CA HIS H 136 9.06 -10.60 4.13
C HIS H 136 7.93 -9.76 3.53
N LYS H 137 6.95 -10.43 2.92
CA LYS H 137 5.87 -9.71 2.27
C LYS H 137 5.12 -8.83 3.26
N GLN H 138 5.04 -9.25 4.51
CA GLN H 138 4.36 -8.45 5.53
C GLN H 138 5.08 -7.14 5.78
N ILE H 139 6.41 -7.19 5.88
CA ILE H 139 7.19 -5.96 6.04
C ILE H 139 7.11 -5.13 4.77
N TYR H 140 7.12 -5.78 3.62
CA TYR H 140 7.01 -5.06 2.34
C TYR H 140 5.74 -4.24 2.29
N LEU H 141 4.61 -4.85 2.66
CA LEU H 141 3.35 -4.12 2.61
C LEU H 141 3.36 -2.94 3.58
N GLU H 142 3.99 -3.12 4.75
CA GLU H 142 4.02 -2.02 5.72
C GLU H 142 4.98 -0.93 5.28
N LEU H 143 6.11 -1.31 4.67
CA LEU H 143 7.06 -0.31 4.17
C LEU H 143 6.47 0.50 3.04
N GLU H 144 5.67 -0.13 2.18
CA GLU H 144 5.02 0.63 1.12
C GLU H 144 4.12 1.72 1.70
N LYS H 145 3.45 1.40 2.80
CA LYS H 145 2.61 2.41 3.46
C LYS H 145 3.45 3.54 4.02
N ILE H 146 4.62 3.23 4.58
CA ILE H 146 5.48 4.29 5.13
C ILE H 146 5.83 5.29 4.04
N LYS H 147 6.19 4.81 2.85
CA LYS H 147 6.61 5.69 1.77
C LYS H 147 5.49 6.62 1.33
N THR H 148 4.25 6.14 1.32
CA THR H 148 3.12 7.01 0.98
C THR H 148 2.94 8.09 2.05
N TYR H 149 2.99 7.71 3.32
CA TYR H 149 2.90 8.70 4.39
C TYR H 149 4.01 9.74 4.26
N ALA H 150 5.21 9.29 3.88
CA ALA H 150 6.35 10.18 3.77
C ALA H 150 6.24 11.10 2.56
N SER H 151 5.80 10.57 1.42
CA SER H 151 5.68 11.37 0.21
C SER H 151 4.72 12.53 0.43
N GLU H 152 3.52 12.26 0.93
CA GLU H 152 2.53 13.32 1.12
C GLU H 152 3.01 14.34 2.13
N LEU H 153 3.81 13.94 3.11
CA LEU H 153 4.34 14.90 4.07
C LEU H 153 5.30 15.87 3.39
N ILE H 154 6.20 15.36 2.55
CA ILE H 154 7.12 16.23 1.83
C ILE H 154 6.36 17.23 0.97
N GLU H 155 5.29 16.79 0.32
CA GLU H 155 4.49 17.69 -0.50
C GLU H 155 3.85 18.78 0.35
N ILE H 156 3.23 18.39 1.46
CA ILE H 156 2.52 19.35 2.30
C ILE H 156 3.49 20.29 2.98
N ILE H 157 4.52 19.74 3.63
CA ILE H 157 5.46 20.56 4.37
C ILE H 157 6.26 21.45 3.43
N GLY H 158 6.63 20.92 2.25
CA GLY H 158 7.45 21.68 1.32
C GLY H 158 6.79 22.98 0.88
N ASN H 159 5.47 22.96 0.68
CA ASN H 159 4.80 24.17 0.23
C ASN H 159 4.58 25.14 1.38
N ILE H 160 4.29 24.64 2.59
CA ILE H 160 4.19 25.53 3.74
C ILE H 160 5.52 26.21 3.98
N LYS H 161 6.62 25.47 3.88
CA LYS H 161 7.94 26.06 4.05
C LYS H 161 8.23 27.09 2.97
N LEU H 162 7.94 26.75 1.71
CA LEU H 162 8.15 27.69 0.62
C LEU H 162 7.30 28.95 0.81
N TRP H 163 6.05 28.77 1.25
CA TRP H 163 5.18 29.92 1.45
C TRP H 163 5.76 30.85 2.52
N ILE H 164 6.28 30.29 3.60
CA ILE H 164 6.90 31.10 4.63
C ILE H 164 8.16 31.77 4.11
N GLN H 165 8.93 31.04 3.28
CA GLN H 165 10.12 31.64 2.69
C GLN H 165 9.76 32.84 1.82
N LEU H 166 8.72 32.71 0.99
CA LEU H 166 8.29 33.83 0.16
C LEU H 166 7.74 34.99 0.98
N ASN H 167 7.43 34.77 2.25
CA ASN H 167 6.90 35.83 3.09
C ASN H 167 7.97 36.45 3.98
N VAL H 168 9.22 36.01 3.84
CA VAL H 168 10.30 36.64 4.61
C VAL H 168 10.62 38.00 4.01
N PRO H 169 10.66 39.05 4.81
CA PRO H 169 10.81 40.40 4.25
C PRO H 169 12.22 40.73 3.77
N ARG H 170 12.35 41.91 3.18
CA ARG H 170 13.66 42.45 2.83
C ARG H 170 14.57 42.53 4.04
N ILE H 171 15.84 42.19 3.83
CA ILE H 171 16.81 42.22 4.92
C ILE H 171 17.02 43.66 5.36
N GLU H 172 16.84 43.91 6.66
CA GLU H 172 16.97 45.24 7.23
C GLU H 172 17.76 45.17 8.52
N ASP H 173 18.23 46.34 8.98
CA ASP H 173 18.98 46.44 10.22
C ASP H 173 17.99 46.70 11.36
N GLY H 174 17.88 45.75 12.28
CA GLY H 174 17.03 45.94 13.44
C GLY H 174 15.57 45.68 13.14
N ASN H 175 14.80 45.54 14.22
CA ASN H 175 13.36 45.30 14.17
C ASN H 175 13.01 44.05 13.37
N ASN H 176 13.93 43.09 13.32
CA ASN H 176 13.63 41.82 12.66
C ASN H 176 13.73 40.64 13.64
N PHE H 177 13.03 40.74 14.76
CA PHE H 177 12.86 39.59 15.64
C PHE H 177 11.87 38.60 15.04
N GLY H 178 10.84 39.10 14.35
CA GLY H 178 9.87 38.22 13.75
C GLY H 178 10.43 37.36 12.63
N VAL H 179 11.46 37.85 11.93
CA VAL H 179 12.09 37.01 10.91
C VAL H 179 12.78 35.83 11.58
N GLY H 180 13.32 36.04 12.79
CA GLY H 180 13.89 34.92 13.52
C GLY H 180 12.85 33.86 13.82
N ILE H 181 11.63 34.29 14.14
CA ILE H 181 10.51 33.36 14.31
C ILE H 181 10.25 32.62 13.01
N GLN H 182 10.21 33.36 11.89
CA GLN H 182 10.03 32.73 10.59
C GLN H 182 11.14 31.73 10.30
N GLU H 183 12.39 32.11 10.56
CA GLU H 183 13.51 31.21 10.28
C GLU H 183 13.41 29.95 11.12
N GLU H 184 13.02 30.10 12.39
CA GLU H 184 12.83 28.94 13.26
C GLU H 184 11.78 28.01 12.69
N ALA H 185 10.69 28.58 12.16
CA ALA H 185 9.63 27.76 11.58
C ALA H 185 10.12 27.03 10.33
N ILE H 186 10.85 27.72 9.46
CA ILE H 186 11.38 27.09 8.25
C ILE H 186 12.36 25.97 8.63
N GLN H 187 13.17 26.21 9.66
CA GLN H 187 14.14 25.20 10.09
C GLN H 187 13.42 23.92 10.53
N GLU H 188 12.39 24.06 11.37
CA GLU H 188 11.68 22.88 11.84
C GLU H 188 10.95 22.17 10.71
N LEU H 189 10.37 22.93 9.79
CA LEU H 189 9.74 22.29 8.63
C LEU H 189 10.77 21.54 7.81
N ALA H 190 11.93 22.14 7.59
CA ALA H 190 12.96 21.48 6.80
C ALA H 190 13.53 20.27 7.53
N ARG H 191 13.63 20.34 8.86
CA ARG H 191 14.15 19.21 9.62
C ARG H 191 13.24 18.00 9.47
N VAL H 192 11.94 18.19 9.67
CA VAL H 192 10.99 17.09 9.52
C VAL H 192 10.98 16.59 8.08
N GLU H 193 11.00 17.52 7.13
CA GLU H 193 11.01 17.16 5.72
C GLU H 193 12.24 16.34 5.37
N GLU H 194 13.41 16.76 5.88
CA GLU H 194 14.64 16.02 5.66
C GLU H 194 14.56 14.62 6.27
N SER H 195 13.94 14.51 7.44
CA SER H 195 13.81 13.22 8.11
C SER H 195 13.00 12.24 7.27
N ALA H 196 11.88 12.69 6.72
CA ALA H 196 11.04 11.80 5.90
C ALA H 196 11.74 11.42 4.62
N PHE H 197 12.53 12.33 4.05
CA PHE H 197 13.20 12.08 2.79
C PHE H 197 14.16 10.91 2.88
N ASN H 198 14.78 10.72 4.04
CA ASN H 198 15.79 9.67 4.19
C ASN H 198 15.19 8.28 4.25
N LEU H 199 13.87 8.16 4.36
CA LEU H 199 13.27 6.84 4.48
C LEU H 199 13.44 6.04 3.21
N TYR H 200 13.40 6.71 2.04
CA TYR H 200 13.50 6.00 0.78
C TYR H 200 14.85 5.30 0.65
N ASP H 201 15.92 5.97 1.08
CA ASP H 201 17.25 5.38 0.98
C ASP H 201 17.44 4.26 2.00
N ALA H 202 16.89 4.44 3.21
CA ALA H 202 17.02 3.42 4.24
C ALA H 202 16.32 2.11 3.88
N ILE H 203 15.23 2.19 3.12
CA ILE H 203 14.48 0.98 2.79
C ILE H 203 15.28 0.10 1.85
N VAL H 204 16.03 0.70 0.92
CA VAL H 204 16.92 -0.08 0.07
C VAL H 204 17.94 -0.83 0.92
N LYS H 205 18.44 -0.18 1.97
CA LYS H 205 19.44 -0.83 2.82
C LYS H 205 18.86 -2.02 3.56
N TYR H 206 17.59 -1.94 3.95
CA TYR H 206 16.95 -3.08 4.61
C TYR H 206 17.03 -4.32 3.75
N TYR H 207 16.56 -4.23 2.51
CA TYR H 207 16.61 -5.39 1.62
C TYR H 207 18.04 -5.81 1.35
N MET H 208 18.93 -4.83 1.15
CA MET H 208 20.33 -5.17 0.90
C MET H 208 20.93 -5.88 2.10
N GLU H 209 20.66 -5.38 3.31
CA GLU H 209 21.21 -6.03 4.50
C GLU H 209 20.60 -7.42 4.69
N ARG H 210 19.29 -7.53 4.54
CA ARG H 210 18.64 -8.83 4.68
C ARG H 210 19.15 -9.81 3.65
N ALA H 211 19.43 -9.33 2.44
CA ALA H 211 19.93 -10.23 1.40
C ALA H 211 21.31 -10.77 1.75
N LYS H 212 22.17 -9.92 2.29
CA LYS H 212 23.51 -10.37 2.70
C LYS H 212 23.41 -11.45 3.77
N ILE H 213 22.59 -11.21 4.79
CA ILE H 213 22.42 -12.19 5.85
C ILE H 213 21.83 -13.49 5.30
N SER H 214 20.84 -13.37 4.42
CA SER H 214 20.26 -14.57 3.81
C SER H 214 21.29 -15.34 3.00
N THR H 215 22.22 -14.64 2.35
CA THR H 215 23.32 -15.31 1.65
C THR H 215 24.12 -16.19 2.58
N LYS H 216 24.38 -15.71 3.80
CA LYS H 216 25.15 -16.50 4.76
C LYS H 216 24.37 -17.71 5.23
N VAL H 217 23.05 -17.57 5.39
CA VAL H 217 22.22 -18.70 5.80
C VAL H 217 22.31 -19.82 4.78
N LEU H 218 22.39 -19.48 3.50
CA LEU H 218 22.53 -20.54 2.50
C LEU H 218 23.89 -21.22 2.61
N LYS H 219 24.95 -20.47 2.94
CA LYS H 219 26.27 -21.06 3.05
C LYS H 219 26.44 -21.85 4.34
N TYR H 220 25.86 -21.36 5.43
CA TYR H 220 25.97 -21.98 6.75
C TYR H 220 24.57 -22.19 7.31
N PRO H 221 23.83 -23.16 6.76
CA PRO H 221 22.43 -23.34 7.19
C PRO H 221 22.26 -23.86 8.61
N ASN H 222 23.30 -24.39 9.23
CA ASN H 222 23.20 -24.83 10.62
C ASN H 222 23.80 -23.84 11.61
N VAL H 223 24.63 -22.90 11.16
CA VAL H 223 25.04 -21.81 12.04
C VAL H 223 23.78 -21.00 12.31
N SER H 224 23.17 -21.23 13.48
CA SER H 224 21.85 -20.68 13.75
C SER H 224 21.85 -19.17 13.96
N ASP H 225 22.99 -18.58 14.32
CA ASP H 225 23.01 -17.15 14.58
C ASP H 225 22.73 -16.34 13.32
N TYR H 226 23.10 -16.85 12.14
CA TYR H 226 22.73 -16.15 10.91
C TYR H 226 21.23 -16.12 10.72
N GLN H 227 20.54 -17.20 11.11
CA GLN H 227 19.09 -17.20 11.01
C GLN H 227 18.46 -16.28 12.06
N GLU H 228 19.04 -16.24 13.26
CA GLU H 228 18.57 -15.30 14.27
C GLU H 228 18.78 -13.86 13.84
N ALA H 229 19.86 -13.60 13.10
CA ALA H 229 20.09 -12.24 12.60
C ALA H 229 19.01 -11.83 11.62
N VAL H 230 18.58 -12.75 10.76
CA VAL H 230 17.47 -12.47 9.86
C VAL H 230 16.21 -12.14 10.66
N ARG H 231 15.88 -12.99 11.64
CA ARG H 231 14.75 -12.72 12.49
C ARG H 231 14.90 -11.37 13.18
N GLU H 232 16.08 -11.10 13.74
CA GLU H 232 16.28 -9.87 14.47
C GLU H 232 16.19 -8.66 13.55
N LEU H 233 16.71 -8.78 12.32
CA LEU H 233 16.63 -7.68 11.37
C LEU H 233 15.17 -7.34 11.06
N ASP H 234 14.35 -8.36 10.83
CA ASP H 234 12.94 -8.13 10.54
C ASP H 234 12.23 -7.48 11.73
N GLU H 235 12.52 -7.96 12.94
CA GLU H 235 11.89 -7.37 14.13
C GLU H 235 12.29 -5.91 14.29
N LYS H 236 13.54 -5.58 13.98
CA LYS H 236 13.98 -4.20 14.07
C LYS H 236 13.23 -3.33 13.07
N GLU H 237 13.12 -3.79 11.82
CA GLU H 237 12.41 -3.01 10.81
C GLU H 237 10.95 -2.82 11.19
N TRP H 238 10.35 -3.86 11.78
CA TRP H 238 8.95 -3.77 12.23
C TRP H 238 8.79 -2.67 13.27
N ILE H 239 9.70 -2.61 14.24
CA ILE H 239 9.65 -1.55 15.24
C ILE H 239 9.92 -0.18 14.61
N HIS H 240 10.91 -0.10 13.73
CA HIS H 240 11.22 1.18 13.09
C HIS H 240 10.02 1.71 12.34
N ILE H 241 9.27 0.81 11.70
CA ILE H 241 8.07 1.19 10.96
C ILE H 241 7.07 1.87 11.90
N LYS H 242 6.83 1.27 13.06
CA LYS H 242 5.83 1.81 13.98
C LYS H 242 6.30 3.12 14.59
N ILE H 243 7.58 3.22 14.92
CA ILE H 243 8.11 4.49 15.43
C ILE H 243 7.98 5.57 14.39
N THR H 244 8.16 5.20 13.12
CA THR H 244 7.97 6.16 12.03
C THR H 244 6.53 6.68 11.99
N ILE H 245 5.55 5.80 12.19
CA ILE H 245 4.16 6.24 12.18
C ILE H 245 3.90 7.20 13.33
N VAL H 246 4.43 6.90 14.52
CA VAL H 246 4.27 7.80 15.66
C VAL H 246 4.95 9.13 15.38
N ASP H 247 6.12 9.10 14.75
CA ASP H 247 6.80 10.34 14.41
C ASP H 247 5.95 11.20 13.48
N MET H 248 5.23 10.56 12.56
CA MET H 248 4.28 11.27 11.71
C MET H 248 3.23 11.98 12.56
N ARG H 249 2.51 11.20 13.38
CA ARG H 249 1.50 11.78 14.27
C ARG H 249 2.07 12.95 15.06
N ASN H 250 3.23 12.74 15.70
CA ASN H 250 3.79 13.77 16.55
C ASN H 250 4.33 14.94 15.73
N ASN H 251 4.93 14.68 14.56
CA ASN H 251 5.45 15.78 13.76
C ASN H 251 4.33 16.64 13.20
N TYR H 252 3.26 16.01 12.73
CA TYR H 252 2.14 16.80 12.22
C TYR H 252 1.58 17.70 13.31
N ILE H 253 1.58 17.22 14.56
CA ILE H 253 0.98 17.97 15.64
C ILE H 253 1.87 19.13 16.06
N MET H 254 3.16 18.85 16.31
CA MET H 254 4.03 19.93 16.77
C MET H 254 4.20 20.99 15.70
N LEU H 255 4.21 20.59 14.42
CA LEU H 255 4.28 21.58 13.36
C LEU H 255 3.02 22.43 13.35
N TYR H 256 1.86 21.77 13.48
CA TYR H 256 0.61 22.50 13.55
C TYR H 256 0.57 23.38 14.78
N ASP H 257 0.94 22.83 15.94
CA ASP H 257 0.96 23.62 17.17
C ASP H 257 1.96 24.76 17.08
N LEU H 258 3.11 24.51 16.45
CA LEU H 258 4.12 25.56 16.33
C LEU H 258 3.64 26.69 15.43
N LEU H 259 3.10 26.35 14.26
CA LEU H 259 2.64 27.39 13.33
C LEU H 259 1.44 28.14 13.89
N TYR H 260 0.50 27.43 14.52
CA TYR H 260 -0.70 28.07 15.04
C TYR H 260 -0.35 29.13 16.08
N LYS H 261 0.55 28.79 17.01
CA LYS H 261 0.89 29.71 18.09
C LYS H 261 1.60 30.95 17.57
N ASN H 262 2.47 30.80 16.57
CA ASN H 262 3.27 31.90 16.06
C ASN H 262 2.73 32.42 14.73
N TRP H 263 1.44 32.23 14.47
CA TRP H 263 0.90 32.53 13.16
C TRP H 263 0.98 34.02 12.86
N GLU H 264 0.79 34.87 13.87
CA GLU H 264 0.78 36.31 13.64
C GLU H 264 2.12 36.80 13.13
N LYS H 265 3.23 36.29 13.70
CA LYS H 265 4.55 36.69 13.24
C LYS H 265 4.99 35.95 11.99
N VAL H 266 4.45 34.77 11.72
CA VAL H 266 4.82 34.06 10.49
C VAL H 266 4.26 34.80 9.28
N VAL H 267 3.09 35.40 9.43
CA VAL H 267 2.46 36.14 8.33
C VAL H 267 2.95 37.59 8.29
N LYS H 268 2.98 38.25 9.44
CA LYS H 268 3.35 39.66 9.55
C LYS H 268 4.54 39.81 10.49
N PRO H 269 5.76 39.62 10.00
CA PRO H 269 6.93 39.67 10.90
C PRO H 269 7.33 41.08 11.31
N LYS H 270 6.67 42.11 10.83
CA LYS H 270 7.07 43.48 11.14
C LYS H 270 5.85 44.37 11.38
N LEU I 6 -3.24 35.96 -2.73
CA LEU I 6 -1.90 36.26 -2.26
C LEU I 6 -2.01 37.03 -0.95
N ASN I 7 -3.18 37.64 -0.72
CA ASN I 7 -3.43 38.39 0.50
C ASN I 7 -4.94 38.43 0.73
N LYS I 8 -5.42 37.58 1.64
CA LYS I 8 -6.85 37.49 1.93
C LYS I 8 -7.12 37.36 3.44
N ILE I 9 -7.51 36.15 3.87
CA ILE I 9 -7.84 35.87 5.26
C ILE I 9 -6.71 35.03 5.87
N ASP I 10 -6.42 35.28 7.15
CA ASP I 10 -5.22 34.77 7.82
C ASP I 10 -5.54 34.15 9.18
N LYS I 11 -6.62 33.38 9.27
CA LYS I 11 -6.86 32.54 10.44
C LYS I 11 -6.91 31.10 9.97
N ILE I 12 -6.38 30.19 10.79
CA ILE I 12 -6.24 28.81 10.35
C ILE I 12 -6.82 27.86 11.38
N GLU I 13 -7.89 28.29 12.04
CA GLU I 13 -8.66 27.39 12.86
C GLU I 13 -9.39 26.38 11.98
N PRO I 14 -9.52 25.13 12.43
CA PRO I 14 -10.17 24.11 11.60
C PRO I 14 -11.60 24.50 11.24
N SER I 15 -11.98 24.23 9.99
CA SER I 15 -13.31 24.62 9.54
C SER I 15 -14.38 23.73 10.17
N ASP I 16 -14.13 22.43 10.22
CA ASP I 16 -15.05 21.46 10.81
C ASP I 16 -14.96 21.51 12.33
N GLN I 17 -16.08 21.83 12.99
CA GLN I 17 -16.05 21.99 14.44
C GLN I 17 -15.79 20.67 15.18
N LYS I 18 -16.21 19.54 14.63
CA LYS I 18 -15.93 18.26 15.27
C LYS I 18 -14.43 17.97 15.29
N ILE I 19 -13.70 18.39 14.26
CA ILE I 19 -12.26 18.19 14.24
C ILE I 19 -11.61 18.98 15.37
N LYS I 20 -12.10 20.20 15.60
CA LYS I 20 -11.57 21.02 16.69
C LYS I 20 -11.73 20.31 18.03
N GLU I 21 -12.80 19.54 18.20
CA GLU I 21 -12.99 18.83 19.47
C GLU I 21 -11.99 17.69 19.64
N GLU I 22 -11.83 16.84 18.62
CA GLU I 22 -10.87 15.75 18.75
C GLU I 22 -9.45 16.26 18.94
N TYR I 23 -9.10 17.37 18.30
CA TYR I 23 -7.74 17.89 18.47
C TYR I 23 -7.52 18.34 19.90
N ASN I 24 -8.48 19.06 20.48
CA ASN I 24 -8.35 19.44 21.88
C ASN I 24 -8.40 18.21 22.79
N LYS I 25 -9.26 17.24 22.47
CA LYS I 25 -9.28 15.99 23.23
C LYS I 25 -7.93 15.29 23.14
N PHE I 26 -7.29 15.34 21.98
CA PHE I 26 -5.99 14.70 21.82
C PHE I 26 -4.98 15.32 22.78
N LYS I 27 -4.97 16.65 22.87
CA LYS I 27 -4.06 17.33 23.78
C LYS I 27 -4.34 16.96 25.22
N TYR I 28 -5.62 16.81 25.56
CA TYR I 28 -5.99 16.34 26.90
C TYR I 28 -5.51 14.91 27.13
N ASP I 29 -5.74 14.03 26.15
CA ASP I 29 -5.35 12.63 26.31
C ASP I 29 -3.83 12.51 26.45
N ILE I 30 -3.09 13.34 25.73
CA ILE I 30 -1.63 13.36 25.89
C ILE I 30 -1.27 13.73 27.32
N THR I 31 -1.78 14.88 27.77
CA THR I 31 -1.49 15.36 29.11
C THR I 31 -1.79 14.31 30.16
N LYS I 32 -2.91 13.61 30.03
CA LYS I 32 -3.22 12.55 30.98
C LYS I 32 -2.14 11.48 30.96
N GLN I 33 -1.75 11.02 29.76
CA GLN I 33 -0.75 9.95 29.67
C GLN I 33 0.59 10.38 30.25
N ALA I 34 1.01 11.61 29.96
CA ALA I 34 2.30 12.09 30.45
C ALA I 34 2.34 12.11 31.97
N ILE I 35 1.29 12.67 32.58
CA ILE I 35 1.22 12.72 34.04
C ILE I 35 1.19 11.31 34.61
N GLU I 36 0.43 10.41 33.98
CA GLU I 36 0.38 9.03 34.44
C GLU I 36 1.76 8.38 34.41
N SER I 37 2.54 8.65 33.36
CA SER I 37 3.88 8.07 33.28
C SER I 37 4.79 8.65 34.35
N LEU I 38 4.68 9.95 34.62
CA LEU I 38 5.54 10.56 35.61
C LEU I 38 5.12 10.17 37.01
N ARG I 39 3.82 10.01 37.25
CA ARG I 39 3.32 9.68 38.57
C ARG I 39 3.36 8.20 38.87
N GLU I 40 3.25 7.34 37.84
CA GLU I 40 3.17 5.91 38.09
C GLU I 40 4.17 5.10 37.29
N ARG I 41 4.12 5.21 35.97
CA ARG I 41 4.82 4.26 35.09
C ARG I 41 6.33 4.33 35.27
N ILE I 42 6.89 5.54 35.29
CA ILE I 42 8.34 5.71 35.35
C ILE I 42 8.84 5.35 36.75
N PRO I 43 8.26 5.88 37.83
CA PRO I 43 8.70 5.42 39.16
C PRO I 43 8.61 3.91 39.32
N LYS I 44 7.52 3.31 38.83
CA LYS I 44 7.36 1.86 38.91
C LYS I 44 8.49 1.14 38.18
N ARG I 45 8.92 1.67 37.03
CA ARG I 45 9.99 1.01 36.28
C ARG I 45 11.35 1.22 36.91
N ILE I 46 11.56 2.37 37.56
CA ILE I 46 12.81 2.60 38.28
C ILE I 46 13.04 1.52 39.34
N ILE I 47 12.02 1.26 40.16
CA ILE I 47 12.15 0.23 41.19
C ILE I 47 12.34 -1.14 40.55
N PHE I 48 11.63 -1.42 39.45
CA PHE I 48 11.72 -2.74 38.83
C PHE I 48 13.14 -3.03 38.38
N PHE I 49 13.74 -2.13 37.60
CA PHE I 49 15.09 -2.36 37.10
C PHE I 49 16.08 -2.43 38.26
N ASN I 50 15.86 -1.66 39.32
CA ASN I 50 16.74 -1.76 40.48
C ASN I 50 16.70 -3.15 41.09
N ASN I 51 15.53 -3.81 41.08
CA ASN I 51 15.49 -5.17 41.57
C ASN I 51 16.35 -6.10 40.73
N LEU I 52 16.66 -5.71 39.50
CA LEU I 52 17.50 -6.51 38.63
C LEU I 52 18.98 -6.19 38.81
N VAL I 53 19.31 -4.94 39.11
CA VAL I 53 20.69 -4.53 39.36
C VAL I 53 20.71 -3.67 40.62
N ASN I 54 20.56 -4.29 41.78
CA ASN I 54 20.28 -3.52 42.99
C ASN I 54 21.50 -2.70 43.43
N VAL I 55 21.25 -1.43 43.75
CA VAL I 55 22.32 -0.52 44.15
C VAL I 55 22.96 -0.99 45.44
N ASN I 56 22.22 -1.70 46.28
CA ASN I 56 22.75 -2.16 47.56
C ASN I 56 23.64 -3.39 47.44
N SER I 57 23.81 -3.92 46.23
CA SER I 57 24.64 -5.10 46.02
C SER I 57 26.10 -4.81 46.33
N GLU I 58 26.80 -5.84 46.82
CA GLU I 58 28.22 -5.71 47.05
C GLU I 58 28.96 -5.61 45.71
N PRO I 59 30.13 -4.95 45.69
CA PRO I 59 30.80 -4.69 44.40
C PRO I 59 31.14 -5.96 43.63
N GLY I 60 30.86 -5.93 42.33
CA GLY I 60 31.07 -7.09 41.50
C GLY I 60 29.92 -8.07 41.45
N SER I 61 28.93 -7.91 42.32
CA SER I 61 27.77 -8.80 42.33
C SER I 61 26.76 -8.48 41.24
N ILE I 62 26.84 -7.31 40.61
CA ILE I 62 25.96 -6.95 39.51
C ILE I 62 26.63 -7.29 38.20
N LEU I 63 27.72 -6.57 37.90
CA LEU I 63 28.41 -6.71 36.62
C LEU I 63 29.35 -7.92 36.68
N ASN I 64 28.73 -9.10 36.73
CA ASN I 64 29.52 -10.33 36.68
C ASN I 64 28.96 -11.24 35.60
N VAL I 65 29.45 -12.47 35.56
CA VAL I 65 29.12 -13.38 34.48
C VAL I 65 28.90 -14.77 35.08
N ASN I 66 28.65 -14.81 36.40
CA ASN I 66 28.60 -16.09 37.11
C ASN I 66 27.41 -16.94 36.70
N ASP I 67 26.28 -16.33 36.38
CA ASP I 67 25.09 -17.08 35.98
C ASP I 67 25.00 -17.30 34.47
N LEU I 68 26.08 -17.03 33.73
CA LEU I 68 26.08 -17.20 32.29
C LEU I 68 26.55 -18.59 31.92
N ASP I 69 25.69 -19.35 31.24
CA ASP I 69 26.02 -20.68 30.75
C ASP I 69 27.05 -20.55 29.64
N GLY I 70 28.27 -21.02 29.89
CA GLY I 70 29.32 -20.89 28.90
C GLY I 70 29.69 -22.20 28.24
N VAL I 71 28.82 -23.20 28.35
CA VAL I 71 29.19 -24.53 27.87
C VAL I 71 28.08 -25.13 27.01
N SER I 72 26.82 -24.79 27.27
CA SER I 72 25.72 -25.44 26.57
C SER I 72 25.64 -25.05 25.11
N TYR I 73 26.14 -23.87 24.75
CA TYR I 73 25.91 -23.33 23.42
C TYR I 73 27.20 -23.07 22.65
N LYS I 74 28.29 -23.73 23.03
CA LYS I 74 29.52 -23.65 22.26
C LYS I 74 29.50 -24.73 21.18
N TYR I 75 30.45 -24.65 20.26
CA TYR I 75 30.43 -25.54 19.11
C TYR I 75 30.66 -27.00 19.50
N LYS I 76 29.80 -27.88 18.98
CA LYS I 76 29.85 -29.32 19.24
C LYS I 76 30.26 -30.02 17.96
N ILE I 77 31.41 -30.69 17.98
CA ILE I 77 31.88 -31.39 16.78
C ILE I 77 31.16 -32.73 16.63
N GLY I 108 14.70 -23.70 20.25
CA GLY I 108 15.82 -23.99 19.38
C GLY I 108 15.43 -24.17 17.93
N HIS I 109 16.43 -24.31 17.06
CA HIS I 109 16.19 -24.48 15.64
C HIS I 109 16.14 -25.96 15.27
N VAL I 110 15.87 -26.20 13.99
CA VAL I 110 15.88 -27.55 13.42
C VAL I 110 17.20 -27.74 12.68
N LYS I 111 17.82 -28.89 12.88
CA LYS I 111 19.06 -29.21 12.19
C LYS I 111 18.75 -29.65 10.77
N HIS I 112 19.53 -29.15 9.82
CA HIS I 112 19.28 -29.36 8.41
C HIS I 112 20.41 -30.18 7.80
N PHE I 113 20.08 -30.85 6.70
CA PHE I 113 21.02 -31.74 6.01
C PHE I 113 21.51 -32.79 7.01
N SER I 114 20.55 -33.48 7.62
CA SER I 114 20.85 -34.37 8.74
C SER I 114 21.61 -35.61 8.30
N ASN I 115 21.62 -35.91 7.00
CA ASN I 115 22.30 -37.12 6.55
C ASN I 115 23.81 -36.95 6.58
N ASN I 116 24.30 -35.78 6.15
CA ASN I 116 25.71 -35.47 6.14
C ASN I 116 25.95 -34.40 7.22
N GLU I 117 26.54 -34.80 8.33
CA GLU I 117 26.81 -33.89 9.44
C GLU I 117 28.26 -33.46 9.45
N ASP I 118 28.47 -32.17 9.71
CA ASP I 118 29.81 -31.57 9.81
C ASP I 118 30.70 -31.98 8.63
N SER I 119 30.29 -31.48 7.46
CA SER I 119 30.95 -31.77 6.20
C SER I 119 30.76 -30.58 5.28
N LYS I 120 31.49 -30.58 4.18
CA LYS I 120 31.34 -29.54 3.16
C LYS I 120 30.63 -30.12 1.96
N LEU I 121 29.60 -29.43 1.49
CA LEU I 121 28.75 -29.90 0.42
C LEU I 121 28.72 -28.90 -0.72
N ILE I 122 28.18 -29.33 -1.86
CA ILE I 122 27.99 -28.49 -3.03
C ILE I 122 26.51 -28.61 -3.39
N ILE I 123 25.73 -27.58 -3.06
CA ILE I 123 24.28 -27.57 -3.28
C ILE I 123 23.95 -26.32 -4.07
N ASP I 124 23.18 -26.49 -5.16
CA ASP I 124 22.87 -25.41 -6.09
C ASP I 124 24.14 -24.76 -6.63
N ASP I 125 25.14 -25.59 -6.93
CA ASP I 125 26.43 -25.22 -7.48
C ASP I 125 27.26 -24.34 -6.53
N LYS I 126 26.84 -24.17 -5.29
CA LYS I 126 27.59 -23.37 -4.32
C LYS I 126 28.00 -24.25 -3.15
N VAL I 127 28.91 -23.73 -2.32
CA VAL I 127 29.48 -24.44 -1.19
C VAL I 127 28.60 -24.24 0.04
N LEU I 128 28.56 -25.27 0.90
CA LEU I 128 27.67 -25.34 2.04
C LEU I 128 28.37 -26.04 3.19
N TYR I 129 28.20 -25.52 4.40
CA TYR I 129 28.78 -26.09 5.62
C TYR I 129 27.66 -26.59 6.53
N THR I 130 27.42 -27.91 6.51
CA THR I 130 26.37 -28.48 7.34
C THR I 130 26.64 -28.36 8.84
N HIS I 131 27.92 -28.23 9.22
CA HIS I 131 28.37 -27.96 10.60
C HIS I 131 27.31 -27.25 11.44
N TYR I 132 27.02 -27.75 12.63
CA TYR I 132 25.99 -27.19 13.50
C TYR I 132 26.62 -26.39 14.64
N VAL I 133 26.13 -25.16 14.82
CA VAL I 133 26.59 -24.25 15.86
C VAL I 133 25.39 -23.55 16.49
N PRO I 134 25.03 -23.86 17.74
CA PRO I 134 23.78 -23.33 18.30
C PRO I 134 23.91 -21.89 18.77
N SER I 135 22.76 -21.25 18.94
CA SER I 135 22.68 -19.91 19.49
C SER I 135 22.62 -19.97 21.00
N HIS I 136 22.91 -18.84 21.64
CA HIS I 136 22.92 -18.76 23.10
C HIS I 136 21.50 -18.47 23.57
N LYS I 137 20.73 -19.52 23.86
CA LYS I 137 19.34 -19.34 24.24
C LYS I 137 19.20 -18.48 25.50
N GLN I 138 20.16 -18.56 26.41
CA GLN I 138 20.08 -17.76 27.63
C GLN I 138 20.20 -16.28 27.33
N ILE I 139 21.15 -15.89 26.49
CA ILE I 139 21.28 -14.49 26.10
C ILE I 139 20.08 -14.08 25.28
N TYR I 140 19.58 -14.98 24.43
CA TYR I 140 18.39 -14.69 23.63
C TYR I 140 17.23 -14.28 24.51
N LEU I 141 16.96 -15.04 25.58
CA LEU I 141 15.83 -14.73 26.45
C LEU I 141 16.01 -13.37 27.12
N GLU I 142 17.24 -13.04 27.52
CA GLU I 142 17.47 -11.75 28.15
C GLU I 142 17.37 -10.62 27.14
N LEU I 143 17.83 -10.87 25.92
CA LEU I 143 17.75 -9.84 24.88
C LEU I 143 16.30 -9.53 24.53
N GLU I 144 15.43 -10.53 24.55
CA GLU I 144 14.02 -10.26 24.30
C GLU I 144 13.46 -9.30 25.33
N LYS I 145 13.82 -9.49 26.61
CA LYS I 145 13.35 -8.58 27.64
C LYS I 145 13.91 -7.18 27.44
N ILE I 146 15.17 -7.08 27.00
CA ILE I 146 15.76 -5.76 26.78
C ILE I 146 14.94 -4.98 25.78
N LYS I 147 14.53 -5.64 24.69
CA LYS I 147 13.75 -4.95 23.66
C LYS I 147 12.41 -4.47 24.19
N THR I 148 11.77 -5.26 25.06
CA THR I 148 10.51 -4.81 25.66
C THR I 148 10.73 -3.59 26.56
N TYR I 149 11.78 -3.63 27.38
CA TYR I 149 12.12 -2.47 28.19
C TYR I 149 12.38 -1.26 27.30
N ALA I 150 13.02 -1.49 26.16
CA ALA I 150 13.36 -0.40 25.26
C ALA I 150 12.11 0.15 24.57
N SER I 151 11.22 -0.74 24.12
CA SER I 151 10.00 -0.29 23.46
C SER I 151 9.16 0.57 24.38
N GLU I 152 8.89 0.07 25.59
CA GLU I 152 8.05 0.81 26.53
C GLU I 152 8.69 2.14 26.88
N LEU I 153 10.03 2.21 26.89
CA LEU I 153 10.70 3.48 27.15
C LEU I 153 10.41 4.48 26.04
N ILE I 154 10.57 4.04 24.78
CA ILE I 154 10.31 4.93 23.64
C ILE I 154 8.87 5.42 23.66
N GLU I 155 7.92 4.54 23.97
CA GLU I 155 6.53 4.96 24.03
C GLU I 155 6.30 6.01 25.12
N ILE I 156 6.82 5.76 26.32
CA ILE I 156 6.59 6.68 27.44
C ILE I 156 7.28 8.01 27.20
N ILE I 157 8.56 7.98 26.84
CA ILE I 157 9.32 9.23 26.72
C ILE I 157 8.79 10.08 25.59
N GLY I 158 8.37 9.45 24.49
CA GLY I 158 7.90 10.20 23.34
C GLY I 158 6.68 11.07 23.66
N ASN I 159 5.78 10.55 24.49
CA ASN I 159 4.60 11.33 24.83
C ASN I 159 4.92 12.45 25.80
N ILE I 160 5.84 12.19 26.74
CA ILE I 160 6.30 13.25 27.63
C ILE I 160 6.98 14.35 26.82
N LYS I 161 7.80 13.97 25.85
CA LYS I 161 8.46 14.97 25.02
C LYS I 161 7.47 15.76 24.20
N LEU I 162 6.52 15.08 23.55
CA LEU I 162 5.50 15.78 22.78
C LEU I 162 4.70 16.71 23.66
N TRP I 163 4.36 16.27 24.87
CA TRP I 163 3.59 17.08 25.78
C TRP I 163 4.32 18.38 26.14
N ILE I 164 5.62 18.29 26.38
CA ILE I 164 6.38 19.50 26.69
C ILE I 164 6.44 20.40 25.45
N GLN I 165 6.63 19.81 24.27
CA GLN I 165 6.65 20.61 23.05
C GLN I 165 5.33 21.34 22.86
N LEU I 166 4.21 20.65 23.09
CA LEU I 166 2.91 21.30 23.00
C LEU I 166 2.72 22.37 24.06
N ASN I 167 3.56 22.37 25.09
CA ASN I 167 3.46 23.34 26.16
C ASN I 167 4.48 24.45 26.02
N VAL I 168 5.26 24.46 24.96
CA VAL I 168 6.20 25.56 24.71
C VAL I 168 5.40 26.76 24.21
N PRO I 169 5.55 27.94 24.82
CA PRO I 169 4.67 29.06 24.48
C PRO I 169 5.03 29.69 23.14
N ARG I 170 4.18 30.64 22.73
CA ARG I 170 4.49 31.46 21.56
C ARG I 170 5.82 32.16 21.75
N ILE I 171 6.60 32.25 20.67
CA ILE I 171 7.89 32.90 20.75
C ILE I 171 7.69 34.37 21.05
N GLU I 172 8.34 34.85 22.11
CA GLU I 172 8.30 36.26 22.49
C GLU I 172 9.72 36.70 22.83
N ASP I 173 9.92 38.01 22.85
CA ASP I 173 11.22 38.59 23.13
C ASP I 173 11.34 38.82 24.63
N GLY I 174 12.30 38.16 25.26
CA GLY I 174 12.54 38.31 26.67
C GLY I 174 11.64 37.43 27.52
N ASN I 175 12.03 37.27 28.78
CA ASN I 175 11.33 36.42 29.75
C ASN I 175 11.19 34.99 29.24
N ASN I 176 12.16 34.53 28.45
CA ASN I 176 12.09 33.15 28.01
C ASN I 176 13.29 32.37 28.56
N PHE I 177 13.53 32.52 29.86
CA PHE I 177 14.46 31.64 30.56
C PHE I 177 13.81 30.29 30.83
N GLY I 178 12.51 30.30 31.14
CA GLY I 178 11.82 29.05 31.38
C GLY I 178 11.69 28.18 30.15
N VAL I 179 11.64 28.78 28.96
CA VAL I 179 11.60 27.98 27.75
C VAL I 179 12.92 27.24 27.56
N GLY I 180 14.03 27.83 27.99
CA GLY I 180 15.31 27.13 27.92
C GLY I 180 15.30 25.85 28.73
N ILE I 181 14.65 25.89 29.90
CA ILE I 181 14.47 24.69 30.69
C ILE I 181 13.65 23.67 29.92
N GLN I 182 12.56 24.11 29.28
CA GLN I 182 11.78 23.23 28.44
C GLN I 182 12.64 22.62 27.33
N GLU I 183 13.45 23.44 26.67
CA GLU I 183 14.30 22.94 25.60
C GLU I 183 15.31 21.93 26.13
N GLU I 184 15.92 22.22 27.28
CA GLU I 184 16.83 21.26 27.90
C GLU I 184 16.11 19.96 28.22
N ALA I 185 14.86 20.06 28.70
CA ALA I 185 14.09 18.86 29.00
C ALA I 185 13.81 18.08 27.73
N ILE I 186 13.40 18.76 26.66
CA ILE I 186 13.14 18.08 25.40
C ILE I 186 14.41 17.42 24.86
N GLN I 187 15.55 18.11 24.97
CA GLN I 187 16.80 17.54 24.49
C GLN I 187 17.15 16.26 25.23
N GLU I 188 17.09 16.30 26.56
CA GLU I 188 17.46 15.13 27.35
C GLU I 188 16.46 14.00 27.12
N LEU I 189 15.18 14.32 26.98
CA LEU I 189 14.20 13.28 26.65
C LEU I 189 14.53 12.65 25.31
N ALA I 190 14.89 13.46 24.31
CA ALA I 190 15.21 12.93 22.99
C ALA I 190 16.50 12.11 23.01
N ARG I 191 17.47 12.52 23.83
CA ARG I 191 18.71 11.75 23.92
C ARG I 191 18.44 10.34 24.43
N VAL I 192 17.66 10.23 25.52
CA VAL I 192 17.32 8.94 26.08
C VAL I 192 16.53 8.12 25.07
N GLU I 193 15.61 8.75 24.36
CA GLU I 193 14.79 8.03 23.40
C GLU I 193 15.64 7.44 22.29
N GLU I 194 16.54 8.24 21.72
CA GLU I 194 17.42 7.72 20.66
C GLU I 194 18.37 6.68 21.21
N SER I 195 18.84 6.87 22.46
CA SER I 195 19.73 5.88 23.06
C SER I 195 19.07 4.52 23.14
N ALA I 196 17.82 4.48 23.57
CA ALA I 196 17.09 3.21 23.62
C ALA I 196 16.83 2.67 22.22
N PHE I 197 16.63 3.57 21.26
CA PHE I 197 16.29 3.18 19.89
C PHE I 197 17.42 2.38 19.24
N ASN I 198 18.68 2.71 19.57
CA ASN I 198 19.83 2.07 18.97
C ASN I 198 20.09 0.66 19.47
N LEU I 199 19.37 0.20 20.49
CA LEU I 199 19.61 -1.13 21.03
C LEU I 199 19.27 -2.21 20.01
N TYR I 200 18.23 -1.97 19.20
CA TYR I 200 17.81 -2.97 18.23
C TYR I 200 18.92 -3.25 17.22
N ASP I 201 19.64 -2.21 16.80
CA ASP I 201 20.73 -2.43 15.86
C ASP I 201 21.87 -3.20 16.51
N ALA I 202 22.14 -2.90 17.78
CA ALA I 202 23.22 -3.59 18.48
C ALA I 202 22.92 -5.08 18.62
N ILE I 203 21.65 -5.44 18.75
CA ILE I 203 21.30 -6.84 18.94
C ILE I 203 21.52 -7.63 17.65
N VAL I 204 21.18 -7.03 16.51
CA VAL I 204 21.47 -7.68 15.23
C VAL I 204 22.97 -7.88 15.07
N LYS I 205 23.76 -6.91 15.51
CA LYS I 205 25.21 -7.02 15.38
C LYS I 205 25.77 -8.13 16.25
N TYR I 206 25.18 -8.36 17.42
CA TYR I 206 25.59 -9.47 18.27
C TYR I 206 25.49 -10.78 17.51
N TYR I 207 24.31 -11.07 16.96
CA TYR I 207 24.12 -12.31 16.22
C TYR I 207 25.01 -12.36 14.98
N MET I 208 25.12 -11.24 14.26
CA MET I 208 25.98 -11.23 13.08
C MET I 208 27.43 -11.47 13.46
N GLU I 209 27.92 -10.84 14.53
CA GLU I 209 29.30 -11.06 14.94
C GLU I 209 29.51 -12.47 15.45
N ARG I 210 28.59 -12.98 16.27
CA ARG I 210 28.74 -14.34 16.78
C ARG I 210 28.72 -15.35 15.64
N ALA I 211 27.92 -15.10 14.60
CA ALA I 211 27.87 -16.02 13.49
C ALA I 211 29.18 -16.02 12.72
N LYS I 212 29.77 -14.84 12.50
CA LYS I 212 31.03 -14.76 11.78
C LYS I 212 32.12 -15.50 12.52
N ILE I 213 32.24 -15.28 13.84
CA ILE I 213 33.26 -15.99 14.60
C ILE I 213 33.02 -17.49 14.56
N SER I 214 31.76 -17.91 14.70
CA SER I 214 31.45 -19.33 14.64
C SER I 214 31.86 -19.91 13.29
N THR I 215 31.71 -19.13 12.24
CA THR I 215 32.19 -19.53 10.91
C THR I 215 33.69 -19.80 10.94
N LYS I 216 34.45 -18.97 11.66
CA LYS I 216 35.89 -19.15 11.71
C LYS I 216 36.27 -20.41 12.47
N VAL I 217 35.53 -20.72 13.55
CA VAL I 217 35.78 -21.94 14.31
C VAL I 217 35.59 -23.15 13.42
N LEU I 218 34.60 -23.10 12.52
CA LEU I 218 34.40 -24.21 11.58
C LEU I 218 35.54 -24.28 10.57
N LYS I 219 36.03 -23.12 10.12
CA LYS I 219 37.11 -23.11 9.14
C LYS I 219 38.44 -23.43 9.79
N TYR I 220 38.68 -22.93 11.00
CA TYR I 220 39.95 -23.12 11.71
C TYR I 220 39.67 -23.69 13.10
N PRO I 221 39.29 -24.97 13.18
CA PRO I 221 39.02 -25.56 14.50
C PRO I 221 40.24 -25.70 15.39
N ASN I 222 41.44 -25.44 14.86
CA ASN I 222 42.64 -25.51 15.70
C ASN I 222 43.01 -24.16 16.30
N VAL I 223 42.63 -23.06 15.65
CA VAL I 223 42.86 -21.74 16.21
C VAL I 223 41.96 -21.53 17.42
N SER I 224 42.52 -21.67 18.62
CA SER I 224 41.73 -21.65 19.84
C SER I 224 41.19 -20.27 20.14
N ASP I 225 41.83 -19.22 19.64
CA ASP I 225 41.39 -17.86 19.93
C ASP I 225 40.04 -17.55 19.31
N TYR I 226 39.71 -18.20 18.19
CA TYR I 226 38.38 -18.04 17.62
C TYR I 226 37.33 -18.58 18.58
N GLN I 227 37.65 -19.68 19.27
CA GLN I 227 36.73 -20.21 20.27
C GLN I 227 36.67 -19.32 21.49
N GLU I 228 37.81 -18.74 21.89
CA GLU I 228 37.79 -17.79 22.99
C GLU I 228 37.01 -16.54 22.63
N ALA I 229 37.06 -16.12 21.37
CA ALA I 229 36.34 -14.93 20.95
C ALA I 229 34.83 -15.11 21.07
N VAL I 230 34.33 -16.29 20.68
CA VAL I 230 32.90 -16.57 20.87
C VAL I 230 32.56 -16.52 22.35
N ARG I 231 33.35 -17.19 23.18
CA ARG I 231 33.13 -17.15 24.61
C ARG I 231 33.16 -15.73 25.15
N GLU I 232 34.17 -14.94 24.75
CA GLU I 232 34.27 -13.57 25.25
C GLU I 232 33.13 -12.70 24.75
N LEU I 233 32.69 -12.92 23.51
CA LEU I 233 31.58 -12.14 22.97
C LEU I 233 30.33 -12.32 23.82
N ASP I 234 30.03 -13.56 24.20
CA ASP I 234 28.86 -13.80 25.05
C ASP I 234 29.00 -13.12 26.40
N GLU I 235 30.20 -13.17 26.98
CA GLU I 235 30.42 -12.50 28.26
C GLU I 235 30.24 -10.99 28.14
N LYS I 236 30.69 -10.43 27.01
CA LYS I 236 30.50 -8.99 26.79
C LYS I 236 29.02 -8.65 26.70
N GLU I 237 28.27 -9.44 25.92
CA GLU I 237 26.84 -9.18 25.79
C GLU I 237 26.12 -9.34 27.12
N TRP I 238 26.54 -10.34 27.92
CA TRP I 238 25.94 -10.53 29.23
C TRP I 238 26.15 -9.30 30.11
N ILE I 239 27.37 -8.75 30.09
CA ILE I 239 27.64 -7.52 30.84
C ILE I 239 26.87 -6.35 30.23
N HIS I 240 26.93 -6.22 28.90
CA HIS I 240 26.24 -5.11 28.24
C HIS I 240 24.74 -5.14 28.51
N ILE I 241 24.15 -6.33 28.59
CA ILE I 241 22.74 -6.44 28.95
C ILE I 241 22.48 -5.79 30.31
N LYS I 242 23.31 -6.13 31.29
CA LYS I 242 23.09 -5.61 32.64
C LYS I 242 23.38 -4.11 32.71
N ILE I 243 24.42 -3.65 32.02
CA ILE I 243 24.69 -2.21 31.99
C ILE I 243 23.57 -1.46 31.30
N THR I 244 22.95 -2.07 30.28
CA THR I 244 21.80 -1.45 29.64
C THR I 244 20.67 -1.25 30.64
N ILE I 245 20.43 -2.24 31.49
CA ILE I 245 19.37 -2.14 32.49
C ILE I 245 19.67 -1.02 33.46
N VAL I 246 20.94 -0.86 33.85
CA VAL I 246 21.33 0.23 34.73
C VAL I 246 21.11 1.57 34.05
N ASP I 247 21.52 1.68 32.78
CA ASP I 247 21.36 2.92 32.05
C ASP I 247 19.88 3.27 31.88
N MET I 248 19.03 2.27 31.69
CA MET I 248 17.58 2.48 31.72
C MET I 248 17.16 3.10 33.05
N ARG I 249 17.44 2.39 34.14
CA ARG I 249 17.11 2.85 35.48
C ARG I 249 17.61 4.27 35.71
N ASN I 250 18.88 4.51 35.37
CA ASN I 250 19.48 5.82 35.63
C ASN I 250 18.87 6.88 34.73
N ASN I 251 18.54 6.54 33.47
CA ASN I 251 17.93 7.53 32.59
C ASN I 251 16.53 7.91 33.05
N TYR I 252 15.72 6.92 33.45
CA TYR I 252 14.38 7.22 33.92
C TYR I 252 14.42 8.15 35.14
N ILE I 253 15.36 7.90 36.06
CA ILE I 253 15.37 8.68 37.30
C ILE I 253 15.92 10.08 37.06
N MET I 254 16.96 10.22 36.23
CA MET I 254 17.49 11.55 35.94
C MET I 254 16.46 12.41 35.21
N LEU I 255 15.66 11.81 34.34
CA LEU I 255 14.59 12.56 33.69
C LEU I 255 13.51 12.94 34.69
N TYR I 256 13.12 11.99 35.54
CA TYR I 256 12.13 12.27 36.57
C TYR I 256 12.64 13.33 37.54
N ASP I 257 13.90 13.20 37.97
CA ASP I 257 14.47 14.19 38.87
C ASP I 257 14.51 15.55 38.20
N LEU I 258 14.83 15.60 36.91
CA LEU I 258 14.89 16.87 36.20
C LEU I 258 13.51 17.51 36.10
N LEU I 259 12.51 16.74 35.68
CA LEU I 259 11.16 17.29 35.56
C LEU I 259 10.59 17.65 36.92
N TYR I 260 10.80 16.81 37.94
CA TYR I 260 10.25 17.10 39.26
C TYR I 260 10.77 18.41 39.80
N LYS I 261 12.08 18.61 39.74
CA LYS I 261 12.67 19.81 40.32
C LYS I 261 12.25 21.07 39.57
N ASN I 262 12.15 20.97 38.24
CA ASN I 262 11.85 22.13 37.40
C ASN I 262 10.41 22.13 36.92
N TRP I 263 9.51 21.47 37.67
CA TRP I 263 8.15 21.26 37.18
C TRP I 263 7.40 22.57 36.98
N GLU I 264 7.62 23.53 37.88
CA GLU I 264 6.86 24.77 37.82
C GLU I 264 7.17 25.52 36.53
N LYS I 265 8.43 25.51 36.09
CA LYS I 265 8.81 26.16 34.84
C LYS I 265 8.50 25.31 33.61
N VAL I 266 8.43 23.99 33.75
CA VAL I 266 8.13 23.15 32.59
C VAL I 266 6.68 23.34 32.15
N VAL I 267 5.76 23.52 33.09
CA VAL I 267 4.35 23.69 32.74
C VAL I 267 4.02 25.15 32.42
N LYS I 268 4.47 26.10 33.27
CA LYS I 268 4.20 27.52 33.08
C LYS I 268 5.53 28.25 33.05
N PRO I 269 6.19 28.29 31.88
CA PRO I 269 7.51 28.92 31.78
C PRO I 269 7.51 30.44 31.76
N LYS I 270 6.35 31.08 31.86
CA LYS I 270 6.31 32.53 31.77
C LYS I 270 5.37 33.21 32.77
N ASN I 271 4.56 32.46 33.52
CA ASN I 271 3.64 32.98 34.54
C ASN I 271 3.02 34.34 34.18
N ASN J 7 -6.18 18.42 34.65
CA ASN J 7 -5.50 19.50 33.95
C ASN J 7 -4.72 20.36 34.94
N LYS J 8 -5.44 21.04 35.82
CA LYS J 8 -4.83 21.97 36.78
C LYS J 8 -4.43 21.20 38.04
N ILE J 9 -3.41 20.36 37.89
CA ILE J 9 -2.76 19.69 39.01
C ILE J 9 -1.26 19.93 38.86
N ASP J 10 -0.58 20.20 40.00
CA ASP J 10 0.78 20.70 39.93
C ASP J 10 1.71 19.99 40.92
N LYS J 11 1.45 18.71 41.20
CA LYS J 11 2.38 17.87 41.92
C LYS J 11 2.61 16.57 41.15
N ILE J 12 3.85 16.09 41.12
CA ILE J 12 4.10 14.87 40.36
C ILE J 12 4.94 13.88 41.17
N GLU J 13 4.80 13.92 42.49
CA GLU J 13 5.32 12.82 43.29
C GLU J 13 4.41 11.61 43.09
N PRO J 14 4.96 10.39 43.16
CA PRO J 14 4.16 9.21 42.83
C PRO J 14 2.86 9.15 43.62
N SER J 15 1.78 8.78 42.92
CA SER J 15 0.46 8.76 43.53
C SER J 15 0.32 7.60 44.50
N ASP J 16 0.88 6.44 44.14
CA ASP J 16 0.83 5.26 45.01
C ASP J 16 1.80 5.46 46.15
N GLN J 17 1.30 5.43 47.39
CA GLN J 17 2.17 5.68 48.53
C GLN J 17 3.22 4.59 48.67
N LYS J 18 2.90 3.36 48.25
CA LYS J 18 3.90 2.31 48.25
C LYS J 18 5.02 2.60 47.26
N ILE J 19 4.68 3.13 46.08
CA ILE J 19 5.72 3.51 45.12
C ILE J 19 6.52 4.69 45.65
N LYS J 20 5.82 5.65 46.29
CA LYS J 20 6.49 6.82 46.87
C LYS J 20 7.56 6.41 47.86
N GLU J 21 7.29 5.38 48.67
CA GLU J 21 8.29 4.92 49.63
C GLU J 21 9.40 4.15 48.94
N GLU J 22 9.04 3.24 48.04
CA GLU J 22 10.06 2.46 47.34
C GLU J 22 11.00 3.36 46.56
N TYR J 23 10.46 4.41 45.94
CA TYR J 23 11.28 5.33 45.17
C TYR J 23 12.18 6.18 46.06
N ASN J 24 11.61 6.76 47.12
CA ASN J 24 12.41 7.59 48.01
C ASN J 24 13.47 6.79 48.73
N LYS J 25 13.16 5.54 49.12
CA LYS J 25 14.19 4.70 49.71
C LYS J 25 15.34 4.47 48.73
N PHE J 26 15.03 4.32 47.46
CA PHE J 26 16.06 4.13 46.44
C PHE J 26 17.00 5.34 46.40
N LYS J 27 16.46 6.54 46.43
CA LYS J 27 17.32 7.73 46.43
C LYS J 27 18.23 7.74 47.65
N TYR J 28 17.73 7.27 48.79
CA TYR J 28 18.57 7.12 49.97
C TYR J 28 19.63 6.05 49.77
N ASP J 29 19.24 4.90 49.21
CA ASP J 29 20.20 3.81 49.05
C ASP J 29 21.34 4.24 48.14
N ILE J 30 21.04 5.09 47.15
CA ILE J 30 22.10 5.66 46.32
C ILE J 30 23.04 6.50 47.19
N THR J 31 22.47 7.48 47.89
CA THR J 31 23.25 8.33 48.80
C THR J 31 24.03 7.51 49.82
N LYS J 32 23.38 6.50 50.39
CA LYS J 32 24.05 5.63 51.36
C LYS J 32 25.27 4.95 50.75
N GLN J 33 25.09 4.30 49.61
CA GLN J 33 26.18 3.53 49.00
C GLN J 33 27.33 4.44 48.58
N ALA J 34 27.01 5.64 48.09
CA ALA J 34 28.05 6.56 47.64
C ALA J 34 28.96 6.95 48.81
N ILE J 35 28.38 7.27 49.97
CA ILE J 35 29.20 7.65 51.11
C ILE J 35 30.11 6.50 51.53
N GLU J 36 29.56 5.29 51.61
CA GLU J 36 30.39 4.13 51.94
C GLU J 36 31.48 3.92 50.92
N SER J 37 31.19 4.16 49.64
CA SER J 37 32.21 3.99 48.62
C SER J 37 33.35 4.98 48.84
N LEU J 38 33.02 6.22 49.21
CA LEU J 38 34.06 7.22 49.42
C LEU J 38 34.81 6.99 50.72
N ARG J 39 34.14 6.50 51.76
CA ARG J 39 34.82 6.32 53.03
C ARG J 39 35.54 4.99 53.16
N GLU J 40 35.06 3.94 52.51
CA GLU J 40 35.68 2.62 52.67
C GLU J 40 36.04 1.98 51.34
N ARG J 41 35.10 1.84 50.41
CA ARG J 41 35.35 1.01 49.24
C ARG J 41 36.51 1.56 48.41
N ILE J 42 36.53 2.87 48.19
CA ILE J 42 37.53 3.46 47.29
C ILE J 42 38.90 3.47 47.96
N PRO J 43 39.07 3.99 49.19
CA PRO J 43 40.41 3.93 49.80
C PRO J 43 40.99 2.52 49.84
N LYS J 44 40.16 1.52 50.16
CA LYS J 44 40.63 0.14 50.16
C LYS J 44 41.18 -0.24 48.79
N ARG J 45 40.55 0.25 47.71
CA ARG J 45 41.04 -0.10 46.38
C ARG J 45 42.35 0.60 46.09
N ILE J 46 42.53 1.80 46.63
CA ILE J 46 43.77 2.54 46.45
C ILE J 46 44.94 1.71 46.97
N ILE J 47 44.84 1.23 48.21
CA ILE J 47 45.90 0.40 48.77
C ILE J 47 46.03 -0.90 47.99
N PHE J 48 44.90 -1.48 47.59
CA PHE J 48 44.94 -2.75 46.87
C PHE J 48 45.76 -2.64 45.60
N PHE J 49 45.40 -1.69 44.74
CA PHE J 49 46.10 -1.52 43.47
C PHE J 49 47.53 -1.05 43.68
N ASN J 50 47.78 -0.24 44.71
CA ASN J 50 49.16 0.17 44.98
C ASN J 50 50.04 -1.03 45.29
N ASN J 51 49.51 -2.06 45.96
CA ASN J 51 50.33 -3.24 46.20
C ASN J 51 50.66 -4.00 44.91
N LEU J 52 49.88 -3.81 43.85
CA LEU J 52 50.19 -4.42 42.56
C LEU J 52 51.10 -3.55 41.70
N VAL J 53 50.95 -2.24 41.79
CA VAL J 53 51.78 -1.30 41.05
C VAL J 53 52.26 -0.22 42.02
N ASN J 54 53.28 -0.55 42.79
CA ASN J 54 53.71 0.31 43.89
C ASN J 54 54.37 1.57 43.38
N VAL J 55 54.01 2.70 44.00
CA VAL J 55 54.54 3.99 43.58
C VAL J 55 56.04 4.05 43.81
N ASN J 56 56.55 3.31 44.80
CA ASN J 56 57.97 3.29 45.12
C ASN J 56 58.79 2.40 44.19
N SER J 57 58.15 1.75 43.22
CA SER J 57 58.85 0.87 42.31
C SER J 57 59.84 1.65 41.44
N GLU J 58 60.93 1.00 41.08
CA GLU J 58 61.87 1.62 40.17
C GLU J 58 61.26 1.70 38.77
N PRO J 59 61.60 2.73 38.00
CA PRO J 59 60.99 2.89 36.67
C PRO J 59 61.34 1.72 35.76
N GLY J 60 60.32 1.24 35.03
CA GLY J 60 60.50 0.09 34.17
C GLY J 60 60.28 -1.24 34.84
N SER J 61 60.20 -1.28 36.17
CA SER J 61 59.93 -2.51 36.90
C SER J 61 58.45 -2.89 36.89
N ILE J 62 57.57 -1.96 36.54
CA ILE J 62 56.14 -2.22 36.41
C ILE J 62 55.83 -2.52 34.97
N LEU J 63 56.02 -1.53 34.10
CA LEU J 63 55.73 -1.66 32.67
C LEU J 63 56.91 -2.34 31.98
N ASN J 64 57.05 -3.63 32.23
CA ASN J 64 58.04 -4.42 31.50
C ASN J 64 57.32 -5.66 30.99
N VAL J 65 58.06 -6.61 30.43
CA VAL J 65 57.43 -7.75 29.79
C VAL J 65 58.21 -9.01 30.15
N ASN J 66 59.02 -8.91 31.21
CA ASN J 66 59.87 -10.03 31.61
C ASN J 66 59.06 -11.21 32.14
N ASP J 67 57.93 -10.93 32.80
CA ASP J 67 57.09 -11.98 33.35
C ASP J 67 56.06 -12.50 32.35
N LEU J 68 56.19 -12.15 31.08
CA LEU J 68 55.26 -12.63 30.05
C LEU J 68 55.81 -13.91 29.43
N ASP J 69 55.05 -14.98 29.55
CA ASP J 69 55.41 -16.25 28.93
C ASP J 69 55.27 -16.11 27.42
N GLY J 70 56.40 -16.10 26.72
CA GLY J 70 56.36 -15.92 25.28
C GLY J 70 56.70 -17.15 24.46
N VAL J 71 56.67 -18.33 25.08
CA VAL J 71 57.10 -19.54 24.39
C VAL J 71 56.06 -20.64 24.56
N SER J 72 55.32 -20.62 25.67
CA SER J 72 54.39 -21.72 25.94
C SER J 72 53.18 -21.71 25.03
N TYR J 73 52.79 -20.54 24.53
CA TYR J 73 51.53 -20.39 23.80
C TYR J 73 51.74 -19.92 22.38
N LYS J 74 52.92 -20.14 21.83
CA LYS J 74 53.18 -19.82 20.44
C LYS J 74 52.71 -20.98 19.57
N TYR J 75 52.76 -20.74 18.25
CA TYR J 75 52.32 -21.72 17.26
C TYR J 75 53.21 -22.95 17.35
N LYS J 76 52.88 -23.98 16.57
CA LYS J 76 53.66 -25.20 16.68
C LYS J 76 54.57 -25.39 15.46
N ILE J 77 53.99 -25.81 14.34
CA ILE J 77 54.76 -26.11 13.13
C ILE J 77 55.74 -27.25 13.39
N TYR J 129 48.09 -29.59 7.82
CA TYR J 129 47.06 -30.15 8.70
C TYR J 129 47.67 -30.73 9.97
N THR J 130 48.54 -29.96 10.64
CA THR J 130 49.29 -30.44 11.79
C THR J 130 49.55 -29.35 12.82
N HIS J 131 49.52 -28.09 12.39
CA HIS J 131 49.84 -26.96 13.26
C HIS J 131 48.64 -26.51 14.07
N TYR J 132 48.83 -26.44 15.38
CA TYR J 132 47.83 -26.06 16.38
C TYR J 132 48.18 -24.67 16.90
N VAL J 133 47.18 -23.92 17.32
CA VAL J 133 47.48 -22.59 17.86
C VAL J 133 46.72 -22.36 19.16
N PRO J 134 47.39 -22.43 20.30
CA PRO J 134 46.71 -22.30 21.60
C PRO J 134 46.46 -20.85 21.96
N SER J 135 45.58 -20.66 22.93
CA SER J 135 45.34 -19.33 23.46
C SER J 135 46.40 -19.03 24.51
N HIS J 136 46.55 -17.74 24.83
CA HIS J 136 47.53 -17.35 25.83
C HIS J 136 46.86 -17.50 27.20
N LYS J 137 47.00 -18.69 27.78
CA LYS J 137 46.34 -18.97 29.05
C LYS J 137 46.81 -18.00 30.14
N GLN J 138 48.06 -17.53 30.06
CA GLN J 138 48.53 -16.56 31.05
C GLN J 138 47.80 -15.23 30.91
N ILE J 139 47.69 -14.72 29.68
CA ILE J 139 46.98 -13.46 29.45
C ILE J 139 45.50 -13.61 29.76
N TYR J 140 44.92 -14.78 29.47
CA TYR J 140 43.53 -15.01 29.81
C TYR J 140 43.27 -14.76 31.29
N LEU J 141 44.11 -15.33 32.16
CA LEU J 141 43.93 -15.15 33.59
C LEU J 141 44.07 -13.68 34.01
N GLU J 142 44.99 -12.96 33.39
CA GLU J 142 45.17 -11.57 33.76
C GLU J 142 44.01 -10.72 33.28
N LEU J 143 43.50 -11.02 32.08
CA LEU J 143 42.37 -10.27 31.54
C LEU J 143 41.13 -10.51 32.39
N GLU J 144 40.96 -11.74 32.89
CA GLU J 144 39.82 -12.03 33.74
C GLU J 144 39.82 -11.15 34.98
N LYS J 145 40.98 -10.95 35.59
CA LYS J 145 41.07 -10.04 36.73
C LYS J 145 40.75 -8.62 36.33
N ILE J 146 41.19 -8.21 35.13
CA ILE J 146 40.93 -6.85 34.67
C ILE J 146 39.45 -6.57 34.63
N LYS J 147 38.67 -7.50 34.08
CA LYS J 147 37.23 -7.33 34.01
C LYS J 147 36.63 -7.21 35.40
N THR J 148 37.21 -7.93 36.37
CA THR J 148 36.75 -7.82 37.74
C THR J 148 36.97 -6.42 38.28
N TYR J 149 38.18 -5.87 38.08
CA TYR J 149 38.44 -4.50 38.49
C TYR J 149 37.52 -3.53 37.78
N ALA J 150 37.25 -3.77 36.49
CA ALA J 150 36.43 -2.86 35.70
C ALA J 150 34.98 -2.92 36.14
N SER J 151 34.46 -4.12 36.38
CA SER J 151 33.07 -4.25 36.83
C SER J 151 32.85 -3.51 38.14
N GLU J 152 33.70 -3.76 39.13
CA GLU J 152 33.53 -3.10 40.42
C GLU J 152 33.69 -1.59 40.29
N LEU J 153 34.54 -1.13 39.37
CA LEU J 153 34.70 0.30 39.17
C LEU J 153 33.42 0.91 38.60
N ILE J 154 32.84 0.27 37.59
CA ILE J 154 31.61 0.79 37.00
C ILE J 154 30.51 0.86 38.04
N GLU J 155 30.39 -0.16 38.90
CA GLU J 155 29.39 -0.13 39.95
C GLU J 155 29.65 1.01 40.93
N ILE J 156 30.89 1.09 41.42
CA ILE J 156 31.21 2.07 42.47
C ILE J 156 31.22 3.49 41.92
N ILE J 157 31.97 3.73 40.83
CA ILE J 157 32.07 5.08 40.29
C ILE J 157 30.75 5.51 39.67
N GLY J 158 30.04 4.59 39.01
CA GLY J 158 28.78 4.95 38.39
C GLY J 158 27.78 5.48 39.38
N ASN J 159 27.78 4.91 40.59
CA ASN J 159 26.80 5.31 41.60
C ASN J 159 27.13 6.66 42.24
N ILE J 160 28.42 6.94 42.45
CA ILE J 160 28.78 8.26 42.95
C ILE J 160 28.35 9.33 41.96
N LYS J 161 28.53 9.04 40.67
CA LYS J 161 28.09 9.96 39.63
C LYS J 161 26.58 10.16 39.66
N LEU J 162 25.83 9.06 39.76
CA LEU J 162 24.38 9.17 39.81
C LEU J 162 23.94 9.99 41.01
N TRP J 163 24.59 9.80 42.15
CA TRP J 163 24.25 10.55 43.35
C TRP J 163 24.51 12.05 43.15
N ILE J 164 25.63 12.40 42.53
CA ILE J 164 25.90 13.80 42.26
C ILE J 164 24.91 14.36 41.24
N GLN J 165 24.59 13.57 40.22
CA GLN J 165 23.60 14.00 39.24
C GLN J 165 22.25 14.25 39.90
N LEU J 166 21.80 13.31 40.74
CA LEU J 166 20.54 13.47 41.47
C LEU J 166 20.58 14.61 42.49
N ASN J 167 21.75 15.15 42.78
CA ASN J 167 21.93 16.25 43.72
C ASN J 167 21.98 17.60 43.01
N VAL J 168 21.76 17.61 41.70
CA VAL J 168 21.76 18.88 40.96
C VAL J 168 20.49 19.64 41.29
N PRO J 169 20.59 20.91 41.69
CA PRO J 169 19.42 21.65 42.16
C PRO J 169 18.51 22.06 41.00
N ARG J 170 17.38 22.65 41.36
CA ARG J 170 16.51 23.25 40.36
C ARG J 170 17.29 24.27 39.54
N ILE J 171 17.05 24.26 38.22
CA ILE J 171 17.76 25.18 37.34
C ILE J 171 17.35 26.61 37.66
N GLU J 172 18.34 27.45 37.93
CA GLU J 172 18.09 28.85 38.21
C GLU J 172 19.10 29.70 37.46
N ASP J 173 18.78 30.97 37.30
CA ASP J 173 19.64 31.90 36.59
C ASP J 173 20.58 32.56 37.61
N GLY J 174 21.88 32.33 37.47
CA GLY J 174 22.85 32.93 38.34
C GLY J 174 22.99 32.18 39.66
N ASN J 175 24.07 32.51 40.38
CA ASN J 175 24.40 31.91 41.67
C ASN J 175 24.55 30.39 41.57
N ASN J 176 24.96 29.90 40.40
CA ASN J 176 25.22 28.48 40.26
C ASN J 176 26.69 28.23 39.94
N PHE J 177 27.57 28.79 40.78
CA PHE J 177 28.99 28.47 40.69
C PHE J 177 29.26 27.07 41.22
N GLY J 178 28.55 26.68 42.28
CA GLY J 178 28.74 25.35 42.83
C GLY J 178 28.28 24.25 41.90
N VAL J 179 27.31 24.55 41.03
CA VAL J 179 26.85 23.56 40.07
C VAL J 179 27.95 23.23 39.06
N GLY J 180 28.79 24.21 38.72
CA GLY J 180 29.92 23.91 37.85
C GLY J 180 30.85 22.89 38.48
N ILE J 181 31.04 22.96 39.79
CA ILE J 181 31.83 21.96 40.50
C ILE J 181 31.19 20.59 40.36
N GLN J 182 29.88 20.51 40.57
CA GLN J 182 29.17 19.26 40.38
C GLN J 182 29.36 18.75 38.96
N GLU J 183 29.22 19.64 37.97
CA GLU J 183 29.42 19.25 36.58
C GLU J 183 30.86 18.79 36.36
N GLU J 184 31.83 19.50 36.93
CA GLU J 184 33.22 19.08 36.82
C GLU J 184 33.43 17.70 37.41
N ALA J 185 32.82 17.44 38.57
CA ALA J 185 32.97 16.14 39.21
C ALA J 185 32.33 15.04 38.40
N ILE J 186 31.12 15.28 37.88
CA ILE J 186 30.45 14.28 37.05
C ILE J 186 31.27 13.97 35.81
N GLN J 187 31.88 14.99 35.21
CA GLN J 187 32.65 14.78 34.00
C GLN J 187 33.83 13.84 34.26
N GLU J 188 34.58 14.08 35.34
CA GLU J 188 35.72 13.25 35.66
C GLU J 188 35.29 11.83 36.01
N LEU J 189 34.20 11.71 36.77
CA LEU J 189 33.68 10.39 37.11
C LEU J 189 33.24 9.64 35.86
N ALA J 190 32.55 10.32 34.95
CA ALA J 190 32.05 9.66 33.74
C ALA J 190 33.20 9.27 32.82
N ARG J 191 34.24 10.10 32.76
CA ARG J 191 35.39 9.76 31.91
C ARG J 191 36.06 8.49 32.41
N VAL J 192 36.30 8.38 33.72
CA VAL J 192 36.88 7.16 34.27
C VAL J 192 35.94 5.99 34.05
N GLU J 193 34.64 6.19 34.24
CA GLU J 193 33.67 5.11 34.05
C GLU J 193 33.65 4.63 32.61
N GLU J 194 33.64 5.57 31.66
CA GLU J 194 33.62 5.19 30.25
C GLU J 194 34.87 4.42 29.87
N SER J 195 36.02 4.82 30.39
CA SER J 195 37.26 4.11 30.10
C SER J 195 37.17 2.66 30.57
N ALA J 196 36.59 2.45 31.77
CA ALA J 196 36.45 1.09 32.27
C ALA J 196 35.44 0.30 31.43
N PHE J 197 34.39 0.96 30.94
CA PHE J 197 33.37 0.26 30.16
C PHE J 197 33.91 -0.30 28.86
N ASN J 198 34.87 0.39 28.25
CA ASN J 198 35.38 -0.04 26.95
C ASN J 198 36.28 -1.26 27.03
N LEU J 199 36.64 -1.70 28.23
CA LEU J 199 37.57 -2.83 28.34
C LEU J 199 36.92 -4.12 27.86
N TYR J 200 35.62 -4.29 28.11
CA TYR J 200 34.96 -5.54 27.74
C TYR J 200 35.01 -5.74 26.24
N ASP J 201 34.77 -4.67 25.48
CA ASP J 201 34.79 -4.78 24.02
C ASP J 201 36.22 -4.96 23.51
N ALA J 202 37.18 -4.26 24.12
CA ALA J 202 38.57 -4.38 23.68
C ALA J 202 39.11 -5.80 23.88
N ILE J 203 38.63 -6.51 24.90
CA ILE J 203 39.14 -7.86 25.16
C ILE J 203 38.68 -8.80 24.05
N VAL J 204 37.45 -8.64 23.57
CA VAL J 204 37.00 -9.44 22.42
C VAL J 204 37.87 -9.16 21.21
N LYS J 205 38.28 -7.90 21.03
CA LYS J 205 39.12 -7.56 19.89
C LYS J 205 40.49 -8.22 19.99
N TYR J 206 41.01 -8.39 21.20
CA TYR J 206 42.28 -9.08 21.38
C TYR J 206 42.26 -10.47 20.76
N TYR J 207 41.28 -11.29 21.16
CA TYR J 207 41.21 -12.65 20.65
C TYR J 207 40.97 -12.68 19.15
N MET J 208 40.12 -11.77 18.64
CA MET J 208 39.87 -11.72 17.20
C MET J 208 41.13 -11.39 16.43
N GLU J 209 41.92 -10.41 16.91
CA GLU J 209 43.14 -10.07 16.20
C GLU J 209 44.14 -11.22 16.25
N ARG J 210 44.31 -11.81 17.44
CA ARG J 210 45.27 -12.90 17.58
C ARG J 210 44.88 -14.09 16.71
N ALA J 211 43.58 -14.38 16.60
CA ALA J 211 43.14 -15.49 15.77
C ALA J 211 43.39 -15.19 14.30
N LYS J 212 43.15 -13.94 13.88
CA LYS J 212 43.40 -13.57 12.50
C LYS J 212 44.88 -13.72 12.16
N ILE J 213 45.76 -13.16 13.00
CA ILE J 213 47.18 -13.27 12.72
C ILE J 213 47.61 -14.73 12.73
N SER J 214 47.11 -15.51 13.70
CA SER J 214 47.43 -16.93 13.73
C SER J 214 46.95 -17.61 12.46
N THR J 215 45.79 -17.18 11.93
CA THR J 215 45.33 -17.68 10.64
C THR J 215 46.37 -17.41 9.57
N LYS J 216 47.00 -16.23 9.62
CA LYS J 216 48.03 -15.92 8.64
C LYS J 216 49.28 -16.76 8.84
N VAL J 217 49.62 -17.05 10.11
CA VAL J 217 50.79 -17.89 10.38
C VAL J 217 50.62 -19.27 9.77
N LEU J 218 49.41 -19.82 9.85
CA LEU J 218 49.16 -21.13 9.27
C LEU J 218 49.22 -21.09 7.75
N LYS J 219 48.73 -20.01 7.15
CA LYS J 219 48.73 -19.89 5.70
C LYS J 219 50.11 -19.54 5.16
N TYR J 220 50.84 -18.67 5.88
CA TYR J 220 52.15 -18.19 5.44
C TYR J 220 53.21 -18.45 6.52
N PRO J 221 53.61 -19.70 6.69
CA PRO J 221 54.69 -19.99 7.65
C PRO J 221 56.03 -19.44 7.20
N ASN J 222 56.12 -18.88 5.99
CA ASN J 222 57.36 -18.32 5.49
C ASN J 222 57.50 -16.85 5.84
N VAL J 223 56.39 -16.14 5.95
CA VAL J 223 56.37 -14.76 6.42
C VAL J 223 56.64 -14.70 7.92
N SER J 224 57.87 -14.36 8.30
CA SER J 224 58.19 -14.39 9.72
C SER J 224 57.52 -13.24 10.47
N ASP J 225 57.16 -12.18 9.75
CA ASP J 225 56.57 -11.01 10.40
C ASP J 225 55.20 -11.32 10.98
N TYR J 226 54.47 -12.27 10.40
CA TYR J 226 53.21 -12.68 10.99
C TYR J 226 53.43 -13.33 12.34
N GLN J 227 54.49 -14.10 12.47
CA GLN J 227 54.82 -14.72 13.75
C GLN J 227 55.29 -13.66 14.74
N GLU J 228 56.04 -12.67 14.24
CA GLU J 228 56.41 -11.54 15.07
C GLU J 228 55.20 -10.71 15.46
N ALA J 229 54.21 -10.63 14.57
CA ALA J 229 53.00 -9.87 14.88
C ALA J 229 52.24 -10.51 16.03
N VAL J 230 52.14 -11.85 16.04
CA VAL J 230 51.50 -12.54 17.15
C VAL J 230 52.24 -12.23 18.44
N ARG J 231 53.57 -12.34 18.43
CA ARG J 231 54.36 -12.03 19.61
C ARG J 231 54.10 -10.61 20.10
N GLU J 232 54.13 -9.63 19.18
CA GLU J 232 53.94 -8.24 19.58
C GLU J 232 52.53 -7.99 20.11
N LEU J 233 51.53 -8.67 19.57
CA LEU J 233 50.17 -8.49 20.08
C LEU J 233 50.10 -8.89 21.55
N ASP J 234 50.68 -10.04 21.89
CA ASP J 234 50.69 -10.47 23.28
C ASP J 234 51.46 -9.51 24.17
N GLU J 235 52.62 -9.02 23.69
CA GLU J 235 53.38 -8.06 24.47
C GLU J 235 52.60 -6.76 24.64
N LYS J 236 51.87 -6.34 23.61
CA LYS J 236 51.04 -5.14 23.71
C LYS J 236 49.95 -5.33 24.75
N GLU J 237 49.26 -6.46 24.70
CA GLU J 237 48.19 -6.72 25.65
C GLU J 237 48.74 -6.77 27.08
N TRP J 238 49.92 -7.35 27.25
CA TRP J 238 50.53 -7.41 28.57
C TRP J 238 50.81 -6.02 29.12
N ILE J 239 51.34 -5.13 28.29
CA ILE J 239 51.58 -3.75 28.72
C ILE J 239 50.27 -3.04 29.00
N HIS J 240 49.31 -3.15 28.09
CA HIS J 240 48.03 -2.47 28.28
C HIS J 240 47.37 -2.89 29.58
N ILE J 241 47.50 -4.18 29.93
CA ILE J 241 46.96 -4.68 31.18
C ILE J 241 47.55 -3.91 32.36
N LYS J 242 48.88 -3.78 32.38
CA LYS J 242 49.53 -3.14 33.52
C LYS J 242 49.25 -1.64 33.55
N ILE J 243 49.23 -0.99 32.38
CA ILE J 243 48.88 0.44 32.37
C ILE J 243 47.45 0.63 32.86
N THR J 244 46.57 -0.32 32.55
CA THR J 244 45.20 -0.26 33.06
C THR J 244 45.18 -0.29 34.58
N ILE J 245 45.98 -1.17 35.18
CA ILE J 245 46.02 -1.28 36.64
C ILE J 245 46.56 0.00 37.26
N VAL J 246 47.60 0.60 36.64
CA VAL J 246 48.10 1.88 37.12
C VAL J 246 47.04 2.95 36.97
N ASP J 247 46.31 2.93 35.85
CA ASP J 247 45.24 3.89 35.67
C ASP J 247 44.14 3.68 36.71
N MET J 248 43.91 2.42 37.11
CA MET J 248 43.01 2.14 38.21
C MET J 248 43.47 2.84 39.49
N ARG J 249 44.69 2.54 39.93
CA ARG J 249 45.25 3.16 41.12
C ARG J 249 45.15 4.68 41.06
N ASN J 250 45.63 5.27 39.96
CA ASN J 250 45.69 6.73 39.88
C ASN J 250 44.29 7.35 39.77
N ASN J 251 43.37 6.69 39.04
CA ASN J 251 42.03 7.25 38.90
C ASN J 251 41.28 7.23 40.22
N TYR J 252 41.38 6.13 40.97
CA TYR J 252 40.70 6.08 42.27
C TYR J 252 41.19 7.18 43.19
N ILE J 253 42.48 7.52 43.11
CA ILE J 253 43.03 8.52 44.03
C ILE J 253 42.58 9.93 43.65
N MET J 254 42.69 10.30 42.37
CA MET J 254 42.29 11.66 42.01
C MET J 254 40.80 11.88 42.22
N LEU J 255 39.99 10.83 42.00
CA LEU J 255 38.56 10.97 42.21
C LEU J 255 38.26 11.16 43.70
N TYR J 256 38.88 10.35 44.54
CA TYR J 256 38.70 10.50 45.98
C TYR J 256 39.20 11.87 46.44
N ASP J 257 40.41 12.24 45.98
CA ASP J 257 40.98 13.53 46.36
C ASP J 257 40.14 14.70 45.85
N LEU J 258 39.63 14.59 44.62
CA LEU J 258 38.83 15.68 44.05
C LEU J 258 37.52 15.85 44.82
N LEU J 259 36.84 14.73 45.09
CA LEU J 259 35.60 14.81 45.84
C LEU J 259 35.85 15.28 47.28
N TYR J 260 36.95 14.80 47.88
CA TYR J 260 37.29 15.21 49.24
C TYR J 260 37.50 16.72 49.32
N LYS J 261 38.29 17.27 48.41
CA LYS J 261 38.61 18.70 48.45
C LYS J 261 37.38 19.55 48.19
N ASN J 262 36.50 19.13 47.28
CA ASN J 262 35.34 19.89 46.86
C ASN J 262 34.05 19.34 47.46
N TRP J 263 34.14 18.70 48.64
CA TRP J 263 32.99 17.99 49.20
C TRP J 263 31.82 18.92 49.50
N GLU J 264 32.10 20.11 50.03
CA GLU J 264 31.02 20.97 50.50
C GLU J 264 30.13 21.45 49.36
N LYS J 265 30.72 21.80 48.21
CA LYS J 265 29.92 22.28 47.10
C LYS J 265 29.26 21.15 46.33
N VAL J 266 29.80 19.94 46.40
CA VAL J 266 29.16 18.82 45.71
C VAL J 266 27.86 18.44 46.41
N VAL J 267 27.81 18.53 47.73
CA VAL J 267 26.60 18.19 48.47
C VAL J 267 25.64 19.37 48.59
N LYS J 268 26.14 20.55 48.95
CA LYS J 268 25.31 21.74 49.11
C LYS J 268 25.89 22.82 48.20
N PRO J 269 25.55 22.78 46.91
CA PRO J 269 26.13 23.72 45.95
C PRO J 269 25.58 25.14 46.01
N LYS J 270 24.61 25.42 46.88
CA LYS J 270 24.01 26.75 46.90
C LYS J 270 23.69 27.27 48.30
N ASN J 271 23.63 26.43 49.33
CA ASN J 271 23.18 26.81 50.68
C ASN J 271 21.75 27.34 50.64
N GLY K 1 15.64 13.87 56.42
CA GLY K 1 15.59 12.46 56.11
C GLY K 1 16.88 11.96 55.48
N MET K 2 16.96 12.05 54.15
CA MET K 2 18.21 11.76 53.46
C MET K 2 19.24 12.87 53.71
N GLU K 3 18.76 14.11 53.87
CA GLU K 3 19.64 15.21 54.27
C GLU K 3 20.32 14.91 55.60
N ALA K 4 19.59 14.26 56.51
CA ALA K 4 20.12 14.01 57.85
C ALA K 4 21.38 13.14 57.83
N TYR K 5 21.50 12.26 56.83
CA TYR K 5 22.76 11.53 56.66
C TYR K 5 23.89 12.49 56.30
N LEU K 6 23.72 13.23 55.21
CA LEU K 6 24.79 14.08 54.71
C LEU K 6 25.18 15.16 55.71
N ASN K 7 24.23 15.64 56.53
CA ASN K 7 24.59 16.60 57.56
C ASN K 7 25.47 15.98 58.63
N LYS K 8 25.40 14.65 58.81
CA LYS K 8 26.21 13.96 59.78
C LYS K 8 27.65 13.79 59.34
N ILE K 9 27.98 14.14 58.10
CA ILE K 9 29.35 14.02 57.60
C ILE K 9 29.76 15.36 57.01
N ASP K 10 30.99 15.70 57.21
CA ASP K 10 31.57 17.01 56.91
C ASP K 10 32.86 16.85 56.11
N LYS K 11 33.64 15.83 56.42
CA LYS K 11 34.71 15.34 55.56
C LYS K 11 34.50 13.85 55.38
N ILE K 12 35.28 13.25 54.49
CA ILE K 12 35.10 11.86 54.12
C ILE K 12 36.43 11.14 54.23
N GLU K 13 37.13 11.36 55.35
CA GLU K 13 38.34 10.61 55.63
C GLU K 13 37.99 9.13 55.73
N PRO K 14 38.90 8.24 55.32
CA PRO K 14 38.62 6.82 55.39
C PRO K 14 38.24 6.42 56.81
N SER K 15 37.22 5.56 56.93
CA SER K 15 36.76 5.19 58.26
C SER K 15 37.78 4.30 58.94
N ASP K 16 38.44 3.42 58.17
CA ASP K 16 39.46 2.53 58.68
C ASP K 16 40.73 3.32 58.96
N GLN K 17 41.15 3.36 60.23
CA GLN K 17 42.32 4.16 60.60
C GLN K 17 43.60 3.57 60.01
N LYS K 18 43.67 2.26 59.84
CA LYS K 18 44.84 1.65 59.22
C LYS K 18 44.98 2.09 57.77
N ILE K 19 43.86 2.16 57.05
CA ILE K 19 43.91 2.62 55.66
C ILE K 19 44.28 4.09 55.61
N LYS K 20 43.74 4.89 56.53
CA LYS K 20 44.04 6.31 56.57
C LYS K 20 45.54 6.57 56.65
N GLU K 21 46.26 5.73 57.39
CA GLU K 21 47.70 5.89 57.50
C GLU K 21 48.40 5.50 56.21
N GLU K 22 48.05 4.34 55.65
CA GLU K 22 48.67 3.89 54.41
C GLU K 22 48.41 4.86 53.27
N TYR K 23 47.24 5.48 53.24
CA TYR K 23 46.94 6.46 52.20
C TYR K 23 47.80 7.70 52.38
N ASN K 24 47.92 8.20 53.62
CA ASN K 24 48.78 9.35 53.86
C ASN K 24 50.23 9.00 53.57
N LYS K 25 50.66 7.77 53.90
CA LYS K 25 52.00 7.34 53.53
C LYS K 25 52.20 7.37 52.03
N PHE K 26 51.16 7.00 51.29
CA PHE K 26 51.23 7.00 49.83
C PHE K 26 51.43 8.41 49.29
N LYS K 27 50.68 9.38 49.82
CA LYS K 27 50.86 10.76 49.35
C LYS K 27 52.27 11.25 49.66
N TYR K 28 52.84 10.82 50.78
CA TYR K 28 54.23 11.14 51.06
C TYR K 28 55.16 10.48 50.04
N ASP K 29 54.92 9.19 49.76
CA ASP K 29 55.79 8.46 48.84
C ASP K 29 55.74 9.04 47.43
N ILE K 30 54.58 9.52 46.98
CA ILE K 30 54.53 10.18 45.67
C ILE K 30 55.42 11.41 45.65
N THR K 31 55.21 12.31 46.62
CA THR K 31 56.02 13.51 46.70
C THR K 31 57.50 13.17 46.67
N LYS K 32 57.88 12.11 47.38
CA LYS K 32 59.26 11.62 47.33
C LYS K 32 59.67 11.27 45.91
N GLN K 33 58.88 10.42 45.25
CA GLN K 33 59.24 9.94 43.92
C GLN K 33 59.23 11.07 42.91
N ALA K 34 58.28 11.99 43.02
CA ALA K 34 58.19 13.09 42.07
C ALA K 34 59.44 13.95 42.11
N ILE K 35 59.88 14.32 43.31
CA ILE K 35 61.09 15.13 43.44
C ILE K 35 62.31 14.36 42.95
N GLU K 36 62.41 13.08 43.30
CA GLU K 36 63.51 12.25 42.82
C GLU K 36 63.56 12.20 41.30
N SER K 37 62.39 12.11 40.65
CA SER K 37 62.37 12.09 39.19
C SER K 37 62.83 13.43 38.62
N LEU K 38 62.45 14.53 39.25
CA LEU K 38 62.84 15.84 38.75
C LEU K 38 64.30 16.15 39.07
N ARG K 39 64.82 15.66 40.20
CA ARG K 39 66.18 15.95 40.60
C ARG K 39 67.22 15.01 39.99
N GLU K 40 66.85 13.76 39.69
CA GLU K 40 67.82 12.80 39.22
C GLU K 40 67.36 12.11 37.93
N ARG K 41 66.18 11.49 37.98
CA ARG K 41 65.77 10.58 36.92
C ARG K 41 65.65 11.30 35.58
N ILE K 42 65.05 12.48 35.56
CA ILE K 42 64.82 13.19 34.30
C ILE K 42 66.12 13.78 33.76
N PRO K 43 66.90 14.55 34.55
CA PRO K 43 68.17 15.06 34.00
C PRO K 43 69.09 13.96 33.49
N LYS K 44 69.17 12.84 34.21
CA LYS K 44 70.01 11.73 33.78
C LYS K 44 69.60 11.23 32.39
N ARG K 45 68.30 11.18 32.12
CA ARG K 45 67.82 10.69 30.83
C ARG K 45 68.02 11.71 29.72
N ILE K 46 67.94 13.01 30.05
CA ILE K 46 68.23 14.04 29.07
C ILE K 46 69.60 13.82 28.47
N ILE K 47 70.61 13.65 29.33
CA ILE K 47 71.96 13.36 28.84
C ILE K 47 72.00 12.04 28.11
N PHE K 48 71.26 11.05 28.59
CA PHE K 48 71.28 9.72 27.97
C PHE K 48 70.81 9.80 26.52
N PHE K 49 69.61 10.34 26.30
CA PHE K 49 69.07 10.43 24.95
C PHE K 49 69.88 11.41 24.10
N ASN K 50 70.41 12.47 24.70
CA ASN K 50 71.27 13.36 23.93
C ASN K 50 72.52 12.64 23.42
N ASN K 51 73.06 11.71 24.20
CA ASN K 51 74.21 10.95 23.74
C ASN K 51 73.86 10.05 22.55
N LEU K 52 72.58 9.73 22.37
CA LEU K 52 72.13 8.93 21.24
C LEU K 52 71.84 9.77 20.01
N VAL K 53 71.32 10.98 20.20
CA VAL K 53 71.01 11.91 19.12
C VAL K 53 71.57 13.27 19.49
N ASN K 54 72.87 13.46 19.28
CA ASN K 54 73.55 14.64 19.81
C ASN K 54 73.04 15.90 19.12
N VAL K 55 72.78 16.93 19.93
CA VAL K 55 72.25 18.18 19.41
C VAL K 55 73.28 18.83 18.47
N ASN K 56 74.55 18.58 18.71
CA ASN K 56 75.63 19.16 17.92
C ASN K 56 75.87 18.43 16.60
N SER K 57 75.06 17.44 16.27
CA SER K 57 75.26 16.71 15.02
C SER K 57 75.03 17.63 13.82
N GLU K 58 75.80 17.39 12.77
CA GLU K 58 75.58 18.13 11.53
C GLU K 58 74.29 17.64 10.87
N PRO K 59 73.64 18.50 10.08
CA PRO K 59 72.32 18.14 9.53
C PRO K 59 72.38 16.90 8.66
N GLY K 60 71.38 16.02 8.84
CA GLY K 60 71.31 14.76 8.13
C GLY K 60 72.08 13.63 8.78
N SER K 61 72.92 13.92 9.77
CA SER K 61 73.70 12.90 10.44
C SER K 61 72.91 12.13 11.49
N ILE K 62 71.76 12.64 11.92
CA ILE K 62 70.90 11.94 12.87
C ILE K 62 69.85 11.16 12.11
N LEU K 63 68.96 11.89 11.44
CA LEU K 63 67.84 11.30 10.72
C LEU K 63 68.30 10.81 9.35
N ASN K 64 69.07 9.73 9.36
CA ASN K 64 69.46 9.11 8.10
C ASN K 64 69.16 7.63 8.12
N VAL K 65 69.67 6.89 7.13
CA VAL K 65 69.32 5.49 6.96
C VAL K 65 70.59 4.75 6.56
N ASN K 66 71.75 5.38 6.80
CA ASN K 66 73.02 4.83 6.35
C ASN K 66 73.39 3.57 7.13
N ASP K 67 73.06 3.53 8.41
CA ASP K 67 73.35 2.40 9.28
C ASP K 67 72.25 1.36 9.30
N LEU K 68 71.30 1.43 8.39
CA LEU K 68 70.20 0.47 8.34
C LEU K 68 70.60 -0.69 7.43
N ASP K 69 70.60 -1.90 7.99
CA ASP K 69 70.89 -3.09 7.21
C ASP K 69 69.74 -3.32 6.23
N GLY K 70 70.01 -3.13 4.95
CA GLY K 70 68.98 -3.28 3.94
C GLY K 70 69.19 -4.50 3.06
N VAL K 71 70.05 -5.42 3.48
CA VAL K 71 70.44 -6.53 2.62
C VAL K 71 70.28 -7.86 3.35
N SER K 72 70.49 -7.85 4.67
CA SER K 72 70.46 -9.11 5.41
C SER K 72 69.05 -9.68 5.52
N TYR K 73 68.03 -8.83 5.45
CA TYR K 73 66.67 -9.25 5.75
C TYR K 73 65.71 -9.06 4.59
N LYS K 74 66.23 -8.98 3.37
CA LYS K 74 65.34 -8.88 2.22
C LYS K 74 64.90 -10.28 1.77
N TYR K 75 63.99 -10.29 0.82
CA TYR K 75 63.37 -11.53 0.37
C TYR K 75 64.42 -12.46 -0.24
N LYS K 76 64.44 -13.70 0.23
CA LYS K 76 65.40 -14.71 -0.19
C LYS K 76 64.70 -15.82 -0.95
N ILE K 77 65.27 -16.22 -2.09
CA ILE K 77 64.83 -17.40 -2.82
C ILE K 77 65.92 -18.46 -2.67
N ASN K 78 65.51 -19.72 -2.73
CA ASN K 78 66.42 -20.86 -2.53
C ASN K 78 66.29 -21.82 -3.70
N LYS K 79 67.22 -21.73 -4.66
CA LYS K 79 67.25 -22.69 -5.77
C LYS K 79 67.65 -24.06 -5.25
N LEU K 128 63.91 -27.55 -7.12
CA LEU K 128 63.01 -27.23 -6.01
C LEU K 128 63.14 -25.76 -5.60
N TYR K 129 62.00 -25.17 -5.22
CA TYR K 129 61.91 -23.74 -4.96
C TYR K 129 61.03 -23.49 -3.75
N THR K 130 61.61 -22.95 -2.67
CA THR K 130 60.84 -22.49 -1.52
C THR K 130 61.39 -21.14 -1.06
N HIS K 131 60.65 -20.08 -1.36
CA HIS K 131 60.98 -18.72 -0.95
C HIS K 131 60.31 -18.33 0.38
N TYR K 132 61.13 -17.89 1.34
CA TYR K 132 60.64 -17.38 2.62
C TYR K 132 60.95 -15.89 2.73
N VAL K 133 60.42 -15.25 3.78
CA VAL K 133 60.66 -13.82 4.02
C VAL K 133 60.97 -13.53 5.48
N PRO K 134 62.22 -13.19 5.81
CA PRO K 134 62.60 -12.99 7.21
C PRO K 134 62.22 -11.61 7.72
N SER K 135 62.25 -11.48 9.05
CA SER K 135 61.99 -10.20 9.70
C SER K 135 63.26 -9.38 9.76
N HIS K 136 63.09 -8.08 9.99
CA HIS K 136 64.23 -7.17 10.10
C HIS K 136 64.70 -7.18 11.56
N LYS K 137 65.62 -8.10 11.86
CA LYS K 137 66.07 -8.25 13.24
C LYS K 137 66.75 -6.98 13.76
N GLN K 138 67.36 -6.18 12.87
CA GLN K 138 67.98 -4.94 13.32
C GLN K 138 66.93 -3.97 13.85
N ILE K 139 65.82 -3.83 13.14
CA ILE K 139 64.72 -2.97 13.60
C ILE K 139 64.10 -3.56 14.86
N TYR K 140 64.02 -4.89 14.94
CA TYR K 140 63.52 -5.53 16.16
C TYR K 140 64.29 -5.08 17.39
N LEU K 141 65.63 -5.07 17.30
CA LEU K 141 66.42 -4.64 18.46
C LEU K 141 66.12 -3.20 18.83
N GLU K 142 65.93 -2.34 17.82
CA GLU K 142 65.72 -0.93 18.10
C GLU K 142 64.32 -0.69 18.67
N LEU K 143 63.33 -1.42 18.16
CA LEU K 143 61.97 -1.26 18.66
C LEU K 143 61.86 -1.72 20.11
N GLU K 144 62.57 -2.78 20.48
CA GLU K 144 62.54 -3.23 21.86
C GLU K 144 63.06 -2.16 22.82
N LYS K 145 64.15 -1.47 22.43
CA LYS K 145 64.66 -0.39 23.25
C LYS K 145 63.67 0.75 23.33
N ILE K 146 62.99 1.05 22.22
CA ILE K 146 62.02 2.14 22.21
C ILE K 146 60.94 1.87 23.26
N LYS K 147 60.45 0.63 23.32
CA LYS K 147 59.45 0.28 24.31
C LYS K 147 59.98 0.46 25.73
N THR K 148 61.28 0.20 25.92
CA THR K 148 61.88 0.42 27.23
C THR K 148 61.88 1.89 27.59
N TYR K 149 62.31 2.76 26.67
CA TYR K 149 62.28 4.20 26.93
C TYR K 149 60.86 4.65 27.20
N ALA K 150 59.89 4.08 26.48
CA ALA K 150 58.51 4.50 26.61
C ALA K 150 57.93 4.06 27.96
N SER K 151 58.25 2.84 28.37
CA SER K 151 57.76 2.33 29.66
C SER K 151 58.23 3.21 30.80
N GLU K 152 59.53 3.50 30.86
CA GLU K 152 60.06 4.34 31.93
C GLU K 152 59.47 5.73 31.89
N LEU K 153 59.16 6.24 30.69
CA LEU K 153 58.56 7.57 30.60
C LEU K 153 57.17 7.58 31.22
N ILE K 154 56.34 6.59 30.87
CA ILE K 154 54.99 6.54 31.40
C ILE K 154 55.02 6.46 32.93
N GLU K 155 55.91 5.63 33.46
CA GLU K 155 56.02 5.50 34.91
C GLU K 155 56.48 6.81 35.55
N ILE K 156 57.52 7.43 34.98
CA ILE K 156 58.05 8.67 35.55
C ILE K 156 57.04 9.79 35.40
N ILE K 157 56.55 9.99 34.17
CA ILE K 157 55.63 11.11 33.92
C ILE K 157 54.31 10.88 34.62
N GLY K 158 53.86 9.62 34.68
CA GLY K 158 52.59 9.33 35.30
C GLY K 158 52.52 9.72 36.76
N ASN K 159 53.61 9.51 37.50
CA ASN K 159 53.61 9.83 38.93
C ASN K 159 53.76 11.33 39.18
N ILE K 160 54.54 12.03 38.35
CA ILE K 160 54.62 13.48 38.48
C ILE K 160 53.26 14.11 38.20
N LYS K 161 52.54 13.61 37.19
CA LYS K 161 51.22 14.14 36.88
C LYS K 161 50.26 13.91 38.02
N LEU K 162 50.25 12.68 38.58
CA LEU K 162 49.39 12.40 39.72
C LEU K 162 49.73 13.31 40.90
N TRP K 163 51.02 13.56 41.13
CA TRP K 163 51.42 14.41 42.24
C TRP K 163 50.89 15.83 42.08
N ILE K 164 50.96 16.38 40.86
CA ILE K 164 50.43 17.72 40.65
C ILE K 164 48.92 17.71 40.81
N GLN K 165 48.24 16.68 40.30
CA GLN K 165 46.81 16.57 40.47
C GLN K 165 46.43 16.55 41.95
N LEU K 166 47.16 15.77 42.75
CA LEU K 166 46.88 15.76 44.18
C LEU K 166 47.16 17.09 44.84
N ASN K 167 47.89 17.99 44.17
CA ASN K 167 48.22 19.28 44.73
C ASN K 167 47.33 20.41 44.21
N VAL K 168 46.34 20.09 43.37
CA VAL K 168 45.41 21.11 42.89
C VAL K 168 44.41 21.43 44.01
N PRO K 169 44.20 22.71 44.33
CA PRO K 169 43.40 23.06 45.52
C PRO K 169 41.90 22.87 45.34
N ARG K 170 41.16 23.11 46.41
CA ARG K 170 39.71 23.18 46.32
C ARG K 170 39.30 24.21 45.29
N ILE K 171 38.29 23.88 44.48
CA ILE K 171 37.81 24.82 43.48
C ILE K 171 37.20 26.03 44.18
N GLU K 172 37.65 27.22 43.80
CA GLU K 172 37.15 28.46 44.36
C GLU K 172 36.91 29.45 43.23
N ASP K 173 36.12 30.48 43.52
CA ASP K 173 35.81 31.51 42.55
C ASP K 173 36.82 32.63 42.66
N GLY K 174 37.59 32.85 41.60
CA GLY K 174 38.53 33.93 41.53
C GLY K 174 39.83 33.63 42.27
N ASN K 175 40.86 34.41 41.94
CA ASN K 175 42.19 34.27 42.52
C ASN K 175 42.74 32.86 42.37
N ASN K 176 42.32 32.18 41.30
CA ASN K 176 42.83 30.87 40.95
C ASN K 176 43.54 30.95 39.61
N PHE K 177 44.47 31.90 39.48
CA PHE K 177 45.34 31.98 38.31
C PHE K 177 46.41 30.89 38.35
N GLY K 178 46.95 30.61 39.54
CA GLY K 178 47.97 29.59 39.67
C GLY K 178 47.47 28.20 39.32
N VAL K 179 46.16 27.96 39.49
CA VAL K 179 45.58 26.68 39.12
C VAL K 179 45.69 26.44 37.62
N GLY K 180 45.59 27.49 36.82
CA GLY K 180 45.79 27.32 35.39
C GLY K 180 47.18 26.82 35.05
N ILE K 181 48.19 27.30 35.79
CA ILE K 181 49.55 26.80 35.62
C ILE K 181 49.61 25.32 35.93
N GLN K 182 48.98 24.91 37.03
CA GLN K 182 48.93 23.49 37.37
C GLN K 182 48.27 22.68 36.27
N GLU K 183 47.14 23.17 35.76
CA GLU K 183 46.42 22.45 34.71
C GLU K 183 47.24 22.38 33.42
N GLU K 184 47.89 23.49 33.05
CA GLU K 184 48.75 23.48 31.87
C GLU K 184 49.85 22.44 31.99
N ALA K 185 50.44 22.32 33.18
CA ALA K 185 51.47 21.34 33.40
C ALA K 185 50.92 19.92 33.29
N ILE K 186 49.75 19.69 33.90
CA ILE K 186 49.13 18.37 33.82
C ILE K 186 48.83 18.01 32.37
N GLN K 187 48.35 19.00 31.59
CA GLN K 187 48.02 18.75 30.20
C GLN K 187 49.26 18.32 29.40
N GLU K 188 50.35 19.06 29.55
CA GLU K 188 51.57 18.71 28.81
C GLU K 188 52.11 17.36 29.27
N LEU K 189 52.07 17.10 30.58
CA LEU K 189 52.49 15.79 31.08
C LEU K 189 51.61 14.69 30.50
N ALA K 190 50.29 14.92 30.45
CA ALA K 190 49.40 13.89 29.92
C ALA K 190 49.59 13.71 28.42
N ARG K 191 49.88 14.79 27.70
CA ARG K 191 50.11 14.70 26.26
C ARG K 191 51.34 13.83 25.95
N VAL K 192 52.46 14.10 26.63
CA VAL K 192 53.66 13.33 26.38
C VAL K 192 53.44 11.87 26.73
N GLU K 193 52.72 11.61 27.82
CA GLU K 193 52.45 10.24 28.23
C GLU K 193 51.62 9.51 27.18
N GLU K 194 50.57 10.15 26.66
CA GLU K 194 49.75 9.51 25.64
C GLU K 194 50.55 9.25 24.36
N SER K 195 51.43 10.19 23.99
CA SER K 195 52.23 10.00 22.79
C SER K 195 53.09 8.75 22.91
N ALA K 196 53.74 8.55 24.04
CA ALA K 196 54.55 7.35 24.24
C ALA K 196 53.69 6.10 24.30
N PHE K 197 52.47 6.20 24.83
CA PHE K 197 51.59 5.05 24.98
C PHE K 197 51.21 4.44 23.63
N ASN K 198 51.10 5.26 22.59
CA ASN K 198 50.66 4.76 21.29
C ASN K 198 51.73 3.93 20.57
N LEU K 199 52.96 3.93 21.08
CA LEU K 199 54.03 3.23 20.41
C LEU K 199 53.81 1.72 20.44
N TYR K 200 53.26 1.20 21.54
CA TYR K 200 53.06 -0.24 21.64
C TYR K 200 52.11 -0.72 20.56
N ASP K 201 51.03 0.03 20.33
CA ASP K 201 50.07 -0.34 19.30
C ASP K 201 50.67 -0.10 17.92
N ALA K 202 51.43 0.99 17.76
CA ALA K 202 52.03 1.30 16.48
C ALA K 202 53.04 0.24 16.04
N ILE K 203 53.71 -0.39 17.00
CA ILE K 203 54.71 -1.38 16.67
C ILE K 203 54.07 -2.64 16.11
N VAL K 204 52.91 -3.04 16.64
CA VAL K 204 52.20 -4.18 16.08
C VAL K 204 51.84 -3.91 14.62
N LYS K 205 51.45 -2.67 14.31
CA LYS K 205 51.08 -2.35 12.94
C LYS K 205 52.26 -2.49 12.00
N TYR K 206 53.47 -2.18 12.47
CA TYR K 206 54.66 -2.37 11.64
C TYR K 206 54.79 -3.82 11.18
N TYR K 207 54.77 -4.76 12.11
CA TYR K 207 54.93 -6.16 11.74
C TYR K 207 53.78 -6.63 10.85
N MET K 208 52.55 -6.22 11.17
CA MET K 208 51.42 -6.59 10.31
C MET K 208 51.59 -6.04 8.90
N GLU K 209 51.99 -4.77 8.78
CA GLU K 209 52.15 -4.19 7.46
C GLU K 209 53.29 -4.83 6.69
N ARG K 210 54.43 -5.07 7.34
CA ARG K 210 55.52 -5.72 6.65
C ARG K 210 55.12 -7.12 6.20
N ALA K 211 54.33 -7.81 7.02
CA ALA K 211 53.89 -9.15 6.65
C ALA K 211 52.95 -9.11 5.46
N LYS K 212 52.05 -8.12 5.43
CA LYS K 212 51.11 -8.00 4.33
C LYS K 212 51.84 -7.79 3.01
N ILE K 213 52.77 -6.85 2.97
CA ILE K 213 53.52 -6.59 1.74
C ILE K 213 54.32 -7.81 1.33
N SER K 214 54.91 -8.52 2.29
CA SER K 214 55.69 -9.71 1.99
C SER K 214 54.85 -10.79 1.30
N THR K 215 53.59 -10.95 1.71
CA THR K 215 52.71 -11.89 1.00
C THR K 215 52.59 -11.51 -0.47
N LYS K 216 52.50 -10.22 -0.76
CA LYS K 216 52.36 -9.78 -2.15
C LYS K 216 53.64 -10.03 -2.93
N VAL K 217 54.79 -9.86 -2.28
CA VAL K 217 56.07 -10.18 -2.93
C VAL K 217 56.11 -11.66 -3.30
N LEU K 218 55.57 -12.51 -2.43
CA LEU K 218 55.54 -13.93 -2.73
C LEU K 218 54.60 -14.23 -3.88
N LYS K 219 53.46 -13.53 -3.96
CA LYS K 219 52.51 -13.79 -5.04
C LYS K 219 52.97 -13.19 -6.36
N TYR K 220 53.58 -12.01 -6.31
CA TYR K 220 54.04 -11.28 -7.51
C TYR K 220 55.53 -11.04 -7.32
N PRO K 221 56.36 -12.07 -7.44
CA PRO K 221 57.80 -11.91 -7.15
C PRO K 221 58.54 -11.02 -8.12
N ASN K 222 57.97 -10.67 -9.27
CA ASN K 222 58.61 -9.75 -10.18
C ASN K 222 58.02 -8.34 -10.20
N VAL K 223 56.80 -8.17 -9.70
CA VAL K 223 56.24 -6.82 -9.53
C VAL K 223 57.11 -6.12 -8.49
N SER K 224 58.01 -5.26 -8.99
CA SER K 224 59.10 -4.72 -8.18
C SER K 224 58.62 -3.70 -7.15
N ASP K 225 57.50 -3.02 -7.39
CA ASP K 225 57.08 -2.00 -6.43
C ASP K 225 56.71 -2.60 -5.09
N TYR K 226 56.24 -3.85 -5.08
CA TYR K 226 55.95 -4.52 -3.81
C TYR K 226 57.23 -4.71 -3.01
N GLN K 227 58.34 -5.01 -3.68
CA GLN K 227 59.62 -5.11 -2.99
C GLN K 227 60.14 -3.74 -2.58
N GLU K 228 59.92 -2.72 -3.40
CA GLU K 228 60.28 -1.37 -2.99
C GLU K 228 59.46 -0.94 -1.79
N ALA K 229 58.21 -1.41 -1.69
CA ALA K 229 57.38 -1.07 -0.55
C ALA K 229 57.92 -1.66 0.74
N VAL K 230 58.40 -2.90 0.69
CA VAL K 230 59.02 -3.49 1.88
C VAL K 230 60.22 -2.67 2.32
N ARG K 231 61.10 -2.36 1.38
CA ARG K 231 62.27 -1.53 1.69
C ARG K 231 61.85 -0.19 2.27
N GLU K 232 60.87 0.46 1.64
CA GLU K 232 60.45 1.78 2.10
C GLU K 232 59.81 1.72 3.48
N LEU K 233 59.06 0.65 3.76
CA LEU K 233 58.48 0.49 5.09
C LEU K 233 59.57 0.42 6.15
N ASP K 234 60.61 -0.37 5.89
CA ASP K 234 61.72 -0.48 6.84
C ASP K 234 62.44 0.85 6.98
N GLU K 235 62.68 1.55 5.87
CA GLU K 235 63.32 2.86 5.97
C GLU K 235 62.43 3.85 6.73
N LYS K 236 61.12 3.75 6.54
CA LYS K 236 60.22 4.61 7.30
C LYS K 236 60.29 4.29 8.79
N GLU K 237 60.25 3.01 9.14
CA GLU K 237 60.32 2.64 10.55
C GLU K 237 61.65 3.04 11.16
N TRP K 238 62.73 2.92 10.39
CA TRP K 238 64.05 3.33 10.89
C TRP K 238 64.06 4.81 11.24
N ILE K 239 63.49 5.65 10.38
CA ILE K 239 63.44 7.09 10.66
C ILE K 239 62.52 7.38 11.83
N HIS K 240 61.32 6.77 11.85
CA HIS K 240 60.39 7.04 12.95
C HIS K 240 61.02 6.68 14.29
N ILE K 241 61.79 5.59 14.33
CA ILE K 241 62.48 5.19 15.56
C ILE K 241 63.37 6.33 16.05
N LYS K 242 64.16 6.90 15.15
CA LYS K 242 65.08 7.95 15.54
C LYS K 242 64.36 9.23 15.93
N ILE K 243 63.28 9.58 15.22
CA ILE K 243 62.51 10.76 15.59
C ILE K 243 61.90 10.57 16.97
N THR K 244 61.48 9.33 17.28
CA THR K 244 60.96 9.05 18.61
C THR K 244 61.98 9.31 19.68
N ILE K 245 63.24 8.91 19.44
CA ILE K 245 64.29 9.13 20.43
C ILE K 245 64.55 10.62 20.62
N VAL K 246 64.53 11.39 19.52
CA VAL K 246 64.68 12.84 19.64
C VAL K 246 63.51 13.43 20.42
N ASP K 247 62.29 12.96 20.13
CA ASP K 247 61.13 13.44 20.86
C ASP K 247 61.21 13.09 22.34
N MET K 248 61.78 11.93 22.67
CA MET K 248 62.06 11.60 24.06
C MET K 248 62.94 12.66 24.69
N ARG K 249 64.11 12.88 24.10
CA ARG K 249 65.04 13.91 24.58
C ARG K 249 64.36 15.27 24.74
N ASN K 250 63.65 15.72 23.71
CA ASN K 250 63.07 17.05 23.73
C ASN K 250 61.92 17.14 24.73
N ASN K 251 61.11 16.08 24.85
CA ASN K 251 60.00 16.13 25.79
C ASN K 251 60.49 16.14 27.23
N TYR K 252 61.50 15.33 27.54
CA TYR K 252 62.04 15.33 28.89
C TYR K 252 62.58 16.70 29.25
N ILE K 253 63.17 17.40 28.28
CA ILE K 253 63.80 18.69 28.57
C ILE K 253 62.75 19.77 28.77
N MET K 254 61.80 19.86 27.84
CA MET K 254 60.77 20.90 27.94
C MET K 254 59.86 20.69 29.13
N LEU K 255 59.59 19.43 29.51
CA LEU K 255 58.80 19.19 30.71
C LEU K 255 59.57 19.64 31.94
N TYR K 256 60.87 19.31 31.99
CA TYR K 256 61.71 19.75 33.10
C TYR K 256 61.79 21.27 33.15
N ASP K 257 62.04 21.90 32.01
CA ASP K 257 62.14 23.35 31.96
C ASP K 257 60.82 24.00 32.36
N LEU K 258 59.69 23.41 31.95
CA LEU K 258 58.38 23.97 32.30
C LEU K 258 58.13 23.89 33.80
N LEU K 259 58.36 22.71 34.38
CA LEU K 259 58.14 22.56 35.82
C LEU K 259 59.13 23.39 36.63
N TYR K 260 60.38 23.43 36.19
CA TYR K 260 61.40 24.20 36.91
C TYR K 260 61.04 25.68 36.96
N LYS K 261 60.67 26.25 35.81
CA LYS K 261 60.39 27.69 35.75
C LYS K 261 59.16 28.05 36.57
N ASN K 262 58.13 27.21 36.53
CA ASN K 262 56.86 27.50 37.20
C ASN K 262 56.71 26.72 38.50
N TRP K 263 57.83 26.35 39.12
CA TRP K 263 57.78 25.47 40.27
C TRP K 263 57.02 26.11 41.43
N GLU K 264 57.18 27.42 41.60
CA GLU K 264 56.57 28.10 42.75
C GLU K 264 55.05 27.99 42.71
N LYS K 265 54.46 28.16 41.53
CA LYS K 265 53.02 28.05 41.40
C LYS K 265 52.54 26.62 41.28
N VAL K 266 53.39 25.69 40.84
CA VAL K 266 52.96 24.29 40.71
C VAL K 266 52.75 23.66 42.07
N VAL K 267 53.61 23.99 43.05
CA VAL K 267 53.47 23.44 44.39
C VAL K 267 52.51 24.28 45.24
N LYS K 268 52.68 25.60 45.21
CA LYS K 268 51.85 26.51 46.00
C LYS K 268 51.18 27.50 45.05
N PRO K 269 50.06 27.11 44.43
CA PRO K 269 49.39 27.98 43.47
C PRO K 269 48.59 29.12 44.10
N LYS K 270 48.58 29.21 45.44
CA LYS K 270 47.81 30.22 46.13
C LYS K 270 48.67 30.75 47.28
N ASN K 271 48.22 31.87 47.85
CA ASN K 271 49.00 32.62 48.85
C ASN K 271 50.33 33.09 48.27
N LEU L 6 54.01 18.14 52.04
CA LEU L 6 54.52 17.15 52.98
C LEU L 6 55.93 16.70 52.59
N ASN L 7 56.77 17.69 52.32
CA ASN L 7 58.20 17.51 52.05
C ASN L 7 58.85 18.89 52.07
N LYS L 8 59.55 19.22 53.15
CA LYS L 8 59.81 20.62 53.46
C LYS L 8 60.75 21.29 52.46
N ILE L 9 61.63 20.54 51.82
CA ILE L 9 62.50 21.12 50.81
C ILE L 9 61.77 21.13 49.47
N ASP L 10 61.93 22.21 48.72
CA ASP L 10 61.11 22.47 47.53
C ASP L 10 61.95 22.99 46.38
N LYS L 11 63.18 22.49 46.23
CA LYS L 11 64.00 22.85 45.09
C LYS L 11 64.40 21.62 44.30
N ILE L 12 64.45 21.77 42.97
CA ILE L 12 64.65 20.64 42.08
C ILE L 12 65.78 20.89 41.11
N GLU L 13 66.81 21.59 41.54
CA GLU L 13 68.02 21.62 40.75
C GLU L 13 68.62 20.22 40.74
N PRO L 14 69.23 19.79 39.64
CA PRO L 14 69.73 18.41 39.59
C PRO L 14 70.71 18.15 40.72
N SER L 15 70.56 16.98 41.35
CA SER L 15 71.39 16.67 42.50
C SER L 15 72.83 16.38 42.08
N ASP L 16 73.00 15.67 40.97
CA ASP L 16 74.31 15.31 40.46
C ASP L 16 74.96 16.53 39.83
N GLN L 17 76.12 16.93 40.38
CA GLN L 17 76.79 18.11 39.86
C GLN L 17 77.36 17.88 38.47
N LYS L 18 77.78 16.66 38.15
CA LYS L 18 78.25 16.38 36.80
C LYS L 18 77.12 16.52 35.78
N ILE L 19 75.92 16.06 36.15
CA ILE L 19 74.78 16.20 35.26
C ILE L 19 74.38 17.66 35.10
N LYS L 20 74.42 18.42 36.20
CA LYS L 20 74.04 19.84 36.15
C LYS L 20 74.86 20.59 35.10
N GLU L 21 76.14 20.27 34.99
CA GLU L 21 77.00 20.94 34.01
C GLU L 21 76.63 20.49 32.60
N GLU L 22 76.47 19.18 32.42
CA GLU L 22 76.12 18.63 31.12
C GLU L 22 74.79 19.18 30.61
N TYR L 23 73.84 19.43 31.53
CA TYR L 23 72.56 20.01 31.15
C TYR L 23 72.73 21.45 30.69
N ASN L 24 73.48 22.25 31.44
CA ASN L 24 73.73 23.63 31.02
C ASN L 24 74.53 23.67 29.73
N LYS L 25 75.46 22.72 29.56
CA LYS L 25 76.17 22.60 28.30
C LYS L 25 75.19 22.32 27.16
N PHE L 26 74.18 21.50 27.42
CA PHE L 26 73.18 21.20 26.41
C PHE L 26 72.38 22.44 26.03
N LYS L 27 71.94 23.22 27.01
CA LYS L 27 71.17 24.43 26.70
C LYS L 27 72.03 25.42 25.92
N TYR L 28 73.32 25.50 26.24
CA TYR L 28 74.23 26.33 25.46
C TYR L 28 74.37 25.80 24.03
N ASP L 29 74.56 24.47 23.90
CA ASP L 29 74.78 23.89 22.58
C ASP L 29 73.58 24.08 21.66
N ILE L 30 72.36 24.04 22.20
CA ILE L 30 71.18 24.30 21.38
C ILE L 30 71.21 25.72 20.82
N THR L 31 71.34 26.70 21.72
CA THR L 31 71.39 28.10 21.29
C THR L 31 72.43 28.28 20.20
N LYS L 32 73.59 27.65 20.36
CA LYS L 32 74.60 27.69 19.31
C LYS L 32 74.05 27.15 18.00
N GLN L 33 73.46 25.95 18.04
CA GLN L 33 72.97 25.33 16.81
C GLN L 33 71.81 26.12 16.22
N ALA L 34 70.91 26.62 17.07
CA ALA L 34 69.76 27.37 16.56
C ALA L 34 70.21 28.65 15.86
N ILE L 35 71.10 29.41 16.50
CA ILE L 35 71.61 30.63 15.88
C ILE L 35 72.36 30.31 14.59
N GLU L 36 73.17 29.25 14.61
CA GLU L 36 73.86 28.84 13.40
C GLU L 36 72.88 28.46 12.29
N SER L 37 71.77 27.80 12.65
CA SER L 37 70.78 27.42 11.65
C SER L 37 70.11 28.65 11.05
N LEU L 38 69.85 29.66 11.87
CA LEU L 38 69.21 30.88 11.34
C LEU L 38 70.20 31.72 10.54
N ARG L 39 71.47 31.73 10.94
CA ARG L 39 72.46 32.57 10.27
C ARG L 39 73.05 31.93 9.02
N GLU L 40 73.11 30.60 8.97
CA GLU L 40 73.76 29.93 7.85
C GLU L 40 72.87 28.87 7.22
N ARG L 41 72.43 27.90 8.03
CA ARG L 41 71.83 26.69 7.49
C ARG L 41 70.55 27.00 6.73
N ILE L 42 69.69 27.83 7.30
CA ILE L 42 68.40 28.12 6.67
C ILE L 42 68.61 29.02 5.46
N PRO L 43 69.32 30.15 5.56
CA PRO L 43 69.59 30.93 4.34
C PRO L 43 70.25 30.12 3.25
N LYS L 44 71.18 29.23 3.60
CA LYS L 44 71.82 28.37 2.60
C LYS L 44 70.79 27.50 1.88
N ARG L 45 69.82 26.97 2.63
CA ARG L 45 68.85 26.08 2.00
C ARG L 45 67.82 26.83 1.16
N ILE L 46 67.51 28.07 1.53
CA ILE L 46 66.64 28.89 0.70
C ILE L 46 67.20 29.00 -0.71
N ILE L 47 68.47 29.35 -0.83
CA ILE L 47 69.13 29.45 -2.13
C ILE L 47 69.17 28.08 -2.81
N PHE L 48 69.41 27.02 -2.05
CA PHE L 48 69.48 25.68 -2.65
C PHE L 48 68.18 25.31 -3.32
N PHE L 49 67.07 25.37 -2.58
CA PHE L 49 65.79 24.99 -3.16
C PHE L 49 65.36 25.94 -4.26
N ASN L 50 65.70 27.23 -4.14
CA ASN L 50 65.44 28.14 -5.26
C ASN L 50 66.21 27.71 -6.48
N ASN L 51 67.43 27.18 -6.30
CA ASN L 51 68.19 26.65 -7.42
C ASN L 51 67.54 25.43 -8.04
N LEU L 52 66.67 24.73 -7.29
CA LEU L 52 65.96 23.60 -7.87
C LEU L 52 64.66 24.02 -8.53
N VAL L 53 63.98 25.02 -7.97
CA VAL L 53 62.72 25.55 -8.51
C VAL L 53 62.79 27.07 -8.51
N ASN L 54 63.42 27.63 -9.53
CA ASN L 54 63.73 29.07 -9.52
C ASN L 54 62.47 29.92 -9.66
N VAL L 55 62.40 30.96 -8.83
CA VAL L 55 61.23 31.85 -8.83
C VAL L 55 61.12 32.57 -10.16
N ASN L 56 62.24 32.75 -10.86
CA ASN L 56 62.20 33.45 -12.14
C ASN L 56 61.66 32.60 -13.27
N SER L 57 61.30 31.35 -13.02
CA SER L 57 60.78 30.50 -14.08
C SER L 57 59.43 31.02 -14.54
N GLU L 58 59.20 30.93 -15.85
CA GLU L 58 57.91 31.29 -16.40
C GLU L 58 56.89 30.20 -16.07
N PRO L 59 55.61 30.55 -15.98
CA PRO L 59 54.60 29.58 -15.53
C PRO L 59 54.51 28.36 -16.43
N GLY L 60 54.41 27.19 -15.80
CA GLY L 60 54.35 25.93 -16.49
C GLY L 60 55.70 25.30 -16.80
N SER L 61 56.79 26.05 -16.63
CA SER L 61 58.11 25.51 -16.91
C SER L 61 58.66 24.65 -15.77
N ILE L 62 58.11 24.76 -14.57
CA ILE L 62 58.51 23.91 -13.46
C ILE L 62 57.50 22.77 -13.30
N LEU L 63 56.26 23.12 -12.99
CA LEU L 63 55.23 22.11 -12.71
C LEU L 63 54.74 21.55 -14.04
N ASN L 64 55.62 20.81 -14.69
CA ASN L 64 55.28 20.09 -15.91
C ASN L 64 55.69 18.65 -15.75
N VAL L 65 55.68 17.89 -16.85
CA VAL L 65 55.94 16.46 -16.76
C VAL L 65 56.84 16.09 -17.93
N ASN L 66 57.49 17.11 -18.50
CA ASN L 66 58.30 16.91 -19.70
C ASN L 66 59.54 16.08 -19.40
N ASP L 67 60.09 16.19 -18.20
CA ASP L 67 61.29 15.44 -17.83
C ASP L 67 60.99 14.07 -17.26
N LEU L 68 59.74 13.60 -17.34
CA LEU L 68 59.37 12.32 -16.79
C LEU L 68 59.44 11.23 -17.85
N ASP L 69 60.30 10.24 -17.64
CA ASP L 69 60.41 9.09 -18.53
C ASP L 69 59.14 8.26 -18.41
N GLY L 70 58.33 8.22 -19.46
CA GLY L 70 57.07 7.50 -19.39
C GLY L 70 57.02 6.21 -20.17
N VAL L 71 58.18 5.69 -20.59
CA VAL L 71 58.19 4.53 -21.47
C VAL L 71 59.12 3.44 -20.95
N SER L 72 60.20 3.85 -20.26
CA SER L 72 61.19 2.87 -19.83
C SER L 72 60.68 1.96 -18.71
N TYR L 73 59.70 2.42 -17.92
CA TYR L 73 59.32 1.69 -16.73
C TYR L 73 57.84 1.28 -16.75
N LYS L 74 57.24 1.23 -17.92
CA LYS L 74 55.88 0.71 -18.04
C LYS L 74 55.95 -0.80 -18.24
N TYR L 75 54.79 -1.46 -18.18
CA TYR L 75 54.80 -2.92 -18.29
C TYR L 75 55.19 -3.34 -19.70
N LYS L 76 56.16 -4.24 -19.77
CA LYS L 76 56.68 -4.75 -21.04
C LYS L 76 56.29 -6.23 -21.17
N ILE L 77 55.72 -6.58 -22.32
CA ILE L 77 55.35 -7.96 -22.59
C ILE L 77 56.52 -8.70 -23.21
N VAL L 110 68.67 -7.66 -11.41
CA VAL L 110 67.25 -7.36 -11.39
C VAL L 110 66.45 -8.43 -12.13
N LYS L 111 66.62 -9.70 -11.75
CA LYS L 111 65.89 -10.79 -12.39
C LYS L 111 65.60 -11.89 -11.38
N HIS L 112 64.35 -12.33 -11.31
CA HIS L 112 63.92 -13.46 -10.48
C HIS L 112 63.11 -14.41 -11.33
N PHE L 113 63.10 -15.69 -10.94
CA PHE L 113 62.35 -16.74 -11.62
C PHE L 113 62.66 -16.76 -13.12
N SER L 114 63.95 -16.90 -13.42
CA SER L 114 64.41 -16.77 -14.81
C SER L 114 63.95 -17.90 -15.70
N ASN L 115 63.51 -19.02 -15.14
CA ASN L 115 63.15 -20.19 -15.95
C ASN L 115 61.80 -20.06 -16.63
N ASN L 116 60.78 -19.59 -15.89
CA ASN L 116 59.41 -19.47 -16.40
C ASN L 116 59.08 -17.99 -16.53
N GLU L 117 58.98 -17.50 -17.78
CA GLU L 117 58.73 -16.09 -18.03
C GLU L 117 57.26 -15.84 -18.35
N ASP L 118 56.72 -14.77 -17.75
CA ASP L 118 55.33 -14.34 -17.95
C ASP L 118 54.33 -15.48 -17.90
N SER L 119 54.16 -16.10 -16.74
CA SER L 119 53.28 -17.25 -16.61
C SER L 119 52.70 -17.29 -15.20
N LYS L 120 51.73 -18.18 -15.00
CA LYS L 120 51.14 -18.44 -13.70
C LYS L 120 51.63 -19.80 -13.22
N LEU L 121 52.11 -19.86 -11.98
CA LEU L 121 52.74 -21.07 -11.44
C LEU L 121 52.02 -21.50 -10.17
N ILE L 122 52.36 -22.70 -9.70
CA ILE L 122 51.84 -23.27 -8.46
C ILE L 122 53.03 -23.67 -7.60
N ILE L 123 53.34 -22.86 -6.59
CA ILE L 123 54.45 -23.08 -5.67
C ILE L 123 53.93 -22.95 -4.25
N ASP L 124 54.28 -23.91 -3.39
CA ASP L 124 53.84 -23.94 -1.99
C ASP L 124 52.32 -23.94 -1.87
N ASP L 125 51.65 -24.70 -2.75
CA ASP L 125 50.20 -24.86 -2.76
C ASP L 125 49.47 -23.55 -3.07
N LYS L 126 50.19 -22.51 -3.50
CA LYS L 126 49.64 -21.20 -3.76
C LYS L 126 49.85 -20.80 -5.21
N VAL L 127 49.21 -19.68 -5.60
CA VAL L 127 49.29 -19.14 -6.94
C VAL L 127 50.52 -18.24 -7.03
N LEU L 128 51.12 -18.19 -8.22
CA LEU L 128 52.39 -17.50 -8.45
C LEU L 128 52.36 -16.86 -9.82
N TYR L 129 52.81 -15.60 -9.90
CA TYR L 129 52.88 -14.86 -11.15
C TYR L 129 54.34 -14.51 -11.43
N THR L 130 54.85 -14.91 -12.60
CA THR L 130 56.22 -14.58 -12.97
C THR L 130 56.34 -13.22 -13.65
N HIS L 131 55.27 -12.73 -14.27
CA HIS L 131 55.17 -11.40 -14.89
C HIS L 131 56.08 -10.34 -14.27
N TYR L 132 56.84 -9.63 -15.10
CA TYR L 132 57.79 -8.62 -14.65
C TYR L 132 57.24 -7.22 -14.91
N VAL L 133 57.23 -6.39 -13.87
CA VAL L 133 56.80 -5.00 -13.96
C VAL L 133 57.78 -4.15 -13.17
N PRO L 134 58.63 -3.37 -13.80
CA PRO L 134 59.70 -2.68 -13.07
C PRO L 134 59.20 -1.43 -12.37
N SER L 135 60.02 -0.97 -11.42
CA SER L 135 59.73 0.28 -10.73
C SER L 135 60.28 1.45 -11.52
N HIS L 136 59.78 2.64 -11.22
CA HIS L 136 60.18 3.84 -11.92
C HIS L 136 61.44 4.35 -11.24
N LYS L 137 62.60 3.94 -11.77
CA LYS L 137 63.87 4.29 -11.15
C LYS L 137 64.07 5.80 -11.11
N GLN L 138 63.54 6.53 -12.09
CA GLN L 138 63.69 7.98 -12.10
C GLN L 138 62.97 8.61 -10.91
N ILE L 139 61.74 8.18 -10.63
CA ILE L 139 61.00 8.67 -9.48
C ILE L 139 61.66 8.21 -8.18
N TYR L 140 62.18 6.99 -8.16
CA TYR L 140 62.88 6.48 -6.99
C TYR L 140 64.02 7.41 -6.59
N LEU L 141 64.84 7.82 -7.56
CA LEU L 141 65.96 8.70 -7.24
C LEU L 141 65.50 10.05 -6.72
N GLU L 142 64.39 10.58 -7.24
CA GLU L 142 63.93 11.87 -6.77
C GLU L 142 63.35 11.75 -5.36
N LEU L 143 62.68 10.63 -5.08
CA LEU L 143 62.13 10.41 -3.76
C LEU L 143 63.23 10.25 -2.72
N GLU L 144 64.33 9.58 -3.09
CA GLU L 144 65.44 9.44 -2.17
C GLU L 144 65.98 10.80 -1.77
N LYS L 145 66.03 11.72 -2.73
CA LYS L 145 66.46 13.09 -2.41
C LYS L 145 65.44 13.79 -1.52
N ILE L 146 64.15 13.58 -1.77
CA ILE L 146 63.12 14.23 -0.96
C ILE L 146 63.27 13.86 0.51
N LYS L 147 63.49 12.57 0.77
CA LYS L 147 63.66 12.14 2.16
C LYS L 147 64.86 12.81 2.81
N THR L 148 65.93 13.03 2.03
CA THR L 148 67.08 13.74 2.56
C THR L 148 66.70 15.17 2.93
N TYR L 149 66.02 15.87 2.02
CA TYR L 149 65.57 17.23 2.31
C TYR L 149 64.67 17.24 3.53
N ALA L 150 63.81 16.23 3.67
CA ALA L 150 62.86 16.20 4.78
C ALA L 150 63.58 15.92 6.10
N SER L 151 64.54 15.00 6.10
CA SER L 151 65.27 14.70 7.32
C SER L 151 65.98 15.94 7.86
N GLU L 152 66.74 16.62 6.99
CA GLU L 152 67.48 17.79 7.42
C GLU L 152 66.56 18.89 7.93
N LEU L 153 65.36 19.02 7.36
CA LEU L 153 64.43 20.03 7.85
C LEU L 153 63.97 19.68 9.26
N ILE L 154 63.61 18.42 9.50
CA ILE L 154 63.17 18.01 10.83
C ILE L 154 64.26 18.28 11.85
N GLU L 155 65.51 18.01 11.49
CA GLU L 155 66.63 18.27 12.40
C GLU L 155 66.77 19.77 12.68
N ILE L 156 66.79 20.58 11.63
CA ILE L 156 67.01 22.01 11.80
C ILE L 156 65.80 22.67 12.46
N ILE L 157 64.60 22.47 11.90
CA ILE L 157 63.42 23.16 12.41
C ILE L 157 63.07 22.65 13.80
N GLY L 158 63.25 21.36 14.04
CA GLY L 158 62.94 20.80 15.34
C GLY L 158 63.77 21.43 16.43
N ASN L 159 65.04 21.74 16.13
CA ASN L 159 65.94 22.29 17.13
C ASN L 159 65.65 23.76 17.41
N ILE L 160 65.30 24.54 16.39
CA ILE L 160 64.90 25.92 16.61
C ILE L 160 63.64 25.99 17.47
N LYS L 161 62.69 25.08 17.22
CA LYS L 161 61.47 25.05 18.01
C LYS L 161 61.77 24.77 19.48
N LEU L 162 62.62 23.78 19.74
CA LEU L 162 62.98 23.47 21.14
C LEU L 162 63.64 24.67 21.81
N TRP L 163 64.52 25.37 21.08
CA TRP L 163 65.20 26.51 21.68
C TRP L 163 64.21 27.60 22.08
N ILE L 164 63.23 27.87 21.23
CA ILE L 164 62.21 28.87 21.57
C ILE L 164 61.36 28.37 22.73
N GLN L 165 61.03 27.08 22.74
CA GLN L 165 60.28 26.52 23.87
C GLN L 165 61.06 26.68 25.17
N LEU L 166 62.36 26.42 25.16
CA LEU L 166 63.17 26.64 26.35
C LEU L 166 63.24 28.11 26.74
N ASN L 167 62.84 29.02 25.85
CA ASN L 167 62.88 30.45 26.10
C ASN L 167 61.53 31.04 26.51
N VAL L 168 60.49 30.22 26.69
CA VAL L 168 59.22 30.79 27.15
C VAL L 168 59.35 31.15 28.63
N PRO L 169 58.95 32.35 29.05
CA PRO L 169 59.22 32.77 30.42
C PRO L 169 58.32 32.04 31.41
N ARG L 170 58.61 32.28 32.69
CA ARG L 170 57.73 31.81 33.75
C ARG L 170 56.34 32.40 33.54
N ILE L 171 55.31 31.57 33.76
CA ILE L 171 53.94 32.03 33.52
C ILE L 171 53.58 33.14 34.51
N GLU L 172 53.10 34.25 33.98
CA GLU L 172 52.65 35.38 34.77
C GLU L 172 51.31 35.85 34.21
N ASP L 173 50.60 36.63 35.02
CA ASP L 173 49.28 37.12 34.63
C ASP L 173 49.42 38.49 33.97
N GLY L 174 49.04 38.57 32.69
CA GLY L 174 48.97 39.82 31.98
C GLY L 174 50.32 40.32 31.48
N ASN L 175 50.24 41.28 30.56
CA ASN L 175 51.40 41.96 29.97
C ASN L 175 52.39 40.98 29.33
N ASN L 176 51.87 39.86 28.83
CA ASN L 176 52.66 38.87 28.09
C ASN L 176 52.16 38.74 26.65
N PHE L 177 52.13 39.84 25.92
CA PHE L 177 51.79 39.78 24.49
C PHE L 177 52.89 39.12 23.67
N GLY L 178 54.15 39.34 24.04
CA GLY L 178 55.24 38.75 23.30
C GLY L 178 55.27 37.23 23.36
N VAL L 179 54.72 36.65 24.43
CA VAL L 179 54.64 35.20 24.53
C VAL L 179 53.75 34.63 23.45
N GLY L 180 52.70 35.36 23.05
CA GLY L 180 51.90 34.92 21.93
C GLY L 180 52.71 34.80 20.66
N ILE L 181 53.62 35.75 20.45
CA ILE L 181 54.53 35.67 19.30
C ILE L 181 55.40 34.43 19.38
N GLN L 182 55.96 34.15 20.56
CA GLN L 182 56.73 32.93 20.74
C GLN L 182 55.89 31.70 20.42
N GLU L 183 54.67 31.66 20.96
CA GLU L 183 53.78 30.53 20.71
C GLU L 183 53.41 30.44 19.23
N GLU L 184 53.12 31.59 18.60
CA GLU L 184 52.84 31.60 17.17
C GLU L 184 54.03 31.07 16.38
N ALA L 185 55.24 31.43 16.80
CA ALA L 185 56.43 30.95 16.10
C ALA L 185 56.57 29.45 16.26
N ILE L 186 56.36 28.94 17.48
CA ILE L 186 56.42 27.50 17.72
C ILE L 186 55.36 26.78 16.91
N GLN L 187 54.17 27.37 16.80
CA GLN L 187 53.07 26.74 16.07
C GLN L 187 53.42 26.56 14.60
N GLU L 188 53.96 27.61 13.96
CA GLU L 188 54.34 27.50 12.56
C GLU L 188 55.50 26.53 12.36
N LEU L 189 56.46 26.53 13.29
CA LEU L 189 57.57 25.59 13.19
C LEU L 189 57.10 24.15 13.25
N ALA L 190 56.15 23.84 14.14
CA ALA L 190 55.65 22.48 14.25
C ALA L 190 54.83 22.08 13.03
N ARG L 191 54.10 23.02 12.44
CA ARG L 191 53.32 22.73 11.25
C ARG L 191 54.21 22.27 10.10
N VAL L 192 55.29 23.01 9.85
CA VAL L 192 56.22 22.64 8.78
C VAL L 192 56.87 21.29 9.09
N GLU L 193 57.25 21.07 10.35
CA GLU L 193 57.92 19.84 10.72
C GLU L 193 57.03 18.62 10.48
N GLU L 194 55.77 18.69 10.92
CA GLU L 194 54.86 17.58 10.71
C GLU L 194 54.61 17.36 9.22
N SER L 195 54.55 18.45 8.44
CA SER L 195 54.36 18.31 7.00
C SER L 195 55.50 17.51 6.38
N ALA L 196 56.73 17.83 6.75
CA ALA L 196 57.86 17.07 6.24
C ALA L 196 57.85 15.65 6.80
N PHE L 197 57.38 15.49 8.04
CA PHE L 197 57.37 14.18 8.68
C PHE L 197 56.44 13.20 7.97
N ASN L 198 55.34 13.70 7.39
CA ASN L 198 54.37 12.83 6.74
C ASN L 198 54.85 12.30 5.40
N LEU L 199 55.97 12.82 4.89
CA LEU L 199 56.45 12.39 3.58
C LEU L 199 56.91 10.95 3.57
N TYR L 200 57.48 10.46 4.68
CA TYR L 200 58.00 9.10 4.70
C TYR L 200 56.89 8.08 4.49
N ASP L 201 55.73 8.30 5.11
CA ASP L 201 54.62 7.38 4.93
C ASP L 201 54.02 7.50 3.53
N ALA L 202 53.98 8.72 3.00
CA ALA L 202 53.41 8.92 1.68
C ALA L 202 54.18 8.16 0.60
N ILE L 203 55.49 8.01 0.79
CA ILE L 203 56.30 7.35 -0.23
C ILE L 203 56.00 5.85 -0.25
N VAL L 204 55.76 5.25 0.91
CA VAL L 204 55.37 3.84 0.94
C VAL L 204 54.06 3.64 0.18
N LYS L 205 53.14 4.61 0.31
CA LYS L 205 51.86 4.50 -0.37
C LYS L 205 52.03 4.54 -1.88
N TYR L 206 52.97 5.35 -2.37
CA TYR L 206 53.25 5.39 -3.80
C TYR L 206 53.58 4.01 -4.33
N TYR L 207 54.57 3.36 -3.73
CA TYR L 207 54.98 2.05 -4.19
C TYR L 207 53.86 1.03 -4.01
N MET L 208 53.14 1.11 -2.89
CA MET L 208 52.03 0.19 -2.67
C MET L 208 50.94 0.40 -3.72
N GLU L 209 50.59 1.65 -4.01
CA GLU L 209 49.55 1.90 -4.99
C GLU L 209 50.00 1.52 -6.39
N ARG L 210 51.23 1.87 -6.78
CA ARG L 210 51.72 1.49 -8.09
C ARG L 210 51.76 -0.02 -8.25
N ALA L 211 52.09 -0.75 -7.18
CA ALA L 211 52.13 -2.19 -7.26
C ALA L 211 50.74 -2.77 -7.47
N LYS L 212 49.74 -2.22 -6.78
CA LYS L 212 48.37 -2.72 -6.93
C LYS L 212 47.88 -2.56 -8.36
N ILE L 213 48.05 -1.37 -8.93
CA ILE L 213 47.62 -1.13 -10.29
C ILE L 213 48.36 -2.05 -11.25
N SER L 214 49.67 -2.24 -11.02
CA SER L 214 50.44 -3.14 -11.87
C SER L 214 49.90 -4.56 -11.83
N THR L 215 49.44 -5.02 -10.66
CA THR L 215 48.78 -6.32 -10.61
C THR L 215 47.55 -6.34 -11.51
N LYS L 216 46.82 -5.22 -11.56
CA LYS L 216 45.63 -5.16 -12.40
C LYS L 216 45.98 -5.21 -13.87
N VAL L 217 47.09 -4.55 -14.27
CA VAL L 217 47.52 -4.62 -15.66
C VAL L 217 47.85 -6.06 -16.04
N LEU L 218 48.44 -6.81 -15.11
CA LEU L 218 48.76 -8.21 -15.38
C LEU L 218 47.51 -9.06 -15.49
N LYS L 219 46.51 -8.77 -14.66
CA LYS L 219 45.29 -9.56 -14.69
C LYS L 219 44.42 -9.18 -15.88
N TYR L 220 44.36 -7.89 -16.19
CA TYR L 220 43.49 -7.37 -17.26
C TYR L 220 44.32 -6.55 -18.25
N PRO L 221 45.14 -7.20 -19.08
CA PRO L 221 45.88 -6.45 -20.10
C PRO L 221 44.96 -5.88 -21.17
N ASN L 222 43.66 -6.20 -21.14
CA ASN L 222 42.71 -5.68 -22.10
C ASN L 222 42.09 -4.37 -21.64
N VAL L 223 41.95 -4.18 -20.33
CA VAL L 223 41.50 -2.91 -19.77
C VAL L 223 42.61 -1.87 -19.86
N SER L 224 42.53 -1.00 -20.86
CA SER L 224 43.61 -0.05 -21.12
C SER L 224 43.68 1.04 -20.07
N ASP L 225 42.58 1.29 -19.36
CA ASP L 225 42.59 2.34 -18.35
C ASP L 225 43.49 2.00 -17.18
N TYR L 226 43.70 0.71 -16.91
CA TYR L 226 44.66 0.32 -15.88
C TYR L 226 46.06 0.74 -16.26
N GLN L 227 46.41 0.63 -17.54
CA GLN L 227 47.70 1.10 -17.99
C GLN L 227 47.78 2.61 -17.95
N GLU L 228 46.66 3.27 -18.26
CA GLU L 228 46.61 4.73 -18.14
C GLU L 228 46.73 5.15 -16.68
N ALA L 229 46.18 4.37 -15.75
CA ALA L 229 46.28 4.72 -14.34
C ALA L 229 47.72 4.68 -13.83
N VAL L 230 48.49 3.69 -14.27
CA VAL L 230 49.91 3.63 -13.90
C VAL L 230 50.62 4.89 -14.37
N ARG L 231 50.42 5.27 -15.64
CA ARG L 231 51.02 6.49 -16.17
C ARG L 231 50.60 7.70 -15.36
N GLU L 232 49.29 7.84 -15.10
CA GLU L 232 48.81 9.02 -14.38
C GLU L 232 49.34 9.03 -12.96
N LEU L 233 49.46 7.85 -12.34
CA LEU L 233 50.02 7.79 -11.00
C LEU L 233 51.45 8.31 -10.98
N ASP L 234 52.26 7.91 -11.95
CA ASP L 234 53.62 8.42 -12.02
C ASP L 234 53.63 9.92 -12.28
N GLU L 235 52.77 10.40 -13.18
CA GLU L 235 52.72 11.83 -13.44
C GLU L 235 52.28 12.60 -12.20
N LYS L 236 51.37 12.02 -11.41
CA LYS L 236 50.96 12.67 -10.16
C LYS L 236 52.12 12.77 -9.18
N GLU L 237 52.85 11.66 -8.99
CA GLU L 237 53.98 11.68 -8.06
C GLU L 237 55.06 12.63 -8.56
N TRP L 238 55.27 12.68 -9.89
CA TRP L 238 56.25 13.59 -10.45
C TRP L 238 55.90 15.05 -10.15
N ILE L 239 54.63 15.42 -10.30
CA ILE L 239 54.21 16.77 -9.95
C ILE L 239 54.30 16.98 -8.45
N HIS L 240 53.83 16.01 -7.66
CA HIS L 240 53.88 16.15 -6.20
C HIS L 240 55.31 16.33 -5.71
N ILE L 241 56.26 15.62 -6.32
CA ILE L 241 57.66 15.79 -5.95
C ILE L 241 58.09 17.24 -6.17
N LYS L 242 57.75 17.81 -7.33
CA LYS L 242 58.17 19.17 -7.64
C LYS L 242 57.46 20.18 -6.75
N ILE L 243 56.18 19.96 -6.46
CA ILE L 243 55.46 20.84 -5.54
C ILE L 243 56.04 20.75 -4.14
N THR L 244 56.47 19.55 -3.74
CA THR L 244 57.11 19.40 -2.43
C THR L 244 58.35 20.27 -2.31
N ILE L 245 59.16 20.30 -3.38
CA ILE L 245 60.38 21.10 -3.38
C ILE L 245 60.05 22.59 -3.27
N VAL L 246 59.01 23.05 -3.98
CA VAL L 246 58.60 24.44 -3.86
C VAL L 246 58.12 24.72 -2.43
N ASP L 247 57.36 23.79 -1.85
CA ASP L 247 56.92 23.98 -0.47
C ASP L 247 58.11 24.03 0.49
N MET L 248 59.16 23.27 0.21
CA MET L 248 60.40 23.38 0.98
C MET L 248 60.96 24.79 0.91
N ARG L 249 61.23 25.27 -0.31
CA ARG L 249 61.74 26.63 -0.50
C ARG L 249 60.85 27.65 0.21
N ASN L 250 59.54 27.56 -0.02
CA ASN L 250 58.63 28.57 0.51
C ASN L 250 58.53 28.49 2.03
N ASN L 251 58.59 27.29 2.60
CA ASN L 251 58.51 27.17 4.06
C ASN L 251 59.74 27.76 4.74
N TYR L 252 60.93 27.50 4.20
CA TYR L 252 62.14 28.06 4.79
C TYR L 252 62.09 29.58 4.83
N ILE L 253 61.52 30.19 3.79
CA ILE L 253 61.46 31.66 3.74
C ILE L 253 60.39 32.19 4.68
N MET L 254 59.21 31.55 4.72
CA MET L 254 58.17 32.01 5.62
C MET L 254 58.64 31.90 7.07
N LEU L 255 59.39 30.84 7.37
CA LEU L 255 59.95 30.65 8.71
C LEU L 255 61.06 31.66 8.99
N TYR L 256 61.98 31.83 8.05
CA TYR L 256 63.08 32.76 8.26
C TYR L 256 62.56 34.19 8.38
N ASP L 257 61.68 34.60 7.47
CA ASP L 257 61.13 35.95 7.52
C ASP L 257 60.33 36.17 8.81
N LEU L 258 59.59 35.16 9.24
CA LEU L 258 58.78 35.30 10.45
C LEU L 258 59.65 35.49 11.68
N LEU L 259 60.65 34.61 11.86
CA LEU L 259 61.52 34.73 13.02
C LEU L 259 62.35 36.00 12.96
N TYR L 260 62.84 36.36 11.77
CA TYR L 260 63.67 37.55 11.63
C TYR L 260 62.91 38.80 12.02
N LYS L 261 61.67 38.94 11.54
CA LYS L 261 60.90 40.16 11.80
C LYS L 261 60.55 40.30 13.28
N ASN L 262 60.22 39.19 13.93
CA ASN L 262 59.79 39.22 15.32
C ASN L 262 60.89 38.72 16.26
N TRP L 263 62.15 38.88 15.84
CA TRP L 263 63.26 38.30 16.58
C TRP L 263 63.38 38.89 17.98
N GLU L 264 63.11 40.19 18.12
CA GLU L 264 63.31 40.84 19.41
C GLU L 264 62.40 40.25 20.47
N LYS L 265 61.15 39.97 20.11
CA LYS L 265 60.21 39.38 21.05
C LYS L 265 60.42 37.88 21.21
N VAL L 266 61.02 37.22 20.21
CA VAL L 266 61.26 35.79 20.33
C VAL L 266 62.34 35.53 21.36
N VAL L 267 63.35 36.40 21.44
CA VAL L 267 64.43 36.21 22.40
C VAL L 267 64.08 36.81 23.75
N LYS L 268 63.64 38.07 23.78
CA LYS L 268 63.32 38.78 25.02
C LYS L 268 61.86 39.23 24.92
N PRO L 269 60.92 38.34 25.22
CA PRO L 269 59.49 38.68 25.08
C PRO L 269 58.93 39.58 26.18
N LYS L 270 59.74 39.97 27.17
CA LYS L 270 59.23 40.77 28.26
C LYS L 270 60.23 41.85 28.68
N ASN M 7 71.85 36.47 26.60
CA ASN M 7 73.07 35.69 26.74
C ASN M 7 74.18 36.29 25.87
N LYS M 8 74.31 35.78 24.65
CA LYS M 8 75.40 36.17 23.75
C LYS M 8 74.85 37.18 22.73
N ILE M 9 75.09 37.03 21.43
CA ILE M 9 74.74 38.02 20.42
C ILE M 9 73.41 37.64 19.79
N ASP M 10 72.61 38.66 19.45
CA ASP M 10 71.21 38.47 19.13
C ASP M 10 70.82 39.16 17.82
N LYS M 11 71.69 39.13 16.82
CA LYS M 11 71.33 39.54 15.47
C LYS M 11 71.59 38.37 14.53
N ILE M 12 70.71 38.19 13.56
CA ILE M 12 70.76 36.99 12.73
C ILE M 12 70.70 37.31 11.25
N GLU M 13 71.35 38.39 10.82
CA GLU M 13 71.53 38.60 9.40
C GLU M 13 72.43 37.49 8.88
N PRO M 14 72.22 37.02 7.66
CA PRO M 14 73.00 35.88 7.16
C PRO M 14 74.49 36.19 7.24
N SER M 15 75.26 35.21 7.72
CA SER M 15 76.69 35.44 7.93
C SER M 15 77.43 35.51 6.61
N ASP M 16 77.07 34.63 5.67
CA ASP M 16 77.72 34.60 4.37
C ASP M 16 77.22 35.77 3.53
N GLN M 17 78.14 36.66 3.14
CA GLN M 17 77.74 37.86 2.40
C GLN M 17 77.25 37.53 0.99
N LYS M 18 77.76 36.45 0.40
CA LYS M 18 77.26 36.03 -0.91
C LYS M 18 75.81 35.55 -0.82
N ILE M 19 75.47 34.83 0.25
CA ILE M 19 74.09 34.38 0.45
C ILE M 19 73.18 35.58 0.67
N LYS M 20 73.66 36.56 1.43
CA LYS M 20 72.89 37.78 1.65
C LYS M 20 72.54 38.45 0.32
N GLU M 21 73.47 38.39 -0.65
CA GLU M 21 73.19 38.93 -1.98
C GLU M 21 72.17 38.05 -2.70
N GLU M 22 72.42 36.75 -2.70
CA GLU M 22 71.54 35.81 -3.38
C GLU M 22 70.13 35.85 -2.82
N TYR M 23 70.01 36.04 -1.50
CA TYR M 23 68.70 36.10 -0.86
C TYR M 23 67.94 37.36 -1.25
N ASN M 24 68.61 38.52 -1.20
CA ASN M 24 67.95 39.76 -1.58
C ASN M 24 67.54 39.75 -3.04
N LYS M 25 68.37 39.14 -3.90
CA LYS M 25 68.00 38.96 -5.30
C LYS M 25 66.70 38.16 -5.40
N PHE M 26 66.54 37.16 -4.53
CA PHE M 26 65.33 36.36 -4.54
C PHE M 26 64.10 37.20 -4.18
N LYS M 27 64.22 38.03 -3.15
CA LYS M 27 63.09 38.89 -2.78
C LYS M 27 62.76 39.87 -3.89
N TYR M 28 63.79 40.37 -4.58
CA TYR M 28 63.54 41.20 -5.76
C TYR M 28 62.90 40.38 -6.88
N ASP M 29 63.40 39.17 -7.11
CA ASP M 29 62.89 38.36 -8.22
C ASP M 29 61.43 37.98 -8.01
N ILE M 30 61.02 37.73 -6.75
CA ILE M 30 59.61 37.44 -6.47
C ILE M 30 58.73 38.64 -6.80
N THR M 31 59.08 39.80 -6.22
CA THR M 31 58.27 41.00 -6.38
C THR M 31 57.95 41.28 -7.84
N LYS M 32 58.94 41.12 -8.73
CA LYS M 32 58.68 41.26 -10.15
C LYS M 32 57.62 40.27 -10.62
N GLN M 33 57.79 38.99 -10.26
CA GLN M 33 56.87 37.96 -10.74
C GLN M 33 55.45 38.18 -10.26
N ALA M 34 55.29 38.63 -9.01
CA ALA M 34 53.95 38.89 -8.49
C ALA M 34 53.28 40.01 -9.28
N ILE M 35 53.98 41.12 -9.49
CA ILE M 35 53.44 42.22 -10.28
C ILE M 35 53.20 41.78 -11.72
N GLU M 36 54.15 41.04 -12.29
CA GLU M 36 54.00 40.53 -13.65
C GLU M 36 52.74 39.71 -13.79
N SER M 37 52.44 38.88 -12.79
CA SER M 37 51.24 38.06 -12.83
C SER M 37 49.97 38.90 -12.75
N LEU M 38 49.98 39.92 -11.89
CA LEU M 38 48.78 40.74 -11.72
C LEU M 38 48.57 41.68 -12.91
N ARG M 39 49.65 42.19 -13.49
CA ARG M 39 49.52 43.13 -14.60
C ARG M 39 49.35 42.44 -15.95
N GLU M 40 49.89 41.22 -16.11
CA GLU M 40 49.82 40.57 -17.41
C GLU M 40 49.25 39.15 -17.35
N ARG M 41 49.86 38.28 -16.54
CA ARG M 41 49.58 36.86 -16.65
C ARG M 41 48.13 36.53 -16.32
N ILE M 42 47.57 37.11 -15.27
CA ILE M 42 46.22 36.78 -14.84
C ILE M 42 45.19 37.39 -15.80
N PRO M 43 45.23 38.69 -16.13
CA PRO M 43 44.25 39.22 -17.08
C PRO M 43 44.24 38.48 -18.41
N LYS M 44 45.42 38.14 -18.93
CA LYS M 44 45.48 37.38 -20.18
C LYS M 44 44.74 36.06 -20.07
N ARG M 45 44.85 35.39 -18.91
CA ARG M 45 44.17 34.11 -18.75
C ARG M 45 42.67 34.28 -18.56
N ILE M 46 42.24 35.40 -17.98
CA ILE M 46 40.81 35.69 -17.89
C ILE M 46 40.19 35.67 -19.28
N ILE M 47 40.78 36.41 -20.21
CA ILE M 47 40.30 36.43 -21.59
C ILE M 47 40.45 35.06 -22.23
N PHE M 48 41.54 34.37 -21.92
CA PHE M 48 41.79 33.06 -22.53
C PHE M 48 40.68 32.07 -22.18
N PHE M 49 40.42 31.89 -20.89
CA PHE M 49 39.41 30.92 -20.47
C PHE M 49 38.01 31.35 -20.86
N ASN M 50 37.72 32.66 -20.86
CA ASN M 50 36.42 33.10 -21.33
C ASN M 50 36.22 32.75 -22.80
N ASN M 51 37.28 32.83 -23.60
CA ASN M 51 37.17 32.45 -25.00
C ASN M 51 36.87 30.96 -25.15
N LEU M 52 37.14 30.16 -24.13
CA LEU M 52 36.82 28.73 -24.17
C LEU M 52 35.41 28.45 -23.69
N VAL M 53 34.92 29.21 -22.71
CA VAL M 53 33.57 29.06 -22.21
C VAL M 53 32.94 30.44 -22.10
N ASN M 54 32.49 30.97 -23.24
CA ASN M 54 32.10 32.38 -23.28
C ASN M 54 30.83 32.61 -22.47
N VAL M 55 30.86 33.69 -21.68
CA VAL M 55 29.75 34.01 -20.79
C VAL M 55 28.47 34.28 -21.59
N ASN M 56 28.62 34.75 -22.82
CA ASN M 56 27.47 35.10 -23.65
C ASN M 56 26.79 33.89 -24.25
N SER M 57 27.27 32.68 -23.97
CA SER M 57 26.64 31.49 -24.51
C SER M 57 25.25 31.34 -23.92
N GLU M 58 24.33 30.82 -24.72
CA GLU M 58 23.00 30.56 -24.22
C GLU M 58 23.04 29.37 -23.26
N PRO M 59 22.10 29.29 -22.32
CA PRO M 59 22.19 28.24 -21.30
C PRO M 59 22.17 26.85 -21.93
N GLY M 60 23.05 25.99 -21.41
CA GLY M 60 23.22 24.65 -21.91
C GLY M 60 24.20 24.51 -23.05
N SER M 61 24.64 25.61 -23.66
CA SER M 61 25.63 25.54 -24.73
C SER M 61 27.05 25.38 -24.21
N ILE M 62 27.29 25.63 -22.92
CA ILE M 62 28.60 25.40 -22.31
C ILE M 62 28.60 24.03 -21.68
N LEU M 63 27.79 23.86 -20.64
CA LEU M 63 27.73 22.61 -19.88
C LEU M 63 26.82 21.60 -20.59
N ASN M 64 27.30 21.12 -21.73
CA ASN M 64 26.59 20.07 -22.43
C ASN M 64 27.54 18.93 -22.77
N VAL M 65 27.10 17.98 -23.58
CA VAL M 65 27.87 16.78 -23.84
C VAL M 65 27.76 16.45 -25.32
N ASN M 66 27.35 17.46 -26.12
CA ASN M 66 27.07 17.22 -27.53
C ASN M 66 28.32 16.89 -28.31
N ASP M 67 29.45 17.51 -27.98
CA ASP M 67 30.70 17.24 -28.69
C ASP M 67 31.50 16.10 -28.09
N LEU M 68 30.90 15.30 -27.21
CA LEU M 68 31.58 14.18 -26.58
C LEU M 68 31.35 12.92 -27.41
N ASP M 69 32.43 12.33 -27.90
CA ASP M 69 32.37 11.08 -28.63
C ASP M 69 32.00 9.97 -27.66
N GLY M 70 30.79 9.43 -27.79
CA GLY M 70 30.33 8.40 -26.89
C GLY M 70 30.21 7.03 -27.52
N VAL M 71 30.85 6.84 -28.67
CA VAL M 71 30.67 5.63 -29.44
C VAL M 71 32.02 5.00 -29.78
N SER M 72 33.05 5.84 -29.92
CA SER M 72 34.35 5.33 -30.34
C SER M 72 35.01 4.49 -29.25
N TYR M 73 34.67 4.74 -27.98
CA TYR M 73 35.43 4.18 -26.87
C TYR M 73 34.58 3.32 -25.95
N LYS M 74 33.49 2.74 -26.46
CA LYS M 74 32.66 1.82 -25.69
C LYS M 74 33.27 0.42 -25.79
N TYR M 75 32.61 -0.54 -25.14
CA TYR M 75 33.11 -1.91 -25.11
C TYR M 75 33.15 -2.48 -26.52
N LYS M 76 34.28 -3.08 -26.89
CA LYS M 76 34.49 -3.62 -28.23
C LYS M 76 34.50 -5.14 -28.22
N ILE M 77 34.31 -5.71 -29.40
CA ILE M 77 34.42 -7.15 -29.62
C ILE M 77 35.13 -7.43 -30.95
N THR M 130 40.12 -11.40 -27.44
CA THR M 130 38.72 -11.29 -27.78
C THR M 130 38.18 -9.88 -27.54
N HIS M 131 37.45 -9.68 -26.44
CA HIS M 131 36.90 -8.37 -26.11
C HIS M 131 37.87 -7.54 -25.25
N TYR M 132 38.20 -6.34 -25.71
CA TYR M 132 39.01 -5.36 -25.00
C TYR M 132 38.16 -4.14 -24.64
N VAL M 133 38.74 -3.21 -23.88
CA VAL M 133 38.07 -1.95 -23.53
C VAL M 133 39.05 -0.79 -23.64
N PRO M 134 38.93 0.07 -24.65
CA PRO M 134 39.90 1.15 -24.84
C PRO M 134 39.63 2.34 -23.93
N SER M 135 40.63 3.21 -23.82
CA SER M 135 40.50 4.44 -23.07
C SER M 135 39.90 5.54 -23.94
N HIS M 136 39.40 6.59 -23.29
CA HIS M 136 38.75 7.70 -24.00
C HIS M 136 39.81 8.70 -24.44
N LYS M 137 40.30 8.54 -25.67
CA LYS M 137 41.36 9.40 -26.18
C LYS M 137 40.94 10.87 -26.19
N GLN M 138 39.64 11.13 -26.42
CA GLN M 138 39.18 12.52 -26.43
C GLN M 138 39.31 13.15 -25.05
N ILE M 139 38.90 12.41 -24.00
CA ILE M 139 39.01 12.93 -22.65
C ILE M 139 40.47 13.06 -22.23
N TYR M 140 41.32 12.13 -22.66
CA TYR M 140 42.73 12.21 -22.35
C TYR M 140 43.30 13.55 -22.80
N LEU M 141 43.01 13.94 -24.04
CA LEU M 141 43.50 15.21 -24.55
C LEU M 141 42.94 16.37 -23.75
N GLU M 142 41.69 16.27 -23.31
CA GLU M 142 41.12 17.37 -22.54
C GLU M 142 41.72 17.42 -21.14
N LEU M 143 41.99 16.26 -20.55
CA LEU M 143 42.58 16.23 -19.22
C LEU M 143 44.00 16.77 -19.23
N GLU M 144 44.76 16.50 -20.31
CA GLU M 144 46.11 17.02 -20.39
C GLU M 144 46.10 18.54 -20.38
N LYS M 145 45.16 19.15 -21.09
CA LYS M 145 45.03 20.60 -21.04
C LYS M 145 44.64 21.09 -19.66
N ILE M 146 43.77 20.33 -18.98
CA ILE M 146 43.37 20.70 -17.62
C ILE M 146 44.58 20.74 -16.70
N LYS M 147 45.43 19.71 -16.77
CA LYS M 147 46.62 19.69 -15.94
C LYS M 147 47.54 20.86 -16.25
N THR M 148 47.57 21.27 -17.53
CA THR M 148 48.34 22.45 -17.89
C THR M 148 47.79 23.70 -17.23
N TYR M 149 46.47 23.89 -17.28
CA TYR M 149 45.86 25.05 -16.65
C TYR M 149 46.12 25.04 -15.15
N ALA M 150 46.11 23.85 -14.55
CA ALA M 150 46.31 23.76 -13.10
C ALA M 150 47.75 24.08 -12.73
N SER M 151 48.71 23.58 -13.51
CA SER M 151 50.11 23.86 -13.23
C SER M 151 50.40 25.36 -13.29
N GLU M 152 50.00 26.01 -14.38
CA GLU M 152 50.27 27.44 -14.52
C GLU M 152 49.56 28.24 -13.44
N LEU M 153 48.38 27.80 -12.99
CA LEU M 153 47.70 28.50 -11.92
C LEU M 153 48.46 28.39 -10.61
N ILE M 154 48.87 27.16 -10.25
CA ILE M 154 49.58 26.96 -8.99
C ILE M 154 50.87 27.77 -8.96
N GLU M 155 51.60 27.79 -10.08
CA GLU M 155 52.84 28.54 -10.15
C GLU M 155 52.60 30.03 -10.01
N ILE M 156 51.59 30.56 -10.72
CA ILE M 156 51.31 31.99 -10.65
C ILE M 156 50.81 32.36 -9.26
N ILE M 157 49.82 31.63 -8.75
CA ILE M 157 49.20 31.97 -7.48
C ILE M 157 50.19 31.80 -6.33
N GLY M 158 51.02 30.76 -6.40
CA GLY M 158 51.94 30.48 -5.31
C GLY M 158 52.90 31.62 -5.02
N ASN M 159 53.38 32.28 -6.08
CA ASN M 159 54.33 33.36 -5.89
C ASN M 159 53.65 34.64 -5.42
N ILE M 160 52.44 34.90 -5.92
CA ILE M 160 51.68 36.04 -5.43
C ILE M 160 51.38 35.87 -3.94
N LYS M 161 50.99 34.66 -3.54
CA LYS M 161 50.70 34.39 -2.14
C LYS M 161 51.94 34.52 -1.29
N LEU M 162 53.05 33.91 -1.74
CA LEU M 162 54.30 34.01 -0.99
C LEU M 162 54.76 35.44 -0.85
N TRP M 163 54.61 36.24 -1.91
CA TRP M 163 55.02 37.63 -1.85
C TRP M 163 54.25 38.38 -0.78
N ILE M 164 52.94 38.14 -0.67
CA ILE M 164 52.15 38.78 0.36
C ILE M 164 52.56 38.28 1.74
N GLN M 165 52.83 36.98 1.85
CA GLN M 165 53.28 36.42 3.12
C GLN M 165 54.59 37.08 3.56
N LEU M 166 55.51 37.25 2.62
CA LEU M 166 56.76 37.95 2.90
C LEU M 166 56.53 39.42 3.21
N ASN M 167 55.33 39.93 2.89
CA ASN M 167 55.00 41.32 3.11
C ASN M 167 54.20 41.53 4.39
N VAL M 168 53.99 40.48 5.17
CA VAL M 168 53.30 40.65 6.46
C VAL M 168 54.24 41.34 7.45
N PRO M 169 53.82 42.40 8.10
CA PRO M 169 54.74 43.16 8.95
C PRO M 169 55.02 42.43 10.26
N ARG M 170 55.97 42.98 11.01
CA ARG M 170 56.25 42.49 12.36
C ARG M 170 54.98 42.53 13.21
N ILE M 171 54.79 41.49 14.01
CA ILE M 171 53.61 41.39 14.86
C ILE M 171 53.61 42.51 15.89
N GLU M 172 52.52 43.28 15.92
CA GLU M 172 52.35 44.35 16.89
C GLU M 172 50.92 44.32 17.39
N ASP M 173 50.69 44.97 18.53
CA ASP M 173 49.37 45.01 19.14
C ASP M 173 48.59 46.22 18.65
N GLY M 174 47.46 45.96 18.00
CA GLY M 174 46.55 46.99 17.55
C GLY M 174 46.93 47.62 16.22
N ASN M 175 45.93 48.29 15.62
CA ASN M 175 46.06 48.96 14.33
C ASN M 175 46.57 48.01 13.24
N ASN M 176 46.24 46.74 13.37
CA ASN M 176 46.58 45.77 12.33
C ASN M 176 45.30 45.23 11.73
N PHE M 177 44.43 46.15 11.27
CA PHE M 177 43.28 45.75 10.48
C PHE M 177 43.71 45.37 9.07
N GLY M 178 44.72 46.06 8.54
CA GLY M 178 45.21 45.75 7.21
C GLY M 178 45.87 44.39 7.09
N VAL M 179 46.49 43.90 8.17
CA VAL M 179 47.08 42.57 8.09
C VAL M 179 45.97 41.54 7.94
N GLY M 180 44.81 41.80 8.53
CA GLY M 180 43.68 40.91 8.34
C GLY M 180 43.28 40.82 6.88
N ILE M 181 43.35 41.95 6.17
CA ILE M 181 43.10 41.94 4.74
C ILE M 181 44.14 41.08 4.04
N GLN M 182 45.41 41.24 4.42
CA GLN M 182 46.46 40.41 3.85
C GLN M 182 46.18 38.93 4.10
N GLU M 183 45.80 38.59 5.34
CA GLU M 183 45.50 37.19 5.65
C GLU M 183 44.32 36.70 4.82
N GLU M 184 43.30 37.53 4.68
CA GLU M 184 42.13 37.18 3.89
C GLU M 184 42.52 36.94 2.43
N ALA M 185 43.43 37.76 1.89
CA ALA M 185 43.88 37.55 0.52
C ALA M 185 44.67 36.26 0.40
N ILE M 186 45.57 36.00 1.36
CA ILE M 186 46.34 34.75 1.35
C ILE M 186 45.40 33.55 1.45
N GLN M 187 44.36 33.68 2.28
CA GLN M 187 43.43 32.58 2.47
C GLN M 187 42.75 32.21 1.14
N GLU M 188 42.27 33.22 0.41
CA GLU M 188 41.62 32.95 -0.87
C GLU M 188 42.61 32.41 -1.90
N LEU M 189 43.83 32.96 -1.92
CA LEU M 189 44.84 32.45 -2.84
C LEU M 189 45.15 30.99 -2.56
N ALA M 190 45.27 30.63 -1.29
CA ALA M 190 45.56 29.25 -0.94
C ALA M 190 44.40 28.34 -1.27
N ARG M 191 43.17 28.84 -1.14
CA ARG M 191 42.00 28.03 -1.46
C ARG M 191 42.00 27.62 -2.92
N VAL M 192 42.22 28.58 -3.82
CA VAL M 192 42.27 28.26 -5.25
C VAL M 192 43.43 27.31 -5.55
N GLU M 193 44.58 27.56 -4.92
CA GLU M 193 45.74 26.70 -5.13
C GLU M 193 45.45 25.28 -4.66
N GLU M 194 44.84 25.15 -3.49
CA GLU M 194 44.48 23.82 -3.00
C GLU M 194 43.50 23.15 -3.95
N SER M 195 42.58 23.93 -4.51
CA SER M 195 41.61 23.40 -5.47
C SER M 195 42.30 22.88 -6.73
N ALA M 196 43.21 23.66 -7.30
CA ALA M 196 43.90 23.23 -8.50
C ALA M 196 44.79 22.05 -8.24
N PHE M 197 45.37 21.98 -7.04
CA PHE M 197 46.28 20.90 -6.69
C PHE M 197 45.58 19.55 -6.69
N ASN M 198 44.30 19.51 -6.31
CA ASN M 198 43.58 18.26 -6.19
C ASN M 198 43.19 17.65 -7.53
N LEU M 199 43.33 18.39 -8.63
CA LEU M 199 42.97 17.84 -9.93
C LEU M 199 43.88 16.71 -10.35
N TYR M 200 45.16 16.78 -10.00
CA TYR M 200 46.11 15.74 -10.41
C TYR M 200 45.71 14.41 -9.80
N ASP M 201 45.26 14.43 -8.54
CA ASP M 201 44.83 13.20 -7.89
C ASP M 201 43.50 12.73 -8.46
N ALA M 202 42.61 13.67 -8.78
CA ALA M 202 41.30 13.31 -9.31
C ALA M 202 41.40 12.60 -10.66
N ILE M 203 42.40 12.97 -11.46
CA ILE M 203 42.55 12.38 -12.79
C ILE M 203 42.94 10.91 -12.68
N VAL M 204 43.80 10.58 -11.71
CA VAL M 204 44.13 9.18 -11.49
C VAL M 204 42.88 8.39 -11.13
N LYS M 205 41.97 9.01 -10.37
CA LYS M 205 40.75 8.30 -9.96
C LYS M 205 39.86 7.99 -11.14
N TYR M 206 39.81 8.89 -12.12
CA TYR M 206 39.02 8.64 -13.33
C TYR M 206 39.45 7.35 -14.01
N TYR M 207 40.74 7.24 -14.31
CA TYR M 207 41.22 6.05 -14.99
C TYR M 207 41.05 4.80 -14.13
N MET M 208 41.30 4.92 -12.83
CA MET M 208 41.10 3.77 -11.94
C MET M 208 39.63 3.36 -11.90
N GLU M 209 38.74 4.33 -11.75
CA GLU M 209 37.31 4.00 -11.68
C GLU M 209 36.80 3.44 -13.00
N ARG M 210 37.19 4.06 -14.11
CA ARG M 210 36.75 3.57 -15.41
C ARG M 210 37.24 2.15 -15.64
N ALA M 211 38.45 1.86 -15.18
CA ALA M 211 39.01 0.52 -15.35
C ALA M 211 38.24 -0.51 -14.54
N LYS M 212 37.84 -0.14 -13.31
CA LYS M 212 37.09 -1.07 -12.48
C LYS M 212 35.76 -1.42 -13.15
N ILE M 213 35.05 -0.41 -13.65
CA ILE M 213 33.80 -0.66 -14.35
C ILE M 213 34.05 -1.53 -15.57
N SER M 214 35.11 -1.25 -16.32
CA SER M 214 35.42 -2.02 -17.51
C SER M 214 35.68 -3.49 -17.20
N THR M 215 36.33 -3.78 -16.06
CA THR M 215 36.45 -5.18 -15.66
C THR M 215 35.07 -5.80 -15.46
N LYS M 216 34.14 -5.05 -14.87
CA LYS M 216 32.80 -5.58 -14.64
C LYS M 216 32.06 -5.79 -15.95
N VAL M 217 32.26 -4.91 -16.92
CA VAL M 217 31.66 -5.11 -18.24
C VAL M 217 32.19 -6.39 -18.87
N LEU M 218 33.49 -6.67 -18.68
CA LEU M 218 34.05 -7.91 -19.23
C LEU M 218 33.48 -9.14 -18.53
N LYS M 219 33.22 -9.04 -17.23
CA LYS M 219 32.68 -10.20 -16.52
C LYS M 219 31.19 -10.38 -16.81
N TYR M 220 30.45 -9.27 -16.93
CA TYR M 220 29.00 -9.29 -17.16
C TYR M 220 28.70 -8.44 -18.39
N PRO M 221 29.05 -8.93 -19.59
CA PRO M 221 28.85 -8.10 -20.79
C PRO M 221 27.41 -7.85 -21.16
N ASN M 222 26.45 -8.57 -20.58
CA ASN M 222 25.05 -8.31 -20.85
C ASN M 222 24.36 -7.54 -19.73
N VAL M 223 24.91 -7.50 -18.52
CA VAL M 223 24.40 -6.61 -17.49
C VAL M 223 24.67 -5.19 -17.97
N SER M 224 23.62 -4.54 -18.50
CA SER M 224 23.77 -3.30 -19.24
C SER M 224 24.12 -2.11 -18.36
N ASP M 225 23.78 -2.14 -17.07
CA ASP M 225 24.05 -0.98 -16.23
C ASP M 225 25.54 -0.73 -16.07
N TYR M 226 26.35 -1.79 -16.14
CA TYR M 226 27.80 -1.61 -16.14
C TYR M 226 28.26 -0.85 -17.36
N GLN M 227 27.65 -1.13 -18.53
CA GLN M 227 28.00 -0.38 -19.73
C GLN M 227 27.48 1.05 -19.64
N GLU M 228 26.29 1.24 -19.08
CA GLU M 228 25.79 2.59 -18.86
C GLU M 228 26.68 3.35 -17.88
N ALA M 229 27.24 2.65 -16.91
CA ALA M 229 28.11 3.31 -15.93
C ALA M 229 29.35 3.89 -16.60
N VAL M 230 29.91 3.16 -17.56
CA VAL M 230 31.05 3.69 -18.32
C VAL M 230 30.65 4.96 -19.04
N ARG M 231 29.51 4.92 -19.74
CA ARG M 231 29.02 6.10 -20.45
C ARG M 231 28.85 7.27 -19.50
N GLU M 232 28.19 7.04 -18.37
CA GLU M 232 27.90 8.13 -17.44
C GLU M 232 29.18 8.68 -16.83
N LEU M 233 30.18 7.81 -16.57
CA LEU M 233 31.44 8.28 -16.04
C LEU M 233 32.12 9.24 -17.02
N ASP M 234 32.13 8.90 -18.31
CA ASP M 234 32.70 9.79 -19.31
C ASP M 234 31.92 11.09 -19.42
N GLU M 235 30.59 11.00 -19.39
CA GLU M 235 29.76 12.22 -19.44
C GLU M 235 30.00 13.08 -18.21
N LYS M 236 30.22 12.45 -17.04
CA LYS M 236 30.53 13.21 -15.83
C LYS M 236 31.86 13.92 -15.95
N GLU M 237 32.90 13.20 -16.38
CA GLU M 237 34.22 13.81 -16.50
C GLU M 237 34.20 14.94 -17.52
N TRP M 238 33.46 14.75 -18.61
CA TRP M 238 33.33 15.79 -19.63
C TRP M 238 32.73 17.06 -19.06
N ILE M 239 31.67 16.91 -18.26
CA ILE M 239 31.06 18.07 -17.62
C ILE M 239 32.01 18.70 -16.61
N HIS M 240 32.63 17.85 -15.77
CA HIS M 240 33.55 18.37 -14.76
C HIS M 240 34.70 19.13 -15.40
N ILE M 241 35.18 18.66 -16.54
CA ILE M 241 36.24 19.36 -17.26
C ILE M 241 35.80 20.79 -17.57
N LYS M 242 34.59 20.93 -18.08
CA LYS M 242 34.10 22.26 -18.44
C LYS M 242 33.82 23.11 -17.20
N ILE M 243 33.27 22.50 -16.15
CA ILE M 243 33.07 23.25 -14.91
C ILE M 243 34.40 23.66 -14.30
N THR M 244 35.42 22.82 -14.45
CA THR M 244 36.76 23.21 -14.00
C THR M 244 37.27 24.43 -14.76
N ILE M 245 37.05 24.47 -16.08
CA ILE M 245 37.48 25.61 -16.89
C ILE M 245 36.72 26.87 -16.48
N VAL M 246 35.43 26.75 -16.20
CA VAL M 246 34.65 27.90 -15.72
C VAL M 246 35.18 28.35 -14.38
N ASP M 247 35.48 27.40 -13.49
CA ASP M 247 36.03 27.75 -12.18
C ASP M 247 37.38 28.43 -12.32
N MET M 248 38.18 28.01 -13.31
CA MET M 248 39.42 28.72 -13.62
C MET M 248 39.16 30.18 -13.92
N ARG M 249 38.32 30.44 -14.93
CA ARG M 249 37.96 31.81 -15.28
C ARG M 249 37.48 32.60 -14.06
N ASN M 250 36.53 32.04 -13.33
CA ASN M 250 35.94 32.78 -12.22
C ASN M 250 36.93 32.96 -11.07
N ASN M 251 37.79 31.97 -10.83
CA ASN M 251 38.77 32.14 -9.77
C ASN M 251 39.80 33.21 -10.12
N TYR M 252 40.26 33.24 -11.38
CA TYR M 252 41.22 34.27 -11.77
C TYR M 252 40.65 35.67 -11.58
N ILE M 253 39.37 35.87 -11.91
CA ILE M 253 38.80 37.21 -11.82
C ILE M 253 38.52 37.57 -10.36
N MET M 254 37.97 36.64 -9.57
CA MET M 254 37.71 36.95 -8.17
C MET M 254 38.99 37.25 -7.41
N LEU M 255 40.07 36.55 -7.77
CA LEU M 255 41.36 36.85 -7.17
C LEU M 255 41.88 38.20 -7.64
N TYR M 256 41.82 38.45 -8.95
CA TYR M 256 42.28 39.72 -9.48
C TYR M 256 41.43 40.88 -8.97
N ASP M 257 40.11 40.73 -8.99
CA ASP M 257 39.23 41.80 -8.50
C ASP M 257 39.47 42.07 -7.02
N LEU M 258 39.67 41.00 -6.23
CA LEU M 258 39.87 41.18 -4.80
C LEU M 258 41.18 41.91 -4.50
N LEU M 259 42.27 41.46 -5.11
CA LEU M 259 43.56 42.10 -4.87
C LEU M 259 43.58 43.53 -5.38
N TYR M 260 42.96 43.77 -6.55
CA TYR M 260 42.96 45.12 -7.11
C TYR M 260 42.25 46.09 -6.18
N LYS M 261 41.08 45.72 -5.67
CA LYS M 261 40.30 46.63 -4.84
C LYS M 261 41.02 46.92 -3.52
N ASN M 262 41.69 45.93 -2.95
CA ASN M 262 42.35 46.08 -1.65
C ASN M 262 43.86 46.20 -1.78
N TRP M 263 44.33 46.71 -2.92
CA TRP M 263 45.77 46.68 -3.20
C TRP M 263 46.57 47.53 -2.21
N GLU M 264 46.05 48.70 -1.84
CA GLU M 264 46.81 49.59 -0.97
C GLU M 264 47.02 48.98 0.40
N LYS M 265 46.00 48.28 0.94
CA LYS M 265 46.17 47.65 2.24
C LYS M 265 46.93 46.34 2.14
N VAL M 266 46.97 45.71 0.97
CA VAL M 266 47.77 44.50 0.79
C VAL M 266 49.26 44.85 0.77
N VAL M 267 49.61 45.99 0.20
CA VAL M 267 51.00 46.41 0.09
C VAL M 267 51.46 47.15 1.34
N LYS M 268 50.65 48.11 1.81
CA LYS M 268 50.96 48.92 2.99
C LYS M 268 49.84 48.73 4.00
N PRO M 269 49.85 47.65 4.77
CA PRO M 269 48.75 47.41 5.72
C PRO M 269 48.82 48.27 6.97
N LYS M 270 49.82 49.13 7.11
CA LYS M 270 49.95 49.93 8.32
C LYS M 270 50.40 51.37 8.05
N ASN M 271 51.26 51.55 7.05
CA ASN M 271 51.90 52.84 6.74
C ASN M 271 52.33 53.60 8.00
N ASN N 7 59.65 47.39 -4.27
CA ASN N 7 60.84 48.10 -4.72
C ASN N 7 60.49 49.44 -5.37
N LYS N 8 59.36 49.49 -6.07
CA LYS N 8 59.09 50.64 -6.92
C LYS N 8 57.61 51.05 -6.93
N ILE N 9 56.94 50.83 -8.05
CA ILE N 9 55.58 51.31 -8.33
C ILE N 9 54.56 50.29 -7.85
N ASP N 10 53.41 50.81 -7.41
CA ASP N 10 52.38 50.06 -6.69
C ASP N 10 51.01 50.27 -7.33
N LYS N 11 50.98 50.31 -8.66
CA LYS N 11 49.74 50.31 -9.43
C LYS N 11 49.73 49.08 -10.32
N ILE N 12 48.55 48.45 -10.47
CA ILE N 12 48.47 47.18 -11.16
C ILE N 12 47.35 47.14 -12.19
N GLU N 13 47.11 48.26 -12.86
CA GLU N 13 46.22 48.22 -14.01
C GLU N 13 46.86 47.40 -15.13
N PRO N 14 46.07 46.62 -15.88
CA PRO N 14 46.66 45.76 -16.92
C PRO N 14 47.45 46.56 -17.95
N SER N 15 48.62 46.03 -18.31
CA SER N 15 49.53 46.72 -19.21
C SER N 15 49.03 46.69 -20.66
N ASP N 16 48.51 45.54 -21.10
CA ASP N 16 48.02 45.41 -22.47
C ASP N 16 46.67 46.12 -22.59
N GLN N 17 46.61 47.14 -23.43
CA GLN N 17 45.38 47.93 -23.54
C GLN N 17 44.25 47.14 -24.20
N LYS N 18 44.58 46.21 -25.09
CA LYS N 18 43.54 45.37 -25.69
C LYS N 18 42.90 44.50 -24.62
N ILE N 19 43.70 44.00 -23.67
CA ILE N 19 43.15 43.19 -22.58
C ILE N 19 42.28 44.04 -21.67
N LYS N 20 42.71 45.27 -21.36
CA LYS N 20 41.91 46.13 -20.49
C LYS N 20 40.51 46.36 -21.05
N GLU N 21 40.40 46.49 -22.38
CA GLU N 21 39.08 46.65 -22.98
C GLU N 21 38.30 45.35 -22.92
N GLU N 22 38.93 44.24 -23.31
CA GLU N 22 38.26 42.94 -23.26
C GLU N 22 37.84 42.58 -21.84
N TYR N 23 38.65 42.96 -20.85
CA TYR N 23 38.29 42.70 -19.45
C TYR N 23 37.07 43.51 -19.06
N ASN N 24 37.07 44.80 -19.40
CA ASN N 24 35.91 45.64 -19.09
C ASN N 24 34.69 45.16 -19.87
N LYS N 25 34.87 44.75 -21.12
CA LYS N 25 33.78 44.19 -21.90
C LYS N 25 33.22 42.94 -21.24
N PHE N 26 34.09 42.11 -20.67
CA PHE N 26 33.63 40.92 -19.97
C PHE N 26 32.76 41.28 -18.77
N LYS N 27 33.21 42.27 -17.98
CA LYS N 27 32.42 42.68 -16.83
C LYS N 27 31.07 43.24 -17.26
N TYR N 28 31.02 43.93 -18.41
CA TYR N 28 29.75 44.37 -18.96
C TYR N 28 28.88 43.18 -19.36
N ASP N 29 29.47 42.20 -20.05
CA ASP N 29 28.69 41.06 -20.52
C ASP N 29 28.13 40.24 -19.37
N ILE N 30 28.86 40.15 -18.26
CA ILE N 30 28.31 39.46 -17.08
C ILE N 30 27.04 40.15 -16.61
N THR N 31 27.13 41.46 -16.37
CA THR N 31 25.97 42.23 -15.95
C THR N 31 24.79 42.05 -16.91
N LYS N 32 25.07 42.06 -18.22
CA LYS N 32 24.00 41.82 -19.19
C LYS N 32 23.33 40.48 -18.93
N GLN N 33 24.11 39.41 -18.86
CA GLN N 33 23.56 38.08 -18.70
C GLN N 33 22.85 37.94 -17.37
N ALA N 34 23.40 38.54 -16.32
CA ALA N 34 22.79 38.46 -15.00
C ALA N 34 21.42 39.13 -15.00
N ILE N 35 21.35 40.35 -15.54
CA ILE N 35 20.06 41.04 -15.61
C ILE N 35 19.10 40.26 -16.48
N GLU N 36 19.59 39.76 -17.63
CA GLU N 36 18.77 38.95 -18.53
C GLU N 36 18.24 37.71 -17.84
N SER N 37 19.06 37.04 -17.03
CA SER N 37 18.60 35.84 -16.35
C SER N 37 17.52 36.16 -15.34
N LEU N 38 17.65 37.29 -14.64
CA LEU N 38 16.65 37.65 -13.64
C LEU N 38 15.37 38.15 -14.28
N ARG N 39 15.46 38.84 -15.41
CA ARG N 39 14.28 39.41 -16.02
C ARG N 39 13.54 38.42 -16.91
N GLU N 40 14.25 37.47 -17.51
CA GLU N 40 13.63 36.58 -18.49
C GLU N 40 13.87 35.12 -18.16
N ARG N 41 15.13 34.72 -18.02
CA ARG N 41 15.49 33.30 -17.98
C ARG N 41 14.90 32.62 -16.76
N ILE N 42 15.01 33.22 -15.59
CA ILE N 42 14.60 32.55 -14.35
C ILE N 42 13.09 32.47 -14.28
N PRO N 43 12.34 33.57 -14.44
CA PRO N 43 10.87 33.43 -14.43
C PRO N 43 10.34 32.44 -15.45
N LYS N 44 10.93 32.43 -16.66
CA LYS N 44 10.50 31.47 -17.67
C LYS N 44 10.62 30.04 -17.17
N ARG N 45 11.69 29.76 -16.42
CA ARG N 45 11.90 28.41 -15.90
C ARG N 45 10.99 28.11 -14.72
N ILE N 46 10.65 29.14 -13.93
CA ILE N 46 9.70 28.95 -12.83
C ILE N 46 8.37 28.39 -13.36
N ILE N 47 7.81 29.04 -14.38
CA ILE N 47 6.58 28.54 -14.96
C ILE N 47 6.81 27.17 -15.58
N PHE N 48 7.98 26.96 -16.19
CA PHE N 48 8.28 25.66 -16.80
C PHE N 48 8.23 24.55 -15.76
N PHE N 49 8.99 24.70 -14.68
CA PHE N 49 9.03 23.66 -13.65
C PHE N 49 7.71 23.54 -12.92
N ASN N 50 6.99 24.66 -12.73
CA ASN N 50 5.67 24.56 -12.12
C ASN N 50 4.73 23.74 -12.98
N ASN N 51 4.84 23.85 -14.30
CA ASN N 51 4.01 23.03 -15.18
C ASN N 51 4.36 21.55 -15.09
N LEU N 52 5.56 21.21 -14.59
CA LEU N 52 5.93 19.81 -14.42
C LEU N 52 5.45 19.26 -13.08
N VAL N 53 5.49 20.08 -12.04
CA VAL N 53 5.03 19.70 -10.72
C VAL N 53 4.19 20.84 -10.15
N ASN N 54 2.93 20.93 -10.57
CA ASN N 54 2.10 22.08 -10.24
C ASN N 54 1.77 22.13 -8.75
N VAL N 55 1.88 23.33 -8.18
CA VAL N 55 1.64 23.50 -6.75
C VAL N 55 0.21 23.13 -6.41
N ASN N 56 -0.71 23.26 -7.37
CA ASN N 56 -2.11 22.93 -7.14
C ASN N 56 -2.38 21.44 -7.18
N SER N 57 -1.35 20.61 -7.34
CA SER N 57 -1.55 19.18 -7.38
C SER N 57 -2.07 18.67 -6.04
N GLU N 58 -2.93 17.66 -6.11
CA GLU N 58 -3.47 17.02 -4.92
C GLU N 58 -2.39 16.18 -4.23
N PRO N 59 -2.51 15.95 -2.93
CA PRO N 59 -1.46 15.23 -2.21
C PRO N 59 -1.28 13.83 -2.77
N GLY N 60 -0.02 13.44 -2.96
CA GLY N 60 0.31 12.16 -3.53
C GLY N 60 0.35 12.12 -5.04
N SER N 61 -0.10 13.16 -5.74
CA SER N 61 -0.06 13.16 -7.19
C SER N 61 1.30 13.54 -7.75
N ILE N 62 2.20 14.11 -6.94
CA ILE N 62 3.54 14.41 -7.44
C ILE N 62 4.50 13.30 -7.01
N LEU N 63 4.77 13.20 -5.71
CA LEU N 63 5.71 12.20 -5.19
C LEU N 63 5.01 10.85 -5.02
N ASN N 64 4.75 10.22 -6.16
CA ASN N 64 4.24 8.86 -6.15
C ASN N 64 5.13 8.04 -7.08
N VAL N 65 4.77 6.79 -7.33
CA VAL N 65 5.65 5.90 -8.07
C VAL N 65 4.80 5.14 -9.07
N ASN N 66 3.57 5.63 -9.27
CA ASN N 66 2.59 4.94 -10.08
C ASN N 66 2.95 4.95 -11.56
N ASP N 67 3.64 5.98 -12.03
CA ASP N 67 4.04 6.06 -13.43
C ASP N 67 5.38 5.38 -13.70
N LEU N 68 5.91 4.64 -12.73
CA LEU N 68 7.18 3.96 -12.87
C LEU N 68 6.95 2.53 -13.36
N ASP N 69 7.51 2.21 -14.52
CA ASP N 69 7.44 0.84 -15.04
C ASP N 69 8.30 -0.04 -14.15
N GLY N 70 7.66 -0.93 -13.40
CA GLY N 70 8.41 -1.77 -12.50
C GLY N 70 8.49 -3.21 -12.97
N VAL N 71 8.19 -3.44 -14.24
CA VAL N 71 8.09 -4.81 -14.74
C VAL N 71 8.90 -4.99 -16.03
N SER N 72 9.00 -3.92 -16.84
CA SER N 72 9.65 -4.09 -18.14
C SER N 72 11.16 -4.27 -18.03
N TYR N 73 11.78 -3.80 -16.95
CA TYR N 73 13.23 -3.78 -16.90
C TYR N 73 13.81 -4.57 -15.73
N LYS N 74 13.05 -5.49 -15.15
CA LYS N 74 13.63 -6.35 -14.12
C LYS N 74 14.22 -7.58 -14.78
N TYR N 75 14.97 -8.36 -14.00
CA TYR N 75 15.68 -9.50 -14.57
C TYR N 75 14.70 -10.55 -15.07
N LYS N 76 14.97 -11.08 -16.26
CA LYS N 76 14.07 -12.01 -16.93
C LYS N 76 14.65 -13.42 -16.81
N ILE N 77 14.13 -14.18 -15.85
CA ILE N 77 14.60 -15.53 -15.55
C ILE N 77 14.41 -16.45 -16.75
N HIS N 109 21.24 -1.75 -24.44
CA HIS N 109 20.63 -2.15 -25.70
C HIS N 109 21.58 -3.01 -26.54
N VAL N 110 22.72 -3.35 -25.95
CA VAL N 110 23.80 -4.04 -26.66
C VAL N 110 23.77 -5.50 -26.23
N LYS N 111 23.36 -6.39 -27.12
CA LYS N 111 23.19 -7.81 -26.81
C LYS N 111 24.37 -8.59 -27.36
N HIS N 112 24.96 -9.45 -26.52
CA HIS N 112 26.17 -10.17 -26.88
C HIS N 112 26.08 -11.67 -26.59
N PHE N 113 26.95 -12.41 -27.29
CA PHE N 113 27.14 -13.86 -27.10
C PHE N 113 25.84 -14.65 -27.27
N SER N 114 25.25 -14.52 -28.46
CA SER N 114 23.93 -15.10 -28.72
C SER N 114 23.93 -16.62 -28.73
N ASN N 115 25.10 -17.26 -28.88
CA ASN N 115 25.14 -18.71 -28.97
C ASN N 115 24.93 -19.37 -27.61
N ASN N 116 25.53 -18.82 -26.58
CA ASN N 116 25.41 -19.33 -25.21
C ASN N 116 24.57 -18.29 -24.46
N GLU N 117 23.30 -18.59 -24.22
CA GLU N 117 22.39 -17.65 -23.58
C GLU N 117 22.19 -18.00 -22.12
N ASP N 118 22.25 -16.97 -21.26
CA ASP N 118 22.14 -17.11 -19.81
C ASP N 118 22.97 -18.28 -19.30
N SER N 119 24.29 -18.15 -19.40
CA SER N 119 25.19 -19.21 -19.01
C SER N 119 26.48 -18.60 -18.49
N LYS N 120 27.31 -19.45 -17.88
CA LYS N 120 28.62 -19.06 -17.39
C LYS N 120 29.67 -19.65 -18.33
N LEU N 121 30.61 -18.81 -18.75
CA LEU N 121 31.62 -19.20 -19.72
C LEU N 121 33.02 -18.97 -19.16
N ILE N 122 34.00 -19.51 -19.87
CA ILE N 122 35.41 -19.31 -19.57
C ILE N 122 36.02 -18.76 -20.85
N ILE N 123 36.27 -17.46 -20.89
CA ILE N 123 36.73 -16.77 -22.08
C ILE N 123 37.97 -15.97 -21.73
N ASP N 124 39.03 -16.14 -22.52
CA ASP N 124 40.32 -15.50 -22.24
C ASP N 124 40.78 -15.85 -20.83
N ASP N 125 40.55 -17.11 -20.45
CA ASP N 125 40.92 -17.72 -19.18
C ASP N 125 40.20 -17.12 -17.96
N LYS N 126 39.19 -16.28 -18.19
CA LYS N 126 38.41 -15.68 -17.11
C LYS N 126 36.94 -16.08 -17.22
N VAL N 127 36.17 -15.73 -16.19
CA VAL N 127 34.76 -16.09 -16.11
C VAL N 127 33.93 -15.06 -16.85
N LEU N 128 32.80 -15.51 -17.40
CA LEU N 128 31.93 -14.70 -18.25
C LEU N 128 30.50 -15.09 -17.96
N TYR N 129 29.63 -14.08 -17.78
CA TYR N 129 28.20 -14.28 -17.54
C TYR N 129 27.45 -13.71 -18.72
N THR N 130 26.92 -14.58 -19.57
CA THR N 130 26.09 -14.15 -20.69
C THR N 130 24.74 -13.59 -20.24
N HIS N 131 24.29 -13.96 -19.04
CA HIS N 131 23.07 -13.45 -18.42
C HIS N 131 22.80 -11.98 -18.76
N TYR N 132 21.59 -11.71 -19.22
CA TYR N 132 21.18 -10.38 -19.66
C TYR N 132 20.28 -9.71 -18.62
N VAL N 133 20.57 -8.46 -18.31
CA VAL N 133 19.81 -7.64 -17.37
C VAL N 133 19.69 -6.23 -17.93
N PRO N 134 18.51 -5.79 -18.36
CA PRO N 134 18.42 -4.50 -19.05
C PRO N 134 18.45 -3.33 -18.09
N SER N 135 18.74 -2.16 -18.65
CA SER N 135 18.71 -0.90 -17.91
C SER N 135 17.29 -0.35 -17.91
N HIS N 136 17.03 0.57 -16.99
CA HIS N 136 15.70 1.17 -16.89
C HIS N 136 15.61 2.32 -17.88
N LYS N 137 15.15 2.02 -19.09
CA LYS N 137 15.09 3.04 -20.13
C LYS N 137 14.26 4.23 -19.71
N GLN N 138 13.21 3.99 -18.91
CA GLN N 138 12.36 5.08 -18.45
C GLN N 138 13.13 6.04 -17.55
N ILE N 139 13.89 5.48 -16.60
CA ILE N 139 14.70 6.31 -15.71
C ILE N 139 15.81 7.00 -16.47
N TYR N 140 16.39 6.30 -17.46
CA TYR N 140 17.43 6.91 -18.30
C TYR N 140 16.93 8.20 -18.93
N LEU N 141 15.75 8.16 -19.53
CA LEU N 141 15.20 9.33 -20.20
C LEU N 141 14.96 10.47 -19.21
N GLU N 142 14.51 10.14 -18.00
CA GLU N 142 14.26 11.18 -17.02
C GLU N 142 15.56 11.74 -16.47
N LEU N 143 16.56 10.88 -16.28
CA LEU N 143 17.85 11.36 -15.80
C LEU N 143 18.52 12.25 -16.83
N GLU N 144 18.36 11.94 -18.12
CA GLU N 144 18.94 12.79 -19.15
C GLU N 144 18.37 14.20 -19.08
N LYS N 145 17.06 14.32 -18.84
CA LYS N 145 16.45 15.65 -18.72
C LYS N 145 16.96 16.38 -17.49
N ILE N 146 17.14 15.66 -16.38
CA ILE N 146 17.60 16.29 -15.14
C ILE N 146 18.95 16.97 -15.34
N LYS N 147 19.86 16.28 -16.03
CA LYS N 147 21.18 16.85 -16.26
C LYS N 147 21.09 18.13 -17.07
N THR N 148 20.12 18.20 -18.00
CA THR N 148 19.91 19.43 -18.74
C THR N 148 19.47 20.55 -17.81
N TYR N 149 18.52 20.26 -16.92
CA TYR N 149 18.07 21.26 -15.96
C TYR N 149 19.24 21.73 -15.09
N ALA N 150 20.10 20.79 -14.68
CA ALA N 150 21.21 21.13 -13.80
C ALA N 150 22.28 21.93 -14.54
N SER N 151 22.59 21.53 -15.77
CA SER N 151 23.59 22.26 -16.56
C SER N 151 23.19 23.71 -16.75
N GLU N 152 21.96 23.93 -17.22
CA GLU N 152 21.48 25.29 -17.45
C GLU N 152 21.43 26.09 -16.15
N LEU N 153 21.11 25.42 -15.05
CA LEU N 153 21.06 26.11 -13.76
C LEU N 153 22.43 26.60 -13.34
N ILE N 154 23.44 25.73 -13.43
CA ILE N 154 24.79 26.11 -13.04
C ILE N 154 25.26 27.30 -13.88
N GLU N 155 24.94 27.29 -15.18
CA GLU N 155 25.32 28.41 -16.03
C GLU N 155 24.62 29.68 -15.59
N ILE N 156 23.30 29.61 -15.37
CA ILE N 156 22.54 30.80 -15.01
C ILE N 156 22.90 31.27 -13.61
N ILE N 157 22.81 30.37 -12.63
CA ILE N 157 23.02 30.77 -11.24
C ILE N 157 24.50 31.11 -11.00
N GLY N 158 25.40 30.35 -11.63
CA GLY N 158 26.81 30.59 -11.42
C GLY N 158 27.23 31.99 -11.82
N ASN N 159 26.64 32.52 -12.88
CA ASN N 159 27.02 33.83 -13.38
C ASN N 159 26.45 34.95 -12.52
N ILE N 160 25.22 34.77 -12.00
CA ILE N 160 24.66 35.74 -11.07
C ILE N 160 25.52 35.81 -9.81
N LYS N 161 26.00 34.65 -9.35
CA LYS N 161 26.88 34.63 -8.18
C LYS N 161 28.18 35.38 -8.47
N LEU N 162 28.79 35.12 -9.63
CA LEU N 162 30.01 35.83 -9.99
C LEU N 162 29.77 37.34 -10.07
N TRP N 163 28.62 37.74 -10.62
CA TRP N 163 28.35 39.17 -10.75
C TRP N 163 28.27 39.85 -9.39
N ILE N 164 27.61 39.21 -8.42
CA ILE N 164 27.53 39.78 -7.08
C ILE N 164 28.91 39.81 -6.43
N GLN N 165 29.69 38.75 -6.64
CA GLN N 165 31.05 38.71 -6.10
C GLN N 165 31.88 39.86 -6.65
N LEU N 166 31.78 40.10 -7.96
CA LEU N 166 32.49 41.22 -8.58
C LEU N 166 32.00 42.58 -8.11
N ASN N 167 30.85 42.62 -7.45
CA ASN N 167 30.29 43.86 -6.93
C ASN N 167 30.58 44.06 -5.46
N VAL N 168 31.36 43.18 -4.85
CA VAL N 168 31.72 43.34 -3.45
C VAL N 168 32.74 44.48 -3.32
N PRO N 169 32.50 45.47 -2.47
CA PRO N 169 33.36 46.65 -2.45
C PRO N 169 34.69 46.36 -1.77
N ARG N 170 35.56 47.36 -1.81
CA ARG N 170 36.82 47.31 -1.08
C ARG N 170 36.55 47.09 0.41
N ILE N 171 37.40 46.27 1.04
CA ILE N 171 37.23 45.97 2.45
C ILE N 171 37.43 47.24 3.27
N GLU N 172 36.45 47.55 4.11
CA GLU N 172 36.49 48.69 5.01
C GLU N 172 36.04 48.22 6.38
N ASP N 173 36.35 49.04 7.39
CA ASP N 173 35.95 48.73 8.76
C ASP N 173 34.64 49.44 9.06
N GLY N 174 33.60 48.67 9.35
CA GLY N 174 32.34 49.22 9.77
C GLY N 174 31.49 49.72 8.62
N ASN N 175 30.20 49.93 8.93
CA ASN N 175 29.22 50.43 7.97
C ASN N 175 29.16 49.56 6.71
N ASN N 176 29.47 48.28 6.87
CA ASN N 176 29.38 47.33 5.77
C ASN N 176 28.30 46.30 6.09
N PHE N 177 27.11 46.79 6.42
CA PHE N 177 25.95 45.91 6.58
C PHE N 177 25.46 45.41 5.23
N GLY N 178 25.54 46.25 4.20
CA GLY N 178 25.09 45.84 2.89
C GLY N 178 25.91 44.69 2.32
N VAL N 179 27.18 44.58 2.74
CA VAL N 179 27.99 43.44 2.31
C VAL N 179 27.46 42.14 2.88
N GLY N 180 26.88 42.17 4.08
CA GLY N 180 26.28 40.96 4.63
C GLY N 180 25.14 40.45 3.77
N ILE N 181 24.33 41.37 3.23
CA ILE N 181 23.28 40.98 2.29
C ILE N 181 23.89 40.36 1.04
N GLN N 182 24.95 40.98 0.50
CA GLN N 182 25.64 40.40 -0.64
C GLN N 182 26.16 39.01 -0.31
N GLU N 183 26.78 38.85 0.86
CA GLU N 183 27.31 37.55 1.25
C GLU N 183 26.19 36.53 1.41
N GLU N 184 25.07 36.94 2.02
CA GLU N 184 23.94 36.04 2.17
C GLU N 184 23.43 35.53 0.83
N ALA N 185 23.35 36.42 -0.16
CA ALA N 185 22.89 36.03 -1.49
C ALA N 185 23.87 35.07 -2.15
N ILE N 186 25.16 35.37 -2.07
CA ILE N 186 26.17 34.49 -2.65
C ILE N 186 26.11 33.11 -2.00
N GLN N 187 25.86 33.07 -0.68
CA GLN N 187 25.76 31.80 0.03
C GLN N 187 24.61 30.97 -0.51
N GLU N 188 23.42 31.57 -0.62
CA GLU N 188 22.25 30.84 -1.11
C GLU N 188 22.41 30.44 -2.57
N LEU N 189 22.99 31.32 -3.39
CA LEU N 189 23.25 30.96 -4.77
C LEU N 189 24.22 29.79 -4.87
N ALA N 190 25.27 29.80 -4.05
CA ALA N 190 26.29 28.75 -4.12
C ALA N 190 25.73 27.41 -3.68
N ARG N 191 24.85 27.39 -2.69
CA ARG N 191 24.27 26.14 -2.23
C ARG N 191 23.48 25.45 -3.33
N VAL N 192 22.63 26.20 -4.03
CA VAL N 192 21.85 25.62 -5.12
C VAL N 192 22.76 25.13 -6.22
N GLU N 193 23.80 25.91 -6.54
CA GLU N 193 24.74 25.49 -7.57
C GLU N 193 25.45 24.21 -7.18
N GLU N 194 25.89 24.12 -5.93
CA GLU N 194 26.53 22.90 -5.45
C GLU N 194 25.54 21.73 -5.46
N SER N 195 24.29 22.00 -5.10
CA SER N 195 23.27 20.96 -5.09
C SER N 195 23.07 20.39 -6.49
N ALA N 196 22.97 21.26 -7.50
CA ALA N 196 22.79 20.79 -8.87
C ALA N 196 24.05 20.11 -9.39
N PHE N 197 25.23 20.56 -8.97
CA PHE N 197 26.48 19.99 -9.44
C PHE N 197 26.66 18.54 -9.02
N ASN N 198 26.15 18.17 -7.85
CA ASN N 198 26.32 16.81 -7.34
C ASN N 198 25.45 15.80 -8.08
N LEU N 199 24.53 16.26 -8.92
CA LEU N 199 23.64 15.33 -9.60
C LEU N 199 24.37 14.43 -10.59
N TYR N 200 25.43 14.94 -11.23
CA TYR N 200 26.14 14.12 -12.20
C TYR N 200 26.78 12.91 -11.54
N ASP N 201 27.37 13.11 -10.36
CA ASP N 201 28.02 12.01 -9.66
C ASP N 201 26.99 11.03 -9.12
N ALA N 202 25.84 11.53 -8.67
CA ALA N 202 24.80 10.64 -8.15
C ALA N 202 24.28 9.71 -9.23
N ILE N 203 24.25 10.18 -10.48
CA ILE N 203 23.73 9.36 -11.56
C ILE N 203 24.67 8.20 -11.86
N VAL N 204 25.99 8.45 -11.83
CA VAL N 204 26.94 7.36 -12.00
C VAL N 204 26.75 6.33 -10.91
N LYS N 205 26.50 6.79 -9.68
CA LYS N 205 26.31 5.86 -8.57
C LYS N 205 25.06 5.02 -8.76
N TYR N 206 24.01 5.61 -9.32
CA TYR N 206 22.78 4.87 -9.56
C TYR N 206 23.04 3.66 -10.46
N TYR N 207 23.65 3.88 -11.63
CA TYR N 207 23.92 2.77 -12.52
C TYR N 207 24.89 1.78 -11.89
N MET N 208 25.92 2.26 -11.20
CA MET N 208 26.85 1.36 -10.55
C MET N 208 26.15 0.52 -9.47
N GLU N 209 25.31 1.16 -8.65
CA GLU N 209 24.62 0.40 -7.62
C GLU N 209 23.62 -0.56 -8.22
N ARG N 210 22.87 -0.12 -9.24
CA ARG N 210 21.90 -1.01 -9.88
C ARG N 210 22.61 -2.20 -10.51
N ALA N 211 23.79 -1.98 -11.07
CA ALA N 211 24.51 -3.09 -11.68
C ALA N 211 24.98 -4.08 -10.64
N LYS N 212 25.48 -3.59 -9.50
CA LYS N 212 25.96 -4.49 -8.45
C LYS N 212 24.85 -5.37 -7.90
N ILE N 213 23.70 -4.77 -7.58
CA ILE N 213 22.60 -5.58 -7.07
C ILE N 213 22.17 -6.60 -8.11
N SER N 214 22.11 -6.19 -9.39
CA SER N 214 21.77 -7.14 -10.45
C SER N 214 22.79 -8.26 -10.53
N THR N 215 24.07 -7.94 -10.31
CA THR N 215 25.08 -8.98 -10.24
C THR N 215 24.78 -9.98 -9.13
N LYS N 216 24.31 -9.49 -7.98
CA LYS N 216 23.98 -10.39 -6.88
C LYS N 216 22.75 -11.23 -7.22
N VAL N 217 21.80 -10.67 -7.97
CA VAL N 217 20.62 -11.44 -8.37
C VAL N 217 21.01 -12.64 -9.22
N LEU N 218 22.00 -12.47 -10.09
CA LEU N 218 22.45 -13.60 -10.91
C LEU N 218 23.16 -14.66 -10.07
N LYS N 219 23.96 -14.23 -9.10
CA LYS N 219 24.69 -15.20 -8.28
C LYS N 219 23.74 -15.89 -7.29
N TYR N 220 22.78 -15.15 -6.75
CA TYR N 220 21.86 -15.67 -5.74
C TYR N 220 20.41 -15.47 -6.18
N PRO N 221 19.95 -16.24 -7.16
CA PRO N 221 18.54 -16.15 -7.55
C PRO N 221 17.59 -16.67 -6.47
N ASN N 222 18.12 -17.24 -5.37
CA ASN N 222 17.25 -17.71 -4.30
C ASN N 222 17.00 -16.62 -3.29
N VAL N 223 17.96 -15.70 -3.13
CA VAL N 223 17.80 -14.55 -2.27
C VAL N 223 16.85 -13.55 -2.93
N SER N 224 15.59 -13.57 -2.48
CA SER N 224 14.58 -12.72 -3.10
C SER N 224 14.78 -11.26 -2.74
N ASP N 225 15.45 -11.00 -1.63
CA ASP N 225 15.66 -9.63 -1.18
C ASP N 225 16.56 -8.86 -2.14
N TYR N 226 17.44 -9.57 -2.86
CA TYR N 226 18.25 -8.92 -3.88
C TYR N 226 17.38 -8.37 -5.00
N GLN N 227 16.32 -9.11 -5.35
CA GLN N 227 15.41 -8.61 -6.38
C GLN N 227 14.59 -7.44 -5.87
N GLU N 228 14.19 -7.48 -4.60
CA GLU N 228 13.48 -6.34 -4.03
C GLU N 228 14.36 -5.11 -3.97
N ALA N 229 15.66 -5.29 -3.74
CA ALA N 229 16.56 -4.15 -3.66
C ALA N 229 16.68 -3.43 -5.01
N VAL N 230 16.78 -4.19 -6.11
CA VAL N 230 16.80 -3.56 -7.43
C VAL N 230 15.52 -2.77 -7.65
N ARG N 231 14.38 -3.40 -7.37
CA ARG N 231 13.10 -2.71 -7.48
C ARG N 231 13.07 -1.46 -6.63
N GLU N 232 13.50 -1.57 -5.37
CA GLU N 232 13.48 -0.42 -4.46
C GLU N 232 14.46 0.65 -4.92
N LEU N 233 15.61 0.25 -5.47
CA LEU N 233 16.55 1.23 -5.98
C LEU N 233 15.92 2.07 -7.08
N ASP N 234 15.19 1.42 -8.00
CA ASP N 234 14.51 2.16 -9.06
C ASP N 234 13.41 3.06 -8.49
N GLU N 235 12.66 2.58 -7.49
CA GLU N 235 11.63 3.42 -6.89
C GLU N 235 12.25 4.61 -6.17
N LYS N 236 13.41 4.43 -5.53
CA LYS N 236 14.09 5.54 -4.87
C LYS N 236 14.53 6.59 -5.89
N GLU N 237 15.14 6.14 -6.99
CA GLU N 237 15.61 7.08 -8.01
C GLU N 237 14.43 7.84 -8.60
N TRP N 238 13.30 7.16 -8.78
CA TRP N 238 12.10 7.81 -9.31
C TRP N 238 11.63 8.93 -8.38
N ILE N 239 11.58 8.67 -7.07
CA ILE N 239 11.18 9.70 -6.12
C ILE N 239 12.22 10.81 -6.07
N HIS N 240 13.51 10.46 -6.03
CA HIS N 240 14.54 11.48 -5.99
C HIS N 240 14.48 12.38 -7.22
N ILE N 241 14.19 11.82 -8.39
CA ILE N 241 14.05 12.62 -9.60
C ILE N 241 12.97 13.67 -9.42
N LYS N 242 11.81 13.26 -8.90
CA LYS N 242 10.71 14.21 -8.77
C LYS N 242 10.99 15.25 -7.70
N ILE N 243 11.60 14.84 -6.59
CA ILE N 243 11.97 15.81 -5.56
C ILE N 243 13.00 16.79 -6.09
N THR N 244 13.90 16.30 -6.96
CA THR N 244 14.86 17.19 -7.60
C THR N 244 14.16 18.25 -8.44
N ILE N 245 13.14 17.84 -9.20
CA ILE N 245 12.41 18.80 -10.04
C ILE N 245 11.65 19.79 -9.17
N VAL N 246 11.04 19.32 -8.07
CA VAL N 246 10.36 20.25 -7.17
C VAL N 246 11.36 21.23 -6.57
N ASP N 247 12.54 20.74 -6.20
CA ASP N 247 13.58 21.62 -5.67
C ASP N 247 14.03 22.63 -6.70
N MET N 248 14.06 22.24 -7.97
CA MET N 248 14.33 23.20 -9.05
C MET N 248 13.34 24.35 -9.01
N ARG N 249 12.05 24.03 -9.10
CA ARG N 249 11.01 25.04 -9.02
C ARG N 249 11.19 25.92 -7.80
N ASN N 250 11.34 25.31 -6.62
CA ASN N 250 11.39 26.09 -5.39
C ASN N 250 12.68 26.90 -5.30
N ASN N 251 13.80 26.35 -5.78
CA ASN N 251 15.05 27.10 -5.72
C ASN N 251 15.02 28.31 -6.63
N TYR N 252 14.48 28.16 -7.85
CA TYR N 252 14.38 29.28 -8.76
C TYR N 252 13.54 30.41 -8.17
N ILE N 253 12.47 30.06 -7.46
CA ILE N 253 11.58 31.08 -6.90
C ILE N 253 12.24 31.74 -5.70
N MET N 254 12.79 30.93 -4.80
CA MET N 254 13.40 31.46 -3.59
C MET N 254 14.61 32.32 -3.91
N LEU N 255 15.39 31.94 -4.92
CA LEU N 255 16.51 32.77 -5.33
C LEU N 255 16.03 34.06 -5.99
N TYR N 256 15.04 33.95 -6.89
CA TYR N 256 14.50 35.13 -7.54
C TYR N 256 13.87 36.09 -6.53
N ASP N 257 13.04 35.55 -5.64
CA ASP N 257 12.38 36.38 -4.63
C ASP N 257 13.42 37.04 -3.72
N LEU N 258 14.47 36.30 -3.36
CA LEU N 258 15.51 36.86 -2.49
C LEU N 258 16.23 38.01 -3.15
N LEU N 259 16.66 37.81 -4.40
CA LEU N 259 17.39 38.89 -5.09
C LEU N 259 16.48 40.08 -5.34
N TYR N 260 15.23 39.84 -5.72
CA TYR N 260 14.32 40.95 -6.01
C TYR N 260 14.09 41.80 -4.77
N LYS N 261 13.84 41.16 -3.63
CA LYS N 261 13.55 41.92 -2.41
C LYS N 261 14.76 42.72 -1.96
N ASN N 262 15.97 42.16 -2.09
CA ASN N 262 17.19 42.80 -1.62
C ASN N 262 18.03 43.35 -2.76
N TRP N 263 17.40 43.69 -3.90
CA TRP N 263 18.17 44.09 -5.07
C TRP N 263 18.93 45.38 -4.82
N GLU N 264 18.30 46.32 -4.09
CA GLU N 264 18.90 47.64 -3.90
C GLU N 264 20.20 47.56 -3.11
N LYS N 265 20.28 46.69 -2.11
CA LYS N 265 21.50 46.54 -1.35
C LYS N 265 22.54 45.68 -2.06
N VAL N 266 22.12 44.81 -2.97
CA VAL N 266 23.08 43.96 -3.68
C VAL N 266 23.92 44.77 -4.65
N VAL N 267 23.33 45.79 -5.28
CA VAL N 267 24.05 46.60 -6.25
C VAL N 267 24.83 47.73 -5.58
N LYS N 268 24.19 48.45 -4.66
CA LYS N 268 24.81 49.58 -3.96
C LYS N 268 24.78 49.29 -2.46
N PRO N 269 25.73 48.50 -1.96
CA PRO N 269 25.74 48.16 -0.53
C PRO N 269 26.25 49.26 0.37
N LYS N 270 26.68 50.38 -0.17
CA LYS N 270 27.23 51.48 0.63
C LYS N 270 26.78 52.83 0.09
S SO4 O . -32.12 -39.18 -41.51
O1 SO4 O . -31.40 -40.30 -40.93
O2 SO4 O . -32.06 -38.02 -40.62
O3 SO4 O . -31.51 -38.82 -42.80
O4 SO4 O . -33.52 -39.55 -41.72
S SO4 P . -23.62 1.58 -25.16
O1 SO4 P . -24.09 1.64 -23.78
O2 SO4 P . -22.25 1.08 -25.19
O3 SO4 P . -23.65 2.92 -25.73
O4 SO4 P . -24.48 0.71 -25.93
S SO4 Q . -21.11 6.42 -27.87
O1 SO4 Q . -21.19 7.69 -27.17
O2 SO4 Q . -19.72 6.14 -28.20
O3 SO4 Q . -21.91 6.47 -29.09
O4 SO4 Q . -21.61 5.36 -26.99
S SO4 R . -30.37 -24.16 -21.93
O1 SO4 R . -29.07 -24.56 -21.40
O2 SO4 R . -30.89 -23.04 -21.17
O3 SO4 R . -31.29 -25.29 -21.82
O4 SO4 R . -30.23 -23.79 -23.33
S SO4 S . -2.11 -34.37 -21.99
O1 SO4 S . -0.70 -34.31 -21.64
O2 SO4 S . -2.89 -33.67 -21.00
O3 SO4 S . -2.53 -35.78 -22.04
O4 SO4 S . -2.32 -33.76 -23.30
S SO4 T . -23.28 5.50 -20.05
O1 SO4 T . -23.93 4.21 -19.77
O2 SO4 T . -21.93 5.50 -19.51
O3 SO4 T . -23.23 5.71 -21.49
O4 SO4 T . -24.06 6.57 -19.43
S SO4 U . -21.81 10.66 -22.25
O1 SO4 U . -21.15 10.91 -20.97
O2 SO4 U . -21.17 9.53 -22.92
O3 SO4 U . -21.70 11.85 -23.10
O4 SO4 U . -23.22 10.35 -22.02
S SO4 V . -19.83 12.24 -28.29
O1 SO4 V . -20.58 11.16 -27.66
O2 SO4 V . -18.47 12.26 -27.78
O3 SO4 V . -19.82 12.03 -29.74
O4 SO4 V . -20.48 13.51 -28.00
S SO4 W . -18.98 -19.42 -11.88
O1 SO4 W . -19.54 -18.69 -10.74
O2 SO4 W . -17.53 -19.19 -11.93
O3 SO4 W . -19.59 -18.93 -13.11
O4 SO4 W . -19.24 -20.84 -11.74
S SO4 X . -28.04 9.49 -17.18
O1 SO4 X . -28.17 8.15 -16.64
O2 SO4 X . -26.67 9.70 -17.65
O3 SO4 X . -28.96 9.64 -18.31
O4 SO4 X . -28.36 10.48 -16.15
S SO4 Y . -28.22 14.88 -18.36
O1 SO4 Y . -28.45 14.41 -17.01
O2 SO4 Y . -26.85 14.54 -18.77
O3 SO4 Y . -29.17 14.25 -19.26
O4 SO4 Y . -28.39 16.33 -18.42
S SO4 Z . -28.86 18.15 -22.95
O1 SO4 Z . -29.50 18.77 -21.80
O2 SO4 Z . -27.41 18.19 -22.78
O3 SO4 Z . -29.22 18.88 -24.16
O4 SO4 Z . -29.30 16.76 -23.06
S SO4 AA . -20.85 -10.36 -0.18
O1 SO4 AA . -21.19 -10.49 1.23
O2 SO4 AA . -19.60 -9.60 -0.30
O3 SO4 AA . -20.68 -11.68 -0.77
O4 SO4 AA . -21.92 -9.64 -0.87
S SO4 BA . -22.27 5.27 24.85
O1 SO4 BA . -22.51 4.43 26.01
O2 SO4 BA . -20.86 5.23 24.50
O3 SO4 BA . -23.05 4.79 23.72
O4 SO4 BA . -22.66 6.65 25.16
S SO4 CA . -33.95 10.33 -18.33
O1 SO4 CA . -33.06 9.28 -17.82
O2 SO4 CA . -33.35 11.63 -18.06
O3 SO4 CA . -35.24 10.23 -17.66
O4 SO4 CA . -34.12 10.16 -19.77
S SO4 DA . -34.40 14.23 -21.11
O1 SO4 DA . -33.45 15.25 -20.70
O2 SO4 DA . -33.76 12.92 -21.09
O3 SO4 DA . -34.85 14.52 -22.47
O4 SO4 DA . -35.55 14.23 -20.22
S SO4 EA . -32.96 -3.73 4.34
O1 SO4 EA . -32.31 -4.92 4.85
O2 SO4 EA . -31.95 -2.69 4.10
O3 SO4 EA . -33.64 -4.04 3.10
O4 SO4 EA . -33.93 -3.24 5.32
S SO4 FA . -56.91 9.53 17.79
O1 SO4 FA . -55.97 10.00 18.82
O2 SO4 FA . -56.47 8.25 17.28
O3 SO4 FA . -56.96 10.50 16.70
O4 SO4 FA . -58.24 9.40 18.38
S SO4 GA . -37.30 7.95 -23.27
O1 SO4 GA . -37.07 6.62 -22.72
O2 SO4 GA . -36.79 8.96 -22.35
O3 SO4 GA . -38.73 8.14 -23.47
O4 SO4 GA . -36.61 8.07 -24.55
S SO4 HA . -37.44 11.17 -27.91
O1 SO4 HA . -37.06 12.22 -26.98
O2 SO4 HA . -36.28 10.30 -28.15
O3 SO4 HA . -37.88 11.76 -29.16
O4 SO4 HA . -38.53 10.38 -27.33
S SO4 IA . -47.89 -3.56 -1.29
O1 SO4 IA . -47.73 -4.13 0.05
O2 SO4 IA . -46.84 -2.57 -1.53
O3 SO4 IA . -47.78 -4.63 -2.28
O4 SO4 IA . -49.20 -2.93 -1.39
S SO4 JA . -76.60 -3.60 -9.67
O1 SO4 JA . -76.79 -3.11 -8.31
O2 SO4 JA . -75.90 -4.89 -9.64
O3 SO4 JA . -75.80 -2.64 -10.42
O4 SO4 JA . -77.90 -3.76 -10.30
S SO4 KA . -35.94 2.86 -27.46
O1 SO4 KA . -35.22 1.61 -27.23
O2 SO4 KA . -34.97 3.94 -27.67
O3 SO4 KA . -36.79 2.73 -28.63
O4 SO4 KA . -36.76 3.18 -26.29
S SO4 LA . -33.88 7.39 -31.68
O1 SO4 LA . -34.07 5.95 -31.92
O2 SO4 LA . -32.51 7.63 -31.25
O3 SO4 LA . -34.15 8.13 -32.90
O4 SO4 LA . -34.81 7.83 -30.63
S SO4 MA . -34.81 13.27 -31.61
O1 SO4 MA . -35.26 13.28 -30.23
O2 SO4 MA . -33.41 13.68 -31.68
O3 SO4 MA . -34.95 11.92 -32.16
O4 SO4 MA . -35.63 14.19 -32.39
S SO4 NA . -52.82 -10.18 -14.09
O1 SO4 NA . -52.54 -9.31 -12.95
O2 SO4 NA . -51.56 -10.62 -14.68
O3 SO4 NA . -53.58 -11.33 -13.64
O4 SO4 NA . -53.59 -9.44 -15.09
S SO4 OA . -65.72 -25.58 -36.22
O1 SO4 OA . -65.13 -26.71 -35.52
O2 SO4 OA . -64.97 -24.37 -35.89
O3 SO4 OA . -67.12 -25.42 -35.82
O4 SO4 OA . -65.67 -25.81 -37.66
S SO4 PA . -29.71 1.79 -28.50
O1 SO4 PA . -28.72 0.71 -28.47
O2 SO4 PA . -29.02 3.08 -28.40
O3 SO4 PA . -30.63 1.65 -27.37
O4 SO4 PA . -30.44 1.74 -29.75
S SO4 QA . -26.04 4.33 -32.24
O1 SO4 QA . -25.85 4.73 -30.85
O2 SO4 QA . -25.61 2.95 -32.41
O3 SO4 QA . -25.26 5.20 -33.11
O4 SO4 QA . -27.45 4.44 -32.59
S SO4 RA . -45.33 -19.22 -23.49
O1 SO4 RA . -45.53 -20.63 -23.17
O2 SO4 RA . -43.93 -18.86 -23.26
O3 SO4 RA . -45.68 -18.98 -24.88
O4 SO4 RA . -46.19 -18.40 -22.62
S SO4 SA . 32.08 -11.10 3.46
O1 SO4 SA . 32.55 -11.87 2.32
O2 SO4 SA . 33.22 -10.71 4.29
O3 SO4 SA . 31.17 -11.92 4.25
O4 SO4 SA . 31.40 -9.91 2.99
S SO4 TA . 32.52 -16.45 4.54
O1 SO4 TA . 33.43 -16.41 5.69
O2 SO4 TA . 33.13 -15.76 3.41
O3 SO4 TA . 32.23 -17.83 4.17
O4 SO4 TA . 31.27 -15.77 4.91
S SO4 UA . 17.19 11.68 10.54
O1 SO4 UA . 18.39 11.61 11.36
O2 SO4 UA . 17.35 10.85 9.36
O3 SO4 UA . 16.98 13.07 10.13
O4 SO4 UA . 16.03 11.21 11.31
S SO4 VA . 2.39 0.07 33.66
O1 SO4 VA . 1.95 -1.23 34.16
O2 SO4 VA . 3.85 0.09 33.60
O3 SO4 VA . 1.84 0.29 32.33
O4 SO4 VA . 1.93 1.12 34.57
S SO4 WA . 36.99 -11.56 7.04
O1 SO4 WA . 37.68 -11.81 8.30
O2 SO4 WA . 37.97 -11.36 5.98
O3 SO4 WA . 36.14 -12.70 6.71
O4 SO4 WA . 36.15 -10.36 7.16
S SO4 XA . 39.41 -16.63 5.72
O1 SO4 XA . 39.60 -16.25 7.11
O2 SO4 XA . 39.72 -18.06 5.55
O3 SO4 XA . 40.30 -15.84 4.87
O4 SO4 XA . 38.03 -16.39 5.33
S SO4 YA . 35.80 -20.47 2.25
O1 SO4 YA . 35.68 -19.26 3.04
O2 SO4 YA . 37.14 -21.02 2.41
O3 SO4 YA . 34.81 -21.45 2.68
O4 SO4 YA . 35.58 -20.14 0.83
S SO4 ZA . 23.89 5.88 22.51
O1 SO4 ZA . 23.32 5.71 23.84
O2 SO4 ZA . 25.34 5.99 22.62
O3 SO4 ZA . 23.54 4.72 21.69
O4 SO4 ZA . 23.35 7.08 21.90
S SO4 AB . 34.62 -4.27 49.22
O1 SO4 AB . 35.33 -4.32 50.50
O2 SO4 AB . 35.33 -3.38 48.30
O3 SO4 AB . 33.28 -3.76 49.44
O4 SO4 AB . 34.55 -5.61 48.65
S SO4 BB . 43.03 -9.34 5.14
O1 SO4 BB . 42.15 -10.01 6.10
O2 SO4 BB . 44.42 -9.61 5.48
O3 SO4 BB . 42.78 -7.91 5.18
O4 SO4 BB . 42.76 -9.84 3.80
S SO4 CB . 45.14 -13.75 1.91
O1 SO4 CB . 46.13 -14.70 1.41
O2 SO4 CB . 45.70 -13.07 3.08
O3 SO4 CB . 43.93 -14.46 2.31
O4 SO4 CB . 44.83 -12.77 0.89
S SO4 DB . 39.28 4.61 26.41
O1 SO4 DB . 39.62 3.73 27.51
O2 SO4 DB . 40.01 5.86 26.54
O3 SO4 DB . 39.64 3.97 25.14
O4 SO4 DB . 37.84 4.88 26.41
S SO4 EB . 41.33 -6.30 9.27
O1 SO4 EB . 41.27 -5.53 10.52
O2 SO4 EB . 42.73 -6.56 8.94
O3 SO4 EB . 40.63 -7.57 9.45
O4 SO4 EB . 40.71 -5.54 8.19
S SO4 FB . 66.95 5.79 37.61
O1 SO4 FB . 67.43 4.44 37.37
O2 SO4 FB . 68.06 6.64 38.05
O3 SO4 FB . 66.39 6.33 36.37
O4 SO4 FB . 65.92 5.77 38.64
S SO4 GB . 44.79 -6.10 -0.44
O1 SO4 GB . 44.41 -5.49 0.84
O2 SO4 GB . 46.24 -6.21 -0.49
O3 SO4 GB . 44.33 -5.25 -1.54
O4 SO4 GB . 44.19 -7.42 -0.56
S SO4 HB . 45.65 -9.79 -4.75
O1 SO4 HB . 45.67 -10.78 -3.68
O2 SO4 HB . 46.69 -8.79 -4.52
O3 SO4 HB . 44.35 -9.14 -4.78
O4 SO4 HB . 45.89 -10.45 -6.03
S SO4 IB . 51.06 10.93 18.93
O1 SO4 IB . 52.35 11.44 19.40
O2 SO4 IB . 51.13 9.48 18.82
O3 SO4 IB . 50.77 11.51 17.62
O4 SO4 IB . 50.01 11.31 19.87
S SO4 JB . 74.92 22.58 6.28
O1 SO4 JB . 75.62 22.02 7.44
O2 SO4 JB . 75.66 22.26 5.06
O3 SO4 JB . 73.59 22.01 6.20
O4 SO4 JB . 74.83 24.03 6.43
S SO4 KB . 40.29 -3.83 -5.32
O1 SO4 KB . 40.86 -2.91 -4.33
O2 SO4 KB . 41.03 -5.08 -5.27
O3 SO4 KB . 40.39 -3.25 -6.65
O4 SO4 KB . 38.88 -4.06 -5.00
S SO4 LB . 40.06 -8.23 -8.92
O1 SO4 LB . 41.07 -8.35 -7.88
O2 SO4 LB . 40.31 -9.22 -9.97
O3 SO4 LB . 40.12 -6.89 -9.51
O4 SO4 LB . 38.74 -8.46 -8.35
S SO4 MB . 50.54 17.54 5.39
O1 SO4 MB . 50.38 17.32 6.83
O2 SO4 MB . 51.70 16.79 4.90
O3 SO4 MB . 49.34 17.09 4.69
O4 SO4 MB . 50.74 18.96 5.14
S SO4 NB . 52.74 33.96 -19.39
O1 SO4 NB . 51.76 33.09 -18.77
O2 SO4 NB . 53.98 33.89 -18.64
O3 SO4 NB . 52.97 33.51 -20.77
O4 SO4 NB . 52.25 35.33 -19.41
S SO4 OB . 33.67 -5.48 -5.89
O1 SO4 OB . 34.07 -6.23 -4.70
O2 SO4 OB . 33.85 -4.05 -5.65
O3 SO4 OB . 32.27 -5.75 -6.18
O4 SO4 OB . 34.49 -5.90 -7.02
S SO4 PB . 32.23 -9.91 -8.48
O1 SO4 PB . 32.28 -9.99 -7.02
O2 SO4 PB . 33.45 -9.26 -8.97
O3 SO4 PB . 31.06 -9.14 -8.89
O4 SO4 PB . 32.16 -11.26 -9.05
S SO4 QB . 32.30 -16.00 -9.32
O1 SO4 QB . 33.03 -17.01 -8.55
O2 SO4 QB . 33.26 -15.22 -10.10
O3 SO4 QB . 31.36 -16.64 -10.21
O4 SO4 QB . 31.58 -15.11 -8.40
S SO4 RB . 38.22 21.04 -4.08
O1 SO4 RB . 37.77 19.98 -3.18
O2 SO4 RB . 38.93 22.06 -3.31
O3 SO4 RB . 39.12 20.48 -5.09
O4 SO4 RB . 37.07 21.65 -4.75
S SO4 SB . 16.53 30.63 -22.31
O1 SO4 SB . 16.83 30.21 -20.95
O2 SO4 SB . 17.58 31.52 -22.80
O3 SO4 SB . 16.44 29.46 -23.17
O4 SO4 SB . 15.25 31.35 -22.33
S SO4 TB . 30.03 -7.36 -1.68
O1 SO4 TB . 30.16 -6.12 -0.92
O2 SO4 TB . 30.83 -8.40 -1.05
O3 SO4 TB . 28.63 -7.76 -1.70
O4 SO4 TB . 30.51 -7.15 -3.05
S SO4 UB . 29.98 -12.95 -3.24
O1 SO4 UB . 30.11 -14.40 -3.42
O2 SO4 UB . 31.09 -12.45 -2.44
O3 SO4 UB . 29.97 -12.29 -4.54
O4 SO4 UB . 28.72 -12.68 -2.54
S SO4 VB . 23.90 17.26 -2.11
O1 SO4 VB . 23.78 16.53 -0.86
O2 SO4 VB . 25.31 17.44 -2.44
O3 SO4 VB . 23.23 16.52 -3.17
O4 SO4 VB . 23.27 18.58 -1.96
#